data_4KQ1
#
_entry.id   4KQ1
#
_cell.length_a   193.089
_cell.length_b   204.372
_cell.length_c   206.446
_cell.angle_alpha   90.000
_cell.angle_beta   90.000
_cell.angle_gamma   90.000
#
_symmetry.space_group_name_H-M   'I 2 2 2'
#
loop_
_entity.id
_entity.type
_entity.pdbx_description
1 polymer Gsy2p
2 non-polymer "URIDINE-5'-MONOPHOSPHATE"
3 non-polymer 6-O-phosphono-alpha-D-glucopyranose
4 non-polymer DI(HYDROXYETHYL)ETHER
#
_entity_poly.entity_id   1
_entity_poly.type   'polypeptide(L)'
_entity_poly.pdbx_seq_one_letter_code
;MGSSHHHHHHSSGLVPRGSMSRDLQNHLLFETATEVANRVGGIYSVLKSKAPITVAQYKDHYHLIGPLNKATYQNEVDIL
DWKKPEAFSDEMRPVQHALQTMESRGVHFVYGRWLIEGAPKVILFDLDSVRGYSNEWKGDLWSLVGIPSPENDFETNDAI
LLGYTVAWFLGEVAHLDSQHAIVAHFHEWLAGVALPLCRKRRIDVVTIFTTHATLLGRYLCASGSFDFYNCLESVDVDHE
AGRFGIYHRYCIERAAAHSADVFTTVSQITAFEAEHLLKRKPDGILPNGLNVIKFQAFHEFQNLHALKKEKINDFVRGHF
HGCFDFDLDNTLYFFIAGRYEYKNKGADMFIEALARLNYRLKVSGSKKTVVAFIVMPAKNNSFTVEALKGQAEVRALENT
VHEVTTSIGKRIFDHAIRYPHNGLTTELPTDLGELLKSSDKVMLKRRILALRRPEGQLPPIVTHNMVDDANDLILNKIRQ
VQLFNSPSDRVKMIFHPEFLNANNPILGLDYDEFVRGCHLGVFPSYYEPWGYTPAECTVMGVPSITTNVSGFGSYMEDLI
ETNQAKDYGIYIVDRRFKAPDESVEQLVDYMEEFVKKTRRQRINQRNATEALSDLLDWKRMGLEYVKARQLALRRGYPDQ
FRELVGEELNDSNMDALAGGKKLKVARPLSVPGSPRDLRSNSTVYMTPGDLGTLQEVNNADDYFSLGVNPAADDDDDGPY
ADDS
;
_entity_poly.pdbx_strand_id   A,B,C,D
#
loop_
_chem_comp.id
_chem_comp.type
_chem_comp.name
_chem_comp.formula
G6P D-saccharide, alpha linking 6-O-phosphono-alpha-D-glucopyranose 'C6 H13 O9 P'
PEG non-polymer DI(HYDROXYETHYL)ETHER 'C4 H10 O3'
U5P non-polymer URIDINE-5'-MONOPHOSPHATE 'C9 H13 N2 O9 P'
#
# COMPACT_ATOMS: atom_id res chain seq x y z
N SER A 21 -2.58 72.98 9.54
CA SER A 21 -3.50 72.55 8.44
C SER A 21 -2.94 71.42 7.60
N ARG A 22 -2.37 70.41 8.27
CA ARG A 22 -2.03 69.15 7.63
C ARG A 22 -3.19 68.17 7.83
N ASP A 23 -3.35 67.24 6.89
CA ASP A 23 -4.49 66.32 6.88
C ASP A 23 -4.32 65.13 7.82
N LEU A 24 -5.27 65.01 8.75
CA LEU A 24 -5.23 63.95 9.76
C LEU A 24 -5.80 62.62 9.26
N GLN A 25 -6.91 62.66 8.55
CA GLN A 25 -7.54 61.43 8.05
C GLN A 25 -6.67 60.69 7.03
N ASN A 26 -6.32 61.35 5.93
CA ASN A 26 -5.32 60.80 5.04
C ASN A 26 -3.91 61.19 5.54
N HIS A 27 -3.33 60.32 6.34
CA HIS A 27 -2.03 60.55 6.97
C HIS A 27 -1.06 59.41 6.61
N LEU A 28 0.22 59.59 6.87
CA LEU A 28 1.20 58.56 6.57
C LEU A 28 1.70 57.79 7.79
N LEU A 29 1.86 56.49 7.64
CA LEU A 29 2.36 55.63 8.72
C LEU A 29 3.76 55.08 8.41
N PHE A 30 4.68 55.27 9.34
CA PHE A 30 6.02 54.74 9.23
C PHE A 30 6.37 53.92 10.46
N GLU A 31 6.39 52.60 10.28
CA GLU A 31 6.63 51.68 11.38
C GLU A 31 8.06 51.17 11.38
N THR A 32 8.83 51.63 12.36
CA THR A 32 10.26 51.32 12.45
C THR A 32 10.56 50.23 13.48
N ALA A 33 11.43 49.28 13.11
CA ALA A 33 11.92 48.24 14.02
C ALA A 33 13.17 47.51 13.50
N THR A 34 13.98 46.97 14.42
CA THR A 34 15.14 46.15 14.06
C THR A 34 14.76 44.90 13.24
N GLU A 35 13.67 44.25 13.61
CA GLU A 35 13.32 42.94 13.09
C GLU A 35 12.61 42.95 11.72
N VAL A 36 12.90 43.95 10.89
CA VAL A 36 12.14 44.15 9.66
C VAL A 36 12.41 43.11 8.57
N ALA A 37 13.63 43.06 8.04
CA ALA A 37 13.94 42.12 6.96
C ALA A 37 14.60 40.86 7.48
N ASN A 38 14.52 40.63 8.78
CA ASN A 38 15.32 39.59 9.43
C ASN A 38 14.78 39.18 10.78
N ARG A 39 14.76 37.87 11.02
CA ARG A 39 14.43 37.33 12.33
C ARG A 39 15.61 37.59 13.27
N VAL A 40 15.34 38.33 14.35
CA VAL A 40 16.31 38.57 15.42
C VAL A 40 15.60 38.32 16.75
N GLY A 41 14.27 38.52 16.73
CA GLY A 41 13.43 38.34 17.90
C GLY A 41 11.97 38.13 17.49
N GLY A 42 11.10 38.03 18.48
CA GLY A 42 9.66 37.79 18.26
C GLY A 42 8.98 38.91 17.50
N ILE A 43 9.48 40.14 17.70
CA ILE A 43 8.96 41.32 17.02
C ILE A 43 8.76 41.10 15.51
N TYR A 44 9.72 40.43 14.88
CA TYR A 44 9.62 40.03 13.46
C TYR A 44 8.26 39.40 13.13
N SER A 45 7.88 38.37 13.89
CA SER A 45 6.64 37.62 13.66
C SER A 45 5.41 38.51 13.86
N VAL A 46 5.49 39.41 14.85
CA VAL A 46 4.44 40.39 15.10
C VAL A 46 4.22 41.30 13.90
N LEU A 47 5.26 42.02 13.50
CA LEU A 47 5.18 42.94 12.34
C LEU A 47 4.72 42.26 11.06
N LYS A 48 5.16 41.01 10.87
CA LYS A 48 4.82 40.17 9.73
C LYS A 48 3.31 39.88 9.64
N SER A 49 2.79 39.18 10.64
CA SER A 49 1.37 38.80 10.66
C SER A 49 0.45 40.00 10.63
N LYS A 50 0.94 41.13 11.15
CA LYS A 50 0.15 42.36 11.26
C LYS A 50 0.14 43.17 9.96
N ALA A 51 1.05 42.85 9.04
CA ALA A 51 1.16 43.55 7.77
C ALA A 51 -0.11 43.50 6.86
N PRO A 52 -0.78 42.34 6.77
CA PRO A 52 -1.99 42.36 5.92
C PRO A 52 -2.95 43.47 6.34
N ILE A 53 -3.37 43.46 7.60
CA ILE A 53 -4.32 44.44 8.15
C ILE A 53 -3.83 45.90 8.12
N THR A 54 -2.52 46.14 8.30
CA THR A 54 -1.99 47.51 8.22
C THR A 54 -1.93 47.97 6.77
N VAL A 55 -1.52 47.06 5.88
CA VAL A 55 -1.55 47.28 4.43
C VAL A 55 -2.98 47.50 3.94
N ALA A 56 -3.88 46.64 4.43
CA ALA A 56 -5.31 46.74 4.12
C ALA A 56 -5.81 48.18 4.30
N GLN A 57 -5.54 48.76 5.47
CA GLN A 57 -6.06 50.08 5.84
C GLN A 57 -5.29 51.21 5.19
N TYR A 58 -3.97 51.02 5.00
CA TYR A 58 -3.09 52.11 4.57
C TYR A 58 -2.67 52.11 3.10
N LYS A 59 -2.74 50.95 2.44
CA LYS A 59 -2.30 50.79 1.05
C LYS A 59 -0.86 51.29 0.82
N ASP A 60 -0.70 52.18 -0.14
CA ASP A 60 0.61 52.73 -0.52
C ASP A 60 1.20 53.72 0.50
N HIS A 61 0.40 54.06 1.53
CA HIS A 61 0.80 55.06 2.53
C HIS A 61 1.59 54.47 3.71
N TYR A 62 1.69 53.14 3.73
CA TYR A 62 2.39 52.44 4.79
C TYR A 62 3.80 52.08 4.35
N HIS A 63 4.75 52.30 5.26
CA HIS A 63 6.14 51.93 5.04
C HIS A 63 6.78 51.44 6.33
N LEU A 64 7.34 50.24 6.28
CA LEU A 64 8.23 49.81 7.35
C LEU A 64 9.65 50.32 7.13
N ILE A 65 10.40 50.43 8.22
CA ILE A 65 11.79 50.87 8.17
C ILE A 65 12.58 49.97 9.12
N GLY A 66 13.73 49.50 8.66
CA GLY A 66 14.58 48.62 9.46
C GLY A 66 16.05 48.78 9.17
N PRO A 67 16.91 48.11 9.96
CA PRO A 67 18.32 48.01 9.56
C PRO A 67 18.43 47.00 8.42
N LEU A 68 19.44 47.20 7.56
CA LEU A 68 19.69 46.30 6.44
C LEU A 68 20.59 45.14 6.85
N ASN A 69 20.06 43.92 6.76
CA ASN A 69 20.82 42.72 7.05
C ASN A 69 21.25 42.07 5.75
N LYS A 70 22.49 42.37 5.36
CA LYS A 70 23.06 41.94 4.08
C LYS A 70 23.11 40.41 3.98
N ALA A 71 23.30 39.78 5.14
CA ALA A 71 23.38 38.34 5.25
C ALA A 71 22.07 37.62 4.89
N THR A 72 20.92 38.25 5.13
CA THR A 72 19.64 37.55 4.97
C THR A 72 18.66 38.19 3.98
N TYR A 73 18.79 39.49 3.73
CA TYR A 73 17.74 40.25 3.06
C TYR A 73 17.26 39.69 1.71
N GLN A 74 18.16 39.05 0.97
CA GLN A 74 17.91 38.70 -0.44
C GLN A 74 16.79 37.69 -0.72
N ASN A 75 16.73 36.63 0.07
CA ASN A 75 15.73 35.59 -0.15
C ASN A 75 14.38 35.83 0.53
N GLU A 76 14.12 37.07 0.93
CA GLU A 76 12.81 37.45 1.49
C GLU A 76 12.42 38.91 1.23
N VAL A 77 13.23 39.63 0.45
CA VAL A 77 12.86 40.97 0.00
C VAL A 77 12.91 41.11 -1.52
N ASP A 78 11.72 41.25 -2.09
CA ASP A 78 11.50 41.66 -3.46
C ASP A 78 12.09 43.07 -3.62
N ILE A 79 13.25 43.16 -4.29
CA ILE A 79 13.95 44.45 -4.47
C ILE A 79 13.26 45.32 -5.53
N LEU A 80 13.32 46.64 -5.37
CA LEU A 80 12.59 47.57 -6.24
C LEU A 80 13.38 48.79 -6.69
N ASP A 81 13.16 49.18 -7.95
CA ASP A 81 13.70 50.41 -8.50
C ASP A 81 12.85 51.58 -8.02
N TRP A 82 13.45 52.41 -7.18
CA TRP A 82 12.75 53.52 -6.51
C TRP A 82 12.95 54.85 -7.23
N LYS A 83 13.62 54.80 -8.39
CA LYS A 83 13.92 55.99 -9.19
C LYS A 83 12.91 56.19 -10.34
N LYS A 84 12.23 55.11 -10.72
CA LYS A 84 11.11 55.17 -11.65
C LYS A 84 10.03 56.12 -11.13
N PRO A 85 9.63 57.11 -11.95
CA PRO A 85 8.47 57.94 -11.57
C PRO A 85 7.19 57.09 -11.50
N GLU A 86 7.32 55.82 -11.88
CA GLU A 86 6.22 54.86 -11.84
C GLU A 86 6.08 54.20 -10.46
N ALA A 87 7.04 54.45 -9.58
CA ALA A 87 7.09 53.79 -8.26
C ALA A 87 6.25 54.49 -7.17
N PHE A 88 5.89 55.75 -7.41
CA PHE A 88 5.08 56.51 -6.45
C PHE A 88 3.97 57.30 -7.12
N SER A 89 2.84 57.43 -6.41
CA SER A 89 1.74 58.26 -6.86
C SER A 89 2.11 59.74 -6.74
N ASP A 90 1.21 60.61 -7.18
CA ASP A 90 1.47 62.05 -7.18
C ASP A 90 1.30 62.69 -5.80
N GLU A 91 0.39 62.14 -5.00
CA GLU A 91 0.27 62.56 -3.61
C GLU A 91 1.43 61.98 -2.78
N MET A 92 1.94 60.82 -3.20
CA MET A 92 3.04 60.15 -2.50
C MET A 92 4.43 60.61 -2.96
N ARG A 93 4.47 61.59 -3.86
CA ARG A 93 5.73 62.10 -4.42
C ARG A 93 6.81 62.42 -3.38
N PRO A 94 6.49 63.26 -2.36
CA PRO A 94 7.54 63.80 -1.48
C PRO A 94 8.42 62.74 -0.83
N VAL A 95 7.92 61.51 -0.70
CA VAL A 95 8.69 60.41 -0.15
C VAL A 95 9.91 60.11 -1.04
N GLN A 96 9.71 60.18 -2.35
CA GLN A 96 10.76 59.90 -3.34
C GLN A 96 11.87 60.92 -3.26
N HIS A 97 11.49 62.20 -3.22
CA HIS A 97 12.44 63.31 -3.15
C HIS A 97 13.32 63.26 -1.90
N ALA A 98 12.73 62.79 -0.80
CA ALA A 98 13.44 62.64 0.47
C ALA A 98 14.46 61.51 0.40
N LEU A 99 14.12 60.44 -0.33
CA LEU A 99 15.03 59.33 -0.56
C LEU A 99 16.21 59.76 -1.43
N GLN A 100 15.91 60.58 -2.44
CA GLN A 100 16.93 61.21 -3.28
C GLN A 100 17.94 61.99 -2.44
N THR A 101 17.44 62.88 -1.59
CA THR A 101 18.28 63.68 -0.68
C THR A 101 19.17 62.80 0.18
N MET A 102 18.69 61.60 0.53
CA MET A 102 19.49 60.66 1.31
C MET A 102 20.66 60.11 0.48
N GLU A 103 20.53 60.09 -0.85
CA GLU A 103 21.67 59.73 -1.70
C GLU A 103 22.55 60.91 -2.11
N SER A 104 22.03 62.13 -2.01
CA SER A 104 22.83 63.36 -2.18
C SER A 104 23.93 63.45 -1.12
N ARG A 105 23.62 62.98 0.09
CA ARG A 105 24.58 62.88 1.19
C ARG A 105 25.23 61.50 1.21
N GLY A 106 24.97 60.72 0.16
CA GLY A 106 25.68 59.46 -0.11
C GLY A 106 25.35 58.30 0.79
N VAL A 107 24.05 58.09 1.05
CA VAL A 107 23.60 57.00 1.91
C VAL A 107 22.97 55.88 1.07
N HIS A 108 23.56 54.68 1.14
CA HIS A 108 22.99 53.49 0.51
C HIS A 108 21.79 53.00 1.34
N PHE A 109 20.74 52.57 0.64
CA PHE A 109 19.59 51.92 1.28
C PHE A 109 18.84 51.05 0.28
N VAL A 110 18.03 50.13 0.79
CA VAL A 110 17.27 49.22 -0.07
C VAL A 110 15.80 49.57 -0.06
N TYR A 111 15.23 49.79 -1.24
CA TYR A 111 13.79 49.93 -1.40
C TYR A 111 13.24 48.64 -1.98
N GLY A 112 12.06 48.23 -1.50
CA GLY A 112 11.41 47.01 -1.97
C GLY A 112 10.09 46.67 -1.30
N ARG A 113 9.65 45.43 -1.50
CA ARG A 113 8.45 44.88 -0.85
C ARG A 113 8.85 43.66 -0.06
N TRP A 114 8.31 43.53 1.15
CA TRP A 114 8.61 42.40 2.00
C TRP A 114 7.83 41.17 1.51
N LEU A 115 8.57 40.11 1.20
CA LEU A 115 7.99 38.90 0.60
C LEU A 115 7.19 38.03 1.57
N ILE A 116 6.22 38.65 2.24
CA ILE A 116 5.27 37.96 3.12
C ILE A 116 3.87 38.37 2.72
N GLU A 117 2.87 37.68 3.25
CA GLU A 117 1.46 37.96 2.95
C GLU A 117 1.12 39.44 3.17
N GLY A 118 0.22 39.97 2.36
CA GLY A 118 -0.06 41.40 2.34
C GLY A 118 1.00 42.22 1.60
N ALA A 119 2.28 41.85 1.79
CA ALA A 119 3.41 42.47 1.09
C ALA A 119 3.49 44.01 1.10
N PRO A 120 4.13 44.59 2.14
CA PRO A 120 4.30 46.04 2.32
C PRO A 120 5.67 46.59 1.91
N LYS A 121 5.71 47.86 1.51
CA LYS A 121 6.97 48.50 1.15
C LYS A 121 7.88 48.66 2.36
N VAL A 122 9.19 48.47 2.16
CA VAL A 122 10.17 48.69 3.23
C VAL A 122 11.25 49.69 2.81
N ILE A 123 12.00 50.21 3.79
CA ILE A 123 13.22 51.00 3.55
C ILE A 123 14.30 50.57 4.53
N LEU A 124 15.20 49.70 4.07
CA LEU A 124 16.26 49.18 4.92
C LEU A 124 17.55 49.94 4.67
N PHE A 125 18.02 50.65 5.70
CA PHE A 125 19.21 51.47 5.59
C PHE A 125 20.49 50.67 5.76
N ASP A 126 21.44 50.90 4.83
CA ASP A 126 22.80 50.36 4.92
C ASP A 126 23.55 51.16 5.98
N LEU A 127 23.67 50.59 7.17
CA LEU A 127 24.27 51.30 8.30
C LEU A 127 25.77 51.56 8.13
N ASP A 128 26.43 50.77 7.28
CA ASP A 128 27.84 50.98 6.93
C ASP A 128 28.04 52.31 6.21
N SER A 129 27.07 52.66 5.37
CA SER A 129 27.15 53.85 4.53
C SER A 129 26.96 55.15 5.32
N VAL A 130 27.09 55.05 6.65
CA VAL A 130 27.02 56.20 7.53
C VAL A 130 27.97 56.05 8.72
N ARG A 131 28.49 54.83 8.89
CA ARG A 131 29.34 54.44 10.02
C ARG A 131 30.37 55.51 10.49
N GLY A 132 30.82 56.35 9.56
CA GLY A 132 31.74 57.44 9.88
C GLY A 132 31.18 58.49 10.82
N TYR A 133 29.90 58.80 10.64
CA TYR A 133 29.20 59.78 11.48
C TYR A 133 29.16 59.40 12.95
N SER A 134 29.29 58.10 13.22
CA SER A 134 29.19 57.52 14.57
C SER A 134 29.62 58.43 15.72
N ASN A 135 30.82 58.99 15.63
CA ASN A 135 31.39 59.77 16.72
C ASN A 135 30.73 61.14 16.96
N GLU A 136 30.38 61.83 15.88
CA GLU A 136 29.62 63.08 16.00
C GLU A 136 28.28 62.80 16.66
N TRP A 137 27.71 61.64 16.29
CA TRP A 137 26.38 61.26 16.74
C TRP A 137 26.34 60.79 18.19
N LYS A 138 27.13 59.75 18.51
CA LYS A 138 27.29 59.32 19.92
C LYS A 138 27.54 60.52 20.83
N GLY A 139 28.32 61.49 20.32
CA GLY A 139 28.62 62.72 21.03
C GLY A 139 27.38 63.58 21.18
N ASP A 140 26.63 63.74 20.09
CA ASP A 140 25.38 64.50 20.09
C ASP A 140 24.36 63.93 21.09
N LEU A 141 24.29 62.60 21.16
CA LEU A 141 23.35 61.90 22.04
C LEU A 141 23.59 62.18 23.52
N TRP A 142 24.86 62.22 23.92
CA TRP A 142 25.17 62.63 25.28
C TRP A 142 24.71 64.07 25.52
N SER A 143 25.22 64.99 24.72
CA SER A 143 24.99 66.42 24.94
C SER A 143 23.54 66.87 24.71
N LEU A 144 22.67 65.94 24.31
CA LEU A 144 21.24 66.20 24.24
C LEU A 144 20.46 65.42 25.30
N VAL A 145 20.71 64.11 25.38
CA VAL A 145 19.92 63.24 26.25
C VAL A 145 20.70 62.74 27.47
N GLY A 146 22.00 62.50 27.28
CA GLY A 146 22.87 62.09 28.37
C GLY A 146 23.20 60.62 28.38
N ILE A 147 23.33 60.03 27.19
CA ILE A 147 23.55 58.59 27.05
C ILE A 147 24.98 58.23 26.67
N PRO A 148 25.70 57.51 27.58
CA PRO A 148 27.07 57.06 27.32
C PRO A 148 27.07 55.89 26.34
N SER A 149 28.09 55.82 25.49
CA SER A 149 28.18 54.73 24.51
C SER A 149 29.56 54.07 24.47
N PRO A 150 29.80 53.10 25.38
CA PRO A 150 30.95 52.22 25.23
C PRO A 150 30.86 51.52 23.88
N GLU A 151 31.93 51.60 23.09
CA GLU A 151 31.88 51.23 21.68
C GLU A 151 31.95 49.73 21.40
N ASN A 152 32.40 48.95 22.39
CA ASN A 152 32.44 47.48 22.28
C ASN A 152 31.05 46.83 22.26
N ASP A 153 30.01 47.67 22.19
CA ASP A 153 28.62 47.23 22.14
C ASP A 153 28.09 47.35 20.71
N PHE A 154 28.21 46.24 19.98
CA PHE A 154 27.81 46.17 18.57
C PHE A 154 26.37 46.67 18.37
N GLU A 155 25.47 46.25 19.26
CA GLU A 155 24.05 46.62 19.19
C GLU A 155 23.83 48.11 19.34
N THR A 156 24.36 48.68 20.42
CA THR A 156 24.11 50.06 20.78
C THR A 156 24.56 51.01 19.69
N ASN A 157 25.76 50.78 19.16
CA ASN A 157 26.26 51.56 18.03
C ASN A 157 25.31 51.54 16.82
N ASP A 158 24.81 50.35 16.49
CA ASP A 158 23.87 50.16 15.38
C ASP A 158 22.51 50.84 15.60
N ALA A 159 21.97 50.72 16.81
CA ALA A 159 20.71 51.37 17.16
C ALA A 159 20.81 52.90 17.09
N ILE A 160 21.96 53.43 17.50
CA ILE A 160 22.27 54.86 17.40
C ILE A 160 22.47 55.27 15.95
N LEU A 161 23.01 54.34 15.15
CA LEU A 161 23.15 54.55 13.71
C LEU A 161 21.77 54.60 13.08
N LEU A 162 20.93 53.65 13.48
CA LEU A 162 19.57 53.58 12.97
C LEU A 162 18.75 54.80 13.39
N GLY A 163 18.93 55.21 14.65
CA GLY A 163 18.18 56.35 15.20
C GLY A 163 18.35 57.63 14.42
N TYR A 164 19.60 58.02 14.22
CA TYR A 164 19.92 59.29 13.54
C TYR A 164 19.60 59.26 12.05
N THR A 165 19.65 58.07 11.45
CA THR A 165 19.38 57.91 10.02
C THR A 165 17.88 58.04 9.71
N VAL A 166 17.05 57.52 10.61
CA VAL A 166 15.59 57.60 10.46
C VAL A 166 15.11 59.02 10.83
N ALA A 167 15.64 59.56 11.93
CA ALA A 167 15.34 60.95 12.30
C ALA A 167 15.76 61.95 11.22
N TRP A 168 16.90 61.69 10.59
CA TRP A 168 17.38 62.47 9.45
C TRP A 168 16.35 62.39 8.34
N PHE A 169 16.03 61.15 7.95
CA PHE A 169 15.12 60.88 6.86
C PHE A 169 13.72 61.44 7.10
N LEU A 170 13.16 61.16 8.28
CA LEU A 170 11.84 61.67 8.66
C LEU A 170 11.86 63.18 8.74
N GLY A 171 13.00 63.73 9.14
CA GLY A 171 13.24 65.17 9.13
C GLY A 171 13.09 65.75 7.73
N GLU A 172 13.51 64.99 6.71
CA GLU A 172 13.36 65.41 5.31
C GLU A 172 11.92 65.29 4.81
N VAL A 173 11.26 64.17 5.12
CA VAL A 173 9.88 63.94 4.69
C VAL A 173 8.92 64.94 5.32
N ALA A 174 9.24 65.37 6.54
CA ALA A 174 8.48 66.43 7.21
C ALA A 174 8.56 67.76 6.42
N HIS A 175 9.77 68.12 6.01
CA HIS A 175 10.03 69.35 5.25
C HIS A 175 9.44 69.32 3.84
N LEU A 176 9.37 68.14 3.23
CA LEU A 176 8.94 68.01 1.83
C LEU A 176 7.43 67.79 1.63
N ASP A 177 6.87 66.77 2.30
CA ASP A 177 5.42 66.57 2.27
C ASP A 177 4.74 67.65 3.09
N SER A 178 3.72 68.27 2.50
CA SER A 178 2.96 69.31 3.18
C SER A 178 1.45 69.05 3.15
N GLN A 179 1.06 67.93 2.54
CA GLN A 179 -0.33 67.52 2.52
C GLN A 179 -0.71 66.61 3.71
N HIS A 180 0.18 65.69 4.06
CA HIS A 180 -0.16 64.64 5.04
C HIS A 180 0.33 64.92 6.45
N ALA A 181 -0.39 64.33 7.41
CA ALA A 181 0.10 64.19 8.78
C ALA A 181 0.95 62.95 8.81
N ILE A 182 1.95 62.91 9.69
CA ILE A 182 2.90 61.81 9.70
C ILE A 182 3.01 61.09 11.04
N VAL A 183 2.55 59.84 11.09
CA VAL A 183 2.71 58.97 12.27
C VAL A 183 3.93 58.07 12.14
N ALA A 184 4.86 58.21 13.07
CA ALA A 184 6.03 57.34 13.14
C ALA A 184 5.96 56.46 14.39
N HIS A 185 6.05 55.15 14.19
CA HIS A 185 5.87 54.17 15.25
C HIS A 185 7.16 53.36 15.42
N PHE A 186 7.53 53.13 16.67
CA PHE A 186 8.81 52.52 17.01
C PHE A 186 8.65 51.38 17.99
N HIS A 187 9.35 50.28 17.72
CA HIS A 187 9.26 49.09 18.56
C HIS A 187 10.59 48.81 19.24
N GLU A 188 10.53 48.59 20.55
CA GLU A 188 11.68 48.22 21.37
C GLU A 188 12.83 49.24 21.33
N TRP A 189 13.65 49.24 22.37
CA TRP A 189 14.67 50.26 22.55
C TRP A 189 15.68 50.27 21.38
N LEU A 190 15.85 49.12 20.75
CA LEU A 190 16.74 48.98 19.59
C LEU A 190 16.39 49.91 18.43
N ALA A 191 15.12 50.29 18.31
CA ALA A 191 14.70 51.22 17.28
C ALA A 191 14.25 52.55 17.88
N GLY A 192 14.66 52.80 19.12
CA GLY A 192 14.14 53.95 19.87
C GLY A 192 14.96 55.22 19.93
N VAL A 193 16.12 55.21 19.29
CA VAL A 193 17.04 56.35 19.32
C VAL A 193 16.47 57.61 18.63
N ALA A 194 15.76 57.41 17.52
CA ALA A 194 15.12 58.51 16.80
C ALA A 194 14.09 59.26 17.64
N LEU A 195 13.57 58.62 18.69
CA LEU A 195 12.52 59.22 19.52
C LEU A 195 12.96 60.49 20.26
N PRO A 196 13.97 60.38 21.15
CA PRO A 196 14.56 61.57 21.78
C PRO A 196 14.77 62.73 20.82
N LEU A 197 15.24 62.42 19.62
CA LEU A 197 15.60 63.41 18.61
C LEU A 197 14.38 64.18 18.09
N CYS A 198 13.39 63.47 17.57
CA CYS A 198 12.18 64.10 17.05
C CYS A 198 11.57 65.07 18.05
N ARG A 199 11.58 64.70 19.33
CA ARG A 199 11.09 65.57 20.40
C ARG A 199 11.90 66.88 20.51
N LYS A 200 13.23 66.77 20.53
CA LYS A 200 14.12 67.93 20.68
C LYS A 200 14.31 68.76 19.41
N ARG A 201 14.35 68.08 18.26
CA ARG A 201 14.40 68.73 16.95
C ARG A 201 13.02 69.23 16.51
N ARG A 202 12.04 69.17 17.41
CA ARG A 202 10.60 69.38 17.12
C ARG A 202 10.16 69.16 15.67
N ILE A 203 10.43 67.97 15.17
CA ILE A 203 10.04 67.54 13.83
C ILE A 203 8.53 67.42 13.76
N ASP A 204 7.94 67.80 12.62
CA ASP A 204 6.48 67.81 12.52
C ASP A 204 5.86 66.44 12.18
N VAL A 205 6.30 65.42 12.92
CA VAL A 205 5.69 64.09 12.90
C VAL A 205 5.09 63.80 14.28
N VAL A 206 4.26 62.77 14.37
CA VAL A 206 3.82 62.29 15.68
C VAL A 206 4.39 60.91 15.95
N THR A 207 4.73 60.65 17.21
CA THR A 207 5.45 59.44 17.58
C THR A 207 4.74 58.48 18.53
N ILE A 208 4.88 57.18 18.27
CA ILE A 208 4.48 56.15 19.22
C ILE A 208 5.68 55.29 19.54
N PHE A 209 5.81 54.93 20.79
CA PHE A 209 6.79 53.94 21.19
C PHE A 209 6.06 52.74 21.77
N THR A 210 6.44 51.55 21.33
CA THR A 210 5.95 50.34 21.93
C THR A 210 7.13 49.54 22.44
N THR A 211 7.05 49.15 23.71
CA THR A 211 8.07 48.29 24.27
C THR A 211 7.45 46.91 24.53
N HIS A 212 8.14 45.88 24.04
CA HIS A 212 7.67 44.50 24.10
C HIS A 212 8.29 43.76 25.27
N ALA A 213 9.11 44.49 26.03
CA ALA A 213 9.83 43.98 27.21
C ALA A 213 10.71 45.08 27.80
N THR A 214 10.56 45.36 29.09
CA THR A 214 11.51 46.26 29.76
C THR A 214 12.82 45.53 30.02
N LEU A 215 13.94 46.18 29.72
CA LEU A 215 15.26 45.55 29.83
C LEU A 215 15.51 44.98 31.20
N LEU A 216 15.30 45.81 32.22
CA LEU A 216 15.52 45.40 33.60
C LEU A 216 14.69 44.18 33.99
N GLY A 217 13.39 44.22 33.70
CA GLY A 217 12.51 43.06 33.92
C GLY A 217 13.14 41.72 33.60
N ARG A 218 13.70 41.62 32.39
CA ARG A 218 14.31 40.39 31.93
C ARG A 218 15.43 39.95 32.88
N TYR A 219 16.37 40.86 33.15
CA TYR A 219 17.57 40.55 33.93
C TYR A 219 17.26 40.21 35.38
N LEU A 220 16.37 41.01 35.97
CA LEU A 220 15.99 40.86 37.35
C LEU A 220 15.29 39.54 37.62
N CYS A 221 14.58 39.02 36.62
CA CYS A 221 13.81 37.80 36.79
C CYS A 221 14.62 36.55 36.43
N ALA A 222 15.69 36.75 35.66
CA ALA A 222 16.60 35.66 35.25
C ALA A 222 17.40 35.15 36.42
N SER A 223 17.77 36.07 37.33
CA SER A 223 18.40 35.76 38.62
C SER A 223 17.65 34.65 39.33
N GLY A 224 16.35 34.87 39.54
CA GLY A 224 15.50 33.91 40.21
C GLY A 224 15.39 34.15 41.71
N SER A 225 16.37 34.84 42.29
CA SER A 225 16.36 35.21 43.70
C SER A 225 15.28 36.25 44.05
N PHE A 226 15.24 37.32 43.25
CA PHE A 226 14.32 38.47 43.44
C PHE A 226 12.83 38.09 43.48
N ASP A 227 12.05 38.78 44.33
CA ASP A 227 10.58 38.73 44.23
C ASP A 227 10.08 39.95 43.43
N PHE A 228 10.41 39.94 42.15
CA PHE A 228 10.17 41.04 41.21
C PHE A 228 8.78 41.69 41.24
N TYR A 229 7.71 40.90 41.22
CA TYR A 229 6.38 41.48 41.08
C TYR A 229 5.83 42.15 42.34
N ASN A 230 6.46 41.87 43.49
CA ASN A 230 5.99 42.46 44.77
C ASN A 230 6.77 43.66 45.27
N CYS A 231 8.07 43.69 45.02
CA CYS A 231 8.86 44.86 45.35
C CYS A 231 9.66 45.37 44.16
N LEU A 232 8.95 45.94 43.19
CA LEU A 232 9.61 46.62 42.09
C LEU A 232 9.44 48.13 42.20
N GLU A 233 8.41 48.56 42.94
CA GLU A 233 8.25 49.97 43.35
C GLU A 233 9.44 50.43 44.20
N SER A 234 10.34 49.49 44.49
CA SER A 234 11.46 49.73 45.37
C SER A 234 12.78 49.26 44.76
N VAL A 235 12.90 49.32 43.45
CA VAL A 235 14.20 49.05 42.83
C VAL A 235 14.84 50.36 42.44
N ASP A 236 16.08 50.52 42.89
CA ASP A 236 16.89 51.63 42.43
C ASP A 236 17.28 51.27 41.02
N VAL A 237 16.53 51.82 40.05
CA VAL A 237 16.72 51.54 38.63
C VAL A 237 18.16 51.78 38.15
N ASP A 238 18.75 52.89 38.59
CA ASP A 238 20.09 53.26 38.15
C ASP A 238 21.13 52.25 38.59
N HIS A 239 20.99 51.83 39.85
CA HIS A 239 21.88 50.88 40.51
C HIS A 239 21.82 49.49 39.88
N GLU A 240 20.59 49.02 39.64
CA GLU A 240 20.32 47.68 39.08
C GLU A 240 20.82 47.56 37.64
N ALA A 241 20.52 48.57 36.82
CA ALA A 241 21.05 48.66 35.47
C ALA A 241 22.57 48.51 35.52
N GLY A 242 23.20 49.32 36.37
CA GLY A 242 24.64 49.24 36.64
C GLY A 242 25.09 47.84 37.00
N ARG A 243 24.39 47.22 37.95
CA ARG A 243 24.72 45.87 38.41
C ARG A 243 24.78 44.83 37.28
N PHE A 244 23.79 44.85 36.38
CA PHE A 244 23.81 44.01 35.18
C PHE A 244 24.58 44.64 34.02
N GLY A 245 25.36 45.68 34.28
CA GLY A 245 26.17 46.35 33.26
C GLY A 245 25.43 46.72 31.99
N ILE A 246 24.22 47.26 32.15
CA ILE A 246 23.36 47.62 31.02
C ILE A 246 22.81 49.04 31.19
N TYR A 247 23.57 49.90 31.85
CA TYR A 247 23.11 51.25 32.11
C TYR A 247 22.84 52.03 30.83
N HIS A 248 23.79 52.03 29.92
CA HIS A 248 23.67 52.78 28.66
C HIS A 248 22.42 52.38 27.85
N ARG A 249 22.17 51.09 27.72
CA ARG A 249 21.02 50.56 26.98
C ARG A 249 19.69 51.03 27.61
N TYR A 250 19.59 50.89 28.93
CA TYR A 250 18.41 51.30 29.69
C TYR A 250 18.05 52.79 29.55
N CYS A 251 19.06 53.64 29.31
CA CYS A 251 18.82 55.07 29.13
C CYS A 251 18.09 55.34 27.84
N ILE A 252 18.44 54.58 26.80
CA ILE A 252 17.78 54.67 25.51
C ILE A 252 16.32 54.26 25.67
N GLU A 253 16.10 53.09 26.27
CA GLU A 253 14.76 52.59 26.58
C GLU A 253 13.92 53.67 27.28
N ARG A 254 14.35 54.07 28.47
CA ARG A 254 13.64 55.05 29.28
C ARG A 254 13.38 56.36 28.54
N ALA A 255 14.40 56.85 27.82
CA ALA A 255 14.30 58.10 27.05
C ALA A 255 13.30 57.95 25.92
N ALA A 256 13.32 56.80 25.26
CA ALA A 256 12.42 56.53 24.14
C ALA A 256 10.98 56.55 24.62
N ALA A 257 10.78 56.12 25.87
CA ALA A 257 9.45 56.12 26.48
C ALA A 257 8.97 57.56 26.77
N HIS A 258 9.82 58.37 27.41
CA HIS A 258 9.43 59.73 27.78
C HIS A 258 9.34 60.65 26.56
N SER A 259 10.17 60.36 25.56
CA SER A 259 10.25 61.23 24.40
C SER A 259 9.07 61.11 23.42
N ALA A 260 8.45 59.93 23.38
CA ALA A 260 7.34 59.66 22.45
C ALA A 260 6.02 60.31 22.86
N ASP A 261 5.19 60.64 21.87
CA ASP A 261 3.88 61.20 22.15
C ASP A 261 3.02 60.16 22.83
N VAL A 262 2.92 58.99 22.21
CA VAL A 262 2.21 57.85 22.80
C VAL A 262 3.17 56.73 23.23
N PHE A 263 2.94 56.19 24.42
CA PHE A 263 3.78 55.14 24.98
C PHE A 263 2.89 53.97 25.37
N THR A 264 3.23 52.79 24.84
CA THR A 264 2.42 51.59 24.97
C THR A 264 3.29 50.37 25.24
N THR A 265 2.75 49.42 26.00
CA THR A 265 3.34 48.10 26.09
C THR A 265 2.41 47.09 25.42
N VAL A 266 2.78 45.81 25.47
CA VAL A 266 2.02 44.76 24.81
C VAL A 266 1.04 44.04 25.73
N SER A 267 1.17 44.23 27.04
CA SER A 267 0.23 43.64 27.97
C SER A 267 0.08 44.53 29.18
N GLN A 268 -0.97 44.27 29.96
CA GLN A 268 -1.17 44.93 31.25
C GLN A 268 -0.02 44.71 32.20
N ILE A 269 0.53 43.51 32.22
CA ILE A 269 1.56 43.22 33.21
C ILE A 269 2.84 43.94 32.90
N THR A 270 3.03 44.25 31.62
CA THR A 270 4.22 44.95 31.19
C THR A 270 3.94 46.43 31.38
N ALA A 271 2.67 46.81 31.45
CA ALA A 271 2.32 48.19 31.75
C ALA A 271 2.74 48.48 33.18
N PHE A 272 2.19 47.70 34.11
CA PHE A 272 2.48 47.85 35.52
C PHE A 272 3.99 47.80 35.79
N GLU A 273 4.70 47.02 35.00
CA GLU A 273 6.14 46.93 35.15
C GLU A 273 6.87 48.14 34.57
N ALA A 274 6.44 48.61 33.39
CA ALA A 274 7.12 49.71 32.69
C ALA A 274 6.92 51.04 33.39
N GLU A 275 5.80 51.16 34.11
CA GLU A 275 5.48 52.35 34.88
C GLU A 275 6.60 52.63 35.85
N HIS A 276 6.88 51.65 36.70
CA HIS A 276 7.84 51.78 37.77
C HIS A 276 9.28 51.73 37.29
N LEU A 277 9.53 50.96 36.24
CA LEU A 277 10.90 50.80 35.76
C LEU A 277 11.34 51.80 34.70
N LEU A 278 10.38 52.46 34.07
CA LEU A 278 10.70 53.42 33.01
C LEU A 278 10.06 54.77 33.27
N LYS A 279 9.36 54.83 34.40
CA LYS A 279 8.89 56.09 34.98
C LYS A 279 7.84 56.83 34.15
N ARG A 280 7.16 56.10 33.27
CA ARG A 280 6.00 56.62 32.55
C ARG A 280 4.90 55.58 32.50
N LYS A 281 3.69 56.00 32.81
CA LYS A 281 2.54 55.13 32.75
C LYS A 281 2.14 55.09 31.28
N PRO A 282 2.16 53.88 30.67
CA PRO A 282 1.74 53.69 29.30
C PRO A 282 0.30 54.17 29.08
N ASP A 283 0.07 54.77 27.91
CA ASP A 283 -1.25 55.25 27.51
C ASP A 283 -2.24 54.14 27.21
N GLY A 284 -1.74 52.91 27.20
CA GLY A 284 -2.55 51.75 26.80
C GLY A 284 -1.69 50.59 26.33
N ILE A 285 -2.36 49.51 25.90
CA ILE A 285 -1.65 48.32 25.46
C ILE A 285 -1.93 47.92 24.00
N LEU A 286 -0.92 47.35 23.38
CA LEU A 286 -1.07 46.75 22.07
C LEU A 286 -0.75 45.25 22.16
N PRO A 287 -1.75 44.44 22.54
CA PRO A 287 -1.54 43.01 22.54
C PRO A 287 -1.10 42.53 21.16
N ASN A 288 -0.46 41.35 21.13
CA ASN A 288 -0.05 40.69 19.89
C ASN A 288 -1.12 39.82 19.22
N GLY A 289 -1.36 40.08 17.94
CA GLY A 289 -2.33 39.30 17.15
C GLY A 289 -1.69 38.28 16.22
N LEU A 290 -2.51 37.37 15.74
CA LEU A 290 -2.12 36.28 14.85
C LEU A 290 -2.90 36.36 13.54
N ASN A 291 -2.39 35.71 12.50
CA ASN A 291 -3.15 35.41 11.30
C ASN A 291 -3.82 34.06 11.45
N VAL A 292 -4.99 34.05 12.08
CA VAL A 292 -5.67 32.81 12.41
C VAL A 292 -6.01 32.07 11.13
N ILE A 293 -5.33 30.94 10.93
CA ILE A 293 -5.64 30.03 9.82
C ILE A 293 -6.92 29.27 10.15
N LYS A 294 -8.00 29.54 9.40
CA LYS A 294 -9.28 28.86 9.62
C LYS A 294 -9.58 27.78 8.58
N PHE A 295 -10.55 26.91 8.88
CA PHE A 295 -10.90 25.80 7.98
C PHE A 295 -12.36 25.84 7.56
N GLN A 296 -12.62 25.38 6.33
CA GLN A 296 -13.97 25.33 5.81
C GLN A 296 -14.90 24.54 6.75
N ALA A 297 -14.43 23.41 7.25
CA ALA A 297 -15.15 22.70 8.28
C ALA A 297 -14.53 23.06 9.63
N PHE A 298 -15.36 23.53 10.57
CA PHE A 298 -14.88 23.85 11.91
C PHE A 298 -14.18 22.68 12.58
N HIS A 299 -14.70 21.47 12.40
CA HIS A 299 -14.13 20.26 13.00
C HIS A 299 -12.81 19.79 12.39
N GLU A 300 -12.41 20.34 11.25
CA GLU A 300 -11.18 19.90 10.59
C GLU A 300 -9.99 19.88 11.52
N PHE A 301 -9.85 20.91 12.38
CA PHE A 301 -8.74 20.91 13.37
C PHE A 301 -8.73 19.63 14.22
N GLN A 302 -9.91 19.17 14.62
CA GLN A 302 -10.01 17.96 15.42
C GLN A 302 -9.41 16.71 14.75
N ASN A 303 -9.64 16.55 13.45
CA ASN A 303 -9.02 15.45 12.70
C ASN A 303 -7.50 15.63 12.69
N LEU A 304 -7.05 16.87 12.55
CA LEU A 304 -5.60 17.13 12.46
C LEU A 304 -4.90 16.71 13.73
N HIS A 305 -5.55 16.98 14.87
CA HIS A 305 -5.05 16.54 16.14
C HIS A 305 -4.76 15.02 16.11
N ALA A 306 -5.80 14.21 15.87
CA ALA A 306 -5.64 12.75 15.67
C ALA A 306 -4.51 12.39 14.72
N LEU A 307 -4.45 13.04 13.57
CA LEU A 307 -3.47 12.72 12.54
C LEU A 307 -2.07 13.04 12.99
N LYS A 308 -1.92 14.22 13.60
CA LYS A 308 -0.61 14.63 14.09
C LYS A 308 -0.22 13.86 15.35
N LYS A 309 -1.21 13.48 16.16
CA LYS A 309 -0.95 12.65 17.34
C LYS A 309 -0.32 11.32 16.98
N GLU A 310 -0.83 10.67 15.93
CA GLU A 310 -0.22 9.41 15.52
C GLU A 310 1.25 9.51 15.26
N LYS A 311 1.73 10.68 14.82
CA LYS A 311 3.16 10.82 14.57
C LYS A 311 3.97 10.92 15.85
N ILE A 312 3.36 11.48 16.90
CA ILE A 312 3.96 11.49 18.22
C ILE A 312 3.93 10.06 18.77
N ASN A 313 2.78 9.40 18.65
CA ASN A 313 2.68 7.99 19.02
C ASN A 313 3.82 7.16 18.45
N ASP A 314 4.16 7.42 17.19
CA ASP A 314 5.18 6.64 16.52
C ASP A 314 6.53 6.89 17.16
N PHE A 315 6.74 8.12 17.58
CA PHE A 315 7.99 8.51 18.16
C PHE A 315 8.14 7.89 19.54
N VAL A 316 7.09 8.04 20.36
CA VAL A 316 7.03 7.53 21.71
C VAL A 316 7.36 6.05 21.74
N ARG A 317 6.82 5.29 20.78
CA ARG A 317 7.06 3.86 20.73
C ARG A 317 8.53 3.54 20.51
N GLY A 318 9.19 4.35 19.69
CA GLY A 318 10.60 4.13 19.41
C GLY A 318 11.46 4.48 20.62
N HIS A 319 11.05 5.54 21.29
CA HIS A 319 11.74 6.01 22.46
C HIS A 319 11.71 4.98 23.58
N PHE A 320 10.51 4.43 23.84
CA PHE A 320 10.27 3.48 24.90
C PHE A 320 10.34 2.04 24.42
N HIS A 321 11.17 1.77 23.43
CA HIS A 321 11.20 0.42 22.90
C HIS A 321 11.79 -0.48 23.96
N GLY A 322 11.18 -1.63 24.16
CA GLY A 322 11.66 -2.57 25.16
C GLY A 322 11.16 -2.26 26.56
N CYS A 323 10.61 -1.06 26.76
CA CYS A 323 10.08 -0.62 28.07
C CYS A 323 8.66 -0.10 27.93
N PHE A 324 7.96 -0.59 26.92
CA PHE A 324 6.65 -0.07 26.58
C PHE A 324 5.57 -0.81 27.37
N ASP A 325 5.11 -0.21 28.47
CA ASP A 325 4.12 -0.87 29.33
C ASP A 325 2.83 -0.08 29.59
N PHE A 326 2.65 1.03 28.88
CA PHE A 326 1.41 1.80 28.98
C PHE A 326 0.60 1.79 27.67
N ASP A 327 -0.66 2.20 27.75
CA ASP A 327 -1.55 2.23 26.60
C ASP A 327 -1.71 3.64 26.03
N LEU A 328 -1.09 3.88 24.87
CA LEU A 328 -1.15 5.18 24.16
C LEU A 328 -2.55 5.78 24.01
N ASP A 329 -3.56 4.92 23.95
CA ASP A 329 -4.97 5.37 23.90
C ASP A 329 -5.37 6.05 25.19
N ASN A 330 -4.50 5.95 26.19
CA ASN A 330 -4.77 6.44 27.52
C ASN A 330 -3.61 7.28 28.04
N THR A 331 -2.73 7.67 27.12
CA THR A 331 -1.62 8.55 27.43
C THR A 331 -2.03 9.98 27.13
N LEU A 332 -1.28 10.96 27.63
CA LEU A 332 -1.57 12.36 27.40
C LEU A 332 -0.29 13.09 27.18
N TYR A 333 -0.31 14.07 26.29
CA TYR A 333 0.94 14.72 25.90
C TYR A 333 0.96 16.18 26.33
N PHE A 334 1.88 16.46 27.24
CA PHE A 334 2.07 17.77 27.83
C PHE A 334 3.34 18.27 27.24
N PHE A 335 3.40 19.55 26.92
CA PHE A 335 4.65 20.07 26.43
C PHE A 335 4.94 21.49 26.89
N ILE A 336 6.23 21.82 26.93
CA ILE A 336 6.69 23.19 27.09
C ILE A 336 7.69 23.45 25.95
N ALA A 337 7.59 24.60 25.32
CA ALA A 337 8.45 24.90 24.19
C ALA A 337 8.78 26.36 24.22
N GLY A 338 9.90 26.72 23.62
CA GLY A 338 10.26 28.12 23.50
C GLY A 338 11.74 28.32 23.62
N ARG A 339 12.16 29.53 23.99
CA ARG A 339 13.59 29.80 24.16
C ARG A 339 14.08 29.24 25.50
N TYR A 340 15.37 28.95 25.57
CA TYR A 340 15.94 28.31 26.74
C TYR A 340 16.17 29.33 27.87
N GLU A 341 15.08 29.68 28.55
CA GLU A 341 15.11 30.57 29.69
C GLU A 341 14.55 29.79 30.88
N TYR A 342 15.46 29.21 31.64
CA TYR A 342 15.09 28.25 32.69
C TYR A 342 14.09 28.84 33.69
N LYS A 343 14.39 29.99 34.24
CA LYS A 343 13.54 30.60 35.28
C LYS A 343 12.33 31.30 34.71
N ASN A 344 12.55 32.08 33.65
CA ASN A 344 11.53 32.94 33.05
C ASN A 344 10.41 32.17 32.42
N LYS A 345 10.76 31.15 31.65
CA LYS A 345 9.79 30.32 30.94
C LYS A 345 9.05 29.36 31.87
N GLY A 346 9.57 29.22 33.09
CA GLY A 346 8.94 28.41 34.13
C GLY A 346 9.28 26.93 34.04
N ALA A 347 10.41 26.62 33.42
CA ALA A 347 10.80 25.23 33.26
C ALA A 347 10.97 24.54 34.63
N ASP A 348 11.61 25.25 35.55
CA ASP A 348 11.76 24.78 36.94
C ASP A 348 10.41 24.42 37.57
N MET A 349 9.44 25.32 37.50
CA MET A 349 8.11 25.02 38.01
C MET A 349 7.47 23.82 37.32
N PHE A 350 7.59 23.81 35.99
CA PHE A 350 6.97 22.78 35.18
C PHE A 350 7.44 21.41 35.62
N ILE A 351 8.76 21.21 35.57
CA ILE A 351 9.34 19.94 35.97
C ILE A 351 8.93 19.55 37.40
N GLU A 352 9.10 20.46 38.36
CA GLU A 352 8.80 20.20 39.76
C GLU A 352 7.35 19.74 39.93
N ALA A 353 6.43 20.42 39.26
CA ALA A 353 5.01 20.05 39.33
C ALA A 353 4.70 18.70 38.71
N LEU A 354 5.55 18.23 37.81
CA LEU A 354 5.30 16.93 37.22
C LEU A 354 5.61 15.86 38.24
N ALA A 355 6.77 15.98 38.88
CA ALA A 355 7.21 15.06 39.91
C ALA A 355 6.13 14.93 40.96
N ARG A 356 5.49 16.05 41.28
CA ARG A 356 4.39 16.08 42.22
C ARG A 356 3.16 15.37 41.68
N LEU A 357 2.86 15.61 40.40
CA LEU A 357 1.72 14.98 39.75
C LEU A 357 1.93 13.48 39.75
N ASN A 358 3.15 13.08 39.39
CA ASN A 358 3.55 11.70 39.40
C ASN A 358 3.25 11.00 40.74
N TYR A 359 3.59 11.66 41.84
CA TYR A 359 3.24 11.22 43.18
C TYR A 359 1.71 11.11 43.35
N ARG A 360 1.01 12.22 43.11
CA ARG A 360 -0.44 12.26 43.24
C ARG A 360 -1.13 11.13 42.48
N LEU A 361 -0.58 10.75 41.34
CA LEU A 361 -1.18 9.75 40.43
C LEU A 361 -0.96 8.32 40.90
N LYS A 362 0.31 7.99 41.17
CA LYS A 362 0.69 6.76 41.85
C LYS A 362 -0.25 6.50 43.03
N VAL A 363 -0.41 7.51 43.88
CA VAL A 363 -1.23 7.40 45.09
C VAL A 363 -2.68 7.07 44.77
N SER A 364 -3.31 7.89 43.94
CA SER A 364 -4.71 7.68 43.56
C SER A 364 -4.88 6.43 42.70
N GLY A 365 -3.74 5.81 42.34
CA GLY A 365 -3.73 4.60 41.52
C GLY A 365 -4.33 4.83 40.15
N SER A 366 -3.94 5.95 39.54
CA SER A 366 -4.48 6.38 38.24
C SER A 366 -3.91 5.54 37.12
N LYS A 367 -4.75 5.23 36.13
CA LYS A 367 -4.30 4.43 34.98
C LYS A 367 -3.73 5.27 33.80
N LYS A 368 -3.92 6.59 33.86
CA LYS A 368 -3.39 7.48 32.85
C LYS A 368 -1.86 7.46 32.79
N THR A 369 -1.31 8.10 31.76
CA THR A 369 0.13 8.30 31.62
C THR A 369 0.34 9.64 30.95
N VAL A 370 1.28 10.41 31.47
CA VAL A 370 1.61 11.67 30.88
C VAL A 370 3.02 11.55 30.40
N VAL A 371 3.18 11.58 29.09
CA VAL A 371 4.48 11.84 28.50
C VAL A 371 4.56 13.36 28.43
N ALA A 372 5.69 13.90 28.91
CA ALA A 372 5.89 15.35 29.00
C ALA A 372 7.08 15.74 28.18
N PHE A 373 6.87 16.65 27.23
CA PHE A 373 7.92 17.03 26.32
C PHE A 373 8.48 18.39 26.68
N ILE A 374 9.78 18.56 26.49
CA ILE A 374 10.43 19.86 26.61
C ILE A 374 11.20 20.16 25.34
N VAL A 375 10.77 21.20 24.64
CA VAL A 375 11.40 21.58 23.38
C VAL A 375 12.09 22.93 23.50
N MET A 376 13.36 22.91 23.89
CA MET A 376 14.15 24.13 24.06
C MET A 376 15.56 23.93 23.52
N PRO A 377 16.08 24.92 22.77
CA PRO A 377 17.43 24.76 22.18
C PRO A 377 18.55 24.85 23.20
N ALA A 378 19.43 23.87 23.17
CA ALA A 378 20.60 23.84 24.01
C ALA A 378 21.74 23.39 23.12
N LYS A 379 22.98 23.66 23.53
CA LYS A 379 24.11 23.25 22.71
C LYS A 379 24.21 21.73 22.74
N ASN A 380 24.28 21.11 21.56
CA ASN A 380 24.21 19.67 21.49
C ASN A 380 24.99 19.11 20.33
N ASN A 381 25.27 17.82 20.39
CA ASN A 381 25.92 17.13 19.28
C ASN A 381 24.98 16.20 18.53
N SER A 382 23.81 16.73 18.16
CA SER A 382 22.83 15.98 17.38
C SER A 382 22.21 14.83 18.18
N PHE A 383 21.46 13.99 17.48
CA PHE A 383 20.66 12.91 18.09
C PHE A 383 21.54 11.80 18.66
N THR A 384 21.06 11.12 19.70
CA THR A 384 21.79 9.96 20.20
C THR A 384 21.56 8.76 19.28
N VAL A 385 22.62 8.01 18.99
CA VAL A 385 22.51 6.70 18.34
C VAL A 385 21.32 5.88 18.90
N GLU A 386 21.13 5.87 20.20
CA GLU A 386 20.00 5.17 20.80
C GLU A 386 18.63 5.69 20.29
N ALA A 387 18.57 6.98 19.97
CA ALA A 387 17.32 7.58 19.52
C ALA A 387 16.99 7.14 18.11
N LEU A 388 18.00 7.17 17.23
CA LEU A 388 17.88 6.79 15.83
C LEU A 388 17.71 5.28 15.64
N LYS A 389 18.41 4.50 16.46
CA LYS A 389 18.40 3.03 16.41
C LYS A 389 17.01 2.52 16.80
N GLY A 390 16.45 3.13 17.83
CA GLY A 390 15.18 2.67 18.38
C GLY A 390 14.07 2.90 17.39
N GLN A 391 14.13 4.04 16.70
CA GLN A 391 13.16 4.40 15.68
C GLN A 391 13.21 3.38 14.53
N ALA A 392 14.38 3.23 13.91
CA ALA A 392 14.60 2.22 12.87
C ALA A 392 14.20 0.78 13.28
N GLU A 393 14.54 0.34 14.50
CA GLU A 393 14.10 -1.00 14.98
C GLU A 393 12.58 -1.14 14.98
N VAL A 394 11.89 -0.08 15.30
CA VAL A 394 10.41 -0.10 15.26
C VAL A 394 9.91 -0.10 13.81
N ARG A 395 10.51 0.70 12.94
CA ARG A 395 10.21 0.68 11.51
C ARG A 395 10.23 -0.75 11.02
N ALA A 396 11.32 -1.44 11.36
CA ALA A 396 11.55 -2.82 10.97
C ALA A 396 10.50 -3.78 11.52
N LEU A 397 9.98 -3.52 12.71
CA LEU A 397 8.88 -4.36 13.19
C LEU A 397 7.64 -4.16 12.31
N GLU A 398 7.28 -2.91 12.01
CA GLU A 398 6.15 -2.60 11.10
C GLU A 398 6.29 -3.31 9.74
N ASN A 399 7.44 -3.16 9.09
CA ASN A 399 7.62 -3.84 7.82
C ASN A 399 7.35 -5.31 7.99
N THR A 400 8.09 -5.96 8.87
CA THR A 400 7.89 -7.40 9.10
C THR A 400 6.42 -7.72 9.37
N VAL A 401 5.79 -6.99 10.28
CA VAL A 401 4.38 -7.23 10.58
C VAL A 401 3.52 -7.14 9.32
N HIS A 402 3.89 -6.25 8.40
CA HIS A 402 3.10 -6.09 7.18
C HIS A 402 3.23 -7.30 6.26
N GLU A 403 4.44 -7.83 6.04
CA GLU A 403 4.58 -9.07 5.22
C GLU A 403 3.91 -10.30 5.82
N VAL A 404 3.94 -10.40 7.14
CA VAL A 404 3.21 -11.46 7.84
C VAL A 404 1.70 -11.36 7.61
N THR A 405 1.15 -10.15 7.67
CA THR A 405 -0.29 -9.94 7.37
C THR A 405 -0.65 -10.19 5.89
N THR A 406 0.30 -9.97 4.98
CA THR A 406 0.09 -10.32 3.58
C THR A 406 -0.10 -11.83 3.46
N SER A 407 0.80 -12.62 4.06
CA SER A 407 0.66 -14.09 4.10
C SER A 407 -0.62 -14.56 4.76
N ILE A 408 -0.99 -13.93 5.85
CA ILE A 408 -2.21 -14.31 6.52
C ILE A 408 -3.35 -14.10 5.55
N GLY A 409 -3.33 -12.95 4.86
CA GLY A 409 -4.37 -12.59 3.89
C GLY A 409 -4.56 -13.69 2.87
N LYS A 410 -3.47 -14.11 2.23
CA LYS A 410 -3.55 -15.14 1.20
C LYS A 410 -4.21 -16.39 1.73
N ARG A 411 -4.02 -16.64 3.04
CA ARG A 411 -4.55 -17.85 3.66
C ARG A 411 -5.99 -17.69 4.03
N ILE A 412 -6.36 -16.59 4.68
CA ILE A 412 -7.77 -16.36 4.98
C ILE A 412 -8.55 -16.43 3.67
N PHE A 413 -8.07 -15.68 2.67
CA PHE A 413 -8.64 -15.69 1.32
C PHE A 413 -8.90 -17.06 0.74
N ASP A 414 -7.88 -17.91 0.72
CA ASP A 414 -8.08 -19.25 0.24
C ASP A 414 -9.16 -19.97 1.00
N HIS A 415 -9.09 -19.96 2.33
CA HIS A 415 -10.12 -20.62 3.10
C HIS A 415 -11.47 -20.07 2.71
N ALA A 416 -11.55 -18.75 2.60
CA ALA A 416 -12.83 -18.13 2.26
C ALA A 416 -13.41 -18.61 0.90
N ILE A 417 -12.56 -18.72 -0.12
CA ILE A 417 -13.03 -18.99 -1.47
C ILE A 417 -13.41 -20.47 -1.60
N ARG A 418 -12.73 -21.31 -0.84
CA ARG A 418 -12.86 -22.78 -0.94
C ARG A 418 -13.98 -23.36 -0.03
N TYR A 419 -14.35 -22.65 1.01
CA TYR A 419 -15.36 -23.20 1.91
C TYR A 419 -16.59 -23.47 1.07
N PRO A 420 -17.29 -24.60 1.28
CA PRO A 420 -17.16 -25.74 2.18
C PRO A 420 -16.58 -26.98 1.52
N HIS A 421 -15.59 -26.83 0.67
CA HIS A 421 -15.11 -27.92 -0.15
C HIS A 421 -13.79 -28.37 0.40
N ASN A 422 -13.32 -29.53 -0.06
CA ASN A 422 -12.09 -30.11 0.44
C ASN A 422 -12.09 -30.20 1.98
N GLY A 423 -13.24 -30.61 2.53
CA GLY A 423 -13.42 -30.81 3.97
C GLY A 423 -13.23 -29.60 4.89
N LEU A 424 -13.52 -28.40 4.41
CA LEU A 424 -13.53 -27.24 5.31
C LEU A 424 -14.90 -27.16 5.96
N THR A 425 -14.94 -27.30 7.28
CA THR A 425 -16.22 -27.36 8.01
C THR A 425 -16.72 -25.99 8.47
N THR A 426 -15.81 -25.08 8.74
CA THR A 426 -16.21 -23.75 9.19
C THR A 426 -15.91 -22.70 8.11
N GLU A 427 -16.72 -21.64 8.04
CA GLU A 427 -16.51 -20.55 7.09
C GLU A 427 -15.11 -19.95 7.17
N LEU A 428 -14.55 -19.87 8.38
CA LEU A 428 -13.29 -19.18 8.57
C LEU A 428 -12.27 -20.06 9.25
N PRO A 429 -10.98 -19.78 9.05
CA PRO A 429 -10.01 -20.47 9.88
C PRO A 429 -10.39 -20.26 11.34
N THR A 430 -10.24 -21.30 12.16
CA THR A 430 -10.56 -21.17 13.59
C THR A 430 -9.28 -21.27 14.42
N ASP A 431 -8.24 -21.85 13.84
CA ASP A 431 -6.98 -22.09 14.52
C ASP A 431 -5.86 -21.24 13.93
N LEU A 432 -5.19 -20.49 14.82
CA LEU A 432 -4.14 -19.56 14.44
C LEU A 432 -3.01 -20.20 13.64
N GLY A 433 -2.80 -21.50 13.84
CA GLY A 433 -1.74 -22.23 13.14
C GLY A 433 -1.95 -22.32 11.64
N GLU A 434 -3.22 -22.20 11.21
CA GLU A 434 -3.57 -22.18 9.78
C GLU A 434 -3.11 -20.90 9.05
N LEU A 435 -2.92 -19.84 9.82
CA LEU A 435 -2.68 -18.53 9.29
C LEU A 435 -1.26 -18.06 9.57
N LEU A 436 -0.82 -18.30 10.80
CA LEU A 436 0.49 -17.88 11.24
C LEU A 436 1.48 -19.06 11.23
N LYS A 437 2.36 -19.10 10.23
CA LYS A 437 3.25 -20.24 10.07
C LYS A 437 4.61 -20.04 10.71
N SER A 438 5.47 -21.04 10.55
CA SER A 438 6.68 -21.14 11.33
C SER A 438 7.65 -20.00 11.05
N SER A 439 8.01 -19.83 9.78
CA SER A 439 9.04 -18.84 9.45
C SER A 439 8.52 -17.43 9.73
N ASP A 440 7.19 -17.29 9.70
CA ASP A 440 6.57 -16.03 10.07
C ASP A 440 6.95 -15.76 11.51
N LYS A 441 6.50 -16.63 12.44
CA LYS A 441 6.92 -16.58 13.87
C LYS A 441 8.41 -16.29 14.07
N VAL A 442 9.27 -17.05 13.40
CA VAL A 442 10.70 -16.81 13.53
C VAL A 442 11.09 -15.35 13.31
N MET A 443 10.71 -14.78 12.18
CA MET A 443 11.23 -13.45 11.84
C MET A 443 10.61 -12.38 12.72
N LEU A 444 9.36 -12.58 13.12
CA LEU A 444 8.73 -11.67 14.06
C LEU A 444 9.48 -11.60 15.39
N LYS A 445 9.96 -12.74 15.86
CA LYS A 445 10.66 -12.78 17.14
C LYS A 445 12.00 -12.07 17.05
N ARG A 446 12.72 -12.26 15.94
CA ARG A 446 13.93 -11.47 15.67
C ARG A 446 13.63 -9.97 15.80
N ARG A 447 12.47 -9.54 15.33
CA ARG A 447 12.17 -8.12 15.36
C ARG A 447 11.98 -7.64 16.76
N ILE A 448 11.27 -8.47 17.55
CA ILE A 448 11.09 -8.23 18.98
C ILE A 448 12.43 -8.17 19.71
N LEU A 449 13.27 -9.18 19.51
CA LEU A 449 14.56 -9.24 20.18
C LEU A 449 15.41 -7.97 20.00
N ALA A 450 15.45 -7.44 18.77
CA ALA A 450 16.19 -6.22 18.47
C ALA A 450 15.61 -5.03 19.20
N LEU A 451 14.36 -5.14 19.66
CA LEU A 451 13.73 -4.09 20.46
C LEU A 451 14.08 -4.14 21.95
N ARG A 452 14.66 -5.25 22.38
CA ARG A 452 15.06 -5.46 23.78
C ARG A 452 16.07 -4.41 24.14
N ARG A 453 16.01 -3.91 25.37
CA ARG A 453 17.11 -3.06 25.86
C ARG A 453 17.87 -3.71 27.04
N PRO A 454 19.19 -3.41 27.16
CA PRO A 454 20.02 -4.01 28.21
C PRO A 454 19.33 -4.04 29.57
N GLU A 455 19.69 -5.02 30.41
CA GLU A 455 19.06 -5.18 31.71
C GLU A 455 19.08 -3.91 32.56
N GLY A 456 17.91 -3.53 33.08
CA GLY A 456 17.78 -2.35 33.93
C GLY A 456 18.09 -1.00 33.29
N GLN A 457 18.25 -0.98 31.97
CA GLN A 457 18.43 0.26 31.20
C GLN A 457 17.07 0.93 30.97
N LEU A 458 16.99 2.21 31.27
CA LEU A 458 15.72 2.93 31.21
C LEU A 458 15.66 3.90 30.03
N PRO A 459 14.44 4.16 29.51
CA PRO A 459 14.31 5.01 28.31
C PRO A 459 14.72 6.44 28.60
N PRO A 460 15.63 6.99 27.79
CA PRO A 460 16.36 8.21 28.11
C PRO A 460 15.47 9.44 28.36
N ILE A 461 16.07 10.48 28.92
CA ILE A 461 15.29 11.65 29.33
C ILE A 461 15.69 12.73 28.36
N VAL A 462 16.77 12.47 27.66
CA VAL A 462 17.22 13.32 26.59
C VAL A 462 17.28 12.50 25.30
N THR A 463 16.96 13.18 24.19
CA THR A 463 17.02 12.62 22.82
C THR A 463 18.36 12.89 22.16
N HIS A 464 19.11 13.88 22.67
CA HIS A 464 20.37 14.27 22.03
C HIS A 464 21.59 14.05 22.92
N ASN A 465 22.77 14.07 22.30
CA ASN A 465 24.02 14.19 23.02
C ASN A 465 24.26 15.65 23.32
N MET A 466 24.05 16.02 24.57
CA MET A 466 24.29 17.37 25.08
C MET A 466 25.78 17.71 25.08
N VAL A 467 26.09 19.00 24.93
CA VAL A 467 27.47 19.43 25.05
C VAL A 467 27.87 19.49 26.54
N ASP A 468 26.98 19.99 27.40
CA ASP A 468 27.28 20.03 28.81
C ASP A 468 26.22 19.32 29.64
N ASP A 469 26.14 18.01 29.48
CA ASP A 469 25.13 17.20 30.16
C ASP A 469 25.10 17.51 31.66
N ALA A 470 26.29 17.54 32.25
CA ALA A 470 26.48 17.71 33.69
C ALA A 470 25.92 19.04 34.20
N ASN A 471 26.28 20.12 33.51
CA ASN A 471 25.87 21.47 33.92
C ASN A 471 24.61 22.01 33.26
N ASP A 472 23.77 21.14 32.70
CA ASP A 472 22.53 21.60 32.08
C ASP A 472 21.38 21.73 33.07
N LEU A 473 20.74 22.90 33.09
CA LEU A 473 19.74 23.19 34.12
C LEU A 473 18.56 22.24 34.07
N ILE A 474 18.06 21.95 32.87
CA ILE A 474 16.88 21.10 32.71
C ILE A 474 17.18 19.67 33.15
N LEU A 475 18.25 19.12 32.59
CA LEU A 475 18.65 17.77 32.94
C LEU A 475 18.93 17.66 34.44
N ASN A 476 19.66 18.63 34.99
CA ASN A 476 19.95 18.69 36.42
C ASN A 476 18.69 18.67 37.26
N LYS A 477 17.64 19.34 36.81
CA LYS A 477 16.40 19.37 37.55
C LYS A 477 15.66 18.05 37.47
N ILE A 478 15.71 17.39 36.30
CA ILE A 478 15.01 16.13 36.13
C ILE A 478 15.64 15.08 37.03
N ARG A 479 16.97 15.00 36.99
CA ARG A 479 17.71 14.14 37.89
C ARG A 479 17.40 14.47 39.35
N GLN A 480 17.24 15.76 39.63
CA GLN A 480 16.98 16.23 40.97
C GLN A 480 15.64 15.72 41.47
N VAL A 481 14.60 15.82 40.65
CA VAL A 481 13.25 15.41 41.06
C VAL A 481 13.06 13.90 40.87
N GLN A 482 14.03 13.30 40.18
CA GLN A 482 14.12 11.86 39.96
C GLN A 482 12.93 11.33 39.18
N LEU A 483 12.91 11.71 37.91
CA LEU A 483 11.95 11.20 36.96
C LEU A 483 12.80 10.58 35.86
N PHE A 484 13.12 9.30 36.04
CA PHE A 484 14.03 8.62 35.14
C PHE A 484 13.31 7.70 34.16
N ASN A 485 11.99 7.88 34.08
CA ASN A 485 11.15 7.13 33.15
C ASN A 485 11.07 5.68 33.57
N SER A 486 10.83 5.47 34.85
CA SER A 486 10.67 4.11 35.36
C SER A 486 9.25 3.65 35.02
N PRO A 487 9.06 2.34 34.81
CA PRO A 487 7.71 1.80 34.62
C PRO A 487 6.72 2.23 35.69
N SER A 488 7.19 2.50 36.90
CA SER A 488 6.30 2.90 37.99
C SER A 488 5.98 4.38 37.94
N ASP A 489 6.88 5.17 37.37
CA ASP A 489 6.58 6.56 37.06
C ASP A 489 5.39 6.62 36.12
N ARG A 490 4.42 7.45 36.46
CA ARG A 490 3.22 7.60 35.68
C ARG A 490 3.36 8.91 34.85
N VAL A 491 4.44 9.65 35.11
CA VAL A 491 4.79 10.83 34.33
C VAL A 491 6.12 10.57 33.67
N LYS A 492 6.17 10.68 32.35
CA LYS A 492 7.40 10.46 31.62
C LYS A 492 7.95 11.79 31.18
N MET A 493 9.25 11.86 31.01
CA MET A 493 9.90 13.10 30.70
C MET A 493 10.79 12.86 29.50
N ILE A 494 10.63 13.71 28.49
CA ILE A 494 11.50 13.65 27.32
C ILE A 494 11.91 15.05 26.96
N PHE A 495 13.20 15.29 26.96
CA PHE A 495 13.73 16.60 26.64
C PHE A 495 14.37 16.55 25.28
N HIS A 496 13.82 17.37 24.37
CA HIS A 496 14.26 17.49 22.98
C HIS A 496 14.91 18.86 22.79
N PRO A 497 16.24 18.94 22.90
CA PRO A 497 16.97 20.23 22.91
C PRO A 497 17.22 20.83 21.54
N GLU A 498 16.21 20.81 20.67
CA GLU A 498 16.35 21.34 19.36
C GLU A 498 14.97 21.78 19.00
N PHE A 499 14.88 22.70 18.04
CA PHE A 499 13.59 23.14 17.53
C PHE A 499 13.06 22.14 16.52
N LEU A 500 11.75 21.92 16.56
CA LEU A 500 11.08 20.92 15.73
C LEU A 500 11.00 21.29 14.26
N ASN A 501 11.43 20.36 13.42
CA ASN A 501 11.45 20.56 12.00
C ASN A 501 11.07 19.22 11.38
N ALA A 502 10.22 19.24 10.36
CA ALA A 502 9.72 18.01 9.73
C ALA A 502 10.82 17.17 9.09
N ASN A 503 12.04 17.67 9.04
CA ASN A 503 13.14 16.89 8.54
C ASN A 503 13.85 16.14 9.64
N ASN A 504 13.47 16.39 10.89
CA ASN A 504 14.15 15.69 11.96
C ASN A 504 13.74 14.21 11.92
N PRO A 505 14.75 13.34 11.85
CA PRO A 505 14.66 11.91 11.56
C PRO A 505 13.93 11.08 12.57
N ILE A 506 13.79 11.56 13.81
CA ILE A 506 13.08 10.76 14.81
C ILE A 506 11.67 11.25 15.05
N LEU A 507 11.44 12.53 14.84
CA LEU A 507 10.12 13.08 15.03
C LEU A 507 9.84 14.06 13.89
N GLY A 508 9.27 13.55 12.79
CA GLY A 508 9.20 14.30 11.52
C GLY A 508 8.03 15.26 11.42
N LEU A 509 8.01 16.24 12.32
CA LEU A 509 6.92 17.19 12.41
C LEU A 509 7.52 18.58 12.46
N ASP A 510 6.68 19.56 12.21
CA ASP A 510 7.02 20.95 12.39
C ASP A 510 6.34 21.33 13.67
N TYR A 511 6.88 22.33 14.35
CA TYR A 511 6.39 22.69 15.66
C TYR A 511 4.88 22.80 15.70
N ASP A 512 4.31 23.53 14.74
CA ASP A 512 2.86 23.73 14.71
C ASP A 512 2.15 22.40 14.59
N GLU A 513 2.68 21.49 13.78
CA GLU A 513 2.11 20.16 13.61
C GLU A 513 2.11 19.42 14.95
N PHE A 514 3.27 19.45 15.61
CA PHE A 514 3.44 18.88 16.94
C PHE A 514 2.44 19.47 17.93
N VAL A 515 2.28 20.79 17.90
CA VAL A 515 1.36 21.45 18.81
C VAL A 515 -0.03 20.81 18.69
N ARG A 516 -0.57 20.74 17.48
CA ARG A 516 -1.92 20.15 17.21
C ARG A 516 -1.92 18.75 17.78
N GLY A 517 -0.76 18.09 17.65
CA GLY A 517 -0.57 16.76 18.17
C GLY A 517 -0.80 16.55 19.67
N CYS A 518 -0.44 17.54 20.50
CA CYS A 518 -0.44 17.36 21.97
C CYS A 518 -1.81 17.55 22.63
N HIS A 519 -1.87 17.43 23.95
CA HIS A 519 -3.15 17.51 24.65
C HIS A 519 -3.28 18.79 25.44
N LEU A 520 -2.14 19.25 25.95
CA LEU A 520 -2.07 20.40 26.83
C LEU A 520 -0.71 21.04 26.76
N GLY A 521 -0.69 22.36 26.56
CA GLY A 521 0.55 23.14 26.61
C GLY A 521 0.75 23.82 27.95
N VAL A 522 1.83 23.47 28.66
CA VAL A 522 2.08 24.00 30.01
C VAL A 522 3.23 25.01 30.00
N PHE A 523 2.89 26.30 30.09
CA PHE A 523 3.87 27.40 30.02
C PHE A 523 3.79 28.27 31.27
N PRO A 524 4.35 27.78 32.39
CA PRO A 524 4.15 28.43 33.67
C PRO A 524 5.21 29.52 33.83
N SER A 525 5.01 30.62 33.12
CA SER A 525 6.02 31.64 32.96
C SER A 525 6.19 32.52 34.20
N TYR A 526 7.36 33.16 34.28
CA TYR A 526 7.64 34.14 35.31
C TYR A 526 7.78 35.50 34.68
N TYR A 527 8.75 35.69 33.80
CA TYR A 527 8.80 36.88 32.95
C TYR A 527 8.37 36.53 31.53
N GLU A 528 7.19 37.00 31.14
CA GLU A 528 6.71 36.82 29.75
C GLU A 528 5.83 37.99 29.32
N PRO A 529 6.47 39.01 28.70
CA PRO A 529 5.74 40.17 28.23
C PRO A 529 4.55 39.83 27.33
N TRP A 530 4.71 38.90 26.40
CA TRP A 530 3.53 38.38 25.67
C TRP A 530 3.37 36.85 25.65
N GLY A 531 4.34 36.15 25.07
CA GLY A 531 4.22 34.70 24.85
C GLY A 531 3.26 34.30 23.72
N TYR A 532 3.80 34.09 22.53
CA TYR A 532 3.05 33.60 21.39
C TYR A 532 2.76 32.14 21.58
N THR A 533 3.69 31.46 22.23
CA THR A 533 3.56 30.06 22.58
C THR A 533 2.14 29.69 23.15
N PRO A 534 1.77 30.20 24.33
CA PRO A 534 0.41 29.83 24.79
C PRO A 534 -0.69 30.31 23.85
N ALA A 535 -0.39 31.30 23.02
CA ALA A 535 -1.40 31.88 22.12
C ALA A 535 -1.62 30.96 20.92
N GLU A 536 -0.50 30.65 20.22
CA GLU A 536 -0.47 29.78 19.04
C GLU A 536 -1.20 28.50 19.35
N CYS A 537 -0.84 27.94 20.49
CA CYS A 537 -1.50 26.83 21.11
C CYS A 537 -3.03 27.03 21.11
N THR A 538 -3.48 28.11 21.74
CA THR A 538 -4.90 28.41 21.75
C THR A 538 -5.47 28.46 20.32
N VAL A 539 -4.74 29.12 19.41
CA VAL A 539 -5.12 29.23 17.99
C VAL A 539 -5.21 27.87 17.30
N MET A 540 -4.22 27.00 17.49
CA MET A 540 -4.31 25.59 17.05
C MET A 540 -5.43 24.82 17.76
N GLY A 541 -6.20 25.50 18.62
CA GLY A 541 -7.23 24.82 19.43
C GLY A 541 -6.75 23.86 20.52
N VAL A 542 -5.50 23.97 20.97
CA VAL A 542 -4.99 23.19 22.12
C VAL A 542 -5.08 23.98 23.41
N PRO A 543 -5.62 23.36 24.49
CA PRO A 543 -5.71 23.99 25.81
C PRO A 543 -4.34 24.30 26.37
N SER A 544 -4.22 25.43 27.07
CA SER A 544 -2.94 25.82 27.69
C SER A 544 -3.04 26.25 29.15
N ILE A 545 -1.99 25.94 29.90
CA ILE A 545 -1.76 26.44 31.25
C ILE A 545 -0.76 27.57 31.14
N THR A 546 -1.11 28.71 31.72
CA THR A 546 -0.26 29.90 31.70
C THR A 546 -0.30 30.66 33.03
N THR A 547 0.51 31.71 33.14
CA THR A 547 0.57 32.51 34.36
C THR A 547 0.03 33.93 34.18
N ASN A 548 -0.51 34.46 35.27
CA ASN A 548 -1.01 35.83 35.29
C ASN A 548 0.10 36.87 35.21
N VAL A 549 1.34 36.40 35.13
CA VAL A 549 2.47 37.32 34.92
C VAL A 549 2.99 37.24 33.48
N SER A 550 2.28 36.46 32.67
CA SER A 550 2.49 36.40 31.23
C SER A 550 1.58 37.42 30.59
N GLY A 551 2.09 38.11 29.57
CA GLY A 551 1.27 39.01 28.78
C GLY A 551 0.00 38.34 28.33
N PHE A 552 0.16 37.22 27.63
CA PHE A 552 -0.96 36.45 27.12
C PHE A 552 -1.99 36.15 28.21
N GLY A 553 -1.51 35.62 29.33
CA GLY A 553 -2.36 35.25 30.47
C GLY A 553 -3.10 36.42 31.08
N SER A 554 -2.41 37.54 31.26
CA SER A 554 -3.03 38.76 31.80
C SER A 554 -4.18 39.20 30.89
N TYR A 555 -3.88 39.29 29.60
CA TYR A 555 -4.87 39.64 28.58
C TYR A 555 -6.11 38.73 28.65
N MET A 556 -5.89 37.44 28.88
CA MET A 556 -6.98 36.44 28.89
C MET A 556 -7.83 36.45 30.17
N GLU A 557 -7.15 36.65 31.30
CA GLU A 557 -7.77 36.85 32.60
C GLU A 557 -8.79 37.97 32.51
N ASP A 558 -8.40 39.02 31.80
CA ASP A 558 -9.17 40.25 31.61
C ASP A 558 -10.46 40.08 30.79
N LEU A 559 -10.56 38.98 30.05
CA LEU A 559 -11.58 38.81 29.02
C LEU A 559 -12.66 37.82 29.40
N ILE A 560 -12.30 36.86 30.25
CA ILE A 560 -13.22 35.86 30.75
C ILE A 560 -13.15 35.85 32.27
N GLU A 561 -14.25 35.49 32.92
CA GLU A 561 -14.26 35.23 34.35
C GLU A 561 -13.38 34.00 34.68
N THR A 562 -12.71 34.02 35.83
CA THR A 562 -11.68 33.02 36.21
C THR A 562 -12.10 31.54 36.09
N ASN A 563 -13.20 31.18 36.75
CA ASN A 563 -13.75 29.81 36.67
C ASN A 563 -14.15 29.41 35.26
N GLN A 564 -14.73 30.36 34.54
CA GLN A 564 -15.12 30.20 33.14
C GLN A 564 -13.94 29.74 32.29
N ALA A 565 -12.87 30.53 32.29
CA ALA A 565 -11.68 30.30 31.48
C ALA A 565 -11.20 28.84 31.35
N LYS A 566 -11.41 28.05 32.41
CA LYS A 566 -11.01 26.65 32.41
C LYS A 566 -11.85 25.82 31.46
N ASP A 567 -13.11 26.20 31.28
CA ASP A 567 -13.99 25.52 30.35
C ASP A 567 -13.67 25.87 28.91
N TYR A 568 -13.02 27.02 28.72
CA TYR A 568 -12.49 27.41 27.41
C TYR A 568 -11.04 26.97 27.24
N GLY A 569 -10.62 26.03 28.07
CA GLY A 569 -9.26 25.49 28.01
C GLY A 569 -8.12 26.40 28.44
N ILE A 570 -8.43 27.55 29.03
CA ILE A 570 -7.40 28.47 29.52
C ILE A 570 -7.20 28.36 31.04
N TYR A 571 -6.03 27.88 31.42
CA TYR A 571 -5.68 27.69 32.80
C TYR A 571 -4.71 28.76 33.21
N ILE A 572 -5.11 29.61 34.16
CA ILE A 572 -4.18 30.62 34.67
C ILE A 572 -3.73 30.31 36.08
N VAL A 573 -2.42 30.20 36.24
CA VAL A 573 -1.83 29.99 37.55
C VAL A 573 -1.42 31.34 38.13
N ASP A 574 -1.74 31.54 39.41
CA ASP A 574 -1.30 32.73 40.15
C ASP A 574 0.17 32.65 40.57
N ARG A 575 0.97 33.52 39.99
CA ARG A 575 2.40 33.60 40.28
C ARG A 575 2.68 35.00 40.82
N ARG A 576 1.62 35.70 41.23
CA ARG A 576 1.72 37.08 41.68
C ARG A 576 1.40 37.21 43.17
N PHE A 577 0.12 37.09 43.51
CA PHE A 577 -0.34 37.23 44.88
C PHE A 577 -0.21 35.92 45.66
N LYS A 578 0.77 35.10 45.32
CA LYS A 578 0.96 33.77 45.93
C LYS A 578 2.42 33.35 45.93
N ALA A 579 2.76 32.50 46.90
CA ALA A 579 4.14 32.04 47.09
C ALA A 579 4.47 30.92 46.12
N PRO A 580 5.71 30.92 45.57
CA PRO A 580 6.20 29.85 44.71
C PRO A 580 5.73 28.43 45.06
N ASP A 581 5.50 28.13 46.35
CA ASP A 581 5.03 26.79 46.68
C ASP A 581 3.52 26.63 46.48
N GLU A 582 2.78 27.71 46.68
CA GLU A 582 1.34 27.70 46.42
C GLU A 582 1.05 27.71 44.92
N SER A 583 1.95 28.33 44.14
CA SER A 583 1.92 28.30 42.67
C SER A 583 2.07 26.89 42.11
N VAL A 584 3.17 26.22 42.47
CA VAL A 584 3.40 24.84 42.06
C VAL A 584 2.20 23.94 42.37
N GLU A 585 1.64 24.04 43.57
CA GLU A 585 0.48 23.22 43.94
C GLU A 585 -0.75 23.57 43.12
N GLN A 586 -0.83 24.81 42.63
CA GLN A 586 -1.96 25.21 41.79
C GLN A 586 -1.75 24.66 40.38
N LEU A 587 -0.50 24.67 39.93
CA LEU A 587 -0.11 24.09 38.66
C LEU A 587 -0.52 22.62 38.67
N VAL A 588 -0.16 21.92 39.75
CA VAL A 588 -0.48 20.49 39.87
C VAL A 588 -1.99 20.28 39.94
N ASP A 589 -2.68 21.16 40.67
CA ASP A 589 -4.13 21.01 40.81
C ASP A 589 -4.79 20.99 39.46
N TYR A 590 -4.28 21.86 38.57
CA TYR A 590 -4.78 22.02 37.21
C TYR A 590 -4.51 20.83 36.30
N MET A 591 -3.26 20.39 36.25
CA MET A 591 -2.90 19.23 35.43
C MET A 591 -3.71 18.01 35.84
N GLU A 592 -3.79 17.76 37.14
CA GLU A 592 -4.56 16.64 37.67
C GLU A 592 -6.04 16.76 37.29
N GLU A 593 -6.56 17.99 37.26
CA GLU A 593 -7.94 18.17 36.87
C GLU A 593 -8.08 17.72 35.42
N PHE A 594 -7.06 18.03 34.62
CA PHE A 594 -7.07 17.72 33.20
C PHE A 594 -6.91 16.23 32.95
N VAL A 595 -5.97 15.60 33.66
CA VAL A 595 -5.73 14.17 33.54
C VAL A 595 -6.92 13.31 33.95
N LYS A 596 -7.90 13.92 34.61
CA LYS A 596 -9.09 13.21 35.06
C LYS A 596 -10.19 13.22 33.99
N LYS A 597 -10.16 14.23 33.13
CA LYS A 597 -11.14 14.37 32.05
C LYS A 597 -11.23 13.14 31.15
N THR A 598 -12.45 12.86 30.67
CA THR A 598 -12.71 11.82 29.67
C THR A 598 -12.34 12.33 28.26
N ARG A 599 -12.30 11.42 27.29
CA ARG A 599 -12.02 11.83 25.91
C ARG A 599 -13.11 12.77 25.37
N ARG A 600 -14.37 12.49 25.69
CA ARG A 600 -15.45 13.41 25.31
C ARG A 600 -15.14 14.81 25.84
N GLN A 601 -14.84 14.88 27.15
CA GLN A 601 -14.53 16.16 27.81
C GLN A 601 -13.32 16.88 27.18
N ARG A 602 -12.28 16.14 26.82
CA ARG A 602 -11.10 16.70 26.14
C ARG A 602 -11.43 17.34 24.79
N ILE A 603 -12.27 16.65 24.02
CA ILE A 603 -12.68 17.08 22.68
C ILE A 603 -13.54 18.33 22.76
N ASN A 604 -14.46 18.35 23.72
CA ASN A 604 -15.34 19.48 23.90
C ASN A 604 -14.57 20.70 24.36
N GLN A 605 -13.60 20.46 25.24
CA GLN A 605 -12.78 21.52 25.76
C GLN A 605 -11.92 22.06 24.64
N ARG A 606 -11.34 21.15 23.84
CA ARG A 606 -10.64 21.59 22.63
C ARG A 606 -11.54 22.40 21.70
N ASN A 607 -12.83 22.05 21.59
CA ASN A 607 -13.75 22.82 20.75
C ASN A 607 -13.94 24.25 21.25
N ALA A 608 -14.06 24.39 22.57
CA ALA A 608 -14.15 25.70 23.22
C ALA A 608 -12.90 26.54 22.98
N THR A 609 -11.72 25.98 23.24
CA THR A 609 -10.47 26.69 22.96
C THR A 609 -10.43 27.22 21.52
N GLU A 610 -10.95 26.45 20.57
CA GLU A 610 -10.86 26.81 19.17
C GLU A 610 -11.66 28.06 18.87
N ALA A 611 -12.89 28.09 19.35
CA ALA A 611 -13.75 29.26 19.22
C ALA A 611 -13.17 30.57 19.81
N LEU A 612 -12.19 30.47 20.73
CA LEU A 612 -11.55 31.66 21.29
C LEU A 612 -10.62 32.30 20.30
N SER A 613 -10.02 31.49 19.44
CA SER A 613 -8.99 31.94 18.51
C SER A 613 -9.33 33.22 17.78
N ASP A 614 -10.62 33.49 17.60
CA ASP A 614 -11.08 34.69 16.92
C ASP A 614 -10.75 35.96 17.69
N LEU A 615 -10.87 35.88 19.01
CA LEU A 615 -10.57 37.00 19.89
C LEU A 615 -9.10 37.31 19.88
N LEU A 616 -8.32 36.47 19.20
CA LEU A 616 -6.88 36.61 19.15
C LEU A 616 -6.33 36.99 17.79
N ASP A 617 -7.23 37.29 16.87
CA ASP A 617 -6.84 37.59 15.49
C ASP A 617 -6.62 39.08 15.21
N TRP A 618 -5.60 39.39 14.41
CA TRP A 618 -5.29 40.80 14.03
C TRP A 618 -6.47 41.64 13.54
N LYS A 619 -7.58 41.00 13.16
CA LYS A 619 -8.80 41.76 12.76
C LYS A 619 -9.46 42.39 13.97
N ARG A 620 -9.09 41.88 15.14
CA ARG A 620 -9.60 42.41 16.40
C ARG A 620 -8.52 43.25 17.10
N MET A 621 -7.29 42.73 17.12
CA MET A 621 -6.19 43.36 17.84
C MET A 621 -5.71 44.61 17.14
N GLY A 622 -5.96 44.67 15.84
CA GLY A 622 -5.56 45.82 15.01
C GLY A 622 -6.28 47.09 15.39
N LEU A 623 -7.45 46.96 15.99
CA LEU A 623 -8.18 48.11 16.53
C LEU A 623 -7.36 48.86 17.59
N GLU A 624 -6.54 48.13 18.35
CA GLU A 624 -5.72 48.74 19.37
C GLU A 624 -4.67 49.64 18.76
N TYR A 625 -3.95 49.11 17.77
CA TYR A 625 -3.05 49.93 16.94
C TYR A 625 -3.71 51.21 16.40
N VAL A 626 -4.99 51.11 16.03
CA VAL A 626 -5.69 52.29 15.49
C VAL A 626 -5.83 53.34 16.58
N LYS A 627 -6.47 52.96 17.70
CA LYS A 627 -6.58 53.80 18.89
C LYS A 627 -5.25 54.49 19.18
N ALA A 628 -4.16 53.74 19.17
CA ALA A 628 -2.85 54.34 19.46
C ALA A 628 -2.42 55.38 18.44
N ARG A 629 -2.72 55.16 17.16
CA ARG A 629 -2.36 56.17 16.15
C ARG A 629 -3.26 57.39 16.29
N GLN A 630 -4.57 57.17 16.44
CA GLN A 630 -5.50 58.26 16.63
C GLN A 630 -5.02 59.19 17.75
N LEU A 631 -4.80 58.62 18.94
CA LEU A 631 -4.41 59.38 20.12
C LEU A 631 -3.18 60.22 19.88
N ALA A 632 -2.17 59.63 19.24
CA ALA A 632 -0.96 60.37 18.79
C ALA A 632 -1.28 61.59 17.92
N LEU A 633 -2.30 61.47 17.07
CA LEU A 633 -2.77 62.62 16.31
C LEU A 633 -3.50 63.64 17.21
N ARG A 634 -4.36 63.14 18.09
CA ARG A 634 -5.01 63.99 19.12
C ARG A 634 -4.00 64.81 19.87
N ARG A 635 -2.95 64.14 20.35
CA ARG A 635 -1.91 64.82 21.11
C ARG A 635 -1.04 65.74 20.28
N GLY A 636 -0.78 65.34 19.04
CA GLY A 636 0.09 66.09 18.16
C GLY A 636 -0.59 67.33 17.60
N TYR A 637 -1.88 67.23 17.27
CA TYR A 637 -2.58 68.35 16.65
C TYR A 637 -3.91 68.68 17.32
N PRO A 638 -3.85 69.17 18.58
CA PRO A 638 -5.04 69.41 19.38
C PRO A 638 -6.13 70.17 18.62
N ASP A 639 -5.70 71.22 17.90
CA ASP A 639 -6.63 72.13 17.22
C ASP A 639 -7.23 71.55 15.94
N GLN A 640 -6.39 71.07 15.03
CA GLN A 640 -6.92 70.43 13.81
C GLN A 640 -7.85 69.30 14.18
N PHE A 641 -7.50 68.59 15.25
CA PHE A 641 -8.34 67.51 15.78
C PHE A 641 -9.67 68.04 16.29
N ARG A 642 -9.62 69.11 17.10
CA ARG A 642 -10.82 69.72 17.62
C ARG A 642 -11.71 70.19 16.47
N GLU A 643 -11.10 70.86 15.49
CA GLU A 643 -11.78 71.31 14.27
C GLU A 643 -12.45 70.17 13.50
N LEU A 644 -11.70 69.09 13.30
CA LEU A 644 -12.18 67.89 12.61
C LEU A 644 -13.31 67.15 13.32
N VAL A 645 -13.35 67.22 14.66
CA VAL A 645 -14.41 66.56 15.43
C VAL A 645 -15.52 67.55 15.79
N GLY A 646 -15.20 68.54 16.62
CA GLY A 646 -16.18 69.50 17.12
C GLY A 646 -16.01 69.80 18.60
N GLU A 647 -15.13 69.03 19.25
CA GLU A 647 -14.78 69.26 20.65
C GLU A 647 -13.37 68.80 20.92
N GLU A 648 -12.86 69.20 22.08
CA GLU A 648 -11.65 68.65 22.66
C GLU A 648 -11.99 67.30 23.23
N LEU A 649 -11.64 66.26 22.48
CA LEU A 649 -11.80 64.89 22.93
C LEU A 649 -10.80 64.57 24.01
N ASN A 650 -11.12 63.56 24.80
CA ASN A 650 -10.33 63.22 25.95
C ASN A 650 -9.07 62.52 25.50
N ASP A 651 -7.90 63.01 25.92
CA ASP A 651 -6.62 62.48 25.43
C ASP A 651 -5.74 61.89 26.53
N SER A 652 -6.28 61.70 27.73
CA SER A 652 -5.47 61.09 28.77
C SER A 652 -5.23 59.60 28.49
N ASN A 653 -5.73 59.10 27.35
CA ASN A 653 -5.79 57.65 27.05
C ASN A 653 -6.08 57.23 25.64
N MET A 654 -5.66 56.02 25.30
CA MET A 654 -6.22 55.36 24.13
C MET A 654 -7.70 55.05 24.38
N ASP A 655 -8.01 54.53 25.56
CA ASP A 655 -9.37 54.10 25.91
C ASP A 655 -10.32 55.27 26.14
N ALA A 656 -9.79 56.37 26.69
CA ALA A 656 -10.59 57.59 26.87
C ALA A 656 -11.01 58.18 25.53
N LEU A 657 -10.04 58.36 24.63
CA LEU A 657 -10.32 58.88 23.30
C LEU A 657 -11.31 58.01 22.53
N ALA A 658 -11.16 56.69 22.65
CA ALA A 658 -11.92 55.71 21.85
C ALA A 658 -13.36 55.42 22.32
N SER B 21 25.66 -8.92 -69.91
CA SER B 21 26.44 -8.74 -68.65
C SER B 21 25.55 -8.17 -67.54
N ARG B 22 25.11 -9.04 -66.64
CA ARG B 22 24.30 -8.61 -65.48
C ARG B 22 24.80 -9.24 -64.17
N ASP B 23 24.65 -8.48 -63.08
CA ASP B 23 25.27 -8.81 -61.79
C ASP B 23 24.41 -9.71 -60.90
N LEU B 24 24.99 -10.84 -60.53
CA LEU B 24 24.32 -11.85 -59.68
C LEU B 24 24.71 -11.75 -58.19
N GLN B 25 25.85 -11.12 -57.92
CA GLN B 25 26.27 -10.77 -56.56
C GLN B 25 25.47 -9.54 -56.10
N ASN B 26 25.32 -8.58 -57.02
CA ASN B 26 24.64 -7.33 -56.73
C ASN B 26 23.39 -7.21 -57.58
N HIS B 27 22.25 -7.59 -57.00
CA HIS B 27 20.97 -7.59 -57.73
C HIS B 27 19.87 -6.83 -57.01
N LEU B 28 18.86 -6.40 -57.77
CA LEU B 28 17.66 -5.77 -57.21
C LEU B 28 16.66 -6.80 -56.65
N LEU B 29 15.63 -6.32 -55.95
CA LEU B 29 14.59 -7.19 -55.41
C LEU B 29 13.28 -6.48 -55.36
N PHE B 30 12.25 -7.10 -55.93
CA PHE B 30 10.90 -6.58 -55.84
C PHE B 30 9.97 -7.65 -55.30
N GLU B 31 9.33 -7.33 -54.17
CA GLU B 31 8.39 -8.23 -53.51
C GLU B 31 7.02 -7.63 -53.65
N THR B 32 6.09 -8.43 -54.12
CA THR B 32 4.80 -7.89 -54.50
C THR B 32 3.69 -8.70 -53.85
N ALA B 33 2.69 -7.99 -53.34
CA ALA B 33 1.54 -8.60 -52.68
C ALA B 33 0.42 -7.61 -52.52
N THR B 34 -0.82 -8.12 -52.41
CA THR B 34 -1.98 -7.28 -52.15
C THR B 34 -1.88 -6.60 -50.80
N GLU B 35 -1.22 -7.28 -49.86
CA GLU B 35 -1.35 -6.95 -48.45
C GLU B 35 -0.11 -6.24 -47.93
N VAL B 36 0.33 -5.23 -48.69
CA VAL B 36 1.51 -4.43 -48.33
C VAL B 36 1.23 -3.53 -47.13
N ALA B 37 1.21 -2.22 -47.32
CA ALA B 37 0.91 -1.32 -46.20
C ALA B 37 -0.59 -1.36 -45.93
N ASN B 38 -1.11 -2.57 -45.79
CA ASN B 38 -2.51 -2.85 -45.99
C ASN B 38 -2.87 -4.23 -45.41
N ARG B 39 -3.57 -4.26 -44.28
CA ARG B 39 -3.91 -5.55 -43.64
C ARG B 39 -5.22 -6.15 -44.12
N VAL B 40 -5.11 -7.26 -44.84
CA VAL B 40 -6.26 -8.02 -45.32
C VAL B 40 -6.25 -9.40 -44.67
N GLY B 41 -5.08 -10.03 -44.66
CA GLY B 41 -4.91 -11.39 -44.17
C GLY B 41 -3.53 -11.58 -43.58
N GLY B 42 -3.22 -12.83 -43.24
CA GLY B 42 -1.96 -13.16 -42.57
C GLY B 42 -0.69 -12.76 -43.27
N ILE B 43 -0.75 -12.56 -44.59
CA ILE B 43 0.43 -12.19 -45.38
C ILE B 43 1.02 -10.85 -44.92
N TYR B 44 0.15 -9.99 -44.39
CA TYR B 44 0.57 -8.70 -43.88
C TYR B 44 1.71 -8.89 -42.89
N SER B 45 1.44 -9.70 -41.87
CA SER B 45 2.37 -9.92 -40.77
C SER B 45 3.68 -10.56 -41.24
N VAL B 46 3.58 -11.41 -42.26
CA VAL B 46 4.74 -12.10 -42.81
C VAL B 46 5.70 -11.13 -43.48
N LEU B 47 5.18 -10.31 -44.40
CA LEU B 47 6.00 -9.33 -45.09
C LEU B 47 6.57 -8.29 -44.14
N LYS B 48 5.72 -7.82 -43.22
CA LYS B 48 6.14 -6.96 -42.10
C LYS B 48 7.30 -7.58 -41.31
N SER B 49 7.02 -8.68 -40.62
CA SER B 49 8.02 -9.29 -39.75
C SER B 49 9.33 -9.68 -40.47
N LYS B 50 9.24 -9.85 -41.80
CA LYS B 50 10.39 -10.26 -42.63
C LYS B 50 11.23 -9.07 -43.07
N ALA B 51 10.65 -7.87 -43.02
CA ALA B 51 11.30 -6.66 -43.52
C ALA B 51 12.70 -6.36 -42.95
N PRO B 52 12.87 -6.40 -41.60
CA PRO B 52 14.22 -6.15 -41.07
C PRO B 52 15.32 -6.88 -41.85
N ILE B 53 15.30 -8.21 -41.88
CA ILE B 53 16.44 -8.99 -42.42
C ILE B 53 16.58 -8.92 -43.93
N THR B 54 15.58 -8.39 -44.61
CA THR B 54 15.69 -8.19 -46.03
C THR B 54 16.45 -6.87 -46.27
N VAL B 55 15.98 -5.79 -45.64
CA VAL B 55 16.68 -4.50 -45.70
C VAL B 55 18.15 -4.62 -45.25
N ALA B 56 18.38 -5.35 -44.18
CA ALA B 56 19.73 -5.66 -43.73
C ALA B 56 20.64 -6.11 -44.88
N GLN B 57 20.09 -6.90 -45.80
CA GLN B 57 20.88 -7.45 -46.90
C GLN B 57 20.82 -6.59 -48.17
N TYR B 58 19.71 -5.88 -48.36
CA TYR B 58 19.42 -5.22 -49.62
C TYR B 58 19.39 -3.70 -49.54
N LYS B 59 19.00 -3.19 -48.38
CA LYS B 59 18.93 -1.75 -48.12
C LYS B 59 17.99 -1.03 -49.09
N ASP B 60 18.56 -0.41 -50.12
CA ASP B 60 17.78 0.36 -51.11
C ASP B 60 17.62 -0.39 -52.44
N HIS B 61 18.26 -1.56 -52.54
CA HIS B 61 18.03 -2.51 -53.64
C HIS B 61 16.65 -3.16 -53.53
N TYR B 62 16.25 -3.44 -52.29
CA TYR B 62 14.94 -4.00 -51.96
C TYR B 62 13.81 -2.97 -52.14
N HIS B 63 12.68 -3.44 -52.64
CA HIS B 63 11.50 -2.62 -52.82
C HIS B 63 10.27 -3.49 -52.74
N LEU B 64 9.18 -2.94 -52.21
CA LEU B 64 7.95 -3.69 -52.10
C LEU B 64 6.93 -3.02 -52.98
N ILE B 65 6.13 -3.83 -53.67
CA ILE B 65 5.06 -3.28 -54.50
C ILE B 65 3.71 -3.83 -54.02
N GLY B 66 2.72 -2.95 -53.97
CA GLY B 66 1.35 -3.37 -53.72
C GLY B 66 0.40 -2.34 -54.26
N PRO B 67 -0.92 -2.60 -54.13
CA PRO B 67 -1.92 -1.60 -54.52
C PRO B 67 -1.89 -0.38 -53.62
N LEU B 68 -3.02 0.31 -53.53
CA LEU B 68 -3.13 1.48 -52.70
C LEU B 68 -4.51 1.52 -52.08
N ASN B 69 -4.57 1.19 -50.80
CA ASN B 69 -5.76 1.44 -50.02
C ASN B 69 -5.70 2.87 -49.50
N LYS B 70 -6.56 3.71 -50.06
CA LYS B 70 -6.58 5.11 -49.75
C LYS B 70 -7.11 5.38 -48.34
N ALA B 71 -8.09 4.59 -47.94
CA ALA B 71 -8.72 4.72 -46.62
C ALA B 71 -7.78 4.47 -45.41
N THR B 72 -6.59 3.90 -45.64
CA THR B 72 -5.71 3.51 -44.52
C THR B 72 -4.25 3.92 -44.65
N TYR B 73 -3.72 3.94 -45.88
CA TYR B 73 -2.26 4.01 -46.11
C TYR B 73 -1.55 5.11 -45.32
N GLN B 74 -2.32 6.13 -44.95
CA GLN B 74 -1.83 7.26 -44.19
C GLN B 74 -1.18 6.87 -42.87
N ASN B 75 -1.80 5.95 -42.14
CA ASN B 75 -1.29 5.53 -40.83
C ASN B 75 -0.11 4.58 -40.96
N GLU B 76 0.20 4.18 -42.19
CA GLU B 76 1.19 3.14 -42.42
C GLU B 76 2.43 3.61 -43.17
N VAL B 77 2.25 4.60 -44.05
CA VAL B 77 3.35 5.00 -44.94
C VAL B 77 3.95 6.38 -44.64
N ASP B 78 5.26 6.37 -44.46
CA ASP B 78 6.08 7.57 -44.49
C ASP B 78 6.17 8.00 -45.96
N ILE B 79 5.36 8.99 -46.35
CA ILE B 79 5.33 9.48 -47.74
C ILE B 79 6.62 10.22 -48.09
N LEU B 80 7.31 9.76 -49.14
CA LEU B 80 8.55 10.36 -49.61
C LEU B 80 8.40 11.01 -50.98
N ASP B 81 9.34 11.91 -51.30
CA ASP B 81 9.46 12.46 -52.65
C ASP B 81 10.49 11.62 -53.41
N TRP B 82 10.08 11.12 -54.58
CA TRP B 82 10.96 10.30 -55.41
C TRP B 82 11.69 11.10 -56.49
N LYS B 83 11.48 12.42 -56.48
CA LYS B 83 11.98 13.31 -57.53
C LYS B 83 13.38 13.87 -57.29
N LYS B 84 13.66 14.32 -56.07
CA LYS B 84 15.01 14.82 -55.72
C LYS B 84 16.07 13.79 -56.05
N PRO B 85 17.19 14.22 -56.67
CA PRO B 85 18.34 13.33 -56.93
C PRO B 85 18.91 12.65 -55.67
N GLU B 86 18.52 13.14 -54.49
CA GLU B 86 18.91 12.54 -53.21
C GLU B 86 18.24 11.20 -52.90
N ALA B 87 17.03 11.00 -53.41
CA ALA B 87 16.22 9.81 -53.12
C ALA B 87 16.85 8.48 -53.55
N PHE B 88 17.62 8.50 -54.64
CA PHE B 88 18.24 7.29 -55.19
C PHE B 88 19.76 7.38 -55.30
N SER B 89 20.44 6.28 -55.01
CA SER B 89 21.90 6.22 -55.20
C SER B 89 22.26 6.13 -56.69
N ASP B 90 23.56 6.21 -56.97
CA ASP B 90 24.05 6.22 -58.34
C ASP B 90 23.73 4.95 -59.14
N GLU B 91 23.77 3.78 -58.49
CA GLU B 91 23.42 2.54 -59.16
C GLU B 91 21.92 2.22 -59.13
N MET B 92 21.19 2.92 -58.26
CA MET B 92 19.74 2.76 -58.15
C MET B 92 19.01 3.87 -58.89
N ARG B 93 19.71 4.50 -59.83
CA ARG B 93 19.18 5.57 -60.68
C ARG B 93 18.08 5.13 -61.66
N PRO B 94 18.24 3.94 -62.29
CA PRO B 94 17.26 3.49 -63.29
C PRO B 94 15.82 3.50 -62.77
N VAL B 95 15.67 3.12 -61.49
CA VAL B 95 14.39 3.13 -60.79
C VAL B 95 13.74 4.51 -60.82
N GLN B 96 14.54 5.55 -60.58
CA GLN B 96 14.06 6.93 -60.66
C GLN B 96 13.46 7.22 -62.02
N HIS B 97 14.20 6.85 -63.07
CA HIS B 97 13.77 7.07 -64.45
C HIS B 97 12.63 6.14 -64.83
N ALA B 98 12.63 4.94 -64.25
CA ALA B 98 11.55 3.97 -64.46
C ALA B 98 10.22 4.45 -63.86
N LEU B 99 10.29 5.08 -62.68
CA LEU B 99 9.10 5.63 -62.01
C LEU B 99 8.61 6.87 -62.75
N GLN B 100 9.59 7.61 -63.29
CA GLN B 100 9.34 8.76 -64.15
C GLN B 100 8.59 8.31 -65.41
N THR B 101 9.14 7.28 -66.07
CA THR B 101 8.52 6.66 -67.26
C THR B 101 7.05 6.32 -67.01
N MET B 102 6.75 5.88 -65.79
CA MET B 102 5.38 5.55 -65.40
C MET B 102 4.54 6.80 -65.16
N GLU B 103 5.16 7.86 -64.62
CA GLU B 103 4.48 9.13 -64.51
C GLU B 103 4.32 9.78 -65.89
N SER B 104 5.23 9.41 -66.80
CA SER B 104 5.13 9.79 -68.23
C SER B 104 3.84 9.29 -68.88
N ARG B 105 3.05 8.53 -68.12
CA ARG B 105 1.75 8.05 -68.58
C ARG B 105 0.61 8.42 -67.61
N GLY B 106 0.90 9.26 -66.62
CA GLY B 106 -0.10 9.72 -65.65
C GLY B 106 -0.56 8.66 -64.67
N VAL B 107 0.30 7.67 -64.43
CA VAL B 107 0.02 6.58 -63.49
C VAL B 107 0.32 7.04 -62.07
N HIS B 108 -0.72 7.34 -61.30
CA HIS B 108 -0.55 7.87 -59.94
C HIS B 108 -0.06 6.82 -58.95
N PHE B 109 1.05 7.12 -58.28
CA PHE B 109 1.66 6.18 -57.35
C PHE B 109 2.35 6.88 -56.17
N VAL B 110 2.19 6.31 -54.98
CA VAL B 110 2.87 6.80 -53.78
C VAL B 110 4.17 6.03 -53.55
N TYR B 111 5.27 6.77 -53.41
CA TYR B 111 6.55 6.20 -53.02
C TYR B 111 6.75 6.50 -51.54
N GLY B 112 7.61 5.74 -50.87
CA GLY B 112 7.88 5.97 -49.45
C GLY B 112 8.38 4.82 -48.59
N ARG B 113 8.34 5.05 -47.27
CA ARG B 113 8.82 4.10 -46.26
C ARG B 113 7.66 3.50 -45.48
N TRP B 114 7.77 2.20 -45.21
CA TRP B 114 6.74 1.51 -44.44
C TRP B 114 7.03 1.65 -42.96
N LEU B 115 6.08 2.26 -42.25
CA LEU B 115 6.26 2.57 -40.84
C LEU B 115 6.21 1.29 -40.00
N ILE B 116 7.36 0.60 -40.00
CA ILE B 116 7.53 -0.71 -39.37
C ILE B 116 9.02 -0.93 -39.22
N GLU B 117 9.42 -1.83 -38.31
CA GLU B 117 10.84 -2.03 -38.05
C GLU B 117 11.54 -2.44 -39.32
N GLY B 118 12.63 -1.74 -39.64
CA GLY B 118 13.39 -1.96 -40.86
C GLY B 118 13.05 -0.95 -41.95
N ALA B 119 11.94 -0.23 -41.75
CA ALA B 119 11.41 0.77 -42.68
C ALA B 119 11.88 0.60 -44.14
N PRO B 120 11.21 -0.29 -44.89
CA PRO B 120 11.56 -0.59 -46.28
C PRO B 120 10.84 0.29 -47.32
N LYS B 121 11.47 0.42 -48.47
CA LYS B 121 10.91 1.23 -49.56
C LYS B 121 9.69 0.54 -50.22
N VAL B 122 8.56 1.25 -50.29
CA VAL B 122 7.37 0.73 -50.95
C VAL B 122 7.01 1.51 -52.22
N ILE B 123 6.53 0.80 -53.25
CA ILE B 123 5.81 1.43 -54.37
C ILE B 123 4.34 1.01 -54.30
N LEU B 124 3.44 1.96 -54.10
CA LEU B 124 2.04 1.64 -54.00
C LEU B 124 1.24 2.24 -55.14
N PHE B 125 0.82 1.39 -56.07
CA PHE B 125 0.12 1.87 -57.26
C PHE B 125 -1.36 2.14 -57.00
N ASP B 126 -1.75 3.40 -57.23
CA ASP B 126 -3.17 3.78 -57.22
C ASP B 126 -3.86 3.06 -58.38
N LEU B 127 -4.97 2.40 -58.06
CA LEU B 127 -5.62 1.53 -59.04
C LEU B 127 -6.57 2.28 -59.98
N ASP B 128 -7.31 3.26 -59.46
CA ASP B 128 -8.25 4.05 -60.27
C ASP B 128 -7.60 4.73 -61.48
N SER B 129 -6.30 5.03 -61.37
CA SER B 129 -5.52 5.64 -62.44
C SER B 129 -5.07 4.63 -63.50
N VAL B 130 -5.84 3.55 -63.67
CA VAL B 130 -5.68 2.62 -64.78
C VAL B 130 -7.01 1.94 -65.11
N ARG B 131 -7.98 2.08 -64.21
CA ARG B 131 -9.32 1.51 -64.36
C ARG B 131 -9.86 1.57 -65.80
N GLY B 132 -9.53 2.65 -66.52
CA GLY B 132 -9.96 2.84 -67.89
C GLY B 132 -9.41 1.78 -68.82
N TYR B 133 -8.13 1.44 -68.63
CA TYR B 133 -7.44 0.44 -69.44
C TYR B 133 -7.93 -0.99 -69.16
N SER B 134 -9.06 -1.08 -68.45
CA SER B 134 -9.64 -2.37 -68.05
C SER B 134 -9.84 -3.32 -69.23
N ASN B 135 -10.94 -3.16 -69.96
CA ASN B 135 -11.40 -4.13 -70.98
C ASN B 135 -10.31 -4.57 -71.97
N GLU B 136 -9.44 -3.62 -72.31
CA GLU B 136 -8.33 -3.84 -73.25
C GLU B 136 -7.35 -4.86 -72.68
N TRP B 137 -7.13 -4.78 -71.36
CA TRP B 137 -6.28 -5.70 -70.63
C TRP B 137 -7.01 -7.02 -70.36
N LYS B 138 -8.24 -6.94 -69.83
CA LYS B 138 -9.07 -8.13 -69.66
C LYS B 138 -9.10 -9.00 -70.91
N GLY B 139 -9.36 -8.36 -72.05
CA GLY B 139 -9.36 -9.03 -73.35
C GLY B 139 -7.99 -9.58 -73.73
N ASP B 140 -6.95 -8.76 -73.53
CA ASP B 140 -5.57 -9.19 -73.76
C ASP B 140 -5.24 -10.41 -72.90
N LEU B 141 -5.72 -10.41 -71.66
CA LEU B 141 -5.51 -11.52 -70.73
C LEU B 141 -6.27 -12.76 -71.17
N TRP B 142 -7.51 -12.54 -71.60
CA TRP B 142 -8.34 -13.63 -72.08
C TRP B 142 -7.77 -14.37 -73.30
N SER B 143 -7.07 -13.65 -74.19
CA SER B 143 -6.51 -14.29 -75.38
C SER B 143 -5.07 -14.71 -75.19
N LEU B 144 -4.40 -14.19 -74.16
CA LEU B 144 -3.06 -14.65 -73.84
C LEU B 144 -3.03 -15.94 -73.01
N VAL B 145 -3.81 -15.99 -71.94
CA VAL B 145 -3.79 -17.17 -71.06
C VAL B 145 -5.11 -17.94 -71.12
N GLY B 146 -6.22 -17.22 -71.19
CA GLY B 146 -7.51 -17.85 -71.32
C GLY B 146 -8.31 -17.59 -70.07
N ILE B 147 -8.06 -16.44 -69.45
CA ILE B 147 -8.63 -16.17 -68.14
C ILE B 147 -9.86 -15.29 -68.25
N PRO B 148 -11.06 -15.89 -68.05
CA PRO B 148 -12.33 -15.14 -67.97
C PRO B 148 -12.27 -14.21 -66.79
N SER B 149 -13.13 -13.20 -66.77
CA SER B 149 -13.02 -12.18 -65.75
C SER B 149 -14.32 -11.44 -65.59
N PRO B 150 -15.27 -12.07 -64.85
CA PRO B 150 -16.57 -11.46 -64.61
C PRO B 150 -16.41 -10.10 -63.97
N GLU B 151 -17.28 -9.17 -64.35
CA GLU B 151 -17.18 -7.77 -63.90
C GLU B 151 -17.57 -7.57 -62.43
N ASN B 152 -18.47 -8.43 -61.93
CA ASN B 152 -18.98 -8.34 -60.56
C ASN B 152 -18.03 -8.84 -59.47
N ASP B 153 -16.93 -9.47 -59.88
CA ASP B 153 -15.85 -9.87 -58.99
C ASP B 153 -14.79 -8.76 -58.92
N PHE B 154 -14.97 -7.85 -57.95
CA PHE B 154 -14.15 -6.66 -57.78
C PHE B 154 -12.68 -6.99 -57.50
N GLU B 155 -12.43 -8.21 -57.03
CA GLU B 155 -11.09 -8.60 -56.58
C GLU B 155 -10.17 -9.07 -57.70
N THR B 156 -10.69 -9.87 -58.63
CA THR B 156 -9.89 -10.25 -59.79
C THR B 156 -9.64 -9.02 -60.65
N ASN B 157 -10.66 -8.16 -60.75
CA ASN B 157 -10.46 -6.90 -61.45
C ASN B 157 -9.27 -6.14 -60.89
N ASP B 158 -9.19 -6.01 -59.57
CA ASP B 158 -8.06 -5.36 -58.92
C ASP B 158 -6.75 -6.13 -59.10
N ALA B 159 -6.86 -7.45 -59.18
CA ALA B 159 -5.68 -8.30 -59.36
C ALA B 159 -5.10 -8.12 -60.77
N ILE B 160 -6.00 -7.89 -61.74
CA ILE B 160 -5.64 -7.68 -63.13
C ILE B 160 -4.96 -6.33 -63.31
N LEU B 161 -5.66 -5.26 -62.90
CA LEU B 161 -5.11 -3.91 -62.88
C LEU B 161 -3.70 -3.96 -62.33
N LEU B 162 -3.57 -4.50 -61.12
CA LEU B 162 -2.28 -4.60 -60.46
C LEU B 162 -1.26 -5.35 -61.32
N GLY B 163 -1.64 -6.53 -61.78
CA GLY B 163 -0.75 -7.36 -62.59
C GLY B 163 -0.15 -6.63 -63.79
N TYR B 164 -1.01 -5.92 -64.52
CA TYR B 164 -0.55 -5.18 -65.69
C TYR B 164 0.36 -4.00 -65.32
N THR B 165 -0.08 -3.22 -64.34
CA THR B 165 0.73 -2.13 -63.81
C THR B 165 2.15 -2.61 -63.46
N VAL B 166 2.23 -3.70 -62.71
CA VAL B 166 3.50 -4.16 -62.16
C VAL B 166 4.44 -4.75 -63.21
N ALA B 167 3.89 -5.49 -64.18
CA ALA B 167 4.71 -6.10 -65.24
C ALA B 167 5.29 -5.04 -66.18
N TRP B 168 4.42 -4.15 -66.64
CA TRP B 168 4.78 -2.89 -67.31
C TRP B 168 5.97 -2.25 -66.60
N PHE B 169 5.81 -2.03 -65.28
CA PHE B 169 6.82 -1.38 -64.46
C PHE B 169 8.14 -2.15 -64.44
N LEU B 170 8.06 -3.48 -64.49
CA LEU B 170 9.29 -4.29 -64.54
C LEU B 170 9.87 -4.35 -65.96
N GLY B 171 9.05 -4.05 -66.97
CA GLY B 171 9.52 -3.96 -68.36
C GLY B 171 10.50 -2.81 -68.53
N GLU B 172 10.17 -1.67 -67.91
CA GLU B 172 11.00 -0.46 -67.94
C GLU B 172 12.30 -0.61 -67.17
N VAL B 173 12.21 -1.14 -65.94
CA VAL B 173 13.37 -1.30 -65.08
C VAL B 173 14.40 -2.24 -65.70
N ALA B 174 13.92 -3.28 -66.40
CA ALA B 174 14.79 -4.20 -67.13
C ALA B 174 15.51 -3.49 -68.31
N HIS B 175 14.81 -2.56 -68.97
CA HIS B 175 15.38 -1.72 -70.01
C HIS B 175 16.54 -0.87 -69.50
N LEU B 176 16.35 -0.28 -68.32
CA LEU B 176 17.20 0.82 -67.82
C LEU B 176 18.37 0.39 -66.92
N ASP B 177 18.12 -0.49 -65.96
CA ASP B 177 19.23 -1.09 -65.20
C ASP B 177 19.87 -2.14 -66.08
N SER B 178 21.18 -2.06 -66.27
CA SER B 178 21.89 -3.10 -67.03
C SER B 178 23.01 -3.74 -66.21
N GLN B 179 23.23 -3.20 -65.02
CA GLN B 179 24.23 -3.72 -64.10
C GLN B 179 23.72 -4.93 -63.32
N HIS B 180 22.68 -4.71 -62.51
CA HIS B 180 22.13 -5.75 -61.63
C HIS B 180 21.17 -6.69 -62.37
N ALA B 181 21.10 -7.93 -61.90
CA ALA B 181 20.00 -8.84 -62.24
C ALA B 181 18.75 -8.44 -61.44
N ILE B 182 17.57 -8.61 -62.03
CA ILE B 182 16.32 -8.24 -61.37
C ILE B 182 15.53 -9.47 -60.89
N VAL B 183 15.21 -9.47 -59.60
CA VAL B 183 14.39 -10.51 -58.98
C VAL B 183 13.01 -9.96 -58.63
N ALA B 184 11.96 -10.61 -59.14
CA ALA B 184 10.59 -10.24 -58.82
C ALA B 184 9.88 -11.38 -58.07
N HIS B 185 9.38 -11.06 -56.87
CA HIS B 185 8.77 -12.05 -55.98
C HIS B 185 7.32 -11.73 -55.75
N PHE B 186 6.46 -12.72 -55.97
CA PHE B 186 5.02 -12.49 -55.84
C PHE B 186 4.40 -13.42 -54.81
N HIS B 187 3.42 -12.88 -54.10
CA HIS B 187 2.73 -13.63 -53.08
C HIS B 187 1.25 -13.67 -53.32
N GLU B 188 0.77 -14.90 -53.53
CA GLU B 188 -0.66 -15.23 -53.54
C GLU B 188 -1.32 -14.75 -54.83
N TRP B 189 -2.25 -15.56 -55.34
CA TRP B 189 -2.83 -15.34 -56.67
C TRP B 189 -3.24 -13.91 -56.94
N LEU B 190 -3.85 -13.28 -55.94
CA LEU B 190 -4.30 -11.90 -56.06
C LEU B 190 -3.25 -10.96 -56.63
N ALA B 191 -1.99 -11.35 -56.50
CA ALA B 191 -0.88 -10.58 -57.02
C ALA B 191 0.00 -11.50 -57.81
N GLY B 192 -0.63 -12.25 -58.70
CA GLY B 192 0.08 -13.20 -59.54
C GLY B 192 -0.04 -12.92 -61.03
N VAL B 193 -1.01 -12.10 -61.42
CA VAL B 193 -1.27 -11.80 -62.83
C VAL B 193 0.00 -11.46 -63.65
N ALA B 194 0.78 -10.50 -63.16
CA ALA B 194 2.02 -10.11 -63.82
C ALA B 194 2.87 -11.29 -64.30
N LEU B 195 2.73 -12.45 -63.68
CA LEU B 195 3.64 -13.58 -63.93
C LEU B 195 3.59 -14.23 -65.32
N PRO B 196 2.37 -14.53 -65.85
CA PRO B 196 2.32 -14.92 -67.26
C PRO B 196 2.81 -13.80 -68.17
N LEU B 197 2.39 -12.56 -67.89
CA LEU B 197 2.83 -11.39 -68.64
C LEU B 197 4.36 -11.30 -68.79
N CYS B 198 5.08 -11.62 -67.72
CA CYS B 198 6.53 -11.56 -67.73
C CYS B 198 7.15 -12.65 -68.58
N ARG B 199 6.49 -13.81 -68.64
CA ARG B 199 7.05 -14.95 -69.34
C ARG B 199 6.86 -14.81 -70.84
N LYS B 200 5.67 -14.35 -71.22
CA LYS B 200 5.31 -14.21 -72.62
C LYS B 200 5.97 -13.00 -73.29
N ARG B 201 6.04 -11.88 -72.57
CA ARG B 201 6.79 -10.69 -73.06
C ARG B 201 8.32 -10.86 -72.90
N ARG B 202 8.74 -12.03 -72.44
CA ARG B 202 10.16 -12.41 -72.35
C ARG B 202 11.10 -11.39 -71.65
N ILE B 203 10.53 -10.62 -70.70
CA ILE B 203 11.24 -9.56 -69.95
C ILE B 203 12.43 -10.07 -69.11
N ASP B 204 13.49 -9.26 -68.98
CA ASP B 204 14.76 -9.72 -68.37
C ASP B 204 14.81 -9.66 -66.83
N VAL B 205 13.94 -10.45 -66.21
CA VAL B 205 13.71 -10.48 -64.76
C VAL B 205 13.41 -11.90 -64.37
N VAL B 206 14.18 -12.49 -63.45
CA VAL B 206 13.79 -13.80 -62.88
C VAL B 206 12.66 -13.65 -61.88
N THR B 207 11.63 -14.47 -62.04
CA THR B 207 10.43 -14.37 -61.23
C THR B 207 10.28 -15.51 -60.22
N ILE B 208 9.76 -15.16 -59.05
CA ILE B 208 9.38 -16.13 -58.01
C ILE B 208 7.92 -15.94 -57.64
N PHE B 209 7.22 -17.06 -57.49
CA PHE B 209 5.86 -17.06 -56.97
C PHE B 209 5.77 -17.92 -55.72
N THR B 210 5.22 -17.34 -54.65
CA THR B 210 4.91 -18.12 -53.47
C THR B 210 3.40 -18.21 -53.33
N THR B 211 2.90 -19.42 -53.16
CA THR B 211 1.51 -19.61 -52.72
C THR B 211 1.42 -20.01 -51.23
N HIS B 212 0.56 -19.30 -50.51
CA HIS B 212 0.38 -19.49 -49.07
C HIS B 212 -0.80 -20.39 -48.72
N ALA B 213 -1.40 -20.99 -49.73
CA ALA B 213 -2.61 -21.79 -49.61
C ALA B 213 -3.06 -22.03 -51.04
N THR B 214 -3.93 -22.99 -51.28
CA THR B 214 -4.51 -23.09 -52.61
C THR B 214 -5.97 -22.80 -52.55
N LEU B 215 -6.47 -22.14 -53.59
CA LEU B 215 -7.86 -21.84 -53.71
C LEU B 215 -8.65 -23.13 -53.61
N LEU B 216 -8.27 -24.12 -54.41
CA LEU B 216 -9.03 -25.35 -54.41
C LEU B 216 -9.02 -26.03 -53.06
N GLY B 217 -7.91 -25.87 -52.32
CA GLY B 217 -7.75 -26.48 -51.00
C GLY B 217 -8.75 -25.95 -50.00
N ARG B 218 -8.73 -24.63 -49.81
CA ARG B 218 -9.68 -23.99 -48.90
C ARG B 218 -11.09 -24.43 -49.21
N TYR B 219 -11.44 -24.46 -50.49
CA TYR B 219 -12.81 -24.72 -50.91
C TYR B 219 -13.23 -26.17 -50.80
N LEU B 220 -12.31 -27.09 -51.04
CA LEU B 220 -12.59 -28.51 -50.93
C LEU B 220 -12.75 -28.96 -49.47
N CYS B 221 -12.15 -28.19 -48.56
CA CYS B 221 -12.22 -28.46 -47.12
C CYS B 221 -13.33 -27.67 -46.42
N ALA B 222 -14.03 -26.83 -47.16
CA ALA B 222 -15.04 -25.94 -46.59
C ALA B 222 -16.17 -26.69 -45.90
N SER B 223 -16.84 -27.58 -46.64
CA SER B 223 -17.93 -28.37 -46.07
C SER B 223 -17.36 -29.33 -45.02
N GLY B 224 -16.10 -29.71 -45.19
CA GLY B 224 -15.41 -30.60 -44.26
C GLY B 224 -16.03 -31.98 -44.14
N SER B 225 -16.55 -32.49 -45.24
CA SER B 225 -17.00 -33.88 -45.34
C SER B 225 -16.05 -34.66 -46.24
N PHE B 226 -15.51 -33.93 -47.22
CA PHE B 226 -14.57 -34.41 -48.22
C PHE B 226 -13.26 -34.90 -47.59
N ASP B 227 -12.87 -36.14 -47.92
CA ASP B 227 -11.63 -36.70 -47.39
C ASP B 227 -10.32 -36.17 -48.03
N PHE B 228 -10.06 -34.89 -47.82
CA PHE B 228 -9.04 -34.15 -48.56
C PHE B 228 -7.68 -34.82 -48.79
N TYR B 229 -7.06 -35.36 -47.75
CA TYR B 229 -5.65 -35.75 -47.87
C TYR B 229 -5.39 -36.99 -48.70
N ASN B 230 -6.46 -37.75 -48.97
CA ASN B 230 -6.38 -38.92 -49.84
C ASN B 230 -6.86 -38.65 -51.27
N CYS B 231 -8.09 -38.16 -51.40
CA CYS B 231 -8.75 -37.97 -52.70
C CYS B 231 -8.25 -36.84 -53.62
N LEU B 232 -7.26 -36.06 -53.21
CA LEU B 232 -6.87 -34.90 -54.02
C LEU B 232 -6.08 -35.28 -55.28
N GLU B 233 -5.34 -36.38 -55.21
CA GLU B 233 -4.63 -36.90 -56.37
C GLU B 233 -5.59 -37.42 -57.43
N SER B 234 -6.89 -37.30 -57.15
CA SER B 234 -7.90 -37.91 -58.01
C SER B 234 -9.02 -36.92 -58.42
N VAL B 235 -8.87 -35.64 -58.08
CA VAL B 235 -9.89 -34.65 -58.45
C VAL B 235 -9.62 -33.96 -59.81
N ASP B 236 -10.69 -33.65 -60.53
CA ASP B 236 -10.61 -32.90 -61.77
C ASP B 236 -10.59 -31.40 -61.46
N VAL B 237 -9.38 -30.81 -61.51
CA VAL B 237 -9.22 -29.39 -61.14
C VAL B 237 -10.17 -28.43 -61.83
N ASP B 238 -10.30 -28.53 -63.15
CA ASP B 238 -11.22 -27.66 -63.91
C ASP B 238 -12.67 -27.86 -63.46
N HIS B 239 -13.06 -29.10 -63.25
CA HIS B 239 -14.41 -29.41 -62.85
C HIS B 239 -14.77 -28.80 -61.49
N GLU B 240 -13.92 -29.02 -60.49
CA GLU B 240 -14.15 -28.51 -59.14
C GLU B 240 -14.16 -27.00 -59.14
N ALA B 241 -13.14 -26.44 -59.78
CA ALA B 241 -12.99 -25.00 -59.84
C ALA B 241 -14.24 -24.34 -60.39
N GLY B 242 -14.86 -24.99 -61.38
CA GLY B 242 -16.12 -24.53 -61.94
C GLY B 242 -17.31 -24.76 -61.03
N ARG B 243 -17.32 -25.90 -60.34
CA ARG B 243 -18.32 -26.20 -59.30
C ARG B 243 -18.40 -25.10 -58.23
N PHE B 244 -17.25 -24.57 -57.79
CA PHE B 244 -17.25 -23.53 -56.77
C PHE B 244 -17.31 -22.10 -57.33
N GLY B 245 -17.63 -21.95 -58.61
CA GLY B 245 -17.67 -20.61 -59.23
C GLY B 245 -16.39 -19.79 -59.16
N ILE B 246 -15.23 -20.46 -59.19
CA ILE B 246 -13.96 -19.76 -59.04
C ILE B 246 -12.97 -20.13 -60.15
N TYR B 247 -13.49 -20.57 -61.29
CA TYR B 247 -12.63 -20.89 -62.45
C TYR B 247 -11.71 -19.72 -62.81
N HIS B 248 -12.26 -18.51 -62.89
CA HIS B 248 -11.43 -17.37 -63.19
C HIS B 248 -10.28 -17.25 -62.19
N ARG B 249 -10.61 -17.13 -60.91
CA ARG B 249 -9.64 -17.09 -59.81
C ARG B 249 -8.61 -18.22 -59.94
N TYR B 250 -9.12 -19.44 -60.10
CA TYR B 250 -8.23 -20.59 -60.22
C TYR B 250 -7.21 -20.43 -61.35
N CYS B 251 -7.67 -19.97 -62.51
CA CYS B 251 -6.81 -19.79 -63.69
C CYS B 251 -5.61 -18.91 -63.39
N ILE B 252 -5.88 -17.81 -62.68
CA ILE B 252 -4.83 -16.92 -62.18
C ILE B 252 -3.83 -17.63 -61.27
N GLU B 253 -4.32 -18.40 -60.30
CA GLU B 253 -3.42 -19.08 -59.39
C GLU B 253 -2.53 -20.01 -60.23
N ARG B 254 -3.17 -20.80 -61.10
CA ARG B 254 -2.47 -21.79 -61.94
C ARG B 254 -1.44 -21.15 -62.89
N ALA B 255 -1.84 -20.05 -63.54
CA ALA B 255 -0.97 -19.25 -64.37
C ALA B 255 0.30 -18.88 -63.60
N ALA B 256 0.14 -18.07 -62.57
CA ALA B 256 1.24 -17.69 -61.70
C ALA B 256 2.12 -18.88 -61.33
N ALA B 257 1.52 -19.98 -60.86
CA ALA B 257 2.32 -21.18 -60.59
C ALA B 257 3.18 -21.62 -61.79
N HIS B 258 2.60 -21.63 -62.99
CA HIS B 258 3.28 -22.13 -64.18
C HIS B 258 4.30 -21.18 -64.79
N SER B 259 3.96 -19.89 -64.82
CA SER B 259 4.83 -18.86 -65.37
C SER B 259 6.13 -18.60 -64.59
N ALA B 260 6.15 -18.93 -63.31
CA ALA B 260 7.22 -18.48 -62.45
C ALA B 260 8.47 -19.34 -62.60
N ASP B 261 9.62 -18.68 -62.70
CA ASP B 261 10.89 -19.38 -62.81
C ASP B 261 11.09 -20.28 -61.61
N VAL B 262 10.77 -19.75 -60.43
CA VAL B 262 10.69 -20.57 -59.21
C VAL B 262 9.26 -20.55 -58.67
N PHE B 263 8.80 -21.72 -58.24
CA PHE B 263 7.48 -21.85 -57.63
C PHE B 263 7.65 -22.42 -56.23
N THR B 264 7.05 -21.73 -55.25
CA THR B 264 7.18 -22.12 -53.82
C THR B 264 5.87 -22.07 -53.07
N THR B 265 5.78 -22.92 -52.05
CA THR B 265 4.73 -22.85 -51.04
C THR B 265 5.35 -22.56 -49.67
N VAL B 266 4.49 -22.27 -48.69
CA VAL B 266 4.95 -22.04 -47.31
C VAL B 266 5.25 -23.30 -46.52
N SER B 267 4.98 -24.48 -47.07
CA SER B 267 5.24 -25.73 -46.31
C SER B 267 5.08 -27.03 -47.10
N GLN B 268 5.77 -28.07 -46.65
CA GLN B 268 5.63 -29.38 -47.25
C GLN B 268 4.19 -29.80 -47.51
N ILE B 269 3.34 -29.78 -46.48
CA ILE B 269 1.98 -30.25 -46.67
C ILE B 269 1.25 -29.48 -47.80
N THR B 270 1.44 -28.17 -47.85
CA THR B 270 0.83 -27.38 -48.91
C THR B 270 1.52 -27.65 -50.26
N ALA B 271 2.82 -27.98 -50.23
CA ALA B 271 3.55 -28.36 -51.45
C ALA B 271 2.90 -29.53 -52.15
N PHE B 272 2.63 -30.58 -51.39
CA PHE B 272 1.91 -31.75 -51.86
C PHE B 272 0.59 -31.34 -52.53
N GLU B 273 -0.20 -30.57 -51.80
CA GLU B 273 -1.50 -30.08 -52.27
C GLU B 273 -1.34 -29.22 -53.55
N ALA B 274 -0.31 -28.39 -53.59
CA ALA B 274 -0.04 -27.55 -54.75
C ALA B 274 0.23 -28.37 -56.01
N GLU B 275 1.05 -29.40 -55.87
CA GLU B 275 1.45 -30.23 -56.98
C GLU B 275 0.25 -30.80 -57.71
N HIS B 276 -0.69 -31.36 -56.96
CA HIS B 276 -1.83 -32.00 -57.59
C HIS B 276 -2.97 -31.06 -57.97
N LEU B 277 -3.01 -29.86 -57.38
CA LEU B 277 -4.11 -28.94 -57.63
C LEU B 277 -3.70 -27.76 -58.49
N LEU B 278 -2.41 -27.53 -58.59
CA LEU B 278 -1.92 -26.48 -59.47
C LEU B 278 -0.99 -27.04 -60.53
N LYS B 279 -0.78 -28.35 -60.49
CA LYS B 279 -0.09 -29.12 -61.54
C LYS B 279 1.35 -28.64 -61.77
N ARG B 280 2.11 -28.60 -60.69
CA ARG B 280 3.55 -28.27 -60.71
C ARG B 280 4.11 -28.57 -59.34
N LYS B 281 5.16 -29.38 -59.31
CA LYS B 281 5.85 -29.66 -58.08
C LYS B 281 6.58 -28.39 -57.67
N PRO B 282 6.31 -27.88 -56.46
CA PRO B 282 6.98 -26.64 -56.07
C PRO B 282 8.45 -26.92 -55.82
N ASP B 283 9.29 -25.93 -56.12
CA ASP B 283 10.74 -26.07 -56.07
C ASP B 283 11.26 -26.14 -54.64
N GLY B 284 10.37 -25.96 -53.69
CA GLY B 284 10.75 -25.89 -52.29
C GLY B 284 9.88 -24.97 -51.45
N ILE B 285 10.26 -24.87 -50.19
CA ILE B 285 9.41 -24.40 -49.11
C ILE B 285 9.94 -23.05 -48.61
N LEU B 286 9.03 -22.11 -48.35
CA LEU B 286 9.39 -20.87 -47.67
C LEU B 286 8.59 -20.69 -46.36
N PRO B 287 9.00 -21.43 -45.28
CA PRO B 287 8.29 -21.41 -44.00
C PRO B 287 8.33 -20.02 -43.40
N ASN B 288 7.19 -19.57 -42.90
CA ASN B 288 7.07 -18.27 -42.27
C ASN B 288 7.83 -18.18 -40.98
N GLY B 289 8.41 -17.02 -40.75
CA GLY B 289 9.35 -16.83 -39.69
C GLY B 289 8.75 -15.74 -38.86
N LEU B 290 9.42 -15.42 -37.77
CA LEU B 290 8.90 -14.49 -36.79
C LEU B 290 10.01 -13.58 -36.40
N ASN B 291 9.66 -12.38 -36.01
CA ASN B 291 10.64 -11.45 -35.54
C ASN B 291 10.77 -11.65 -34.03
N VAL B 292 11.54 -12.66 -33.63
CA VAL B 292 11.57 -13.08 -32.24
C VAL B 292 12.22 -12.01 -31.37
N ILE B 293 11.42 -11.40 -30.51
CA ILE B 293 11.97 -10.45 -29.55
C ILE B 293 12.50 -11.13 -28.27
N LYS B 294 13.82 -11.06 -28.10
CA LYS B 294 14.56 -11.76 -27.04
C LYS B 294 14.60 -10.97 -25.74
N PHE B 295 14.97 -11.64 -24.65
CA PHE B 295 15.15 -10.96 -23.37
C PHE B 295 16.61 -11.00 -22.97
N GLN B 296 17.03 -9.99 -22.22
CA GLN B 296 18.39 -9.96 -21.69
C GLN B 296 18.69 -11.24 -20.91
N ALA B 297 17.75 -11.65 -20.06
CA ALA B 297 17.95 -12.85 -19.26
C ALA B 297 17.14 -13.98 -19.87
N PHE B 298 17.72 -15.18 -19.93
CA PHE B 298 17.04 -16.31 -20.57
C PHE B 298 15.79 -16.74 -19.83
N HIS B 299 15.86 -16.70 -18.50
CA HIS B 299 14.81 -17.20 -17.63
C HIS B 299 13.66 -16.22 -17.44
N GLU B 300 13.76 -15.03 -18.04
CA GLU B 300 12.73 -14.01 -17.86
C GLU B 300 11.38 -14.51 -18.33
N PHE B 301 11.38 -15.43 -19.28
CA PHE B 301 10.10 -15.93 -19.76
C PHE B 301 9.45 -16.85 -18.72
N GLN B 302 10.27 -17.50 -17.91
CA GLN B 302 9.75 -18.30 -16.81
C GLN B 302 9.05 -17.38 -15.82
N ASN B 303 9.67 -16.25 -15.49
CA ASN B 303 8.99 -15.25 -14.66
C ASN B 303 7.66 -14.82 -15.20
N LEU B 304 7.65 -14.31 -16.44
CA LEU B 304 6.40 -13.83 -17.06
C LEU B 304 5.31 -14.89 -17.00
N HIS B 305 5.66 -16.15 -17.22
CA HIS B 305 4.70 -17.24 -17.07
C HIS B 305 3.95 -17.14 -15.73
N ALA B 306 4.70 -17.20 -14.62
CA ALA B 306 4.10 -17.16 -13.30
C ALA B 306 3.30 -15.88 -13.08
N LEU B 307 3.78 -14.75 -13.60
CA LEU B 307 3.02 -13.49 -13.47
C LEU B 307 1.66 -13.54 -14.17
N LYS B 308 1.67 -13.81 -15.48
CA LYS B 308 0.44 -13.96 -16.27
C LYS B 308 -0.45 -15.08 -15.75
N LYS B 309 0.15 -16.16 -15.27
CA LYS B 309 -0.68 -17.29 -14.82
C LYS B 309 -1.49 -16.87 -13.61
N GLU B 310 -0.93 -15.99 -12.80
CA GLU B 310 -1.66 -15.49 -11.66
C GLU B 310 -2.92 -14.74 -12.09
N LYS B 311 -2.87 -14.07 -13.23
CA LYS B 311 -4.06 -13.38 -13.76
C LYS B 311 -5.13 -14.39 -14.22
N ILE B 312 -4.72 -15.48 -14.86
CA ILE B 312 -5.69 -16.49 -15.22
C ILE B 312 -6.21 -17.07 -13.90
N ASN B 313 -5.33 -17.46 -12.99
CA ASN B 313 -5.80 -17.88 -11.62
C ASN B 313 -6.86 -16.96 -11.06
N ASP B 314 -6.66 -15.66 -11.24
CA ASP B 314 -7.65 -14.70 -10.75
C ASP B 314 -9.03 -14.88 -11.42
N PHE B 315 -9.03 -15.01 -12.74
CA PHE B 315 -10.26 -15.29 -13.43
C PHE B 315 -10.98 -16.63 -13.02
N VAL B 316 -10.20 -17.70 -12.84
CA VAL B 316 -10.78 -19.00 -12.60
C VAL B 316 -11.46 -18.97 -11.20
N ARG B 317 -10.82 -18.33 -10.23
CA ARG B 317 -11.43 -18.18 -8.93
C ARG B 317 -12.86 -17.64 -9.02
N GLY B 318 -13.03 -16.53 -9.70
CA GLY B 318 -14.35 -15.91 -9.86
C GLY B 318 -15.27 -16.80 -10.67
N HIS B 319 -14.70 -17.56 -11.60
CA HIS B 319 -15.54 -18.29 -12.54
C HIS B 319 -16.09 -19.48 -11.81
N PHE B 320 -15.28 -20.02 -10.93
CA PHE B 320 -15.71 -21.13 -10.08
C PHE B 320 -16.29 -20.74 -8.71
N HIS B 321 -16.48 -19.45 -8.46
CA HIS B 321 -17.05 -19.03 -7.19
C HIS B 321 -18.16 -19.95 -6.63
N GLY B 322 -18.09 -20.23 -5.31
CA GLY B 322 -19.01 -21.14 -4.59
C GLY B 322 -19.03 -22.55 -5.14
N CYS B 323 -17.92 -23.01 -5.70
CA CYS B 323 -17.84 -24.31 -6.36
C CYS B 323 -16.39 -24.52 -6.73
N PHE B 324 -15.50 -24.19 -5.79
CA PHE B 324 -14.10 -24.14 -6.06
C PHE B 324 -13.39 -25.17 -5.18
N ASP B 325 -13.29 -26.40 -5.66
CA ASP B 325 -12.77 -27.51 -4.85
C ASP B 325 -11.43 -28.09 -5.32
N PHE B 326 -10.61 -27.32 -5.99
CA PHE B 326 -9.38 -27.88 -6.50
C PHE B 326 -8.27 -26.94 -6.22
N ASP B 327 -7.06 -27.37 -6.51
CA ASP B 327 -5.94 -26.56 -6.12
C ASP B 327 -5.26 -26.00 -7.34
N LEU B 328 -5.17 -24.66 -7.41
CA LEU B 328 -4.58 -23.99 -8.58
C LEU B 328 -3.09 -24.22 -8.68
N ASP B 329 -2.49 -24.67 -7.59
CA ASP B 329 -1.07 -25.03 -7.64
C ASP B 329 -0.91 -26.36 -8.32
N ASN B 330 -2.03 -26.96 -8.68
CA ASN B 330 -2.04 -28.26 -9.29
C ASN B 330 -2.95 -28.32 -10.52
N THR B 331 -3.16 -27.17 -11.16
CA THR B 331 -4.04 -27.00 -12.28
C THR B 331 -3.24 -26.66 -13.56
N LEU B 332 -3.66 -27.20 -14.68
CA LEU B 332 -3.00 -26.87 -15.93
C LEU B 332 -3.94 -26.12 -16.89
N TYR B 333 -3.41 -25.08 -17.51
CA TYR B 333 -4.18 -24.35 -18.53
C TYR B 333 -3.92 -24.85 -19.94
N PHE B 334 -4.94 -25.45 -20.51
CA PHE B 334 -4.93 -25.87 -21.91
C PHE B 334 -5.64 -24.81 -22.79
N PHE B 335 -5.11 -24.48 -23.95
CA PHE B 335 -5.96 -23.63 -24.85
C PHE B 335 -5.95 -23.99 -26.31
N ILE B 336 -7.10 -23.85 -26.97
CA ILE B 336 -7.11 -23.68 -28.44
C ILE B 336 -7.58 -22.27 -28.70
N ALA B 337 -6.92 -21.62 -29.63
CA ALA B 337 -7.25 -20.25 -29.99
C ALA B 337 -7.17 -20.13 -31.52
N GLY B 338 -7.93 -19.20 -32.07
CA GLY B 338 -7.89 -18.90 -33.50
C GLY B 338 -9.26 -18.60 -34.07
N ARG B 339 -9.32 -18.57 -35.40
CA ARG B 339 -10.55 -18.39 -36.17
C ARG B 339 -11.57 -19.47 -35.83
N TYR B 340 -12.84 -19.12 -35.83
CA TYR B 340 -13.86 -20.09 -35.52
C TYR B 340 -14.09 -20.92 -36.76
N GLU B 341 -13.22 -21.90 -36.97
CA GLU B 341 -13.44 -22.91 -38.00
C GLU B 341 -13.48 -24.27 -37.34
N TYR B 342 -14.69 -24.67 -36.95
CA TYR B 342 -14.91 -25.84 -36.14
C TYR B 342 -14.10 -27.02 -36.62
N LYS B 343 -14.20 -27.31 -37.91
CA LYS B 343 -13.60 -28.52 -38.46
C LYS B 343 -12.15 -28.39 -38.89
N ASN B 344 -11.75 -27.23 -39.40
CA ASN B 344 -10.37 -27.07 -39.88
C ASN B 344 -9.39 -26.71 -38.81
N LYS B 345 -9.85 -26.04 -37.76
CA LYS B 345 -8.99 -25.81 -36.60
C LYS B 345 -9.05 -27.00 -35.68
N GLY B 346 -9.81 -28.01 -36.06
CA GLY B 346 -9.95 -29.19 -35.21
C GLY B 346 -10.48 -28.95 -33.80
N ALA B 347 -11.42 -28.03 -33.63
CA ALA B 347 -12.08 -27.83 -32.36
C ALA B 347 -12.89 -29.07 -31.98
N ASP B 348 -13.33 -29.81 -32.98
CA ASP B 348 -14.07 -31.03 -32.72
C ASP B 348 -13.20 -32.07 -31.97
N MET B 349 -12.00 -32.33 -32.48
CA MET B 349 -11.08 -33.26 -31.86
C MET B 349 -10.67 -32.81 -30.47
N PHE B 350 -10.50 -31.50 -30.33
CA PHE B 350 -10.06 -30.97 -29.09
C PHE B 350 -11.03 -31.40 -28.00
N ILE B 351 -12.32 -31.15 -28.24
CA ILE B 351 -13.33 -31.28 -27.23
C ILE B 351 -13.54 -32.78 -26.96
N GLU B 352 -13.65 -33.54 -28.04
CA GLU B 352 -13.79 -34.97 -27.95
C GLU B 352 -12.67 -35.54 -27.05
N ALA B 353 -11.45 -35.14 -27.34
CA ALA B 353 -10.27 -35.64 -26.68
C ALA B 353 -10.29 -35.28 -25.21
N LEU B 354 -10.87 -34.12 -24.90
CA LEU B 354 -10.85 -33.64 -23.55
C LEU B 354 -11.80 -34.48 -22.71
N ALA B 355 -12.97 -34.77 -23.29
CA ALA B 355 -13.96 -35.67 -22.72
C ALA B 355 -13.33 -37.01 -22.37
N ARG B 356 -12.52 -37.55 -23.26
CA ARG B 356 -11.80 -38.78 -22.99
C ARG B 356 -10.66 -38.58 -21.99
N LEU B 357 -10.18 -37.36 -21.87
CA LEU B 357 -9.02 -37.16 -21.05
C LEU B 357 -9.51 -37.18 -19.61
N ASN B 358 -10.74 -36.70 -19.46
CA ASN B 358 -11.41 -36.62 -18.19
C ASN B 358 -11.62 -38.01 -17.63
N TYR B 359 -12.14 -38.90 -18.47
CA TYR B 359 -12.26 -40.28 -18.10
C TYR B 359 -10.93 -40.87 -17.60
N ARG B 360 -9.86 -40.74 -18.36
CA ARG B 360 -8.56 -41.31 -17.94
C ARG B 360 -8.08 -40.76 -16.59
N LEU B 361 -8.39 -39.50 -16.33
CA LEU B 361 -7.87 -38.84 -15.16
C LEU B 361 -8.69 -39.19 -13.92
N LYS B 362 -10.00 -39.25 -14.07
CA LYS B 362 -10.87 -39.71 -13.01
C LYS B 362 -10.50 -41.14 -12.60
N VAL B 363 -10.44 -42.03 -13.59
CA VAL B 363 -10.06 -43.43 -13.41
C VAL B 363 -8.76 -43.67 -12.61
N SER B 364 -7.70 -42.94 -12.93
CA SER B 364 -6.43 -43.14 -12.25
C SER B 364 -6.37 -42.47 -10.87
N GLY B 365 -7.49 -41.93 -10.40
CA GLY B 365 -7.51 -41.18 -9.14
C GLY B 365 -6.53 -40.03 -9.04
N SER B 366 -6.24 -39.40 -10.18
CA SER B 366 -5.37 -38.23 -10.20
C SER B 366 -6.06 -37.05 -9.55
N LYS B 367 -5.28 -36.16 -8.94
CA LYS B 367 -5.80 -34.97 -8.27
C LYS B 367 -5.48 -33.70 -9.08
N LYS B 368 -4.88 -33.86 -10.25
CA LYS B 368 -4.58 -32.75 -11.15
C LYS B 368 -5.85 -32.20 -11.79
N THR B 369 -5.87 -30.95 -12.21
CA THR B 369 -7.04 -30.47 -12.96
C THR B 369 -6.65 -29.75 -14.23
N VAL B 370 -7.45 -29.95 -15.29
CA VAL B 370 -7.21 -29.20 -16.51
C VAL B 370 -8.31 -28.17 -16.75
N VAL B 371 -7.96 -26.91 -16.90
CA VAL B 371 -8.94 -25.91 -17.34
C VAL B 371 -8.69 -25.61 -18.84
N ALA B 372 -9.58 -26.07 -19.70
CA ALA B 372 -9.40 -25.85 -21.16
C ALA B 372 -10.08 -24.59 -21.69
N PHE B 373 -9.32 -23.65 -22.23
CA PHE B 373 -9.93 -22.46 -22.85
C PHE B 373 -10.13 -22.65 -24.32
N ILE B 374 -11.29 -22.22 -24.81
CA ILE B 374 -11.47 -22.08 -26.25
C ILE B 374 -11.60 -20.63 -26.62
N VAL B 375 -10.60 -20.10 -27.30
CA VAL B 375 -10.69 -18.68 -27.68
C VAL B 375 -10.96 -18.54 -29.19
N MET B 376 -12.23 -18.42 -29.55
CA MET B 376 -12.66 -18.29 -30.95
C MET B 376 -13.89 -17.40 -31.04
N PRO B 377 -13.83 -16.37 -31.89
CA PRO B 377 -14.88 -15.35 -32.02
C PRO B 377 -16.11 -15.95 -32.61
N ALA B 378 -17.27 -15.50 -32.15
CA ALA B 378 -18.56 -16.02 -32.56
C ALA B 378 -19.53 -14.90 -32.23
N LYS B 379 -20.71 -14.91 -32.82
CA LYS B 379 -21.56 -13.77 -32.62
C LYS B 379 -22.09 -13.84 -31.21
N ASN B 380 -21.83 -12.80 -30.46
CA ASN B 380 -22.27 -12.78 -29.08
C ASN B 380 -22.85 -11.45 -28.67
N ASN B 381 -23.56 -11.44 -27.53
CA ASN B 381 -24.09 -10.21 -26.98
C ASN B 381 -23.32 -9.73 -25.78
N SER B 382 -22.00 -9.82 -25.83
CA SER B 382 -21.12 -9.53 -24.67
C SER B 382 -21.26 -10.48 -23.43
N PHE B 383 -20.66 -10.10 -22.31
CA PHE B 383 -20.48 -11.02 -21.15
C PHE B 383 -21.77 -11.31 -20.38
N THR B 384 -22.04 -12.54 -20.03
CA THR B 384 -23.15 -12.76 -19.01
C THR B 384 -22.91 -12.05 -17.68
N VAL B 385 -23.98 -11.50 -17.13
CA VAL B 385 -24.02 -10.92 -15.81
C VAL B 385 -23.26 -11.82 -14.81
N GLU B 386 -23.64 -13.10 -14.73
CA GLU B 386 -22.79 -14.10 -14.11
C GLU B 386 -21.27 -13.89 -14.13
N ALA B 387 -20.70 -13.86 -15.33
CA ALA B 387 -19.26 -13.73 -15.50
C ALA B 387 -18.76 -12.47 -14.82
N LEU B 388 -19.56 -11.41 -14.81
CA LEU B 388 -19.13 -10.16 -14.21
C LEU B 388 -19.39 -10.08 -12.69
N LYS B 389 -20.56 -10.52 -12.25
CA LYS B 389 -20.86 -10.62 -10.85
C LYS B 389 -19.80 -11.42 -10.11
N GLY B 390 -19.40 -12.54 -10.68
CA GLY B 390 -18.45 -13.41 -10.00
C GLY B 390 -17.13 -12.73 -9.80
N GLN B 391 -16.63 -12.08 -10.84
CA GLN B 391 -15.37 -11.37 -10.79
C GLN B 391 -15.42 -10.26 -9.74
N ALA B 392 -16.56 -9.60 -9.61
CA ALA B 392 -16.71 -8.50 -8.66
C ALA B 392 -16.87 -9.00 -7.24
N GLU B 393 -17.49 -10.15 -7.09
CA GLU B 393 -17.67 -10.74 -5.76
C GLU B 393 -16.37 -11.22 -5.15
N VAL B 394 -15.50 -11.82 -5.95
CA VAL B 394 -14.16 -12.19 -5.50
C VAL B 394 -13.37 -10.97 -5.15
N ARG B 395 -13.53 -9.92 -5.93
CA ARG B 395 -12.86 -8.69 -5.63
C ARG B 395 -13.33 -8.22 -4.25
N ALA B 396 -14.63 -8.36 -3.98
CA ALA B 396 -15.18 -7.78 -2.77
C ALA B 396 -14.66 -8.60 -1.55
N LEU B 397 -14.49 -9.91 -1.73
CA LEU B 397 -13.73 -10.71 -0.79
C LEU B 397 -12.30 -10.22 -0.61
N GLU B 398 -11.56 -10.07 -1.71
CA GLU B 398 -10.16 -9.57 -1.63
C GLU B 398 -10.09 -8.30 -0.80
N ASN B 399 -10.85 -7.27 -1.19
CA ASN B 399 -10.85 -6.02 -0.43
C ASN B 399 -11.16 -6.15 1.07
N THR B 400 -12.16 -6.97 1.43
CA THR B 400 -12.49 -7.17 2.83
C THR B 400 -11.33 -7.80 3.60
N VAL B 401 -10.79 -8.87 3.05
CA VAL B 401 -9.64 -9.50 3.64
C VAL B 401 -8.52 -8.52 3.85
N HIS B 402 -8.33 -7.60 2.93
CA HIS B 402 -7.23 -6.68 3.06
C HIS B 402 -7.44 -5.75 4.25
N GLU B 403 -8.71 -5.38 4.49
CA GLU B 403 -9.08 -4.60 5.66
C GLU B 403 -8.76 -5.35 6.94
N VAL B 404 -9.30 -6.56 7.06
CA VAL B 404 -9.07 -7.42 8.21
C VAL B 404 -7.62 -7.64 8.57
N THR B 405 -6.79 -7.98 7.59
CA THR B 405 -5.36 -8.19 7.84
C THR B 405 -4.71 -6.93 8.41
N THR B 406 -5.21 -5.77 8.02
CA THR B 406 -4.68 -4.52 8.51
C THR B 406 -4.99 -4.42 10.01
N SER B 407 -6.23 -4.76 10.39
CA SER B 407 -6.61 -4.79 11.79
C SER B 407 -5.77 -5.83 12.50
N ILE B 408 -5.56 -6.98 11.85
CA ILE B 408 -4.75 -8.01 12.44
C ILE B 408 -3.35 -7.46 12.71
N GLY B 409 -2.75 -6.85 11.70
CA GLY B 409 -1.43 -6.23 11.82
C GLY B 409 -1.27 -5.33 13.03
N LYS B 410 -2.20 -4.39 13.21
CA LYS B 410 -2.29 -3.60 14.44
C LYS B 410 -2.10 -4.46 15.70
N ARG B 411 -2.97 -5.46 15.87
CA ARG B 411 -2.96 -6.35 17.03
C ARG B 411 -1.67 -7.15 17.25
N ILE B 412 -1.13 -7.71 16.17
CA ILE B 412 0.15 -8.40 16.26
C ILE B 412 1.17 -7.38 16.74
N PHE B 413 1.31 -6.31 15.99
CA PHE B 413 2.26 -5.26 16.34
C PHE B 413 2.20 -4.82 17.83
N ASP B 414 1.01 -4.51 18.30
CA ASP B 414 0.85 -4.12 19.69
C ASP B 414 1.39 -5.19 20.64
N HIS B 415 1.03 -6.44 20.39
CA HIS B 415 1.59 -7.52 21.16
C HIS B 415 3.11 -7.47 21.08
N ALA B 416 3.67 -7.50 19.87
CA ALA B 416 5.13 -7.58 19.68
C ALA B 416 5.91 -6.41 20.30
N ILE B 417 5.26 -5.27 20.42
CA ILE B 417 5.92 -4.07 20.94
C ILE B 417 5.85 -4.00 22.48
N ARG B 418 4.79 -4.54 23.09
CA ARG B 418 4.65 -4.37 24.53
C ARG B 418 5.09 -5.56 25.38
N TYR B 419 5.29 -6.71 24.74
CA TYR B 419 5.86 -7.87 25.41
C TYR B 419 7.23 -7.50 25.99
N PRO B 420 7.53 -7.92 27.24
CA PRO B 420 6.78 -8.86 28.08
C PRO B 420 5.81 -8.25 29.10
N HIS B 421 5.53 -6.96 28.99
CA HIS B 421 4.76 -6.25 29.99
C HIS B 421 3.25 -6.51 29.90
N ASN B 422 2.52 -5.91 30.84
CA ASN B 422 1.07 -6.08 30.95
C ASN B 422 0.63 -7.54 30.89
N GLY B 423 1.47 -8.43 31.38
CA GLY B 423 1.11 -9.84 31.51
C GLY B 423 1.15 -10.64 30.22
N LEU B 424 1.88 -10.13 29.23
CA LEU B 424 2.07 -10.88 28.00
C LEU B 424 3.21 -11.88 28.23
N THR B 425 2.83 -13.15 28.40
CA THR B 425 3.78 -14.21 28.71
C THR B 425 4.48 -14.76 27.45
N THR B 426 3.71 -14.87 26.37
CA THR B 426 4.22 -15.30 25.05
C THR B 426 4.70 -14.10 24.23
N GLU B 427 5.74 -14.29 23.43
CA GLU B 427 6.22 -13.28 22.45
C GLU B 427 5.16 -12.82 21.45
N LEU B 428 4.41 -13.78 20.91
CA LEU B 428 3.36 -13.52 19.91
C LEU B 428 2.00 -14.00 20.43
N PRO B 429 0.92 -13.54 19.78
CA PRO B 429 -0.39 -14.04 20.16
C PRO B 429 -0.46 -15.53 19.89
N THR B 430 -1.39 -16.21 20.51
CA THR B 430 -1.47 -17.65 20.35
C THR B 430 -2.91 -18.05 20.16
N ASP B 431 -3.80 -17.19 20.62
CA ASP B 431 -5.21 -17.39 20.34
C ASP B 431 -5.63 -16.46 19.18
N LEU B 432 -6.06 -17.05 18.08
CA LEU B 432 -6.70 -16.34 16.99
C LEU B 432 -7.64 -15.23 17.48
N GLY B 433 -8.30 -15.48 18.62
CA GLY B 433 -9.30 -14.57 19.18
C GLY B 433 -8.75 -13.21 19.53
N GLU B 434 -7.45 -13.16 19.82
CA GLU B 434 -6.78 -11.92 20.11
C GLU B 434 -6.65 -11.07 18.83
N LEU B 435 -6.64 -11.73 17.68
CA LEU B 435 -6.40 -11.07 16.40
C LEU B 435 -7.66 -10.84 15.55
N LEU B 436 -8.62 -11.74 15.67
CA LEU B 436 -9.82 -11.72 14.84
C LEU B 436 -11.05 -11.45 15.68
N LYS B 437 -11.57 -10.24 15.62
CA LYS B 437 -12.74 -9.83 16.41
C LYS B 437 -14.02 -10.19 15.69
N SER B 438 -15.13 -10.14 16.39
CA SER B 438 -16.36 -10.65 15.81
C SER B 438 -16.82 -9.84 14.59
N SER B 439 -16.52 -8.54 14.57
CA SER B 439 -16.98 -7.72 13.46
C SER B 439 -16.13 -8.05 12.21
N ASP B 440 -14.89 -8.47 12.42
CA ASP B 440 -14.06 -8.98 11.34
C ASP B 440 -14.71 -10.19 10.68
N LYS B 441 -15.06 -11.18 11.50
CA LYS B 441 -15.77 -12.40 11.12
C LYS B 441 -17.11 -12.14 10.42
N VAL B 442 -17.89 -11.21 10.96
CA VAL B 442 -19.22 -10.98 10.42
C VAL B 442 -19.09 -10.53 8.97
N MET B 443 -18.12 -9.65 8.74
CA MET B 443 -17.82 -9.10 7.45
C MET B 443 -17.41 -10.22 6.51
N LEU B 444 -16.38 -10.96 6.93
CA LEU B 444 -15.87 -12.04 6.11
C LEU B 444 -16.97 -13.02 5.77
N LYS B 445 -17.76 -13.41 6.78
CA LYS B 445 -18.86 -14.32 6.53
C LYS B 445 -19.81 -13.79 5.44
N ARG B 446 -19.92 -12.48 5.32
CA ARG B 446 -20.84 -11.85 4.37
C ARG B 446 -20.34 -11.96 2.94
N ARG B 447 -19.07 -11.61 2.70
CA ARG B 447 -18.41 -11.85 1.42
C ARG B 447 -18.56 -13.31 0.94
N ILE B 448 -18.43 -14.27 1.86
CA ILE B 448 -18.51 -15.70 1.53
C ILE B 448 -19.91 -16.06 1.03
N LEU B 449 -20.90 -15.48 1.66
CA LEU B 449 -22.29 -15.73 1.30
C LEU B 449 -22.63 -15.16 -0.09
N ALA B 450 -21.95 -14.08 -0.47
CA ALA B 450 -22.10 -13.50 -1.79
C ALA B 450 -21.66 -14.47 -2.91
N LEU B 451 -20.67 -15.31 -2.62
CA LEU B 451 -20.06 -16.17 -3.61
C LEU B 451 -20.77 -17.49 -3.77
N ARG B 452 -21.84 -17.68 -3.01
CA ARG B 452 -22.47 -18.96 -2.96
C ARG B 452 -23.31 -19.04 -4.21
N ARG B 453 -23.19 -20.12 -4.96
CA ARG B 453 -24.07 -20.36 -6.12
C ARG B 453 -25.37 -21.00 -5.66
N PRO B 454 -26.49 -20.67 -6.35
CA PRO B 454 -27.77 -21.34 -6.14
C PRO B 454 -27.67 -22.87 -6.17
N GLU B 455 -28.55 -23.53 -5.41
CA GLU B 455 -28.50 -24.98 -5.25
C GLU B 455 -28.38 -25.69 -6.61
N GLY B 456 -27.36 -26.56 -6.72
CA GLY B 456 -27.14 -27.38 -7.91
C GLY B 456 -26.66 -26.71 -9.21
N GLN B 457 -26.43 -25.40 -9.19
CA GLN B 457 -25.87 -24.68 -10.33
C GLN B 457 -24.35 -24.93 -10.52
N LEU B 458 -23.97 -25.49 -11.66
CA LEU B 458 -22.55 -25.70 -12.00
C LEU B 458 -21.99 -24.47 -12.70
N PRO B 459 -20.66 -24.26 -12.69
CA PRO B 459 -20.21 -23.04 -13.40
C PRO B 459 -20.31 -23.19 -14.94
N PRO B 460 -20.70 -22.11 -15.64
CA PRO B 460 -21.00 -22.13 -17.08
C PRO B 460 -19.84 -22.59 -17.97
N ILE B 461 -20.16 -23.08 -19.14
CA ILE B 461 -19.12 -23.47 -20.12
C ILE B 461 -18.75 -22.33 -21.08
N VAL B 462 -19.32 -21.16 -20.85
CA VAL B 462 -19.16 -20.04 -21.75
C VAL B 462 -19.35 -18.77 -20.95
N THR B 463 -18.59 -17.76 -21.33
CA THR B 463 -18.60 -16.50 -20.65
C THR B 463 -19.36 -15.42 -21.36
N HIS B 464 -20.28 -15.76 -22.26
CA HIS B 464 -20.98 -14.73 -23.03
C HIS B 464 -22.32 -15.20 -23.36
N ASN B 465 -23.22 -14.25 -23.55
CA ASN B 465 -24.48 -14.49 -24.15
C ASN B 465 -24.28 -14.62 -25.65
N MET B 466 -24.74 -15.74 -26.20
CA MET B 466 -24.48 -16.05 -27.61
C MET B 466 -25.65 -15.67 -28.52
N VAL B 467 -25.35 -15.15 -29.71
CA VAL B 467 -26.43 -14.86 -30.68
C VAL B 467 -27.23 -16.12 -31.04
N ASP B 468 -26.58 -17.23 -31.37
CA ASP B 468 -27.34 -18.43 -31.66
C ASP B 468 -26.84 -19.65 -30.85
N ASP B 469 -27.12 -19.65 -29.53
CA ASP B 469 -26.61 -20.65 -28.57
C ASP B 469 -26.92 -22.07 -29.03
N ALA B 470 -28.20 -22.31 -29.36
CA ALA B 470 -28.69 -23.64 -29.76
C ALA B 470 -28.01 -24.20 -30.98
N ASN B 471 -27.45 -23.35 -31.82
CA ASN B 471 -26.88 -23.90 -33.06
C ASN B 471 -25.37 -23.85 -33.13
N ASP B 472 -24.76 -23.29 -32.10
CA ASP B 472 -23.33 -23.15 -32.06
C ASP B 472 -22.63 -24.51 -32.04
N LEU B 473 -21.72 -24.73 -32.98
CA LEU B 473 -21.03 -26.02 -33.09
C LEU B 473 -20.31 -26.43 -31.80
N ILE B 474 -19.55 -25.51 -31.24
CA ILE B 474 -18.73 -25.76 -30.10
C ILE B 474 -19.53 -26.10 -28.81
N LEU B 475 -20.49 -25.25 -28.49
CA LEU B 475 -21.34 -25.47 -27.37
C LEU B 475 -22.08 -26.80 -27.53
N ASN B 476 -22.58 -27.07 -28.72
CA ASN B 476 -23.28 -28.34 -28.95
C ASN B 476 -22.36 -29.52 -28.66
N LYS B 477 -21.09 -29.38 -29.04
CA LYS B 477 -20.16 -30.48 -28.88
C LYS B 477 -19.87 -30.62 -27.39
N ILE B 478 -19.72 -29.50 -26.68
CA ILE B 478 -19.41 -29.54 -25.26
C ILE B 478 -20.55 -30.23 -24.50
N ARG B 479 -21.77 -30.00 -24.97
CA ARG B 479 -22.97 -30.57 -24.34
C ARG B 479 -23.18 -32.02 -24.76
N GLN B 480 -22.73 -32.37 -25.96
CA GLN B 480 -22.85 -33.74 -26.40
C GLN B 480 -21.91 -34.65 -25.60
N VAL B 481 -20.68 -34.20 -25.38
CA VAL B 481 -19.71 -34.98 -24.59
C VAL B 481 -19.84 -34.75 -23.09
N GLN B 482 -20.80 -33.91 -22.70
CA GLN B 482 -21.16 -33.69 -21.30
C GLN B 482 -20.07 -33.20 -20.34
N LEU B 483 -19.18 -32.33 -20.83
CA LEU B 483 -18.27 -31.56 -19.96
C LEU B 483 -18.93 -30.30 -19.39
N PHE B 484 -19.60 -30.44 -18.23
CA PHE B 484 -20.36 -29.35 -17.66
C PHE B 484 -19.72 -28.76 -16.44
N ASN B 485 -18.44 -29.07 -16.23
CA ASN B 485 -17.72 -28.49 -15.11
C ASN B 485 -18.29 -28.94 -13.78
N SER B 486 -18.67 -30.21 -13.66
CA SER B 486 -19.08 -30.64 -12.33
C SER B 486 -17.86 -30.95 -11.43
N PRO B 487 -18.05 -30.86 -10.12
CA PRO B 487 -16.94 -31.12 -9.19
C PRO B 487 -16.20 -32.42 -9.48
N SER B 488 -16.90 -33.48 -9.81
CA SER B 488 -16.19 -34.70 -10.15
C SER B 488 -15.32 -34.68 -11.41
N ASP B 489 -15.67 -33.85 -12.43
CA ASP B 489 -14.88 -33.66 -13.72
C ASP B 489 -13.52 -33.10 -13.46
N ARG B 490 -12.48 -33.82 -13.81
CA ARG B 490 -11.13 -33.26 -13.69
C ARG B 490 -10.70 -32.37 -14.88
N VAL B 491 -11.36 -32.50 -16.04
CA VAL B 491 -11.18 -31.50 -17.10
C VAL B 491 -12.32 -30.51 -16.94
N LYS B 492 -12.04 -29.22 -17.06
CA LYS B 492 -13.06 -28.16 -17.11
C LYS B 492 -13.11 -27.44 -18.46
N MET B 493 -14.30 -27.06 -18.88
CA MET B 493 -14.48 -26.33 -20.12
C MET B 493 -14.89 -24.88 -19.93
N ILE B 494 -14.05 -23.98 -20.43
CA ILE B 494 -14.46 -22.60 -20.64
C ILE B 494 -14.32 -22.11 -22.08
N PHE B 495 -15.46 -21.83 -22.71
CA PHE B 495 -15.52 -21.15 -24.05
C PHE B 495 -15.61 -19.63 -23.93
N HIS B 496 -14.69 -18.91 -24.58
CA HIS B 496 -14.62 -17.44 -24.54
C HIS B 496 -14.77 -16.88 -25.96
N PRO B 497 -16.02 -16.70 -26.44
CA PRO B 497 -16.23 -16.52 -27.88
C PRO B 497 -15.84 -15.16 -28.44
N GLU B 498 -14.71 -14.61 -27.98
CA GLU B 498 -14.20 -13.28 -28.30
C GLU B 498 -12.67 -13.32 -28.21
N PHE B 499 -11.97 -12.52 -29.00
CA PHE B 499 -10.52 -12.49 -28.93
C PHE B 499 -10.11 -11.82 -27.63
N LEU B 500 -9.00 -12.25 -27.06
CA LEU B 500 -8.51 -11.68 -25.83
C LEU B 500 -8.02 -10.29 -25.99
N ASN B 501 -8.10 -9.54 -24.90
CA ASN B 501 -7.78 -8.13 -24.91
C ASN B 501 -7.63 -7.65 -23.47
N ALA B 502 -6.49 -7.04 -23.17
CA ALA B 502 -6.25 -6.36 -21.90
C ALA B 502 -7.40 -5.50 -21.38
N ASN B 503 -8.38 -5.20 -22.22
CA ASN B 503 -9.47 -4.32 -21.81
C ASN B 503 -10.68 -5.13 -21.35
N ASN B 504 -10.62 -6.43 -21.58
CA ASN B 504 -11.61 -7.40 -21.13
C ASN B 504 -11.87 -7.19 -19.62
N PRO B 505 -13.13 -6.99 -19.24
CA PRO B 505 -13.41 -6.74 -17.85
C PRO B 505 -13.21 -7.95 -16.94
N ILE B 506 -13.24 -9.16 -17.51
CA ILE B 506 -13.08 -10.39 -16.70
C ILE B 506 -11.74 -11.13 -16.83
N LEU B 507 -11.03 -10.94 -17.95
CA LEU B 507 -9.77 -11.64 -18.17
C LEU B 507 -8.78 -10.68 -18.76
N GLY B 508 -8.44 -9.65 -18.00
CA GLY B 508 -7.72 -8.51 -18.58
C GLY B 508 -6.34 -8.76 -19.14
N LEU B 509 -6.19 -9.84 -19.89
CA LEU B 509 -4.92 -10.18 -20.52
C LEU B 509 -4.98 -9.93 -22.05
N ASP B 510 -3.96 -9.33 -22.68
CA ASP B 510 -3.85 -9.45 -24.18
C ASP B 510 -3.55 -10.90 -24.47
N TYR B 511 -3.65 -11.29 -25.73
CA TYR B 511 -3.51 -12.68 -26.17
C TYR B 511 -2.14 -13.24 -25.84
N ASP B 512 -1.11 -12.47 -26.15
CA ASP B 512 0.24 -13.00 -26.05
C ASP B 512 0.55 -13.18 -24.59
N GLU B 513 0.04 -12.29 -23.75
CA GLU B 513 0.15 -12.44 -22.31
C GLU B 513 -0.51 -13.74 -21.93
N PHE B 514 -1.77 -13.91 -22.31
CA PHE B 514 -2.50 -15.11 -21.95
C PHE B 514 -1.75 -16.41 -22.31
N VAL B 515 -1.21 -16.46 -23.52
CA VAL B 515 -0.52 -17.63 -23.99
C VAL B 515 0.61 -17.95 -23.06
N ARG B 516 1.35 -16.92 -22.65
CA ARG B 516 2.47 -17.08 -21.75
C ARG B 516 2.04 -17.70 -20.40
N GLY B 517 0.83 -17.38 -19.95
CA GLY B 517 0.37 -17.87 -18.67
C GLY B 517 -0.15 -19.28 -18.72
N CYS B 518 -0.31 -19.85 -19.92
CA CYS B 518 -0.91 -21.17 -20.08
C CYS B 518 0.15 -22.25 -20.03
N HIS B 519 -0.24 -23.51 -20.09
CA HIS B 519 0.76 -24.55 -20.01
C HIS B 519 0.92 -25.27 -21.32
N LEU B 520 -0.17 -25.40 -22.04
CA LEU B 520 -0.16 -26.19 -23.24
C LEU B 520 -1.12 -25.61 -24.29
N GLY B 521 -0.58 -25.35 -25.47
CA GLY B 521 -1.39 -25.00 -26.63
C GLY B 521 -1.84 -26.26 -27.35
N VAL B 522 -3.07 -26.27 -27.83
CA VAL B 522 -3.55 -27.50 -28.45
C VAL B 522 -4.28 -27.26 -29.74
N PHE B 523 -3.62 -27.53 -30.84
CA PHE B 523 -4.11 -27.03 -32.12
C PHE B 523 -4.25 -28.15 -33.11
N PRO B 524 -5.24 -29.04 -32.89
CA PRO B 524 -5.23 -30.26 -33.69
C PRO B 524 -5.84 -29.99 -35.09
N SER B 525 -5.18 -29.09 -35.85
CA SER B 525 -5.65 -28.61 -37.18
C SER B 525 -5.83 -29.66 -38.26
N TYR B 526 -6.87 -29.50 -39.09
CA TYR B 526 -7.03 -30.32 -40.32
C TYR B 526 -6.57 -29.58 -41.56
N TYR B 527 -6.90 -28.30 -41.65
CA TYR B 527 -6.49 -27.52 -42.81
C TYR B 527 -5.86 -26.22 -42.37
N GLU B 528 -4.56 -26.13 -42.58
CA GLU B 528 -3.75 -25.06 -42.02
C GLU B 528 -2.42 -25.02 -42.77
N PRO B 529 -2.37 -24.27 -43.88
CA PRO B 529 -1.13 -24.18 -44.67
C PRO B 529 0.11 -23.70 -43.91
N TRP B 530 -0.05 -22.77 -42.98
CA TRP B 530 1.03 -22.50 -42.02
C TRP B 530 0.71 -22.67 -40.53
N GLY B 531 -0.23 -21.92 -39.99
CA GLY B 531 -0.40 -22.03 -38.55
C GLY B 531 0.61 -21.19 -37.78
N TYR B 532 0.25 -19.93 -37.64
CA TYR B 532 1.00 -18.99 -36.90
C TYR B 532 0.79 -19.24 -35.41
N THR B 533 -0.33 -19.88 -35.09
CA THR B 533 -0.76 -20.09 -33.73
C THR B 533 0.26 -20.95 -32.93
N PRO B 534 0.58 -22.18 -33.37
CA PRO B 534 1.57 -22.91 -32.57
C PRO B 534 2.96 -22.30 -32.63
N ALA B 535 3.25 -21.52 -33.67
CA ALA B 535 4.56 -20.94 -33.76
C ALA B 535 4.71 -19.86 -32.70
N GLU B 536 3.68 -19.02 -32.60
CA GLU B 536 3.71 -17.91 -31.67
C GLU B 536 3.92 -18.51 -30.30
N CYS B 537 3.19 -19.58 -30.06
CA CYS B 537 3.27 -20.37 -28.87
C CYS B 537 4.73 -20.81 -28.67
N THR B 538 5.26 -21.64 -29.55
CA THR B 538 6.66 -22.02 -29.44
C THR B 538 7.62 -20.88 -29.05
N VAL B 539 7.39 -19.69 -29.58
CA VAL B 539 8.29 -18.56 -29.37
C VAL B 539 8.20 -18.03 -27.95
N MET B 540 7.00 -18.09 -27.39
CA MET B 540 6.73 -17.77 -25.99
C MET B 540 7.12 -18.94 -25.07
N GLY B 541 7.72 -19.98 -25.63
CA GLY B 541 8.15 -21.12 -24.88
C GLY B 541 7.03 -21.91 -24.24
N VAL B 542 5.90 -21.99 -24.93
CA VAL B 542 4.79 -22.80 -24.49
C VAL B 542 4.70 -24.05 -25.37
N PRO B 543 4.59 -25.23 -24.75
CA PRO B 543 4.49 -26.46 -25.49
C PRO B 543 3.17 -26.51 -26.25
N SER B 544 3.14 -27.24 -27.35
CA SER B 544 1.95 -27.23 -28.19
C SER B 544 1.80 -28.51 -28.95
N ILE B 545 0.55 -28.83 -29.22
CA ILE B 545 0.24 -30.02 -29.93
C ILE B 545 -0.21 -29.55 -31.32
N THR B 546 0.31 -30.20 -32.33
CA THR B 546 -0.02 -29.78 -33.67
C THR B 546 -0.33 -31.04 -34.44
N THR B 547 -0.54 -30.89 -35.74
CA THR B 547 -0.80 -32.04 -36.59
C THR B 547 0.17 -32.06 -37.76
N ASN B 548 0.32 -33.22 -38.37
CA ASN B 548 1.16 -33.35 -39.56
C ASN B 548 0.53 -32.87 -40.84
N VAL B 549 -0.70 -32.38 -40.78
CA VAL B 549 -1.31 -31.76 -41.95
C VAL B 549 -1.31 -30.23 -41.80
N SER B 550 -0.59 -29.76 -40.80
CA SER B 550 -0.45 -28.36 -40.55
C SER B 550 0.92 -27.94 -41.06
N GLY B 551 1.01 -26.77 -41.68
CA GLY B 551 2.27 -26.32 -42.21
C GLY B 551 3.38 -26.34 -41.20
N PHE B 552 3.08 -25.83 -40.01
CA PHE B 552 4.05 -25.77 -38.91
C PHE B 552 4.42 -27.18 -38.45
N GLY B 553 3.42 -28.02 -38.28
CA GLY B 553 3.66 -29.35 -37.77
C GLY B 553 4.54 -30.14 -38.69
N SER B 554 4.32 -29.92 -39.99
CA SER B 554 5.02 -30.64 -41.06
C SER B 554 6.44 -30.11 -41.15
N TYR B 555 6.62 -28.83 -40.84
CA TYR B 555 7.93 -28.23 -40.89
C TYR B 555 8.75 -28.73 -39.73
N MET B 556 8.11 -28.79 -38.56
CA MET B 556 8.73 -29.25 -37.33
C MET B 556 9.10 -30.72 -37.45
N GLU B 557 8.19 -31.51 -37.99
CA GLU B 557 8.39 -32.94 -38.21
C GLU B 557 9.74 -33.29 -38.84
N ASP B 558 10.17 -32.49 -39.82
CA ASP B 558 11.40 -32.75 -40.55
C ASP B 558 12.60 -32.29 -39.78
N LEU B 559 12.42 -31.29 -38.95
CA LEU B 559 13.51 -30.75 -38.17
C LEU B 559 13.94 -31.59 -36.97
N ILE B 560 13.10 -32.52 -36.52
CA ILE B 560 13.36 -33.25 -35.29
C ILE B 560 12.85 -34.68 -35.35
N GLU B 561 13.61 -35.60 -34.75
CA GLU B 561 13.18 -36.98 -34.57
C GLU B 561 12.01 -37.00 -33.57
N THR B 562 11.03 -37.86 -33.83
CA THR B 562 9.71 -37.78 -33.16
C THR B 562 9.73 -37.86 -31.64
N ASN B 563 10.47 -38.81 -31.08
CA ASN B 563 10.58 -38.93 -29.62
C ASN B 563 11.29 -37.75 -28.98
N GLN B 564 12.28 -37.19 -29.70
CA GLN B 564 12.98 -35.98 -29.24
C GLN B 564 12.06 -34.76 -29.12
N ALA B 565 11.21 -34.57 -30.15
CA ALA B 565 10.29 -33.46 -30.24
C ALA B 565 9.42 -33.24 -29.00
N LYS B 566 8.84 -34.31 -28.46
CA LYS B 566 8.10 -34.24 -27.19
C LYS B 566 8.89 -33.56 -26.07
N ASP B 567 10.19 -33.82 -26.01
CA ASP B 567 11.03 -33.21 -24.99
C ASP B 567 11.26 -31.73 -25.26
N TYR B 568 11.06 -31.30 -26.51
CA TYR B 568 11.11 -29.86 -26.79
C TYR B 568 9.73 -29.22 -26.74
N GLY B 569 8.72 -29.97 -26.31
CA GLY B 569 7.35 -29.46 -26.18
C GLY B 569 6.53 -29.36 -27.46
N ILE B 570 7.08 -29.88 -28.56
CA ILE B 570 6.33 -30.01 -29.80
C ILE B 570 5.77 -31.42 -29.86
N TYR B 571 4.44 -31.55 -29.82
CA TYR B 571 3.80 -32.84 -30.06
C TYR B 571 3.06 -32.76 -31.42
N ILE B 572 3.19 -33.80 -32.22
CA ILE B 572 2.65 -33.80 -33.59
C ILE B 572 1.73 -34.99 -33.75
N VAL B 573 0.48 -34.73 -34.09
CA VAL B 573 -0.55 -35.77 -34.17
C VAL B 573 -0.74 -36.11 -35.64
N ASP B 574 -0.82 -37.40 -35.92
CA ASP B 574 -0.92 -37.92 -37.28
C ASP B 574 -2.36 -37.88 -37.73
N ARG B 575 -2.65 -36.95 -38.63
CA ARG B 575 -3.99 -36.74 -39.17
C ARG B 575 -4.00 -37.11 -40.64
N ARG B 576 -2.92 -37.71 -41.11
CA ARG B 576 -2.76 -37.99 -42.53
C ARG B 576 -2.82 -39.48 -42.84
N PHE B 577 -2.18 -40.30 -42.01
CA PHE B 577 -2.22 -41.76 -42.19
C PHE B 577 -2.89 -42.48 -41.01
N LYS B 578 -4.01 -41.94 -40.52
CA LYS B 578 -4.70 -42.52 -39.37
C LYS B 578 -6.19 -42.23 -39.44
N ALA B 579 -7.00 -43.19 -38.99
CA ALA B 579 -8.45 -42.95 -38.89
C ALA B 579 -8.70 -41.88 -37.85
N PRO B 580 -9.75 -41.05 -38.07
CA PRO B 580 -9.99 -39.96 -37.14
C PRO B 580 -10.00 -40.43 -35.68
N ASP B 581 -10.57 -41.60 -35.41
CA ASP B 581 -10.55 -42.13 -34.07
C ASP B 581 -9.17 -42.48 -33.56
N GLU B 582 -8.31 -43.03 -34.42
CA GLU B 582 -6.91 -43.22 -34.01
C GLU B 582 -6.23 -41.89 -33.69
N SER B 583 -6.35 -40.95 -34.62
CA SER B 583 -5.94 -39.55 -34.45
C SER B 583 -6.38 -38.91 -33.13
N VAL B 584 -7.65 -39.11 -32.73
CA VAL B 584 -8.14 -38.65 -31.44
C VAL B 584 -7.39 -39.31 -30.27
N GLU B 585 -7.35 -40.65 -30.26
CA GLU B 585 -6.64 -41.41 -29.21
C GLU B 585 -5.19 -40.98 -29.01
N GLN B 586 -4.53 -40.58 -30.08
CA GLN B 586 -3.14 -40.12 -29.98
C GLN B 586 -3.13 -38.81 -29.23
N LEU B 587 -4.08 -37.94 -29.60
CA LEU B 587 -4.24 -36.66 -28.97
C LEU B 587 -4.42 -36.84 -27.45
N VAL B 588 -5.22 -37.81 -27.04
CA VAL B 588 -5.42 -38.01 -25.62
C VAL B 588 -4.16 -38.48 -24.93
N ASP B 589 -3.46 -39.45 -25.52
CA ASP B 589 -2.14 -39.87 -25.03
C ASP B 589 -1.20 -38.71 -24.73
N TYR B 590 -1.04 -37.82 -25.70
CA TYR B 590 -0.13 -36.67 -25.56
C TYR B 590 -0.59 -35.74 -24.45
N MET B 591 -1.87 -35.48 -24.39
CA MET B 591 -2.40 -34.66 -23.34
C MET B 591 -2.19 -35.35 -21.98
N GLU B 592 -2.43 -36.65 -21.96
CA GLU B 592 -2.29 -37.34 -20.71
C GLU B 592 -0.81 -37.49 -20.33
N GLU B 593 0.04 -37.59 -21.35
CA GLU B 593 1.48 -37.68 -21.14
C GLU B 593 1.88 -36.42 -20.38
N PHE B 594 1.41 -35.28 -20.89
CA PHE B 594 1.72 -33.98 -20.35
C PHE B 594 1.22 -33.72 -18.92
N VAL B 595 0.00 -34.11 -18.59
CA VAL B 595 -0.55 -33.94 -17.23
C VAL B 595 0.29 -34.66 -16.16
N LYS B 596 0.92 -35.75 -16.54
CA LYS B 596 1.64 -36.53 -15.59
C LYS B 596 2.96 -35.90 -15.23
N LYS B 597 3.46 -34.99 -16.08
CA LYS B 597 4.69 -34.26 -15.77
C LYS B 597 4.59 -33.52 -14.46
N THR B 598 5.69 -33.49 -13.72
CA THR B 598 5.83 -32.68 -12.52
C THR B 598 6.24 -31.27 -12.90
N ARG B 599 6.14 -30.35 -11.95
CA ARG B 599 6.53 -28.97 -12.19
C ARG B 599 7.92 -28.88 -12.78
N ARG B 600 8.87 -29.57 -12.16
CA ARG B 600 10.28 -29.54 -12.56
C ARG B 600 10.36 -29.98 -14.01
N GLN B 601 9.61 -31.03 -14.34
CA GLN B 601 9.60 -31.51 -15.68
C GLN B 601 9.06 -30.46 -16.68
N ARG B 602 7.96 -29.80 -16.33
CA ARG B 602 7.37 -28.80 -17.20
C ARG B 602 8.31 -27.63 -17.38
N ILE B 603 8.95 -27.21 -16.29
CA ILE B 603 9.88 -26.11 -16.39
C ILE B 603 11.00 -26.35 -17.40
N ASN B 604 11.51 -27.57 -17.45
CA ASN B 604 12.62 -27.87 -18.32
C ASN B 604 12.16 -27.94 -19.74
N GLN B 605 10.98 -28.54 -19.90
CA GLN B 605 10.37 -28.62 -21.19
C GLN B 605 10.21 -27.20 -21.76
N ARG B 606 9.78 -26.24 -20.93
CA ARG B 606 9.58 -24.91 -21.43
C ARG B 606 10.92 -24.29 -21.84
N ASN B 607 11.95 -24.53 -21.01
CA ASN B 607 13.29 -24.11 -21.35
C ASN B 607 13.74 -24.68 -22.70
N ALA B 608 13.35 -25.91 -22.98
CA ALA B 608 13.72 -26.55 -24.23
C ALA B 608 12.94 -25.89 -25.36
N THR B 609 11.61 -25.83 -25.19
CA THR B 609 10.75 -25.14 -26.12
C THR B 609 11.25 -23.74 -26.45
N GLU B 610 11.55 -22.96 -25.40
CA GLU B 610 12.07 -21.62 -25.59
C GLU B 610 13.33 -21.65 -26.46
N ALA B 611 14.20 -22.67 -26.27
CA ALA B 611 15.42 -22.81 -27.08
C ALA B 611 15.22 -23.01 -28.60
N LEU B 612 14.11 -23.64 -28.99
CA LEU B 612 13.76 -23.77 -30.41
C LEU B 612 13.39 -22.43 -30.98
N SER B 613 12.97 -21.51 -30.12
CA SER B 613 12.45 -20.26 -30.63
C SER B 613 13.33 -19.70 -31.76
N ASP B 614 14.65 -19.83 -31.63
CA ASP B 614 15.58 -19.33 -32.65
C ASP B 614 15.28 -19.82 -34.05
N LEU B 615 15.06 -21.12 -34.19
CA LEU B 615 14.80 -21.74 -35.49
C LEU B 615 13.56 -21.20 -36.23
N LEU B 616 12.75 -20.39 -35.55
CA LEU B 616 11.53 -19.86 -36.14
C LEU B 616 11.77 -18.40 -36.42
N ASP B 617 12.94 -17.93 -36.04
CA ASP B 617 13.29 -16.55 -36.25
C ASP B 617 13.75 -16.34 -37.70
N TRP B 618 13.37 -15.20 -38.23
CA TRP B 618 13.76 -14.79 -39.57
C TRP B 618 15.27 -14.92 -39.90
N LYS B 619 16.14 -14.63 -38.93
CA LYS B 619 17.59 -14.87 -39.09
C LYS B 619 17.89 -16.27 -39.64
N ARG B 620 16.97 -17.20 -39.46
CA ARG B 620 17.20 -18.58 -39.92
C ARG B 620 16.29 -19.00 -41.07
N MET B 621 15.04 -18.54 -41.04
CA MET B 621 14.07 -18.87 -42.08
C MET B 621 14.33 -18.01 -43.31
N GLY B 622 15.00 -16.88 -43.09
CA GLY B 622 15.32 -15.95 -44.18
C GLY B 622 16.21 -16.55 -45.25
N LEU B 623 17.00 -17.55 -44.84
CA LEU B 623 17.87 -18.27 -45.73
C LEU B 623 17.06 -18.93 -46.83
N GLU B 624 15.97 -19.58 -46.47
CA GLU B 624 15.12 -20.22 -47.46
C GLU B 624 14.70 -19.22 -48.53
N TYR B 625 14.36 -18.01 -48.10
CA TYR B 625 14.07 -16.96 -49.06
C TYR B 625 15.28 -16.71 -49.96
N VAL B 626 16.47 -16.73 -49.37
CA VAL B 626 17.73 -16.54 -50.10
C VAL B 626 17.88 -17.65 -51.14
N LYS B 627 17.90 -18.90 -50.68
CA LYS B 627 17.98 -20.09 -51.55
C LYS B 627 17.03 -20.03 -52.75
N ALA B 628 15.88 -19.39 -52.57
CA ALA B 628 14.85 -19.31 -53.60
C ALA B 628 15.13 -18.17 -54.58
N ARG B 629 15.61 -17.06 -54.04
CA ARG B 629 16.06 -15.95 -54.88
C ARG B 629 17.30 -16.33 -55.68
N GLN B 630 18.10 -17.26 -55.14
CA GLN B 630 19.25 -17.78 -55.85
C GLN B 630 18.83 -18.70 -56.99
N LEU B 631 18.06 -19.73 -56.65
CA LEU B 631 17.55 -20.67 -57.65
C LEU B 631 16.92 -19.94 -58.82
N ALA B 632 16.29 -18.80 -58.55
CA ALA B 632 15.73 -17.98 -59.61
C ALA B 632 16.82 -17.52 -60.56
N LEU B 633 17.94 -17.05 -60.01
CA LEU B 633 19.05 -16.53 -60.82
C LEU B 633 19.79 -17.61 -61.59
N ARG B 634 20.14 -18.71 -60.91
CA ARG B 634 20.76 -19.88 -61.54
C ARG B 634 19.92 -20.46 -62.68
N ARG B 635 18.61 -20.14 -62.68
CA ARG B 635 17.70 -20.57 -63.73
C ARG B 635 17.57 -19.56 -64.85
N GLY B 636 17.59 -18.28 -64.51
CA GLY B 636 17.49 -17.23 -65.51
C GLY B 636 18.75 -17.12 -66.34
N TYR B 637 19.90 -17.12 -65.66
CA TYR B 637 21.19 -16.92 -66.28
C TYR B 637 22.16 -18.02 -65.84
N PRO B 638 21.95 -19.27 -66.30
CA PRO B 638 22.79 -20.39 -65.82
C PRO B 638 24.26 -20.24 -66.25
N ASP B 639 24.48 -19.57 -67.39
CA ASP B 639 25.82 -19.30 -67.89
C ASP B 639 26.61 -18.43 -66.94
N GLN B 640 26.12 -17.21 -66.72
CA GLN B 640 26.74 -16.27 -65.78
C GLN B 640 26.89 -16.86 -64.38
N PHE B 641 25.89 -17.64 -63.96
CA PHE B 641 25.90 -18.30 -62.65
C PHE B 641 27.00 -19.35 -62.55
N ARG B 642 27.01 -20.27 -63.50
CA ARG B 642 28.05 -21.31 -63.58
C ARG B 642 29.45 -20.73 -63.40
N GLU B 643 29.74 -19.67 -64.14
CA GLU B 643 31.08 -19.08 -64.15
C GLU B 643 31.40 -18.31 -62.86
N LEU B 644 30.37 -17.72 -62.26
CA LEU B 644 30.54 -17.00 -60.99
C LEU B 644 30.52 -17.93 -59.77
N VAL B 645 30.90 -19.21 -59.97
CA VAL B 645 31.01 -20.19 -58.90
C VAL B 645 32.27 -21.04 -59.09
N GLY B 646 32.18 -22.00 -60.00
CA GLY B 646 33.23 -22.99 -60.24
C GLY B 646 32.73 -24.08 -61.17
N GLU B 647 31.42 -24.36 -61.08
CA GLU B 647 30.75 -25.32 -61.95
C GLU B 647 29.24 -25.04 -61.94
N GLU B 648 28.49 -25.74 -62.80
CA GLU B 648 27.03 -25.69 -62.71
C GLU B 648 26.53 -26.74 -61.72
N LEU B 649 25.76 -26.25 -60.74
CA LEU B 649 25.23 -27.08 -59.66
C LEU B 649 23.79 -27.48 -59.94
N ASN B 650 23.41 -28.66 -59.42
CA ASN B 650 22.05 -29.19 -59.52
C ASN B 650 20.98 -28.12 -59.23
N ASP B 651 19.96 -28.02 -60.10
CA ASP B 651 18.96 -26.96 -59.97
C ASP B 651 17.48 -27.39 -60.11
N SER B 652 17.18 -28.62 -59.70
CA SER B 652 15.79 -29.08 -59.62
C SER B 652 15.16 -28.81 -58.24
N ASN B 653 16.01 -28.47 -57.25
CA ASN B 653 15.57 -28.06 -55.91
C ASN B 653 16.28 -26.78 -55.47
N MET B 654 15.76 -26.16 -54.41
CA MET B 654 16.50 -25.13 -53.66
C MET B 654 17.46 -25.85 -52.73
N ASP B 655 17.15 -27.13 -52.49
CA ASP B 655 17.95 -28.00 -51.63
C ASP B 655 19.22 -28.47 -52.34
N ALA B 656 19.06 -28.92 -53.59
CA ALA B 656 20.17 -29.41 -54.40
C ALA B 656 21.11 -28.30 -54.90
N LEU B 657 20.66 -27.06 -54.83
CA LEU B 657 21.49 -25.92 -55.22
C LEU B 657 22.47 -25.45 -54.14
N ALA B 658 22.10 -25.61 -52.87
CA ALA B 658 22.94 -25.16 -51.76
C ALA B 658 23.06 -26.24 -50.67
N SER C 21 34.62 -59.15 20.35
CA SER C 21 33.20 -59.23 19.90
C SER C 21 32.43 -57.92 20.10
N ARG C 22 32.78 -56.94 19.27
CA ARG C 22 32.03 -55.70 19.17
C ARG C 22 31.56 -55.55 17.73
N ASP C 23 30.33 -55.07 17.56
CA ASP C 23 29.77 -54.89 16.22
C ASP C 23 30.36 -53.65 15.51
N LEU C 24 30.91 -53.86 14.32
CA LEU C 24 31.55 -52.77 13.57
C LEU C 24 30.58 -51.96 12.70
N GLN C 25 29.58 -52.64 12.14
CA GLN C 25 28.55 -51.98 11.34
C GLN C 25 27.60 -51.17 12.21
N ASN C 26 26.91 -51.84 13.13
CA ASN C 26 26.12 -51.17 14.18
C ASN C 26 27.05 -50.60 15.23
N HIS C 27 27.31 -49.30 15.16
CA HIS C 27 28.24 -48.65 16.05
C HIS C 27 27.85 -47.22 16.43
N LEU C 28 28.69 -46.56 17.22
CA LEU C 28 28.36 -45.26 17.77
C LEU C 28 29.39 -44.24 17.35
N LEU C 29 28.95 -42.99 17.21
CA LEU C 29 29.87 -41.91 16.89
C LEU C 29 29.74 -40.73 17.87
N PHE C 30 30.87 -40.37 18.47
CA PHE C 30 30.93 -39.25 19.39
C PHE C 30 31.85 -38.18 18.81
N GLU C 31 31.28 -37.01 18.55
CA GLU C 31 32.02 -35.94 17.91
C GLU C 31 32.18 -34.81 18.89
N THR C 32 33.42 -34.39 19.11
CA THR C 32 33.76 -33.50 20.22
C THR C 32 34.53 -32.28 19.75
N ALA C 33 34.11 -31.12 20.25
CA ALA C 33 34.71 -29.84 19.87
C ALA C 33 34.30 -28.75 20.84
N THR C 34 35.21 -27.79 21.03
CA THR C 34 34.92 -26.57 21.78
C THR C 34 33.69 -25.88 21.21
N GLU C 35 33.56 -25.92 19.89
CA GLU C 35 32.60 -25.09 19.16
C GLU C 35 31.16 -25.61 19.06
N VAL C 36 30.78 -26.60 19.86
CA VAL C 36 29.45 -27.23 19.72
C VAL C 36 28.28 -26.26 19.82
N ALA C 37 27.58 -26.22 20.95
CA ALA C 37 26.39 -25.37 21.03
C ALA C 37 26.71 -23.89 21.29
N ASN C 38 27.87 -23.44 20.78
CA ASN C 38 28.28 -22.04 20.84
C ASN C 38 29.23 -21.65 19.72
N ARG C 39 28.96 -20.52 19.06
CA ARG C 39 29.86 -20.05 18.02
C ARG C 39 31.10 -19.40 18.64
N VAL C 40 32.18 -20.16 18.64
CA VAL C 40 33.51 -19.65 18.99
C VAL C 40 34.37 -19.52 17.72
N GLY C 41 34.13 -20.39 16.74
CA GLY C 41 34.89 -20.35 15.49
C GLY C 41 34.24 -21.12 14.37
N GLY C 42 34.87 -21.06 13.19
CA GLY C 42 34.40 -21.74 11.98
C GLY C 42 34.05 -23.22 12.08
N ILE C 43 34.57 -23.91 13.09
CA ILE C 43 34.23 -25.32 13.36
C ILE C 43 32.75 -25.46 13.70
N TYR C 44 32.20 -24.44 14.37
CA TYR C 44 30.77 -24.37 14.71
C TYR C 44 29.90 -24.57 13.46
N SER C 45 30.21 -23.85 12.38
CA SER C 45 29.56 -24.01 11.07
C SER C 45 29.64 -25.44 10.56
N VAL C 46 30.86 -26.01 10.56
CA VAL C 46 31.09 -27.33 10.01
C VAL C 46 30.19 -28.36 10.67
N LEU C 47 30.11 -28.36 12.00
CA LEU C 47 29.31 -29.37 12.70
C LEU C 47 27.82 -29.22 12.42
N LYS C 48 27.37 -27.95 12.46
CA LYS C 48 25.97 -27.59 12.22
C LYS C 48 25.45 -28.06 10.86
N SER C 49 26.13 -27.63 9.81
CA SER C 49 25.77 -27.97 8.46
C SER C 49 25.81 -29.48 8.23
N LYS C 50 26.83 -30.10 8.79
CA LYS C 50 27.08 -31.52 8.60
C LYS C 50 26.08 -32.39 9.38
N ALA C 51 25.26 -31.78 10.22
CA ALA C 51 24.39 -32.53 11.14
C ALA C 51 23.34 -33.39 10.46
N PRO C 52 22.65 -32.86 9.42
CA PRO C 52 21.63 -33.62 8.72
C PRO C 52 22.12 -34.97 8.16
N ILE C 53 23.22 -34.95 7.40
CA ILE C 53 23.77 -36.22 6.88
C ILE C 53 24.19 -37.20 7.98
N THR C 54 24.83 -36.70 9.04
CA THR C 54 25.31 -37.55 10.13
C THR C 54 24.14 -38.21 10.85
N VAL C 55 23.21 -37.37 11.31
CA VAL C 55 21.95 -37.84 11.89
C VAL C 55 21.23 -38.87 10.99
N ALA C 56 21.21 -38.61 9.70
CA ALA C 56 20.53 -39.49 8.75
C ALA C 56 21.20 -40.86 8.65
N GLN C 57 22.48 -40.93 9.00
CA GLN C 57 23.21 -42.18 8.91
C GLN C 57 23.17 -42.95 10.24
N TYR C 58 23.25 -42.22 11.34
CA TYR C 58 23.41 -42.83 12.65
C TYR C 58 22.16 -42.75 13.53
N LYS C 59 21.47 -41.60 13.50
CA LYS C 59 20.28 -41.31 14.33
C LYS C 59 20.60 -41.20 15.82
N ASP C 60 19.98 -42.06 16.62
CA ASP C 60 20.17 -42.11 18.07
C ASP C 60 21.56 -42.60 18.51
N HIS C 61 22.32 -43.15 17.56
CA HIS C 61 23.67 -43.65 17.83
C HIS C 61 24.69 -42.51 17.90
N TYR C 62 24.40 -41.41 17.19
CA TYR C 62 25.27 -40.23 17.09
C TYR C 62 25.08 -39.25 18.24
N HIS C 63 26.16 -38.96 18.97
CA HIS C 63 26.17 -37.91 20.00
C HIS C 63 27.33 -36.93 19.81
N LEU C 64 27.01 -35.64 19.90
CA LEU C 64 28.03 -34.59 19.95
C LEU C 64 28.38 -34.23 21.39
N ILE C 65 29.63 -33.82 21.63
CA ILE C 65 30.09 -33.51 22.98
C ILE C 65 30.85 -32.18 22.95
N GLY C 66 30.69 -31.38 24.00
CA GLY C 66 31.39 -30.12 24.08
C GLY C 66 31.31 -29.47 25.44
N PRO C 67 32.02 -28.32 25.62
CA PRO C 67 31.93 -27.50 26.84
C PRO C 67 30.52 -26.97 27.05
N LEU C 68 30.27 -26.41 28.22
CA LEU C 68 29.01 -25.71 28.44
C LEU C 68 29.28 -24.22 28.47
N ASN C 69 28.74 -23.51 27.47
CA ASN C 69 28.73 -22.05 27.52
C ASN C 69 27.45 -21.58 28.21
N LYS C 70 27.64 -20.90 29.35
CA LYS C 70 26.52 -20.54 30.21
C LYS C 70 25.69 -19.40 29.63
N ALA C 71 26.38 -18.42 29.04
CA ALA C 71 25.75 -17.22 28.47
C ALA C 71 24.88 -17.46 27.22
N THR C 72 25.02 -18.64 26.58
CA THR C 72 24.40 -18.86 25.26
C THR C 72 23.60 -20.18 25.09
N TYR C 73 23.81 -21.16 25.97
CA TYR C 73 23.28 -22.52 25.73
C TYR C 73 21.76 -22.64 25.74
N GLN C 74 21.11 -21.71 26.44
CA GLN C 74 19.66 -21.71 26.62
C GLN C 74 18.92 -21.51 25.29
N ASN C 75 19.41 -20.56 24.49
CA ASN C 75 18.82 -20.18 23.22
C ASN C 75 19.07 -21.22 22.13
N GLU C 76 20.09 -22.05 22.35
CA GLU C 76 20.62 -22.98 21.36
C GLU C 76 20.20 -24.43 21.58
N VAL C 77 20.01 -24.81 22.84
CA VAL C 77 19.71 -26.20 23.16
C VAL C 77 18.28 -26.39 23.67
N ASP C 78 17.61 -27.40 23.10
CA ASP C 78 16.42 -27.99 23.68
C ASP C 78 16.92 -28.91 24.79
N ILE C 79 16.77 -28.48 26.04
CA ILE C 79 17.25 -29.23 27.19
C ILE C 79 16.34 -30.44 27.48
N LEU C 80 16.90 -31.64 27.30
CA LEU C 80 16.15 -32.89 27.51
C LEU C 80 16.35 -33.45 28.91
N ASP C 81 15.44 -34.33 29.32
CA ASP C 81 15.61 -35.11 30.54
C ASP C 81 16.23 -36.45 30.16
N TRP C 82 17.33 -36.80 30.83
CA TRP C 82 18.11 -37.98 30.50
C TRP C 82 17.95 -39.12 31.51
N LYS C 83 17.37 -38.81 32.68
CA LYS C 83 17.11 -39.82 33.70
C LYS C 83 15.88 -40.65 33.35
N LYS C 84 14.88 -40.03 32.71
CA LYS C 84 13.67 -40.73 32.32
C LYS C 84 13.98 -41.89 31.37
N PRO C 85 13.45 -43.09 31.66
CA PRO C 85 13.75 -44.29 30.88
C PRO C 85 13.32 -44.21 29.42
N GLU C 86 12.52 -43.20 29.09
CA GLU C 86 12.00 -43.00 27.74
C GLU C 86 13.05 -42.45 26.76
N ALA C 87 14.00 -41.68 27.29
CA ALA C 87 14.95 -40.90 26.49
C ALA C 87 15.93 -41.71 25.63
N PHE C 88 16.01 -43.02 25.89
CA PHE C 88 16.95 -43.90 25.20
C PHE C 88 16.28 -45.19 24.77
N SER C 89 16.92 -45.93 23.89
CA SER C 89 16.45 -47.27 23.56
C SER C 89 17.17 -48.28 24.47
N ASP C 90 16.84 -49.56 24.32
CA ASP C 90 17.47 -50.59 25.13
C ASP C 90 18.91 -50.80 24.71
N GLU C 91 19.17 -50.72 23.41
CA GLU C 91 20.54 -50.82 22.91
C GLU C 91 21.36 -49.57 23.24
N MET C 92 20.70 -48.41 23.25
CA MET C 92 21.38 -47.15 23.58
C MET C 92 21.45 -46.88 25.08
N ARG C 93 20.78 -47.74 25.86
CA ARG C 93 20.68 -47.57 27.32
C ARG C 93 22.02 -47.48 28.06
N PRO C 94 23.03 -48.30 27.68
CA PRO C 94 24.37 -48.16 28.25
C PRO C 94 24.88 -46.71 28.36
N VAL C 95 24.45 -45.84 27.44
CA VAL C 95 24.81 -44.41 27.46
C VAL C 95 24.07 -43.64 28.57
N GLN C 96 22.88 -44.14 28.94
CA GLN C 96 22.13 -43.63 30.08
C GLN C 96 22.87 -43.96 31.38
N HIS C 97 23.30 -45.22 31.50
CA HIS C 97 24.03 -45.70 32.67
C HIS C 97 25.36 -44.97 32.87
N ALA C 98 25.98 -44.58 31.76
CA ALA C 98 27.28 -43.89 31.78
C ALA C 98 27.18 -42.45 32.29
N LEU C 99 25.98 -41.86 32.14
CA LEU C 99 25.75 -40.48 32.55
C LEU C 99 25.30 -40.35 34.01
N GLN C 100 24.64 -41.38 34.54
CA GLN C 100 24.28 -41.43 35.95
C GLN C 100 25.50 -41.63 36.83
N THR C 101 26.45 -42.43 36.35
CA THR C 101 27.76 -42.63 36.98
C THR C 101 28.54 -41.31 37.03
N MET C 102 28.25 -40.43 36.08
CA MET C 102 28.88 -39.12 35.97
C MET C 102 28.32 -38.11 36.98
N GLU C 103 27.06 -38.31 37.38
CA GLU C 103 26.42 -37.48 38.40
C GLU C 103 26.72 -37.99 39.82
N SER C 104 26.65 -39.31 40.00
CA SER C 104 27.03 -39.97 41.25
C SER C 104 28.46 -39.61 41.68
N ARG C 105 29.18 -38.92 40.81
CA ARG C 105 30.53 -38.46 41.12
C ARG C 105 30.59 -36.93 41.12
N GLY C 106 29.47 -36.28 40.79
CA GLY C 106 29.34 -34.82 40.91
C GLY C 106 29.76 -33.98 39.73
N VAL C 107 29.45 -34.44 38.52
CA VAL C 107 29.74 -33.68 37.31
C VAL C 107 28.43 -33.15 36.73
N HIS C 108 28.41 -31.84 36.45
CA HIS C 108 27.25 -31.18 35.88
C HIS C 108 27.34 -31.08 34.35
N PHE C 109 26.28 -31.49 33.66
CA PHE C 109 26.25 -31.48 32.21
C PHE C 109 24.84 -31.29 31.68
N VAL C 110 24.71 -30.58 30.58
CA VAL C 110 23.43 -30.45 29.90
C VAL C 110 23.29 -31.58 28.87
N TYR C 111 22.14 -32.25 28.88
CA TYR C 111 21.77 -33.16 27.82
C TYR C 111 20.55 -32.61 27.11
N GLY C 112 20.56 -32.66 25.78
CA GLY C 112 19.45 -32.14 24.99
C GLY C 112 19.51 -32.37 23.49
N ARG C 113 18.91 -31.45 22.75
CA ARG C 113 18.90 -31.45 21.29
C ARG C 113 19.38 -30.11 20.78
N TRP C 114 20.23 -30.15 19.77
CA TRP C 114 20.68 -28.93 19.12
C TRP C 114 19.55 -28.42 18.26
N LEU C 115 19.21 -27.14 18.43
CA LEU C 115 18.12 -26.52 17.69
C LEU C 115 18.57 -26.12 16.28
N ILE C 116 19.07 -27.13 15.57
CA ILE C 116 19.54 -26.98 14.19
C ILE C 116 18.91 -28.08 13.35
N GLU C 117 18.85 -27.86 12.04
CA GLU C 117 18.25 -28.83 11.14
C GLU C 117 18.91 -30.21 11.31
N GLY C 118 18.10 -31.22 11.60
CA GLY C 118 18.60 -32.57 11.89
C GLY C 118 18.45 -32.93 13.35
N ALA C 119 18.54 -31.90 14.21
CA ALA C 119 18.43 -32.01 15.68
C ALA C 119 19.25 -33.16 16.30
N PRO C 120 20.59 -33.01 16.30
CA PRO C 120 21.47 -34.01 16.89
C PRO C 120 21.53 -33.86 18.41
N LYS C 121 21.65 -35.00 19.11
CA LYS C 121 21.70 -35.01 20.57
C LYS C 121 23.05 -34.53 21.09
N VAL C 122 23.03 -33.66 22.08
CA VAL C 122 24.25 -33.11 22.68
C VAL C 122 24.55 -33.58 24.12
N ILE C 123 25.82 -33.46 24.50
CA ILE C 123 26.27 -33.62 25.87
C ILE C 123 27.27 -32.49 26.12
N LEU C 124 26.85 -31.50 26.91
CA LEU C 124 27.69 -30.33 27.17
C LEU C 124 28.11 -30.24 28.62
N PHE C 125 29.37 -30.60 28.88
CA PHE C 125 29.88 -30.70 30.24
C PHE C 125 30.20 -29.34 30.86
N ASP C 126 29.74 -29.16 32.09
CA ASP C 126 30.06 -27.98 32.89
C ASP C 126 31.47 -28.12 33.44
N LEU C 127 32.37 -27.29 32.92
CA LEU C 127 33.77 -27.26 33.32
C LEU C 127 33.98 -26.77 34.76
N ASP C 128 33.00 -26.03 35.27
CA ASP C 128 33.02 -25.58 36.66
C ASP C 128 33.01 -26.77 37.61
N SER C 129 32.12 -27.73 37.34
CA SER C 129 31.91 -28.88 38.20
C SER C 129 33.07 -29.89 38.23
N VAL C 130 34.21 -29.51 37.65
CA VAL C 130 35.43 -30.33 37.67
C VAL C 130 36.69 -29.51 37.95
N ARG C 131 36.51 -28.19 38.10
CA ARG C 131 37.63 -27.25 38.20
C ARG C 131 38.62 -27.55 39.34
N GLY C 132 38.11 -28.13 40.44
CA GLY C 132 38.94 -28.56 41.57
C GLY C 132 40.00 -29.59 41.21
N TYR C 133 39.66 -30.46 40.26
CA TYR C 133 40.57 -31.49 39.76
C TYR C 133 41.71 -30.96 38.92
N SER C 134 41.66 -29.68 38.57
CA SER C 134 42.61 -29.04 37.63
C SER C 134 44.09 -29.41 37.83
N ASN C 135 44.59 -29.26 39.07
CA ASN C 135 46.03 -29.37 39.33
C ASN C 135 46.59 -30.78 39.23
N GLU C 136 45.92 -31.74 39.87
CA GLU C 136 46.35 -33.14 39.81
C GLU C 136 46.31 -33.62 38.37
N TRP C 137 45.40 -33.04 37.60
CA TRP C 137 45.28 -33.30 36.17
C TRP C 137 46.35 -32.55 35.37
N LYS C 138 46.59 -31.28 35.69
CA LYS C 138 47.64 -30.49 35.04
C LYS C 138 49.03 -31.09 35.24
N GLY C 139 49.25 -31.72 36.39
CA GLY C 139 50.47 -32.47 36.64
C GLY C 139 50.45 -33.79 35.89
N ASP C 140 49.33 -34.51 35.95
CA ASP C 140 49.13 -35.78 35.26
C ASP C 140 49.37 -35.69 33.75
N LEU C 141 49.16 -34.50 33.18
CA LEU C 141 49.43 -34.28 31.76
C LEU C 141 50.93 -34.17 31.52
N TRP C 142 51.56 -33.17 32.13
CA TRP C 142 53.01 -33.02 32.13
C TRP C 142 53.73 -34.37 32.30
N SER C 143 53.22 -35.20 33.20
CA SER C 143 53.80 -36.51 33.50
C SER C 143 53.71 -37.48 32.32
N LEU C 144 52.48 -37.87 31.97
CA LEU C 144 52.24 -38.84 30.88
C LEU C 144 52.64 -38.33 29.49
N VAL C 145 52.67 -37.00 29.31
CA VAL C 145 52.94 -36.43 27.99
C VAL C 145 54.22 -35.57 27.93
N GLY C 146 54.19 -34.43 28.63
CA GLY C 146 55.31 -33.49 28.63
C GLY C 146 54.88 -32.08 28.34
N ILE C 147 53.62 -31.77 28.68
CA ILE C 147 52.98 -30.48 28.32
C ILE C 147 52.87 -29.50 29.49
N PRO C 148 53.59 -28.36 29.39
CA PRO C 148 53.46 -27.31 30.39
C PRO C 148 52.04 -26.73 30.42
N SER C 149 51.60 -26.33 31.60
CA SER C 149 50.27 -25.79 31.79
C SER C 149 50.32 -24.45 32.50
N PRO C 150 50.73 -23.37 31.79
CA PRO C 150 50.70 -22.03 32.37
C PRO C 150 49.29 -21.62 32.80
N GLU C 151 49.18 -21.12 34.03
CA GLU C 151 47.90 -20.81 34.65
C GLU C 151 47.27 -19.53 34.07
N ASN C 152 48.11 -18.69 33.48
CA ASN C 152 47.64 -17.47 32.80
C ASN C 152 46.78 -17.77 31.56
N ASP C 153 46.97 -18.95 30.99
CA ASP C 153 46.21 -19.39 29.82
C ASP C 153 44.90 -20.02 30.25
N PHE C 154 43.83 -19.22 30.24
CA PHE C 154 42.48 -19.67 30.62
C PHE C 154 41.96 -20.74 29.66
N GLU C 155 42.39 -20.68 28.40
CA GLU C 155 41.98 -21.64 27.37
C GLU C 155 42.58 -23.03 27.53
N THR C 156 43.89 -23.11 27.77
CA THR C 156 44.56 -24.41 28.01
C THR C 156 44.00 -25.11 29.23
N ASN C 157 43.49 -24.35 30.20
CA ASN C 157 42.78 -24.91 31.35
C ASN C 157 41.56 -25.67 30.88
N ASP C 158 40.64 -24.94 30.27
CA ASP C 158 39.37 -25.47 29.82
C ASP C 158 39.56 -26.66 28.88
N ALA C 159 40.55 -26.55 28.00
CA ALA C 159 40.95 -27.64 27.11
C ALA C 159 41.38 -28.89 27.87
N ILE C 160 42.18 -28.70 28.93
CA ILE C 160 42.65 -29.80 29.79
C ILE C 160 41.51 -30.39 30.66
N LEU C 161 40.69 -29.51 31.24
CA LEU C 161 39.52 -29.94 31.98
C LEU C 161 38.60 -30.76 31.08
N LEU C 162 38.30 -30.19 29.90
CA LEU C 162 37.42 -30.83 28.90
C LEU C 162 37.99 -32.16 28.40
N GLY C 163 39.28 -32.16 28.07
CA GLY C 163 39.97 -33.40 27.68
C GLY C 163 39.87 -34.55 28.66
N TYR C 164 39.93 -34.24 29.96
CA TYR C 164 39.89 -35.28 31.01
C TYR C 164 38.47 -35.72 31.34
N THR C 165 37.55 -34.77 31.28
CA THR C 165 36.12 -35.03 31.47
C THR C 165 35.60 -35.98 30.39
N VAL C 166 35.99 -35.71 29.14
CA VAL C 166 35.55 -36.48 27.98
C VAL C 166 36.21 -37.86 27.97
N ALA C 167 37.51 -37.88 28.29
CA ALA C 167 38.27 -39.14 28.38
C ALA C 167 37.62 -40.06 29.42
N TRP C 168 37.33 -39.46 30.57
CA TRP C 168 36.57 -40.08 31.65
C TRP C 168 35.26 -40.67 31.13
N PHE C 169 34.41 -39.81 30.54
CA PHE C 169 33.11 -40.23 30.04
C PHE C 169 33.17 -41.42 29.11
N LEU C 170 33.97 -41.30 28.04
CA LEU C 170 34.14 -42.34 27.02
C LEU C 170 34.62 -43.67 27.61
N GLY C 171 35.53 -43.59 28.60
CA GLY C 171 35.98 -44.78 29.33
C GLY C 171 34.80 -45.55 29.91
N GLU C 172 33.97 -44.84 30.67
CA GLU C 172 32.76 -45.41 31.26
C GLU C 172 31.87 -46.06 30.22
N VAL C 173 31.77 -45.44 29.05
CA VAL C 173 30.89 -45.92 27.98
C VAL C 173 31.42 -47.22 27.39
N ALA C 174 32.76 -47.32 27.28
CA ALA C 174 33.42 -48.54 26.80
C ALA C 174 33.22 -49.69 27.78
N HIS C 175 33.25 -49.36 29.07
CA HIS C 175 32.99 -50.34 30.13
C HIS C 175 31.54 -50.84 30.04
N LEU C 176 30.60 -49.92 29.81
CA LEU C 176 29.16 -50.21 29.84
C LEU C 176 28.55 -50.83 28.58
N ASP C 177 29.04 -50.42 27.41
CA ASP C 177 28.59 -50.97 26.13
C ASP C 177 29.59 -52.02 25.63
N SER C 178 29.06 -53.16 25.19
CA SER C 178 29.91 -54.21 24.63
C SER C 178 29.31 -54.80 23.35
N GLN C 179 28.13 -54.31 22.98
CA GLN C 179 27.50 -54.62 21.69
C GLN C 179 28.16 -53.80 20.58
N HIS C 180 28.33 -52.50 20.85
CA HIS C 180 28.75 -51.54 19.82
C HIS C 180 30.23 -51.20 19.90
N ALA C 181 30.85 -51.07 18.72
CA ALA C 181 32.13 -50.40 18.60
C ALA C 181 31.86 -48.91 18.73
N ILE C 182 32.83 -48.16 19.21
CA ILE C 182 32.66 -46.72 19.44
C ILE C 182 33.68 -45.90 18.65
N VAL C 183 33.18 -44.94 17.87
CA VAL C 183 34.08 -44.01 17.17
C VAL C 183 34.07 -42.63 17.83
N ALA C 184 35.26 -42.13 18.16
CA ALA C 184 35.43 -40.82 18.81
C ALA C 184 36.20 -39.80 17.95
N HIS C 185 35.46 -38.87 17.37
CA HIS C 185 36.02 -37.89 16.46
C HIS C 185 36.21 -36.55 17.20
N PHE C 186 37.40 -35.97 17.07
CA PHE C 186 37.77 -34.71 17.72
C PHE C 186 38.26 -33.66 16.74
N HIS C 187 37.89 -32.41 16.98
CA HIS C 187 38.21 -31.28 16.10
C HIS C 187 39.04 -30.20 16.79
N GLU C 188 40.20 -29.92 16.21
CA GLU C 188 41.13 -28.89 16.67
C GLU C 188 41.76 -29.18 18.05
N TRP C 189 42.97 -28.65 18.26
CA TRP C 189 43.78 -28.95 19.47
C TRP C 189 43.07 -28.62 20.77
N LEU C 190 42.28 -27.55 20.76
CA LEU C 190 41.47 -27.12 21.91
C LEU C 190 40.56 -28.24 22.43
N ALA C 191 40.28 -29.21 21.57
CA ALA C 191 39.40 -30.31 21.90
C ALA C 191 40.12 -31.66 21.77
N GLY C 192 41.45 -31.61 21.72
CA GLY C 192 42.24 -32.82 21.52
C GLY C 192 42.98 -33.39 22.73
N VAL C 193 42.63 -32.91 23.92
CA VAL C 193 43.34 -33.33 25.13
C VAL C 193 42.97 -34.77 25.54
N ALA C 194 41.73 -35.19 25.30
CA ALA C 194 41.35 -36.58 25.57
C ALA C 194 42.11 -37.60 24.71
N LEU C 195 42.73 -37.14 23.62
CA LEU C 195 43.43 -38.02 22.69
C LEU C 195 44.62 -38.76 23.29
N PRO C 196 45.56 -38.03 23.93
CA PRO C 196 46.69 -38.72 24.52
C PRO C 196 46.27 -39.59 25.71
N LEU C 197 45.16 -39.22 26.33
CA LEU C 197 44.62 -39.97 27.44
C LEU C 197 44.09 -41.31 26.96
N CYS C 198 43.34 -41.28 25.85
CA CYS C 198 42.76 -42.48 25.25
C CYS C 198 43.82 -43.48 24.79
N ARG C 199 44.91 -42.96 24.25
CA ARG C 199 46.00 -43.79 23.76
C ARG C 199 46.63 -44.51 24.95
N LYS C 200 47.02 -43.74 25.96
CA LYS C 200 47.69 -44.29 27.13
C LYS C 200 46.81 -45.24 27.94
N ARG C 201 45.66 -44.75 28.41
CA ARG C 201 44.70 -45.56 29.21
C ARG C 201 44.12 -46.74 28.43
N ARG C 202 44.65 -46.97 27.22
CA ARG C 202 44.20 -48.04 26.33
C ARG C 202 42.70 -48.35 26.38
N ILE C 203 41.88 -47.31 26.29
CA ILE C 203 40.41 -47.41 26.27
C ILE C 203 39.92 -48.14 24.99
N ASP C 204 38.81 -48.85 25.10
CA ASP C 204 38.27 -49.60 23.97
C ASP C 204 37.42 -48.77 22.97
N VAL C 205 38.07 -47.76 22.38
CA VAL C 205 37.50 -46.95 21.28
C VAL C 205 38.56 -46.51 20.27
N VAL C 206 38.13 -46.31 19.03
CA VAL C 206 39.00 -45.79 17.99
C VAL C 206 38.83 -44.28 17.89
N THR C 207 39.88 -43.57 17.48
CA THR C 207 39.86 -42.11 17.46
C THR C 207 40.28 -41.45 16.13
N ILE C 208 39.59 -40.36 15.80
CA ILE C 208 39.96 -39.53 14.67
C ILE C 208 40.26 -38.15 15.20
N PHE C 209 41.29 -37.54 14.67
CA PHE C 209 41.58 -36.17 14.99
C PHE C 209 41.53 -35.39 13.68
N THR C 210 40.68 -34.37 13.67
CA THR C 210 40.68 -33.46 12.56
C THR C 210 41.24 -32.16 13.09
N THR C 211 42.28 -31.68 12.43
CA THR C 211 42.77 -30.36 12.70
C THR C 211 42.39 -29.49 11.49
N HIS C 212 41.76 -28.36 11.81
CA HIS C 212 41.25 -27.43 10.80
C HIS C 212 42.25 -26.32 10.49
N ALA C 213 43.45 -26.43 11.03
CA ALA C 213 44.57 -25.49 10.81
C ALA C 213 45.76 -26.01 11.59
N THR C 214 46.91 -25.37 11.42
CA THR C 214 48.05 -25.64 12.29
C THR C 214 48.37 -24.34 13.05
N LEU C 215 48.74 -24.45 14.33
CA LEU C 215 49.07 -23.27 15.13
C LEU C 215 50.23 -22.52 14.52
N LEU C 216 51.33 -23.23 14.27
CA LEU C 216 52.48 -22.62 13.62
C LEU C 216 52.17 -21.92 12.30
N GLY C 217 51.35 -22.57 11.47
CA GLY C 217 50.97 -22.02 10.16
C GLY C 217 50.36 -20.63 10.21
N ARG C 218 49.41 -20.43 11.15
CA ARG C 218 48.81 -19.11 11.38
C ARG C 218 49.92 -18.09 11.62
N TYR C 219 50.62 -18.26 12.76
CA TYR C 219 51.67 -17.37 13.25
C TYR C 219 52.82 -17.06 12.27
N LEU C 220 53.11 -18.01 11.38
CA LEU C 220 54.12 -17.81 10.34
C LEU C 220 53.62 -16.96 9.18
N CYS C 221 52.31 -16.95 8.96
CA CYS C 221 51.71 -16.13 7.93
C CYS C 221 51.17 -14.84 8.50
N ALA C 222 50.90 -14.83 9.81
CA ALA C 222 50.41 -13.64 10.50
C ALA C 222 51.50 -12.57 10.55
N SER C 223 52.75 -13.01 10.72
CA SER C 223 53.92 -12.12 10.62
C SER C 223 54.11 -11.60 9.19
N GLY C 224 53.48 -12.28 8.22
CA GLY C 224 53.51 -11.88 6.81
C GLY C 224 54.87 -11.94 6.16
N SER C 225 55.90 -12.14 7.00
CA SER C 225 57.29 -12.00 6.62
C SER C 225 57.70 -12.79 5.37
N PHE C 226 57.72 -14.12 5.48
CA PHE C 226 58.39 -14.95 4.49
C PHE C 226 57.47 -15.79 3.59
N ASP C 227 58.10 -16.59 2.73
CA ASP C 227 57.44 -17.50 1.82
C ASP C 227 57.10 -18.81 2.54
N PHE C 228 56.01 -18.78 3.30
CA PHE C 228 55.57 -19.92 4.12
C PHE C 228 55.40 -21.21 3.31
N TYR C 229 55.01 -21.06 2.04
CA TYR C 229 54.62 -22.23 1.23
C TYR C 229 55.76 -23.01 0.61
N ASN C 230 56.80 -22.28 0.17
CA ASN C 230 57.97 -22.89 -0.48
C ASN C 230 59.09 -23.27 0.47
N CYS C 231 59.09 -22.67 1.66
CA CYS C 231 60.16 -22.86 2.62
C CYS C 231 59.56 -23.37 3.92
N LEU C 232 59.11 -24.61 3.91
CA LEU C 232 58.38 -25.17 5.03
C LEU C 232 59.12 -26.34 5.67
N GLU C 233 59.76 -27.16 4.84
CA GLU C 233 60.64 -28.24 5.29
C GLU C 233 61.77 -27.67 6.11
N SER C 234 62.17 -26.45 5.78
CA SER C 234 63.38 -25.83 6.33
C SER C 234 63.15 -25.00 7.59
N VAL C 235 62.02 -25.20 8.27
CA VAL C 235 61.77 -24.49 9.52
C VAL C 235 61.91 -25.45 10.70
N ASP C 236 62.42 -24.92 11.81
CA ASP C 236 62.56 -25.69 13.04
C ASP C 236 61.34 -25.53 13.94
N VAL C 237 60.57 -26.59 14.05
CA VAL C 237 59.31 -26.56 14.78
C VAL C 237 59.44 -26.10 16.24
N ASP C 238 60.60 -26.29 16.85
CA ASP C 238 60.75 -25.96 18.26
C ASP C 238 61.33 -24.57 18.51
N HIS C 239 62.21 -24.15 17.60
CA HIS C 239 62.71 -22.77 17.56
C HIS C 239 61.53 -21.84 17.40
N GLU C 240 60.75 -22.07 16.36
CA GLU C 240 59.66 -21.19 15.96
C GLU C 240 58.49 -21.25 16.91
N ALA C 241 58.15 -22.44 17.42
CA ALA C 241 57.05 -22.60 18.39
C ALA C 241 57.29 -21.78 19.64
N GLY C 242 58.54 -21.82 20.12
CA GLY C 242 58.98 -21.04 21.28
C GLY C 242 59.02 -19.54 21.03
N ARG C 243 59.53 -19.13 19.88
CA ARG C 243 59.66 -17.70 19.56
C ARG C 243 58.33 -17.01 19.28
N PHE C 244 57.25 -17.66 19.69
CA PHE C 244 55.91 -17.10 19.59
C PHE C 244 55.23 -17.33 20.95
N GLY C 245 55.94 -17.99 21.86
CA GLY C 245 55.42 -18.33 23.19
C GLY C 245 54.24 -19.28 23.06
N ILE C 246 54.37 -20.20 22.11
CA ILE C 246 53.28 -21.06 21.66
C ILE C 246 53.57 -22.54 21.96
N TYR C 247 54.73 -22.81 22.57
CA TYR C 247 55.16 -24.19 22.88
C TYR C 247 54.18 -25.04 23.70
N HIS C 248 53.55 -24.46 24.72
CA HIS C 248 52.56 -25.21 25.50
C HIS C 248 51.38 -25.65 24.65
N ARG C 249 50.88 -24.74 23.81
CA ARG C 249 49.76 -24.97 22.90
C ARG C 249 50.11 -26.01 21.81
N TYR C 250 51.24 -25.77 21.15
CA TYR C 250 51.76 -26.62 20.07
C TYR C 250 51.97 -28.07 20.49
N CYS C 251 52.21 -28.29 21.78
CA CYS C 251 52.44 -29.63 22.28
C CYS C 251 51.15 -30.45 22.34
N ILE C 252 50.05 -29.79 22.68
CA ILE C 252 48.75 -30.47 22.63
C ILE C 252 48.37 -30.81 21.18
N GLU C 253 48.59 -29.87 20.26
CA GLU C 253 48.27 -30.06 18.85
C GLU C 253 49.09 -31.19 18.25
N ARG C 254 50.39 -31.22 18.57
CA ARG C 254 51.24 -32.32 18.17
C ARG C 254 50.79 -33.63 18.86
N ALA C 255 50.46 -33.57 20.13
CA ALA C 255 50.05 -34.76 20.87
C ALA C 255 48.75 -35.30 20.34
N ALA C 256 47.84 -34.40 19.96
CA ALA C 256 46.56 -34.79 19.40
C ALA C 256 46.74 -35.52 18.05
N ALA C 257 47.58 -34.94 17.19
CA ALA C 257 47.89 -35.49 15.88
C ALA C 257 48.60 -36.84 16.00
N HIS C 258 49.42 -36.99 17.04
CA HIS C 258 50.18 -38.23 17.23
C HIS C 258 49.41 -39.32 17.97
N SER C 259 48.55 -38.92 18.89
CA SER C 259 47.71 -39.84 19.64
C SER C 259 46.64 -40.62 18.85
N ALA C 260 45.96 -39.97 17.91
CA ALA C 260 44.78 -40.56 17.24
C ALA C 260 45.10 -41.67 16.21
N ASP C 261 44.18 -42.63 16.08
CA ASP C 261 44.32 -43.72 15.13
C ASP C 261 44.38 -43.09 13.76
N VAL C 262 43.38 -42.26 13.48
CA VAL C 262 43.29 -41.52 12.22
C VAL C 262 43.55 -40.04 12.47
N PHE C 263 44.36 -39.43 11.60
CA PHE C 263 44.63 -38.01 11.64
C PHE C 263 44.33 -37.37 10.28
N THR C 264 43.56 -36.28 10.30
CA THR C 264 43.06 -35.62 9.08
C THR C 264 43.17 -34.09 9.13
N THR C 265 43.33 -33.46 7.97
CA THR C 265 43.11 -32.01 7.88
C THR C 265 41.92 -31.79 6.95
N VAL C 266 41.74 -30.54 6.53
CA VAL C 266 40.60 -30.12 5.72
C VAL C 266 40.95 -29.82 4.26
N SER C 267 42.24 -29.81 3.93
CA SER C 267 42.66 -29.64 2.52
C SER C 267 44.05 -30.21 2.26
N GLN C 268 44.35 -30.45 0.98
CA GLN C 268 45.69 -30.84 0.56
C GLN C 268 46.77 -29.88 1.06
N ILE C 269 46.41 -28.60 1.15
CA ILE C 269 47.33 -27.56 1.53
C ILE C 269 47.64 -27.63 3.02
N THR C 270 46.61 -27.84 3.84
CA THR C 270 46.81 -28.03 5.27
C THR C 270 47.47 -29.39 5.55
N ALA C 271 47.13 -30.40 4.76
CA ALA C 271 47.80 -31.70 4.85
C ALA C 271 49.34 -31.54 4.74
N PHE C 272 49.79 -31.02 3.60
CA PHE C 272 51.20 -30.75 3.32
C PHE C 272 51.84 -29.93 4.45
N GLU C 273 51.13 -28.91 4.89
CA GLU C 273 51.52 -28.10 6.05
C GLU C 273 51.61 -28.87 7.38
N ALA C 274 50.58 -29.65 7.72
CA ALA C 274 50.57 -30.45 8.96
C ALA C 274 51.65 -31.53 9.02
N GLU C 275 52.12 -31.97 7.87
CA GLU C 275 53.13 -33.04 7.83
C GLU C 275 54.48 -32.51 8.31
N HIS C 276 54.86 -31.33 7.84
CA HIS C 276 56.13 -30.76 8.20
C HIS C 276 56.10 -29.97 9.50
N LEU C 277 54.94 -29.44 9.87
CA LEU C 277 54.82 -28.67 11.10
C LEU C 277 54.39 -29.49 12.33
N LEU C 278 53.63 -30.58 12.12
CA LEU C 278 53.17 -31.43 13.25
C LEU C 278 53.74 -32.85 13.20
N LYS C 279 54.53 -33.12 12.17
CA LYS C 279 55.36 -34.33 12.08
C LYS C 279 54.57 -35.63 11.90
N ARG C 280 53.36 -35.53 11.39
CA ARG C 280 52.63 -36.72 10.95
C ARG C 280 51.92 -36.43 9.63
N LYS C 281 52.04 -37.37 8.70
CA LYS C 281 51.31 -37.24 7.45
C LYS C 281 49.87 -37.59 7.75
N PRO C 282 48.94 -36.68 7.44
CA PRO C 282 47.51 -36.94 7.61
C PRO C 282 47.07 -38.11 6.75
N ASP C 283 46.18 -38.93 7.29
CA ASP C 283 45.72 -40.12 6.61
C ASP C 283 44.78 -39.80 5.44
N GLY C 284 44.52 -38.51 5.23
CA GLY C 284 43.50 -38.10 4.30
C GLY C 284 42.83 -36.80 4.65
N ILE C 285 41.85 -36.45 3.83
CA ILE C 285 41.35 -35.09 3.71
C ILE C 285 39.86 -35.10 3.99
N LEU C 286 39.43 -34.22 4.87
CA LEU C 286 37.99 -33.97 5.08
C LEU C 286 37.61 -32.54 4.66
N PRO C 287 37.36 -32.34 3.34
CA PRO C 287 36.98 -31.02 2.85
C PRO C 287 35.59 -30.70 3.36
N ASN C 288 35.36 -29.44 3.76
CA ASN C 288 34.08 -29.01 4.35
C ASN C 288 32.94 -28.93 3.35
N GLY C 289 31.76 -29.30 3.80
CA GLY C 289 30.57 -29.26 2.96
C GLY C 289 29.61 -28.23 3.47
N LEU C 290 28.65 -27.89 2.62
CA LEU C 290 27.59 -26.96 2.97
C LEU C 290 26.30 -27.72 2.87
N ASN C 291 25.37 -27.36 3.74
CA ASN C 291 24.02 -27.87 3.68
C ASN C 291 23.27 -27.00 2.67
N VAL C 292 23.49 -27.26 1.39
CA VAL C 292 23.02 -26.39 0.32
C VAL C 292 21.49 -26.32 0.27
N ILE C 293 20.96 -25.11 0.42
CA ILE C 293 19.54 -24.83 0.15
C ILE C 293 19.21 -24.94 -1.34
N LYS C 294 18.25 -25.80 -1.69
CA LYS C 294 17.84 -25.99 -3.09
C LYS C 294 16.51 -25.28 -3.44
N PHE C 295 16.26 -25.07 -4.73
CA PHE C 295 15.02 -24.40 -5.16
C PHE C 295 14.34 -25.21 -6.24
N GLN C 296 13.01 -25.22 -6.23
CA GLN C 296 12.27 -26.03 -7.18
C GLN C 296 12.58 -25.58 -8.63
N ALA C 297 12.76 -24.28 -8.85
CA ALA C 297 13.20 -23.78 -10.15
C ALA C 297 14.68 -23.46 -10.16
N PHE C 298 15.40 -23.94 -11.17
CA PHE C 298 16.84 -23.67 -11.28
C PHE C 298 17.13 -22.19 -11.23
N HIS C 299 16.24 -21.37 -11.79
CA HIS C 299 16.53 -19.95 -11.96
C HIS C 299 16.10 -19.09 -10.77
N GLU C 300 15.45 -19.68 -9.77
CA GLU C 300 15.05 -18.94 -8.57
C GLU C 300 16.17 -18.10 -7.96
N PHE C 301 17.38 -18.64 -7.91
CA PHE C 301 18.50 -17.88 -7.37
C PHE C 301 18.80 -16.58 -8.13
N GLN C 302 18.41 -16.51 -9.40
CA GLN C 302 18.66 -15.26 -10.13
C GLN C 302 17.72 -14.17 -9.61
N ASN C 303 16.49 -14.55 -9.34
CA ASN C 303 15.51 -13.58 -8.87
C ASN C 303 15.98 -13.03 -7.54
N LEU C 304 16.49 -13.92 -6.67
CA LEU C 304 16.94 -13.53 -5.33
C LEU C 304 18.12 -12.57 -5.43
N HIS C 305 19.04 -12.87 -6.32
CA HIS C 305 20.12 -11.93 -6.57
C HIS C 305 19.53 -10.51 -6.72
N ALA C 306 18.55 -10.35 -7.61
CA ALA C 306 17.94 -9.05 -7.93
C ALA C 306 17.10 -8.45 -6.81
N LEU C 307 16.42 -9.28 -6.02
CA LEU C 307 15.71 -8.78 -4.83
C LEU C 307 16.69 -8.25 -3.81
N LYS C 308 17.69 -9.04 -3.44
CA LYS C 308 18.62 -8.63 -2.36
C LYS C 308 19.50 -7.48 -2.81
N LYS C 309 19.87 -7.48 -4.10
CA LYS C 309 20.65 -6.39 -4.68
C LYS C 309 19.97 -5.05 -4.49
N GLU C 310 18.64 -5.06 -4.56
CA GLU C 310 17.84 -3.88 -4.35
C GLU C 310 18.06 -3.34 -2.94
N LYS C 311 17.92 -4.19 -1.92
CA LYS C 311 18.26 -3.84 -0.53
C LYS C 311 19.66 -3.19 -0.41
N ILE C 312 20.63 -3.70 -1.16
CA ILE C 312 21.94 -3.06 -1.17
C ILE C 312 21.86 -1.68 -1.81
N ASN C 313 21.13 -1.54 -2.92
CA ASN C 313 20.98 -0.21 -3.57
C ASN C 313 20.41 0.79 -2.59
N ASP C 314 19.41 0.34 -1.84
CA ASP C 314 18.77 1.21 -0.86
C ASP C 314 19.78 1.69 0.19
N PHE C 315 20.72 0.85 0.56
CA PHE C 315 21.70 1.26 1.53
C PHE C 315 22.66 2.26 0.91
N VAL C 316 23.23 1.86 -0.23
CA VAL C 316 24.12 2.70 -1.02
C VAL C 316 23.55 4.10 -1.24
N ARG C 317 22.27 4.18 -1.62
CA ARG C 317 21.60 5.45 -1.69
C ARG C 317 21.76 6.31 -0.44
N GLY C 318 21.51 5.76 0.74
CA GLY C 318 21.65 6.53 1.98
C GLY C 318 23.10 6.93 2.17
N HIS C 319 23.99 5.96 2.08
CA HIS C 319 25.40 6.21 2.34
C HIS C 319 25.99 7.31 1.44
N PHE C 320 25.51 7.42 0.20
CA PHE C 320 25.96 8.46 -0.75
C PHE C 320 25.04 9.69 -0.88
N HIS C 321 24.10 9.83 0.04
CA HIS C 321 23.13 10.89 0.01
C HIS C 321 23.86 12.19 -0.18
N GLY C 322 23.27 13.07 -0.96
CA GLY C 322 23.92 14.33 -1.33
C GLY C 322 25.27 14.21 -2.04
N CYS C 323 25.63 13.00 -2.46
CA CYS C 323 26.86 12.81 -3.25
C CYS C 323 26.75 11.59 -4.16
N PHE C 324 25.56 11.44 -4.72
CA PHE C 324 25.19 10.33 -5.56
C PHE C 324 25.19 10.72 -7.04
N ASP C 325 26.22 10.32 -7.76
CA ASP C 325 26.42 10.74 -9.15
C ASP C 325 26.74 9.59 -10.07
N PHE C 326 26.39 8.38 -9.66
CA PHE C 326 26.57 7.21 -10.49
C PHE C 326 25.24 6.44 -10.71
N ASP C 327 25.24 5.56 -11.70
CA ASP C 327 24.02 4.83 -12.07
C ASP C 327 24.06 3.42 -11.51
N LEU C 328 23.18 3.12 -10.56
CA LEU C 328 23.21 1.83 -9.86
C LEU C 328 22.99 0.66 -10.80
N ASP C 329 22.30 0.91 -11.90
CA ASP C 329 22.05 -0.10 -12.90
C ASP C 329 23.33 -0.47 -13.66
N ASN C 330 24.40 0.27 -13.37
CA ASN C 330 25.69 0.11 -14.02
C ASN C 330 26.80 0.11 -12.97
N THR C 331 26.43 -0.21 -11.72
CA THR C 331 27.43 -0.46 -10.71
C THR C 331 27.43 -1.91 -10.26
N LEU C 332 28.62 -2.36 -9.86
CA LEU C 332 28.86 -3.71 -9.39
C LEU C 332 29.32 -3.67 -7.98
N TYR C 333 28.80 -4.59 -7.17
CA TYR C 333 29.20 -4.77 -5.77
C TYR C 333 30.20 -5.89 -5.63
N PHE C 334 31.38 -5.54 -5.14
CA PHE C 334 32.43 -6.52 -4.78
C PHE C 334 32.46 -6.55 -3.28
N PHE C 335 32.86 -7.67 -2.70
CA PHE C 335 33.03 -7.73 -1.24
C PHE C 335 34.10 -8.72 -0.75
N ILE C 336 34.64 -8.41 0.42
CA ILE C 336 35.47 -9.33 1.15
C ILE C 336 34.81 -9.42 2.52
N ALA C 337 34.80 -10.61 3.11
CA ALA C 337 34.24 -10.80 4.47
C ALA C 337 34.89 -11.95 5.18
N GLY C 338 34.66 -12.02 6.50
CA GLY C 338 35.26 -13.04 7.37
C GLY C 338 35.72 -12.50 8.74
N ARG C 339 36.71 -13.15 9.34
CA ARG C 339 37.31 -12.66 10.58
C ARG C 339 38.35 -11.62 10.24
N TYR C 340 38.44 -10.58 11.07
CA TYR C 340 39.44 -9.53 10.90
C TYR C 340 40.85 -10.11 11.06
N GLU C 341 41.44 -10.50 9.94
CA GLU C 341 42.77 -11.03 9.90
C GLU C 341 43.44 -10.42 8.67
N TYR C 342 43.84 -9.18 8.85
CA TYR C 342 44.29 -8.30 7.77
C TYR C 342 45.20 -8.97 6.73
N LYS C 343 46.19 -9.74 7.18
CA LYS C 343 47.18 -10.37 6.28
C LYS C 343 46.68 -11.68 5.72
N ASN C 344 46.13 -12.50 6.62
CA ASN C 344 45.71 -13.86 6.31
C ASN C 344 44.57 -13.93 5.32
N LYS C 345 43.63 -12.99 5.48
CA LYS C 345 42.41 -12.96 4.72
C LYS C 345 42.57 -12.17 3.41
N GLY C 346 43.67 -11.42 3.31
CA GLY C 346 44.06 -10.75 2.08
C GLY C 346 43.58 -9.31 1.95
N ALA C 347 43.00 -8.79 3.03
CA ALA C 347 42.42 -7.44 3.02
C ALA C 347 43.36 -6.42 2.40
N ASP C 348 44.64 -6.51 2.78
CA ASP C 348 45.69 -5.64 2.27
C ASP C 348 45.80 -5.71 0.76
N MET C 349 45.79 -6.93 0.24
CA MET C 349 45.89 -7.17 -1.19
C MET C 349 44.61 -6.79 -1.94
N PHE C 350 43.48 -7.02 -1.30
CA PHE C 350 42.20 -6.57 -1.80
C PHE C 350 42.21 -5.03 -1.91
N ILE C 351 42.38 -4.36 -0.78
CA ILE C 351 42.41 -2.91 -0.79
C ILE C 351 43.44 -2.36 -1.78
N GLU C 352 44.56 -3.07 -1.95
CA GLU C 352 45.61 -2.64 -2.87
C GLU C 352 45.15 -2.73 -4.32
N ALA C 353 44.67 -3.91 -4.69
CA ALA C 353 44.20 -4.19 -6.04
C ALA C 353 43.13 -3.20 -6.47
N LEU C 354 42.23 -2.88 -5.55
CA LEU C 354 41.14 -1.96 -5.87
C LEU C 354 41.70 -0.59 -6.26
N ALA C 355 42.69 -0.12 -5.51
CA ALA C 355 43.31 1.17 -5.78
C ALA C 355 43.82 1.24 -7.20
N ARG C 356 44.51 0.18 -7.62
CA ARG C 356 45.06 0.11 -8.96
C ARG C 356 43.97 -0.08 -10.00
N LEU C 357 42.91 -0.80 -9.63
CA LEU C 357 41.75 -0.96 -10.48
C LEU C 357 41.13 0.42 -10.73
N ASN C 358 41.01 1.20 -9.66
CA ASN C 358 40.47 2.53 -9.76
C ASN C 358 41.21 3.32 -10.82
N TYR C 359 42.53 3.21 -10.78
CA TYR C 359 43.37 3.85 -11.75
C TYR C 359 43.01 3.36 -13.15
N ARG C 360 43.09 2.04 -13.35
CA ARG C 360 42.88 1.44 -14.67
C ARG C 360 41.56 1.90 -15.28
N LEU C 361 40.52 1.98 -14.45
CA LEU C 361 39.18 2.33 -14.89
C LEU C 361 39.08 3.78 -15.27
N LYS C 362 39.54 4.68 -14.40
CA LYS C 362 39.69 6.09 -14.74
C LYS C 362 40.37 6.23 -16.11
N VAL C 363 41.56 5.65 -16.24
CA VAL C 363 42.35 5.74 -17.48
C VAL C 363 41.63 5.21 -18.72
N SER C 364 40.97 4.06 -18.59
CA SER C 364 40.29 3.45 -19.73
C SER C 364 38.91 4.06 -19.99
N GLY C 365 38.58 5.13 -19.26
CA GLY C 365 37.31 5.85 -19.40
C GLY C 365 36.07 5.00 -19.16
N SER C 366 36.20 4.02 -18.28
CA SER C 366 35.10 3.10 -17.96
C SER C 366 33.93 3.83 -17.31
N LYS C 367 32.73 3.50 -17.79
CA LYS C 367 31.49 4.11 -17.35
C LYS C 367 30.93 3.35 -16.15
N LYS C 368 31.62 2.26 -15.78
CA LYS C 368 31.23 1.42 -14.64
C LYS C 368 31.61 2.04 -13.30
N THR C 369 31.02 1.50 -12.22
CA THR C 369 31.39 1.89 -10.86
C THR C 369 31.42 0.66 -9.97
N VAL C 370 32.30 0.65 -8.99
CA VAL C 370 32.43 -0.51 -8.15
C VAL C 370 32.36 -0.07 -6.71
N VAL C 371 31.39 -0.62 -6.00
CA VAL C 371 31.26 -0.35 -4.59
C VAL C 371 31.82 -1.55 -3.83
N ALA C 372 32.95 -1.35 -3.16
CA ALA C 372 33.60 -2.44 -2.46
C ALA C 372 33.25 -2.40 -0.99
N PHE C 373 32.71 -3.51 -0.53
CA PHE C 373 32.34 -3.63 0.85
C PHE C 373 33.39 -4.47 1.53
N ILE C 374 33.71 -4.11 2.76
CA ILE C 374 34.55 -4.92 3.63
C ILE C 374 33.77 -5.23 4.88
N VAL C 375 33.50 -6.50 5.10
CA VAL C 375 32.80 -6.89 6.32
C VAL C 375 33.72 -7.77 7.14
N MET C 376 34.26 -7.18 8.22
CA MET C 376 35.16 -7.82 9.17
C MET C 376 34.98 -7.12 10.50
N PRO C 377 34.61 -7.88 11.57
CA PRO C 377 34.32 -7.30 12.89
C PRO C 377 35.56 -6.65 13.47
N ALA C 378 35.43 -5.39 13.89
CA ALA C 378 36.46 -4.66 14.62
C ALA C 378 35.83 -4.05 15.87
N LYS C 379 36.64 -3.68 16.86
CA LYS C 379 36.14 -3.08 18.10
C LYS C 379 35.49 -1.74 17.76
N ASN C 380 34.21 -1.57 18.09
CA ASN C 380 33.51 -0.36 17.67
C ASN C 380 32.46 0.16 18.64
N ASN C 381 32.00 1.37 18.37
CA ASN C 381 31.00 2.02 19.20
C ASN C 381 29.66 2.18 18.51
N SER C 382 29.36 1.24 17.62
CA SER C 382 28.16 1.24 16.81
C SER C 382 28.19 2.28 15.68
N PHE C 383 27.08 2.34 14.95
CA PHE C 383 26.97 3.06 13.69
C PHE C 383 27.14 4.54 13.97
N THR C 384 27.84 5.25 13.08
CA THR C 384 27.96 6.70 13.19
C THR C 384 26.57 7.30 13.14
N VAL C 385 26.34 8.44 13.79
CA VAL C 385 25.08 9.17 13.59
C VAL C 385 24.81 9.43 12.09
N GLU C 386 25.84 9.86 11.34
CA GLU C 386 25.73 10.07 9.91
C GLU C 386 25.08 8.89 9.19
N ALA C 387 25.53 7.68 9.53
CA ALA C 387 25.08 6.48 8.84
C ALA C 387 23.58 6.30 9.01
N LEU C 388 23.12 6.43 10.25
CA LEU C 388 21.73 6.24 10.57
C LEU C 388 20.87 7.36 9.99
N LYS C 389 21.40 8.57 10.04
CA LYS C 389 20.72 9.78 9.62
C LYS C 389 20.45 9.68 8.11
N GLY C 390 21.49 9.37 7.34
CA GLY C 390 21.38 9.20 5.90
C GLY C 390 20.25 8.25 5.53
N GLN C 391 20.06 7.23 6.35
CA GLN C 391 19.09 6.20 6.06
C GLN C 391 17.69 6.76 6.33
N ALA C 392 17.49 7.37 7.50
CA ALA C 392 16.20 7.99 7.84
C ALA C 392 15.80 9.11 6.86
N GLU C 393 16.81 9.81 6.33
CA GLU C 393 16.57 10.89 5.38
C GLU C 393 16.04 10.34 4.06
N VAL C 394 16.64 9.27 3.56
CA VAL C 394 16.18 8.66 2.31
C VAL C 394 14.77 8.10 2.44
N ARG C 395 14.54 7.35 3.50
CA ARG C 395 13.22 6.86 3.80
C ARG C 395 12.19 7.99 3.77
N ALA C 396 12.58 9.15 4.25
CA ALA C 396 11.65 10.24 4.43
C ALA C 396 11.30 10.82 3.09
N LEU C 397 12.28 10.88 2.19
CA LEU C 397 12.07 11.27 0.84
C LEU C 397 11.11 10.29 0.16
N GLU C 398 11.36 8.98 0.32
CA GLU C 398 10.47 7.96 -0.26
C GLU C 398 9.04 8.16 0.17
N ASN C 399 8.80 8.42 1.45
CA ASN C 399 7.42 8.60 1.87
C ASN C 399 6.80 9.85 1.21
N THR C 400 7.58 10.92 1.11
CA THR C 400 7.12 12.12 0.42
C THR C 400 6.83 11.82 -1.05
N VAL C 401 7.72 11.11 -1.70
CA VAL C 401 7.45 10.74 -3.08
C VAL C 401 6.17 9.93 -3.22
N HIS C 402 5.91 9.09 -2.23
CA HIS C 402 4.74 8.26 -2.30
C HIS C 402 3.52 9.16 -2.20
N GLU C 403 3.57 10.15 -1.32
CA GLU C 403 2.41 11.03 -1.16
C GLU C 403 2.14 11.80 -2.46
N VAL C 404 3.18 12.44 -2.97
CA VAL C 404 3.10 13.16 -4.22
C VAL C 404 2.52 12.29 -5.36
N THR C 405 3.04 11.08 -5.56
CA THR C 405 2.45 10.26 -6.62
C THR C 405 0.98 9.82 -6.37
N THR C 406 0.52 9.80 -5.13
CA THR C 406 -0.87 9.48 -4.87
C THR C 406 -1.72 10.62 -5.43
N SER C 407 -1.36 11.85 -5.09
CA SER C 407 -1.99 13.05 -5.61
C SER C 407 -1.95 13.11 -7.14
N ILE C 408 -0.78 12.86 -7.70
CA ILE C 408 -0.62 12.79 -9.12
C ILE C 408 -1.61 11.79 -9.72
N GLY C 409 -1.79 10.66 -9.03
CA GLY C 409 -2.75 9.62 -9.39
C GLY C 409 -4.15 10.16 -9.52
N LYS C 410 -4.63 10.79 -8.45
CA LYS C 410 -5.95 11.42 -8.52
C LYS C 410 -6.07 12.32 -9.78
N ARG C 411 -4.99 12.99 -10.16
CA ARG C 411 -5.09 13.98 -11.23
C ARG C 411 -5.14 13.32 -12.60
N ILE C 412 -4.27 12.36 -12.84
CA ILE C 412 -4.30 11.63 -14.08
C ILE C 412 -5.63 10.95 -14.24
N PHE C 413 -6.10 10.43 -13.11
CA PHE C 413 -7.28 9.62 -13.11
C PHE C 413 -8.43 10.51 -13.50
N ASP C 414 -8.44 11.69 -12.90
CA ASP C 414 -9.56 12.58 -13.08
C ASP C 414 -9.68 13.02 -14.52
N HIS C 415 -8.55 13.42 -15.09
CA HIS C 415 -8.43 13.74 -16.48
C HIS C 415 -8.96 12.58 -17.28
N ALA C 416 -8.42 11.40 -17.01
CA ALA C 416 -8.75 10.25 -17.82
C ALA C 416 -10.19 9.90 -17.83
N ILE C 417 -10.90 10.11 -16.72
CA ILE C 417 -12.30 9.70 -16.69
C ILE C 417 -13.15 10.77 -17.36
N ARG C 418 -12.67 12.00 -17.37
CA ARG C 418 -13.43 13.14 -17.82
C ARG C 418 -13.28 13.40 -19.34
N TYR C 419 -12.12 13.07 -19.90
CA TYR C 419 -11.86 13.31 -21.31
C TYR C 419 -13.05 12.77 -22.09
N PRO C 420 -13.49 13.48 -23.16
CA PRO C 420 -13.05 14.76 -23.69
C PRO C 420 -13.92 15.95 -23.27
N HIS C 421 -14.63 15.81 -22.16
CA HIS C 421 -15.51 16.88 -21.67
C HIS C 421 -14.76 17.96 -20.93
N ASN C 422 -15.50 19.02 -20.59
CA ASN C 422 -14.98 20.20 -19.91
C ASN C 422 -13.68 20.73 -20.53
N GLY C 423 -13.65 20.72 -21.88
CA GLY C 423 -12.54 21.31 -22.62
C GLY C 423 -11.21 20.59 -22.52
N LEU C 424 -11.21 19.34 -22.05
CA LEU C 424 -9.98 18.55 -22.03
C LEU C 424 -9.82 17.91 -23.40
N THR C 425 -8.86 18.41 -24.16
CA THR C 425 -8.80 18.10 -25.59
C THR C 425 -7.87 16.96 -25.95
N THR C 426 -6.87 16.69 -25.10
CA THR C 426 -5.98 15.53 -25.27
C THR C 426 -6.34 14.44 -24.26
N GLU C 427 -6.21 13.17 -24.66
CA GLU C 427 -6.54 12.06 -23.74
C GLU C 427 -5.84 12.13 -22.39
N LEU C 428 -4.59 12.58 -22.41
CA LEU C 428 -3.76 12.66 -21.22
C LEU C 428 -3.26 14.08 -20.90
N PRO C 429 -2.85 14.30 -19.64
CA PRO C 429 -2.20 15.55 -19.28
C PRO C 429 -0.91 15.70 -20.06
N THR C 430 -0.50 16.93 -20.36
CA THR C 430 0.71 17.14 -21.16
C THR C 430 1.67 18.08 -20.45
N ASP C 431 1.12 19.04 -19.71
CA ASP C 431 1.92 19.88 -18.84
C ASP C 431 2.09 19.26 -17.43
N LEU C 432 3.32 19.26 -16.96
CA LEU C 432 3.64 18.78 -15.63
C LEU C 432 2.85 19.54 -14.57
N GLY C 433 2.73 20.85 -14.75
CA GLY C 433 1.91 21.69 -13.87
C GLY C 433 0.49 21.23 -13.57
N GLU C 434 -0.12 20.46 -14.46
CA GLU C 434 -1.46 19.90 -14.18
C GLU C 434 -1.39 18.84 -13.09
N LEU C 435 -0.21 18.23 -12.97
CA LEU C 435 -0.04 17.06 -12.16
C LEU C 435 0.68 17.37 -10.87
N LEU C 436 1.74 18.16 -10.97
CA LEU C 436 2.59 18.51 -9.86
C LEU C 436 2.28 19.92 -9.39
N LYS C 437 1.52 20.03 -8.30
CA LYS C 437 1.20 21.33 -7.71
C LYS C 437 2.37 21.86 -6.88
N SER C 438 2.26 23.09 -6.40
CA SER C 438 3.42 23.73 -5.78
C SER C 438 3.60 23.31 -4.33
N SER C 439 2.51 22.99 -3.65
CA SER C 439 2.56 22.39 -2.33
C SER C 439 3.40 21.11 -2.36
N ASP C 440 3.21 20.29 -3.39
CA ASP C 440 4.02 19.07 -3.61
C ASP C 440 5.49 19.40 -3.82
N LYS C 441 5.75 20.46 -4.57
CA LYS C 441 7.12 20.90 -4.83
C LYS C 441 7.84 21.31 -3.55
N VAL C 442 7.13 21.97 -2.64
CA VAL C 442 7.73 22.49 -1.40
C VAL C 442 8.27 21.37 -0.50
N MET C 443 7.46 20.33 -0.26
CA MET C 443 7.92 19.21 0.56
C MET C 443 9.00 18.37 -0.10
N LEU C 444 8.87 18.12 -1.40
CA LEU C 444 9.96 17.44 -2.12
C LEU C 444 11.24 18.23 -2.04
N LYS C 445 11.13 19.55 -1.92
CA LYS C 445 12.32 20.37 -1.81
C LYS C 445 12.89 20.35 -0.39
N ARG C 446 12.01 20.39 0.61
CA ARG C 446 12.43 20.19 1.99
C ARG C 446 13.19 18.87 2.14
N ARG C 447 12.67 17.78 1.56
CA ARG C 447 13.37 16.50 1.68
C ARG C 447 14.68 16.45 0.93
N ILE C 448 14.78 17.15 -0.21
CA ILE C 448 16.03 17.18 -0.99
C ILE C 448 17.09 17.97 -0.24
N LEU C 449 16.66 19.01 0.46
CA LEU C 449 17.59 19.83 1.21
C LEU C 449 18.22 19.04 2.35
N ALA C 450 17.40 18.19 3.01
CA ALA C 450 17.84 17.36 4.13
C ALA C 450 18.91 16.32 3.77
N LEU C 451 18.92 15.89 2.50
CA LEU C 451 19.93 14.97 2.00
C LEU C 451 21.26 15.64 1.76
N ARG C 452 21.24 16.97 1.73
CA ARG C 452 22.42 17.76 1.40
C ARG C 452 23.50 17.53 2.45
N ARG C 453 24.73 17.40 2.01
CA ARG C 453 25.81 17.33 2.96
C ARG C 453 26.77 18.52 2.81
N PRO C 454 27.29 19.05 3.94
CA PRO C 454 28.12 20.25 3.88
C PRO C 454 29.21 20.16 2.81
N GLU C 455 29.64 21.32 2.31
CA GLU C 455 30.64 21.42 1.23
C GLU C 455 31.93 20.67 1.52
N GLY C 456 32.41 19.93 0.51
CA GLY C 456 33.65 19.18 0.64
C GLY C 456 33.50 17.80 1.26
N GLN C 457 32.56 17.63 2.18
CA GLN C 457 32.40 16.37 2.90
C GLN C 457 32.09 15.22 1.94
N LEU C 458 32.85 14.14 2.08
CA LEU C 458 32.76 13.00 1.17
C LEU C 458 32.01 11.85 1.83
N PRO C 459 31.37 10.98 1.02
CA PRO C 459 30.74 9.81 1.62
C PRO C 459 31.82 9.00 2.34
N PRO C 460 31.59 8.71 3.63
CA PRO C 460 32.55 8.11 4.55
C PRO C 460 33.05 6.75 4.07
N ILE C 461 34.21 6.36 4.56
CA ILE C 461 34.76 5.09 4.19
C ILE C 461 34.45 4.03 5.24
N VAL C 462 33.67 4.41 6.26
CA VAL C 462 33.30 3.49 7.36
C VAL C 462 31.95 3.91 7.91
N THR C 463 31.23 2.93 8.44
CA THR C 463 29.86 3.11 8.90
C THR C 463 29.74 3.12 10.42
N HIS C 464 30.82 2.82 11.12
CA HIS C 464 30.77 2.83 12.58
C HIS C 464 31.79 3.76 13.15
N ASN C 465 31.52 4.22 14.36
CA ASN C 465 32.56 4.83 15.16
C ASN C 465 33.48 3.73 15.68
N MET C 466 34.73 3.80 15.23
CA MET C 466 35.78 2.87 15.59
C MET C 466 36.39 3.22 16.95
N VAL C 467 36.69 2.19 17.74
CA VAL C 467 37.52 2.34 18.94
C VAL C 467 38.98 2.25 18.47
N ASP C 468 39.80 3.22 18.82
CA ASP C 468 41.14 3.35 18.21
C ASP C 468 41.08 3.25 16.69
N ASP C 469 40.50 4.28 16.10
CA ASP C 469 40.40 4.48 14.67
C ASP C 469 41.75 4.65 13.97
N ALA C 470 42.66 5.40 14.60
CA ALA C 470 43.91 5.81 13.96
C ALA C 470 44.88 4.65 13.68
N ASN C 471 44.75 3.58 14.47
CA ASN C 471 45.61 2.41 14.30
C ASN C 471 44.92 1.18 13.73
N ASP C 472 43.68 1.34 13.24
CA ASP C 472 43.04 0.29 12.48
C ASP C 472 43.77 0.04 11.17
N LEU C 473 44.02 -1.22 10.89
CA LEU C 473 44.77 -1.59 9.69
C LEU C 473 44.02 -1.30 8.38
N ILE C 474 42.74 -1.66 8.35
CA ILE C 474 41.92 -1.49 7.16
C ILE C 474 41.85 -0.01 6.80
N LEU C 475 41.40 0.80 7.76
CA LEU C 475 41.26 2.21 7.50
C LEU C 475 42.59 2.77 7.03
N ASN C 476 43.66 2.41 7.73
CA ASN C 476 44.98 2.95 7.40
C ASN C 476 45.42 2.66 5.98
N LYS C 477 45.15 1.45 5.52
CA LYS C 477 45.49 1.06 4.16
C LYS C 477 44.64 1.82 3.15
N ILE C 478 43.37 2.04 3.51
CA ILE C 478 42.46 2.77 2.67
C ILE C 478 42.94 4.21 2.54
N ARG C 479 43.24 4.82 3.69
CA ARG C 479 43.80 6.16 3.73
C ARG C 479 45.04 6.22 2.86
N GLN C 480 45.93 5.24 3.05
CA GLN C 480 47.19 5.16 2.34
C GLN C 480 47.04 5.14 0.81
N VAL C 481 46.05 4.38 0.32
CA VAL C 481 45.85 4.26 -1.12
C VAL C 481 45.01 5.39 -1.68
N GLN C 482 44.45 6.20 -0.79
CA GLN C 482 43.64 7.38 -1.13
C GLN C 482 42.27 7.13 -1.79
N LEU C 483 41.65 5.99 -1.51
CA LEU C 483 40.28 5.76 -1.97
C LEU C 483 39.31 6.34 -0.97
N PHE C 484 38.99 7.62 -1.15
CA PHE C 484 38.17 8.39 -0.19
C PHE C 484 36.73 8.60 -0.64
N ASN C 485 36.28 7.80 -1.62
CA ASN C 485 34.97 7.97 -2.22
C ASN C 485 34.80 9.36 -2.84
N SER C 486 35.76 9.77 -3.67
CA SER C 486 35.61 10.99 -4.49
C SER C 486 34.61 10.73 -5.59
N PRO C 487 34.02 11.81 -6.13
CA PRO C 487 33.18 11.64 -7.32
C PRO C 487 33.96 11.08 -8.52
N SER C 488 35.24 11.42 -8.65
CA SER C 488 36.04 10.96 -9.78
C SER C 488 36.64 9.58 -9.57
N ASP C 489 36.53 9.05 -8.34
CA ASP C 489 36.89 7.65 -8.04
C ASP C 489 35.85 6.74 -8.66
N ARG C 490 36.31 5.86 -9.53
CA ARG C 490 35.41 4.94 -10.18
C ARG C 490 35.24 3.65 -9.34
N VAL C 491 36.02 3.55 -8.26
CA VAL C 491 35.89 2.49 -7.26
C VAL C 491 35.63 3.17 -5.94
N LYS C 492 34.54 2.79 -5.28
CA LYS C 492 34.19 3.34 -3.96
C LYS C 492 34.50 2.28 -2.94
N MET C 493 34.52 2.67 -1.68
CA MET C 493 34.94 1.78 -0.62
C MET C 493 34.11 1.96 0.63
N ILE C 494 33.53 0.87 1.13
CA ILE C 494 32.77 0.92 2.39
C ILE C 494 33.19 -0.18 3.37
N PHE C 495 33.70 0.25 4.51
CA PHE C 495 34.08 -0.64 5.61
C PHE C 495 32.93 -0.72 6.62
N HIS C 496 32.44 -1.93 6.84
CA HIS C 496 31.32 -2.19 7.77
C HIS C 496 31.85 -3.13 8.84
N PRO C 497 32.39 -2.57 9.93
CA PRO C 497 33.17 -3.38 10.87
C PRO C 497 32.30 -4.10 11.94
N GLU C 498 31.35 -4.89 11.46
CA GLU C 498 30.46 -5.70 12.27
C GLU C 498 29.89 -6.73 11.32
N PHE C 499 29.46 -7.86 11.85
CA PHE C 499 28.85 -8.89 11.03
C PHE C 499 27.42 -8.52 10.67
N LEU C 500 27.01 -8.84 9.44
CA LEU C 500 25.68 -8.50 8.94
C LEU C 500 24.65 -9.36 9.56
N ASN C 501 23.47 -8.78 9.72
CA ASN C 501 22.34 -9.42 10.35
C ASN C 501 21.14 -8.58 9.95
N ALA C 502 20.03 -9.23 9.63
CA ALA C 502 18.79 -8.53 9.23
C ALA C 502 18.28 -7.45 10.19
N ASN C 503 18.82 -7.36 11.40
CA ASN C 503 18.38 -6.34 12.35
C ASN C 503 19.23 -5.10 12.23
N ASN C 504 20.32 -5.21 11.50
CA ASN C 504 21.12 -4.06 11.11
C ASN C 504 20.25 -2.92 10.60
N PRO C 505 20.18 -1.81 11.37
CA PRO C 505 19.25 -0.72 11.06
C PRO C 505 19.54 -0.01 9.74
N ILE C 506 20.75 -0.16 9.19
CA ILE C 506 21.08 0.54 7.94
C ILE C 506 21.23 -0.39 6.72
N LEU C 507 21.39 -1.67 6.99
CA LEU C 507 21.51 -2.66 5.93
C LEU C 507 20.87 -3.95 6.42
N GLY C 508 19.54 -3.94 6.49
CA GLY C 508 18.74 -5.01 7.07
C GLY C 508 18.80 -6.37 6.41
N LEU C 509 20.01 -6.84 6.12
CA LEU C 509 20.24 -8.12 5.45
C LEU C 509 20.99 -9.06 6.37
N ASP C 510 20.56 -10.32 6.42
CA ASP C 510 21.46 -11.38 6.86
C ASP C 510 22.59 -11.59 5.83
N TYR C 511 23.69 -12.15 6.29
CA TYR C 511 24.86 -12.25 5.47
C TYR C 511 24.59 -13.00 4.16
N ASP C 512 23.98 -14.18 4.24
CA ASP C 512 23.70 -14.97 3.04
C ASP C 512 22.90 -14.14 2.04
N GLU C 513 21.96 -13.36 2.54
CA GLU C 513 21.16 -12.49 1.71
C GLU C 513 22.04 -11.45 1.04
N PHE C 514 22.85 -10.79 1.85
CA PHE C 514 23.78 -9.82 1.33
C PHE C 514 24.64 -10.40 0.19
N VAL C 515 25.02 -11.67 0.34
CA VAL C 515 25.95 -12.29 -0.58
C VAL C 515 25.31 -12.46 -1.95
N ARG C 516 24.06 -12.92 -1.96
CA ARG C 516 23.27 -13.12 -3.19
C ARG C 516 23.18 -11.78 -3.92
N GLY C 517 23.03 -10.73 -3.15
CA GLY C 517 22.99 -9.40 -3.69
C GLY C 517 24.25 -8.96 -4.39
N CYS C 518 25.42 -9.47 -4.01
CA CYS C 518 26.65 -8.92 -4.61
C CYS C 518 26.91 -9.38 -6.05
N HIS C 519 28.02 -8.99 -6.65
CA HIS C 519 28.36 -9.53 -7.97
C HIS C 519 29.58 -10.40 -7.92
N LEU C 520 30.50 -10.04 -7.04
CA LEU C 520 31.76 -10.74 -6.95
C LEU C 520 32.29 -10.81 -5.51
N GLY C 521 32.66 -11.99 -5.09
CA GLY C 521 33.33 -12.16 -3.80
C GLY C 521 34.83 -12.19 -4.00
N VAL C 522 35.56 -11.40 -3.22
CA VAL C 522 37.00 -11.29 -3.46
C VAL C 522 37.79 -11.61 -2.21
N PHE C 523 38.40 -12.79 -2.19
CA PHE C 523 38.99 -13.33 -0.95
C PHE C 523 40.43 -13.81 -1.15
N PRO C 524 41.37 -12.86 -1.25
CA PRO C 524 42.73 -13.16 -1.68
C PRO C 524 43.61 -13.65 -0.51
N SER C 525 43.14 -14.69 0.17
CA SER C 525 43.78 -15.22 1.36
C SER C 525 45.22 -15.65 1.15
N TYR C 526 46.04 -15.37 2.16
CA TYR C 526 47.36 -15.93 2.21
C TYR C 526 47.37 -17.18 3.08
N TYR C 527 46.55 -17.17 4.13
CA TYR C 527 46.39 -18.34 4.97
C TYR C 527 44.93 -18.65 5.17
N GLU C 528 44.49 -19.74 4.55
CA GLU C 528 43.11 -20.21 4.63
C GLU C 528 43.04 -21.73 4.43
N PRO C 529 42.96 -22.47 5.56
CA PRO C 529 42.91 -23.93 5.53
C PRO C 529 41.75 -24.43 4.69
N TRP C 530 40.56 -23.87 4.90
CA TRP C 530 39.44 -24.16 4.01
C TRP C 530 38.91 -22.94 3.28
N GLY C 531 38.11 -22.14 3.97
CA GLY C 531 37.53 -20.95 3.35
C GLY C 531 36.06 -21.15 3.08
N TYR C 532 35.29 -21.15 4.16
CA TYR C 532 33.86 -21.14 4.03
C TYR C 532 33.40 -19.99 3.14
N THR C 533 34.08 -18.85 3.28
CA THR C 533 33.62 -17.64 2.65
C THR C 533 33.36 -17.81 1.14
N PRO C 534 34.39 -18.13 0.33
CA PRO C 534 34.10 -18.29 -1.11
C PRO C 534 33.31 -19.55 -1.44
N ALA C 535 33.20 -20.47 -0.48
CA ALA C 535 32.41 -21.67 -0.71
C ALA C 535 30.92 -21.32 -0.69
N GLU C 536 30.43 -20.76 0.43
CA GLU C 536 29.03 -20.32 0.49
C GLU C 536 28.72 -19.31 -0.61
N CYS C 537 29.75 -18.71 -1.14
CA CYS C 537 29.62 -17.76 -2.22
C CYS C 537 29.29 -18.47 -3.55
N THR C 538 30.09 -19.47 -3.88
CA THR C 538 29.91 -20.33 -5.06
C THR C 538 28.58 -21.09 -5.11
N VAL C 539 28.21 -21.68 -3.97
CA VAL C 539 26.97 -22.43 -3.78
C VAL C 539 25.74 -21.55 -3.98
N MET C 540 25.89 -20.24 -3.79
CA MET C 540 24.81 -19.31 -4.08
C MET C 540 25.00 -18.61 -5.45
N GLY C 541 25.72 -19.26 -6.35
CA GLY C 541 25.87 -18.75 -7.70
C GLY C 541 26.48 -17.37 -7.83
N VAL C 542 27.28 -16.96 -6.84
CA VAL C 542 28.04 -15.71 -6.90
C VAL C 542 29.49 -16.04 -7.22
N PRO C 543 30.05 -15.46 -8.29
CA PRO C 543 31.44 -15.74 -8.66
C PRO C 543 32.39 -15.26 -7.58
N SER C 544 33.51 -15.95 -7.41
CA SER C 544 34.48 -15.58 -6.36
C SER C 544 35.92 -15.64 -6.81
N ILE C 545 36.72 -14.71 -6.29
CA ILE C 545 38.16 -14.75 -6.49
C ILE C 545 38.81 -15.36 -5.25
N THR C 546 39.62 -16.38 -5.45
CA THR C 546 40.35 -17.06 -4.36
C THR C 546 41.84 -17.32 -4.74
N THR C 547 42.63 -17.82 -3.81
CA THR C 547 44.07 -18.04 -4.06
C THR C 547 44.40 -19.49 -4.06
N ASN C 548 45.37 -19.86 -4.89
CA ASN C 548 45.89 -21.23 -4.91
C ASN C 548 46.52 -21.70 -3.59
N VAL C 549 46.61 -20.83 -2.60
CA VAL C 549 47.06 -21.24 -1.26
C VAL C 549 45.91 -21.43 -0.26
N SER C 550 44.69 -21.15 -0.70
CA SER C 550 43.49 -21.36 0.07
C SER C 550 43.09 -22.81 -0.06
N GLY C 551 42.54 -23.38 1.02
CA GLY C 551 42.04 -24.75 0.97
C GLY C 551 41.08 -24.94 -0.19
N PHE C 552 40.00 -24.14 -0.17
CA PHE C 552 38.98 -24.14 -1.21
C PHE C 552 39.59 -23.88 -2.59
N GLY C 553 40.47 -22.89 -2.69
CA GLY C 553 41.08 -22.57 -3.96
C GLY C 553 41.73 -23.81 -4.55
N SER C 554 42.58 -24.44 -3.76
CA SER C 554 43.38 -25.60 -4.19
C SER C 554 42.49 -26.77 -4.59
N TYR C 555 41.50 -27.06 -3.73
CA TYR C 555 40.50 -28.08 -3.98
C TYR C 555 39.77 -27.92 -5.32
N MET C 556 39.51 -26.68 -5.70
CA MET C 556 38.77 -26.37 -6.90
C MET C 556 39.65 -26.36 -8.15
N GLU C 557 40.81 -25.69 -8.05
CA GLU C 557 41.85 -25.66 -9.08
C GLU C 557 42.18 -27.06 -9.54
N ASP C 558 42.13 -27.97 -8.57
CA ASP C 558 42.38 -29.39 -8.74
C ASP C 558 41.19 -30.09 -9.43
N LEU C 559 40.00 -29.51 -9.35
CA LEU C 559 38.79 -30.11 -9.95
C LEU C 559 38.49 -29.69 -11.39
N ILE C 560 38.75 -28.43 -11.70
CA ILE C 560 38.57 -27.93 -13.06
C ILE C 560 39.94 -27.79 -13.69
N GLU C 561 39.99 -27.55 -15.01
CA GLU C 561 41.18 -27.03 -15.64
C GLU C 561 41.20 -25.52 -15.37
N THR C 562 42.36 -24.99 -14.99
CA THR C 562 42.47 -23.63 -14.42
C THR C 562 42.01 -22.47 -15.33
N ASN C 563 42.12 -22.64 -16.65
CA ASN C 563 41.57 -21.66 -17.58
C ASN C 563 40.05 -21.74 -17.65
N GLN C 564 39.53 -22.97 -17.76
CA GLN C 564 38.09 -23.24 -17.71
C GLN C 564 37.44 -22.64 -16.46
N ALA C 565 38.11 -22.78 -15.31
CA ALA C 565 37.62 -22.32 -14.00
C ALA C 565 37.07 -20.90 -13.93
N LYS C 566 37.62 -20.02 -14.79
CA LYS C 566 37.15 -18.63 -14.93
C LYS C 566 35.72 -18.57 -15.46
N ASP C 567 35.38 -19.48 -16.36
CA ASP C 567 34.07 -19.48 -17.00
C ASP C 567 32.99 -20.03 -16.07
N TYR C 568 33.40 -20.85 -15.10
CA TYR C 568 32.51 -21.32 -14.03
C TYR C 568 32.49 -20.37 -12.83
N GLY C 569 33.10 -19.20 -13.01
CA GLY C 569 33.08 -18.17 -11.98
C GLY C 569 33.99 -18.41 -10.78
N ILE C 570 34.96 -19.31 -10.91
CA ILE C 570 36.00 -19.42 -9.89
C ILE C 570 37.31 -18.86 -10.40
N TYR C 571 37.66 -17.68 -9.90
CA TYR C 571 38.92 -17.02 -10.19
C TYR C 571 39.98 -17.39 -9.15
N ILE C 572 41.14 -17.85 -9.61
CA ILE C 572 42.20 -18.28 -8.71
C ILE C 572 43.48 -17.52 -8.94
N VAL C 573 43.77 -16.60 -8.04
CA VAL C 573 45.01 -15.84 -8.02
C VAL C 573 46.15 -16.70 -7.44
N ASP C 574 47.29 -16.66 -8.12
CA ASP C 574 48.48 -17.44 -7.78
C ASP C 574 49.35 -16.78 -6.70
N ARG C 575 49.33 -17.35 -5.51
CA ARG C 575 50.10 -16.81 -4.38
C ARG C 575 51.30 -17.67 -4.01
N ARG C 576 51.46 -18.79 -4.71
CA ARG C 576 52.61 -19.68 -4.50
C ARG C 576 53.82 -19.35 -5.40
N PHE C 577 53.58 -19.17 -6.70
CA PHE C 577 54.65 -19.05 -7.68
C PHE C 577 54.73 -17.67 -8.35
N LYS C 578 54.40 -16.63 -7.58
CA LYS C 578 54.52 -15.25 -8.06
C LYS C 578 54.78 -14.33 -6.88
N ALA C 579 55.61 -13.31 -7.07
CA ALA C 579 55.87 -12.33 -6.02
C ALA C 579 54.57 -11.58 -5.72
N PRO C 580 54.38 -11.16 -4.46
CA PRO C 580 53.21 -10.36 -4.07
C PRO C 580 52.79 -9.31 -5.11
N ASP C 581 53.74 -8.67 -5.78
CA ASP C 581 53.38 -7.68 -6.79
C ASP C 581 52.83 -8.26 -8.10
N GLU C 582 53.36 -9.40 -8.54
CA GLU C 582 52.79 -10.08 -9.70
C GLU C 582 51.37 -10.59 -9.38
N SER C 583 51.18 -11.03 -8.13
CA SER C 583 49.91 -11.52 -7.60
C SER C 583 48.87 -10.42 -7.64
N VAL C 584 49.16 -9.32 -6.97
CA VAL C 584 48.27 -8.17 -6.94
C VAL C 584 47.86 -7.77 -8.35
N GLU C 585 48.81 -7.77 -9.28
CA GLU C 585 48.51 -7.45 -10.67
C GLU C 585 47.56 -8.45 -11.32
N GLN C 586 47.69 -9.74 -10.97
CA GLN C 586 46.80 -10.78 -11.47
C GLN C 586 45.39 -10.54 -10.97
N LEU C 587 45.27 -10.26 -9.68
CA LEU C 587 44.01 -9.90 -9.05
C LEU C 587 43.33 -8.75 -9.78
N VAL C 588 44.07 -7.69 -10.05
CA VAL C 588 43.52 -6.54 -10.77
C VAL C 588 43.14 -6.93 -12.21
N ASP C 589 43.88 -7.83 -12.83
CA ASP C 589 43.47 -8.33 -14.15
C ASP C 589 42.10 -9.01 -14.05
N TYR C 590 41.93 -9.83 -13.04
CA TYR C 590 40.67 -10.52 -12.78
C TYR C 590 39.50 -9.54 -12.61
N MET C 591 39.57 -8.73 -11.57
CA MET C 591 38.59 -7.68 -11.34
C MET C 591 38.27 -6.85 -12.59
N GLU C 592 39.29 -6.47 -13.37
CA GLU C 592 39.06 -5.69 -14.58
C GLU C 592 38.28 -6.49 -15.63
N GLU C 593 38.59 -7.78 -15.73
CA GLU C 593 37.99 -8.64 -16.73
C GLU C 593 36.49 -8.78 -16.44
N PHE C 594 36.17 -8.92 -15.16
CA PHE C 594 34.80 -9.02 -14.67
C PHE C 594 34.02 -7.75 -14.95
N VAL C 595 34.65 -6.61 -14.70
CA VAL C 595 34.02 -5.31 -14.92
C VAL C 595 33.64 -5.14 -16.40
N LYS C 596 34.48 -5.62 -17.30
CA LYS C 596 34.21 -5.53 -18.74
C LYS C 596 32.95 -6.31 -19.16
N LYS C 597 32.53 -7.22 -18.31
CA LYS C 597 31.38 -8.08 -18.59
C LYS C 597 30.10 -7.27 -18.79
N THR C 598 29.21 -7.81 -19.61
CA THR C 598 27.86 -7.26 -19.76
C THR C 598 26.91 -8.03 -18.83
N ARG C 599 25.73 -7.47 -18.62
CA ARG C 599 24.71 -8.13 -17.82
C ARG C 599 24.49 -9.58 -18.25
N ARG C 600 24.29 -9.80 -19.55
CA ARG C 600 24.02 -11.14 -20.06
C ARG C 600 25.12 -12.11 -19.63
N GLN C 601 26.36 -11.72 -19.84
CA GLN C 601 27.52 -12.53 -19.50
C GLN C 601 27.63 -12.80 -18.00
N ARG C 602 27.23 -11.81 -17.21
CA ARG C 602 27.23 -11.92 -15.76
C ARG C 602 26.19 -12.94 -15.34
N ILE C 603 25.03 -12.89 -15.98
CA ILE C 603 23.98 -13.85 -15.70
C ILE C 603 24.40 -15.25 -16.11
N ASN C 604 24.90 -15.40 -17.34
CA ASN C 604 25.38 -16.73 -17.79
C ASN C 604 26.40 -17.32 -16.83
N GLN C 605 27.33 -16.49 -16.39
CA GLN C 605 28.38 -16.93 -15.49
C GLN C 605 27.81 -17.37 -14.13
N ARG C 606 26.90 -16.58 -13.59
CA ARG C 606 26.31 -16.90 -12.33
C ARG C 606 25.66 -18.29 -12.39
N ASN C 607 25.00 -18.60 -13.50
CA ASN C 607 24.41 -19.93 -13.71
C ASN C 607 25.47 -21.01 -13.70
N ALA C 608 26.65 -20.68 -14.22
CA ALA C 608 27.69 -21.68 -14.34
C ALA C 608 28.20 -22.00 -12.93
N THR C 609 28.45 -20.95 -12.15
CA THR C 609 28.84 -21.07 -10.76
C THR C 609 27.83 -21.92 -10.02
N GLU C 610 26.56 -21.53 -10.10
CA GLU C 610 25.49 -22.27 -9.46
C GLU C 610 25.56 -23.77 -9.72
N ALA C 611 25.91 -24.14 -10.94
CA ALA C 611 25.97 -25.54 -11.38
C ALA C 611 26.95 -26.34 -10.56
N LEU C 612 27.99 -25.68 -10.06
CA LEU C 612 28.97 -26.31 -9.19
C LEU C 612 28.38 -26.64 -7.83
N SER C 613 27.26 -26.03 -7.46
CA SER C 613 26.62 -26.27 -6.16
C SER C 613 26.94 -27.63 -5.56
N ASP C 614 26.58 -28.67 -6.29
CA ASP C 614 26.60 -30.05 -5.79
C ASP C 614 27.94 -30.51 -5.25
N LEU C 615 29.01 -30.16 -5.97
CA LEU C 615 30.38 -30.56 -5.61
C LEU C 615 30.86 -29.98 -4.28
N LEU C 616 29.99 -29.21 -3.61
CA LEU C 616 30.34 -28.58 -2.34
C LEU C 616 29.37 -28.98 -1.23
N ASP C 617 28.44 -29.85 -1.57
CA ASP C 617 27.41 -30.30 -0.64
C ASP C 617 27.82 -31.51 0.22
N TRP C 618 27.40 -31.52 1.48
CA TRP C 618 27.64 -32.66 2.41
C TRP C 618 27.18 -34.03 1.88
N LYS C 619 26.18 -34.05 0.99
CA LYS C 619 25.74 -35.30 0.34
C LYS C 619 26.87 -35.95 -0.45
N ARG C 620 27.90 -35.16 -0.74
CA ARG C 620 29.06 -35.62 -1.43
C ARG C 620 30.35 -35.57 -0.56
N MET C 621 30.55 -34.45 0.14
CA MET C 621 31.70 -34.30 1.03
C MET C 621 31.70 -35.30 2.20
N GLY C 622 30.51 -35.74 2.60
CA GLY C 622 30.34 -36.56 3.78
C GLY C 622 30.82 -37.97 3.60
N LEU C 623 30.99 -38.37 2.34
CA LEU C 623 31.62 -39.65 2.00
C LEU C 623 33.01 -39.79 2.63
N GLU C 624 33.76 -38.68 2.68
CA GLU C 624 35.07 -38.68 3.34
C GLU C 624 34.96 -38.98 4.83
N TYR C 625 34.03 -38.35 5.54
CA TYR C 625 33.86 -38.70 6.96
C TYR C 625 33.62 -40.21 7.14
N VAL C 626 32.88 -40.79 6.20
CA VAL C 626 32.63 -42.21 6.23
C VAL C 626 33.94 -42.97 6.06
N LYS C 627 34.73 -42.60 5.05
CA LYS C 627 36.03 -43.22 4.82
C LYS C 627 36.93 -43.07 6.07
N ALA C 628 36.97 -41.89 6.67
CA ALA C 628 37.80 -41.69 7.87
C ALA C 628 37.29 -42.49 9.07
N ARG C 629 35.99 -42.73 9.17
CA ARG C 629 35.51 -43.59 10.25
C ARG C 629 35.81 -45.07 9.99
N GLN C 630 35.74 -45.49 8.73
CA GLN C 630 36.08 -46.89 8.36
C GLN C 630 37.55 -47.18 8.69
N LEU C 631 38.44 -46.27 8.33
CA LEU C 631 39.84 -46.42 8.60
C LEU C 631 40.15 -46.55 10.09
N ALA C 632 39.40 -45.83 10.92
CA ALA C 632 39.55 -45.94 12.39
C ALA C 632 39.17 -47.34 12.88
N LEU C 633 38.02 -47.82 12.46
CA LEU C 633 37.54 -49.16 12.74
C LEU C 633 38.51 -50.23 12.29
N ARG C 634 39.10 -50.04 11.10
CA ARG C 634 40.04 -51.00 10.52
C ARG C 634 41.33 -51.07 11.35
N ARG C 635 41.82 -49.92 11.78
CA ARG C 635 43.05 -49.82 12.56
C ARG C 635 42.88 -50.31 13.98
N GLY C 636 41.71 -50.06 14.56
CA GLY C 636 41.40 -50.48 15.91
C GLY C 636 40.94 -51.92 16.06
N TYR C 637 40.40 -52.51 14.99
CA TYR C 637 39.91 -53.89 15.07
C TYR C 637 40.24 -54.75 13.85
N PRO C 638 41.55 -54.95 13.56
CA PRO C 638 42.02 -55.64 12.35
C PRO C 638 41.40 -57.01 12.08
N ASP C 639 41.31 -57.84 13.12
CA ASP C 639 40.82 -59.21 12.98
C ASP C 639 39.33 -59.24 12.66
N GLN C 640 38.58 -58.42 13.39
CA GLN C 640 37.14 -58.30 13.18
C GLN C 640 36.85 -57.77 11.77
N PHE C 641 37.56 -56.69 11.40
CA PHE C 641 37.41 -56.07 10.07
C PHE C 641 37.74 -57.07 8.96
N ARG C 642 38.91 -57.69 9.07
CA ARG C 642 39.33 -58.77 8.17
C ARG C 642 38.18 -59.77 7.97
N GLU C 643 37.74 -60.39 9.08
CA GLU C 643 36.66 -61.37 9.04
C GLU C 643 35.36 -60.83 8.45
N LEU C 644 35.17 -59.52 8.50
CA LEU C 644 33.96 -58.92 7.98
C LEU C 644 33.99 -58.76 6.46
N VAL C 645 35.19 -58.53 5.91
CA VAL C 645 35.35 -58.22 4.48
C VAL C 645 35.89 -59.40 3.67
N GLY C 646 36.70 -60.25 4.31
CA GLY C 646 37.21 -61.44 3.66
C GLY C 646 38.72 -61.43 3.50
N GLU C 647 39.30 -60.23 3.58
CA GLU C 647 40.72 -60.02 3.28
C GLU C 647 41.37 -59.05 4.27
N GLU C 648 42.70 -58.97 4.22
CA GLU C 648 43.42 -57.89 4.88
C GLU C 648 43.61 -56.69 3.94
N LEU C 649 42.81 -55.65 4.18
CA LEU C 649 42.79 -54.46 3.34
C LEU C 649 43.80 -53.40 3.80
N ASN C 650 44.38 -52.73 2.80
CA ASN C 650 45.35 -51.68 2.95
C ASN C 650 44.86 -50.60 3.90
N ASP C 651 45.66 -50.25 4.88
CA ASP C 651 45.18 -49.29 5.86
C ASP C 651 46.14 -48.14 6.06
N SER C 652 47.07 -47.98 5.12
CA SER C 652 48.01 -46.85 5.19
C SER C 652 47.37 -45.45 5.17
N ASN C 653 46.18 -45.35 4.59
CA ASN C 653 45.46 -44.07 4.53
C ASN C 653 43.99 -44.31 4.16
N MET C 654 43.17 -43.26 4.09
CA MET C 654 41.74 -43.40 3.73
C MET C 654 41.44 -43.89 2.30
N ASP C 655 42.20 -43.47 1.29
CA ASP C 655 41.95 -43.95 -0.10
C ASP C 655 42.36 -45.41 -0.33
N ALA C 656 43.42 -45.84 0.37
CA ALA C 656 43.96 -47.16 0.26
C ALA C 656 42.96 -48.21 0.71
N LEU C 657 42.21 -47.90 1.77
CA LEU C 657 41.14 -48.79 2.23
C LEU C 657 39.92 -48.86 1.29
N ALA C 658 39.49 -47.71 0.74
CA ALA C 658 38.23 -47.63 -0.03
C ALA C 658 38.40 -47.45 -1.54
N SER D 21 -55.23 -2.90 47.29
CA SER D 21 -53.92 -3.15 47.96
C SER D 21 -52.88 -3.71 46.99
N ARG D 22 -52.75 -3.06 45.84
CA ARG D 22 -51.75 -3.42 44.83
C ARG D 22 -50.83 -2.23 44.57
N ASP D 23 -49.53 -2.49 44.45
CA ASP D 23 -48.52 -1.41 44.37
C ASP D 23 -48.29 -0.89 42.96
N LEU D 24 -48.27 0.43 42.85
CA LEU D 24 -48.11 1.13 41.56
C LEU D 24 -46.66 1.55 41.28
N GLN D 25 -45.87 1.71 42.34
CA GLN D 25 -44.43 1.97 42.20
C GLN D 25 -43.71 0.71 41.71
N ASN D 26 -44.08 -0.44 42.27
CA ASN D 26 -43.61 -1.71 41.75
C ASN D 26 -44.78 -2.46 41.15
N HIS D 27 -44.88 -2.37 39.82
CA HIS D 27 -45.91 -3.05 39.05
C HIS D 27 -45.27 -3.90 37.96
N LEU D 28 -46.07 -4.77 37.35
CA LEU D 28 -45.61 -5.56 36.22
C LEU D 28 -46.04 -4.92 34.91
N LEU D 29 -45.34 -5.28 33.83
CA LEU D 29 -45.64 -4.77 32.50
C LEU D 29 -45.61 -5.86 31.44
N PHE D 30 -46.69 -5.91 30.67
CA PHE D 30 -46.84 -6.90 29.61
C PHE D 30 -47.14 -6.23 28.29
N GLU D 31 -46.26 -6.46 27.32
CA GLU D 31 -46.44 -5.92 25.98
C GLU D 31 -46.79 -7.06 25.05
N THR D 32 -47.78 -6.80 24.19
CA THR D 32 -48.32 -7.83 23.32
C THR D 32 -48.48 -7.28 21.91
N ALA D 33 -47.95 -8.01 20.93
CA ALA D 33 -48.10 -7.67 19.51
C ALA D 33 -47.86 -8.88 18.62
N THR D 34 -48.37 -8.82 17.39
CA THR D 34 -48.24 -9.93 16.45
C THR D 34 -46.83 -10.09 15.88
N GLU D 35 -45.94 -9.14 16.19
CA GLU D 35 -44.60 -9.10 15.60
C GLU D 35 -43.46 -9.52 16.55
N VAL D 36 -43.81 -10.07 17.71
CA VAL D 36 -42.87 -10.20 18.85
C VAL D 36 -41.52 -10.90 18.59
N ALA D 37 -41.47 -11.91 17.73
CA ALA D 37 -40.19 -12.52 17.39
C ALA D 37 -40.09 -12.82 15.91
N ASN D 38 -41.04 -12.30 15.14
CA ASN D 38 -41.05 -12.44 13.69
C ASN D 38 -41.38 -11.12 13.03
N ARG D 39 -40.53 -10.73 12.08
CA ARG D 39 -40.74 -9.52 11.31
C ARG D 39 -41.91 -9.68 10.36
N VAL D 40 -42.93 -8.86 10.56
CA VAL D 40 -44.04 -8.78 9.62
C VAL D 40 -44.09 -7.38 9.03
N GLY D 41 -44.01 -6.36 9.90
CA GLY D 41 -44.10 -4.98 9.50
C GLY D 41 -43.18 -4.08 10.30
N GLY D 42 -43.59 -2.82 10.48
CA GLY D 42 -42.80 -1.84 11.19
C GLY D 42 -42.75 -2.01 12.70
N ILE D 43 -43.77 -2.65 13.27
CA ILE D 43 -43.88 -2.84 14.72
C ILE D 43 -42.65 -3.59 15.25
N TYR D 44 -42.23 -4.61 14.49
CA TYR D 44 -41.06 -5.42 14.85
C TYR D 44 -39.91 -4.55 15.35
N SER D 45 -39.57 -3.52 14.56
CA SER D 45 -38.38 -2.71 14.84
C SER D 45 -38.59 -1.70 15.95
N VAL D 46 -39.84 -1.26 16.15
CA VAL D 46 -40.18 -0.40 17.28
C VAL D 46 -39.99 -1.15 18.60
N LEU D 47 -40.64 -2.31 18.69
CA LEU D 47 -40.52 -3.16 19.86
C LEU D 47 -39.08 -3.54 20.12
N LYS D 48 -38.41 -4.03 19.06
CA LYS D 48 -37.01 -4.41 19.11
C LYS D 48 -36.15 -3.31 19.73
N SER D 49 -36.18 -2.11 19.14
CA SER D 49 -35.30 -1.02 19.57
C SER D 49 -35.66 -0.42 20.94
N LYS D 50 -36.88 -0.66 21.40
CA LYS D 50 -37.38 -0.15 22.68
C LYS D 50 -36.88 -0.96 23.89
N ALA D 51 -36.74 -2.27 23.71
CA ALA D 51 -36.27 -3.19 24.75
C ALA D 51 -35.21 -2.63 25.72
N PRO D 52 -34.10 -2.05 25.21
CA PRO D 52 -33.11 -1.49 26.14
C PRO D 52 -33.72 -0.55 27.19
N ILE D 53 -34.35 0.53 26.73
CA ILE D 53 -34.90 1.53 27.64
C ILE D 53 -35.96 0.97 28.59
N THR D 54 -36.74 0.00 28.12
CA THR D 54 -37.77 -0.62 28.96
C THR D 54 -37.20 -1.63 29.95
N VAL D 55 -36.40 -2.57 29.46
CA VAL D 55 -35.72 -3.57 30.32
C VAL D 55 -34.91 -2.89 31.42
N ALA D 56 -34.33 -1.74 31.10
CA ALA D 56 -33.58 -0.95 32.07
C ALA D 56 -34.42 -0.60 33.30
N GLN D 57 -35.70 -0.27 33.07
CA GLN D 57 -36.60 0.15 34.14
C GLN D 57 -37.29 -1.01 34.86
N TYR D 58 -37.60 -2.06 34.12
CA TYR D 58 -38.41 -3.16 34.66
C TYR D 58 -37.63 -4.43 34.98
N LYS D 59 -36.41 -4.52 34.46
CA LYS D 59 -35.51 -5.64 34.73
C LYS D 59 -36.14 -6.98 34.34
N ASP D 60 -36.93 -7.55 35.26
CA ASP D 60 -37.57 -8.84 35.05
C ASP D 60 -39.10 -8.73 35.06
N HIS D 61 -39.60 -7.63 35.59
CA HIS D 61 -41.04 -7.33 35.67
C HIS D 61 -41.65 -7.17 34.28
N TYR D 62 -40.80 -7.21 33.26
CA TYR D 62 -41.19 -6.93 31.88
C TYR D 62 -41.29 -8.19 31.03
N HIS D 63 -42.46 -8.40 30.43
CA HIS D 63 -42.66 -9.51 29.53
C HIS D 63 -43.32 -9.10 28.21
N LEU D 64 -42.81 -9.66 27.11
CA LEU D 64 -43.38 -9.46 25.78
C LEU D 64 -44.12 -10.72 25.31
N ILE D 65 -45.26 -10.54 24.66
CA ILE D 65 -46.10 -11.67 24.27
C ILE D 65 -46.57 -11.63 22.81
N GLY D 66 -46.25 -12.67 22.04
CA GLY D 66 -46.73 -12.82 20.66
C GLY D 66 -46.99 -14.27 20.26
N PRO D 67 -47.50 -14.47 19.02
CA PRO D 67 -47.72 -15.81 18.46
C PRO D 67 -46.41 -16.50 18.13
N LEU D 68 -46.39 -17.83 18.25
CA LEU D 68 -45.18 -18.59 17.98
C LEU D 68 -44.97 -18.76 16.48
N ASN D 69 -43.87 -18.20 15.99
CA ASN D 69 -43.55 -18.39 14.58
C ASN D 69 -42.65 -19.62 14.41
N LYS D 70 -43.30 -20.76 14.20
CA LYS D 70 -42.64 -22.05 13.99
C LYS D 70 -41.48 -21.94 13.03
N ALA D 71 -41.72 -21.28 11.90
CA ALA D 71 -40.74 -21.16 10.81
C ALA D 71 -39.48 -20.36 11.15
N THR D 72 -39.59 -19.41 12.08
CA THR D 72 -38.50 -18.44 12.29
C THR D 72 -37.92 -18.36 13.70
N TYR D 73 -38.73 -18.71 14.71
CA TYR D 73 -38.35 -18.45 16.11
C TYR D 73 -37.05 -19.11 16.55
N GLN D 74 -36.68 -20.21 15.92
CA GLN D 74 -35.48 -20.97 16.28
C GLN D 74 -34.21 -20.12 16.20
N ASN D 75 -34.15 -19.22 15.21
CA ASN D 75 -32.99 -18.34 14.99
C ASN D 75 -33.04 -17.05 15.80
N GLU D 76 -34.25 -16.67 16.22
CA GLU D 76 -34.48 -15.40 16.90
C GLU D 76 -34.38 -15.53 18.41
N VAL D 77 -34.88 -16.64 18.95
CA VAL D 77 -35.08 -16.78 20.40
C VAL D 77 -33.94 -17.53 21.05
N ASP D 78 -33.58 -17.06 22.25
CA ASP D 78 -32.75 -17.80 23.20
C ASP D 78 -33.71 -18.69 23.99
N ILE D 79 -33.90 -19.92 23.50
CA ILE D 79 -34.87 -20.88 24.07
C ILE D 79 -34.42 -21.28 25.49
N LEU D 80 -35.30 -21.06 26.48
CA LEU D 80 -34.93 -21.27 27.89
C LEU D 80 -35.88 -22.14 28.69
N ASP D 81 -35.30 -22.89 29.62
CA ASP D 81 -36.07 -23.73 30.54
C ASP D 81 -36.79 -22.85 31.58
N TRP D 82 -38.12 -22.95 31.58
CA TRP D 82 -38.98 -22.10 32.40
C TRP D 82 -39.47 -22.82 33.66
N LYS D 83 -39.07 -24.09 33.81
CA LYS D 83 -39.51 -24.96 34.90
C LYS D 83 -38.70 -24.75 36.19
N LYS D 84 -37.40 -24.48 36.03
CA LYS D 84 -36.49 -24.21 37.15
C LYS D 84 -37.07 -23.22 38.19
N PRO D 85 -36.68 -23.37 39.47
CA PRO D 85 -37.01 -22.33 40.45
C PRO D 85 -36.11 -21.12 40.24
N GLU D 86 -34.98 -21.35 39.55
CA GLU D 86 -34.04 -20.31 39.15
C GLU D 86 -34.55 -19.45 37.99
N ALA D 87 -35.73 -19.79 37.45
CA ALA D 87 -36.32 -19.04 36.35
C ALA D 87 -36.99 -17.75 36.81
N PHE D 88 -37.25 -17.63 38.12
CA PHE D 88 -37.87 -16.43 38.69
C PHE D 88 -37.34 -16.10 40.08
N SER D 89 -37.75 -14.95 40.60
CA SER D 89 -37.48 -14.59 41.99
C SER D 89 -38.69 -14.94 42.86
N ASP D 90 -38.69 -14.48 44.11
CA ASP D 90 -39.79 -14.75 45.03
C ASP D 90 -41.03 -13.89 44.75
N GLU D 91 -40.81 -12.62 44.40
CA GLU D 91 -41.90 -11.72 44.04
C GLU D 91 -42.39 -11.97 42.60
N MET D 92 -41.55 -12.63 41.81
CA MET D 92 -41.92 -13.02 40.44
C MET D 92 -42.36 -14.48 40.38
N ARG D 93 -42.64 -15.05 41.56
CA ARG D 93 -43.21 -16.40 41.68
C ARG D 93 -44.58 -16.54 41.01
N PRO D 94 -45.52 -15.58 41.24
CA PRO D 94 -46.88 -15.65 40.70
C PRO D 94 -46.94 -15.91 39.20
N VAL D 95 -45.92 -15.47 38.48
CA VAL D 95 -45.82 -15.65 37.03
C VAL D 95 -45.64 -17.13 36.68
N GLN D 96 -44.77 -17.83 37.41
CA GLN D 96 -44.46 -19.24 37.17
C GLN D 96 -45.69 -20.17 37.35
N HIS D 97 -46.45 -19.96 38.43
CA HIS D 97 -47.65 -20.76 38.72
C HIS D 97 -48.76 -20.49 37.73
N ALA D 98 -48.77 -19.29 37.17
CA ALA D 98 -49.72 -18.93 36.11
C ALA D 98 -49.34 -19.56 34.77
N LEU D 99 -48.04 -19.76 34.55
CA LEU D 99 -47.55 -20.49 33.37
C LEU D 99 -47.78 -21.98 33.53
N GLN D 100 -47.79 -22.44 34.78
CA GLN D 100 -48.09 -23.82 35.11
C GLN D 100 -49.57 -24.11 34.86
N THR D 101 -50.42 -23.13 35.17
CA THR D 101 -51.86 -23.13 34.85
C THR D 101 -52.12 -23.29 33.35
N MET D 102 -51.27 -22.69 32.52
CA MET D 102 -51.40 -22.78 31.06
C MET D 102 -50.96 -24.16 30.57
N GLU D 103 -49.99 -24.75 31.25
CA GLU D 103 -49.57 -26.12 30.97
C GLU D 103 -50.56 -27.12 31.59
N SER D 104 -51.35 -26.64 32.56
CA SER D 104 -52.40 -27.44 33.20
C SER D 104 -53.66 -27.55 32.33
N ARG D 105 -53.56 -27.08 31.09
CA ARG D 105 -54.65 -27.21 30.11
C ARG D 105 -54.15 -27.74 28.76
N GLY D 106 -52.82 -27.74 28.57
CA GLY D 106 -52.20 -28.32 27.35
C GLY D 106 -51.75 -27.31 26.30
N VAL D 107 -51.52 -26.08 26.72
CA VAL D 107 -51.13 -24.97 25.82
C VAL D 107 -49.62 -24.88 25.67
N HIS D 108 -49.10 -25.29 24.51
CA HIS D 108 -47.68 -25.17 24.21
C HIS D 108 -47.31 -23.68 24.08
N PHE D 109 -46.18 -23.30 24.66
CA PHE D 109 -45.67 -21.93 24.59
C PHE D 109 -44.17 -21.87 24.84
N VAL D 110 -43.46 -21.04 24.06
CA VAL D 110 -42.00 -20.91 24.20
C VAL D 110 -41.64 -19.71 25.08
N TYR D 111 -40.79 -19.97 26.08
CA TYR D 111 -40.30 -18.93 26.97
C TYR D 111 -38.80 -18.79 26.78
N GLY D 112 -38.27 -17.60 27.08
CA GLY D 112 -36.83 -17.37 27.04
C GLY D 112 -36.40 -15.92 26.89
N ARG D 113 -35.59 -15.68 25.86
CA ARG D 113 -35.06 -14.35 25.59
C ARG D 113 -35.05 -14.09 24.09
N TRP D 114 -35.33 -12.85 23.72
CA TRP D 114 -35.13 -12.40 22.36
C TRP D 114 -33.64 -12.16 22.18
N LEU D 115 -33.08 -12.62 21.07
CA LEU D 115 -31.67 -12.41 20.78
C LEU D 115 -31.40 -11.00 20.21
N ILE D 116 -31.73 -9.99 21.00
CA ILE D 116 -31.47 -8.59 20.68
C ILE D 116 -30.91 -7.89 21.93
N GLU D 117 -30.33 -6.71 21.76
CA GLU D 117 -29.81 -5.96 22.90
C GLU D 117 -30.86 -5.77 23.98
N GLY D 118 -30.44 -5.86 25.24
CA GLY D 118 -31.36 -5.79 26.38
C GLY D 118 -32.07 -7.10 26.63
N ALA D 119 -31.85 -8.06 25.73
CA ALA D 119 -32.46 -9.40 25.75
C ALA D 119 -33.71 -9.53 26.63
N PRO D 120 -34.84 -8.98 26.16
CA PRO D 120 -36.08 -8.98 26.93
C PRO D 120 -36.69 -10.38 27.00
N LYS D 121 -37.49 -10.64 28.04
CA LYS D 121 -38.10 -11.96 28.24
C LYS D 121 -39.40 -12.13 27.45
N VAL D 122 -39.49 -13.26 26.75
CA VAL D 122 -40.51 -13.50 25.72
C VAL D 122 -41.43 -14.70 26.05
N ILE D 123 -42.73 -14.55 25.78
CA ILE D 123 -43.68 -15.67 25.85
C ILE D 123 -44.42 -15.82 24.52
N LEU D 124 -44.05 -16.85 23.77
CA LEU D 124 -44.62 -17.09 22.44
C LEU D 124 -45.60 -18.26 22.42
N PHE D 125 -46.90 -17.94 22.49
CA PHE D 125 -47.94 -18.96 22.51
C PHE D 125 -48.15 -19.65 21.18
N ASP D 126 -47.96 -20.97 21.19
CA ASP D 126 -48.30 -21.80 20.04
C ASP D 126 -49.82 -21.85 19.91
N LEU D 127 -50.31 -21.43 18.74
CA LEU D 127 -51.74 -21.33 18.50
C LEU D 127 -52.30 -22.63 17.92
N ASP D 128 -51.41 -23.52 17.51
CA ASP D 128 -51.79 -24.87 17.08
C ASP D 128 -52.32 -25.67 18.27
N SER D 129 -51.71 -25.45 19.43
CA SER D 129 -52.15 -26.09 20.68
C SER D 129 -53.30 -25.33 21.32
N VAL D 130 -54.18 -24.79 20.48
CA VAL D 130 -55.36 -24.06 20.95
C VAL D 130 -56.40 -23.88 19.82
N ARG D 131 -56.09 -24.47 18.66
CA ARG D 131 -56.90 -24.34 17.45
C ARG D 131 -58.36 -24.81 17.58
N GLY D 132 -58.57 -25.99 18.17
CA GLY D 132 -59.91 -26.57 18.32
C GLY D 132 -60.93 -25.68 19.04
N TYR D 133 -60.44 -24.81 19.91
CA TYR D 133 -61.27 -23.92 20.72
C TYR D 133 -61.89 -22.78 19.91
N SER D 134 -61.48 -22.66 18.65
CA SER D 134 -61.87 -21.56 17.78
C SER D 134 -63.39 -21.36 17.68
N ASN D 135 -64.11 -22.38 17.24
CA ASN D 135 -65.56 -22.31 17.05
C ASN D 135 -66.31 -21.79 18.26
N GLU D 136 -65.93 -22.28 19.44
CA GLU D 136 -66.51 -21.83 20.71
C GLU D 136 -66.15 -20.37 20.98
N TRP D 137 -64.88 -20.03 20.76
CA TRP D 137 -64.39 -18.66 20.96
C TRP D 137 -64.94 -17.68 19.92
N LYS D 138 -65.08 -18.12 18.67
CA LYS D 138 -65.64 -17.29 17.61
C LYS D 138 -67.06 -16.90 17.98
N GLY D 139 -67.88 -17.90 18.27
CA GLY D 139 -69.25 -17.69 18.75
C GLY D 139 -69.26 -16.72 19.92
N ASP D 140 -68.44 -17.02 20.92
CA ASP D 140 -68.29 -16.19 22.11
C ASP D 140 -68.16 -14.71 21.73
N LEU D 141 -67.30 -14.42 20.74
CA LEU D 141 -67.09 -13.05 20.27
C LEU D 141 -68.33 -12.48 19.58
N TRP D 142 -68.94 -13.29 18.72
CA TRP D 142 -70.18 -12.90 18.04
C TRP D 142 -71.23 -12.44 19.04
N SER D 143 -71.33 -13.16 20.17
CA SER D 143 -72.31 -12.83 21.20
C SER D 143 -71.83 -11.77 22.20
N LEU D 144 -70.58 -11.87 22.66
CA LEU D 144 -70.07 -10.94 23.69
C LEU D 144 -69.76 -9.55 23.14
N VAL D 145 -69.39 -9.46 21.87
CA VAL D 145 -69.04 -8.17 21.24
C VAL D 145 -69.86 -7.85 19.98
N GLY D 146 -70.08 -8.87 19.15
CA GLY D 146 -70.84 -8.70 17.90
C GLY D 146 -69.97 -8.71 16.66
N ILE D 147 -68.84 -9.42 16.72
CA ILE D 147 -67.87 -9.46 15.62
C ILE D 147 -68.01 -10.73 14.78
N PRO D 148 -68.50 -10.58 13.53
CA PRO D 148 -68.65 -11.75 12.66
C PRO D 148 -67.29 -12.33 12.36
N SER D 149 -67.24 -13.60 12.00
CA SER D 149 -65.98 -14.20 11.62
C SER D 149 -66.11 -15.11 10.40
N PRO D 150 -66.20 -14.51 9.20
CA PRO D 150 -65.99 -15.32 8.01
C PRO D 150 -64.58 -15.89 8.11
N GLU D 151 -64.50 -17.20 8.28
CA GLU D 151 -63.27 -17.85 8.66
C GLU D 151 -62.40 -18.35 7.51
N ASN D 152 -62.66 -17.84 6.30
CA ASN D 152 -61.68 -17.94 5.21
C ASN D 152 -60.48 -17.02 5.48
N ASP D 153 -60.71 -16.03 6.36
CA ASP D 153 -59.69 -15.09 6.81
C ASP D 153 -58.84 -15.75 7.89
N PHE D 154 -57.71 -16.30 7.46
CA PHE D 154 -56.79 -16.99 8.36
C PHE D 154 -56.31 -16.07 9.47
N GLU D 155 -56.27 -14.78 9.17
CA GLU D 155 -55.71 -13.76 10.05
C GLU D 155 -56.59 -13.37 11.24
N THR D 156 -57.89 -13.16 11.03
CA THR D 156 -58.81 -12.91 12.14
C THR D 156 -58.80 -14.08 13.12
N ASN D 157 -58.74 -15.30 12.58
CA ASN D 157 -58.62 -16.50 13.39
C ASN D 157 -57.41 -16.38 14.31
N ASP D 158 -56.22 -16.27 13.71
CA ASP D 158 -54.97 -16.16 14.46
C ASP D 158 -54.95 -14.97 15.43
N ALA D 159 -55.79 -13.97 15.15
CA ALA D 159 -55.94 -12.84 16.05
C ALA D 159 -56.81 -13.25 17.24
N ILE D 160 -57.90 -13.94 16.94
CA ILE D 160 -58.87 -14.37 17.96
C ILE D 160 -58.24 -15.38 18.94
N LEU D 161 -57.62 -16.42 18.40
CA LEU D 161 -56.91 -17.41 19.21
C LEU D 161 -55.96 -16.72 20.20
N LEU D 162 -55.09 -15.86 19.67
CA LEU D 162 -54.11 -15.11 20.47
C LEU D 162 -54.81 -14.23 21.50
N GLY D 163 -55.79 -13.44 21.05
CA GLY D 163 -56.54 -12.58 21.94
C GLY D 163 -57.05 -13.33 23.15
N TYR D 164 -57.61 -14.52 22.91
CA TYR D 164 -58.18 -15.33 23.99
C TYR D 164 -57.14 -15.97 24.89
N THR D 165 -56.10 -16.53 24.29
CA THR D 165 -54.98 -17.14 25.01
C THR D 165 -54.34 -16.14 25.98
N VAL D 166 -54.27 -14.88 25.55
CA VAL D 166 -53.62 -13.83 26.34
C VAL D 166 -54.52 -13.39 27.49
N ALA D 167 -55.82 -13.24 27.21
CA ALA D 167 -56.81 -12.94 28.24
C ALA D 167 -56.80 -14.05 29.29
N TRP D 168 -56.81 -15.30 28.81
CA TRP D 168 -56.73 -16.50 29.65
C TRP D 168 -55.49 -16.49 30.52
N PHE D 169 -54.43 -15.88 30.00
CA PHE D 169 -53.16 -15.76 30.69
C PHE D 169 -53.21 -14.68 31.78
N LEU D 170 -53.57 -13.46 31.38
CA LEU D 170 -53.51 -12.30 32.27
C LEU D 170 -54.52 -12.35 33.43
N GLY D 171 -55.63 -13.05 33.22
CA GLY D 171 -56.64 -13.25 34.27
C GLY D 171 -56.09 -14.06 35.42
N GLU D 172 -55.40 -15.15 35.10
CA GLU D 172 -54.80 -16.05 36.09
C GLU D 172 -53.66 -15.39 36.87
N VAL D 173 -52.94 -14.48 36.20
CA VAL D 173 -51.86 -13.72 36.85
C VAL D 173 -52.45 -12.66 37.77
N ALA D 174 -53.52 -11.99 37.32
CA ALA D 174 -54.21 -10.96 38.11
C ALA D 174 -54.79 -11.57 39.38
N HIS D 175 -55.20 -12.83 39.26
CA HIS D 175 -55.63 -13.64 40.38
C HIS D 175 -54.42 -13.99 41.26
N LEU D 176 -53.40 -14.59 40.64
CA LEU D 176 -52.23 -15.14 41.37
C LEU D 176 -51.23 -14.13 41.92
N ASP D 177 -51.42 -12.84 41.64
CA ASP D 177 -50.50 -11.81 42.15
C ASP D 177 -51.28 -10.60 42.65
N SER D 178 -51.09 -10.30 43.94
CA SER D 178 -51.79 -9.21 44.63
C SER D 178 -50.88 -8.01 44.94
N GLN D 179 -49.59 -8.29 45.10
CA GLN D 179 -48.59 -7.28 45.42
C GLN D 179 -48.43 -6.24 44.30
N HIS D 180 -48.00 -6.71 43.13
CA HIS D 180 -47.77 -5.85 41.96
C HIS D 180 -49.06 -5.52 41.25
N ALA D 181 -49.20 -4.26 40.85
CA ALA D 181 -50.21 -3.88 39.87
C ALA D 181 -49.79 -4.51 38.55
N ILE D 182 -50.74 -4.73 37.65
CA ILE D 182 -50.41 -5.33 36.37
C ILE D 182 -50.87 -4.45 35.20
N VAL D 183 -49.91 -4.05 34.38
CA VAL D 183 -50.13 -3.20 33.22
C VAL D 183 -49.98 -4.03 31.94
N ALA D 184 -50.92 -3.84 31.02
CA ALA D 184 -50.92 -4.58 29.75
C ALA D 184 -51.03 -3.64 28.57
N HIS D 185 -50.00 -3.64 27.74
CA HIS D 185 -49.91 -2.78 26.58
C HIS D 185 -50.19 -3.60 25.35
N PHE D 186 -51.06 -3.10 24.48
CA PHE D 186 -51.43 -3.81 23.29
C PHE D 186 -51.18 -2.99 22.06
N HIS D 187 -50.54 -3.63 21.09
CA HIS D 187 -50.16 -2.97 19.84
C HIS D 187 -50.91 -3.57 18.67
N GLU D 188 -51.58 -2.67 17.93
CA GLU D 188 -52.32 -2.97 16.69
C GLU D 188 -53.53 -3.88 16.86
N TRP D 189 -54.52 -3.71 15.98
CA TRP D 189 -55.77 -4.47 16.02
C TRP D 189 -55.57 -5.98 16.07
N LEU D 190 -54.53 -6.49 15.42
CA LEU D 190 -54.24 -7.92 15.39
C LEU D 190 -54.01 -8.55 16.77
N ALA D 191 -53.60 -7.73 17.75
CA ALA D 191 -53.41 -8.21 19.11
C ALA D 191 -54.34 -7.53 20.11
N GLY D 192 -55.37 -6.86 19.60
CA GLY D 192 -56.33 -6.15 20.45
C GLY D 192 -57.61 -6.94 20.73
N VAL D 193 -57.57 -8.24 20.46
CA VAL D 193 -58.71 -9.13 20.71
C VAL D 193 -58.93 -9.29 22.21
N ALA D 194 -57.83 -9.41 22.96
CA ALA D 194 -57.87 -9.60 24.41
C ALA D 194 -58.44 -8.41 25.19
N LEU D 195 -58.54 -7.24 24.54
CA LEU D 195 -58.90 -5.99 25.24
C LEU D 195 -60.37 -5.84 25.66
N PRO D 196 -61.33 -6.09 24.74
CA PRO D 196 -62.75 -6.04 25.12
C PRO D 196 -63.12 -7.11 26.15
N LEU D 197 -62.40 -8.23 26.12
CA LEU D 197 -62.49 -9.26 27.14
C LEU D 197 -62.11 -8.71 28.50
N CYS D 198 -60.96 -8.03 28.57
CA CYS D 198 -60.48 -7.45 29.81
C CYS D 198 -61.46 -6.48 30.46
N ARG D 199 -62.16 -5.70 29.63
CA ARG D 199 -63.18 -4.76 30.12
C ARG D 199 -64.39 -5.50 30.68
N LYS D 200 -64.93 -6.41 29.85
CA LYS D 200 -66.14 -7.15 30.21
C LYS D 200 -65.90 -8.21 31.29
N ARG D 201 -64.91 -9.08 31.09
CA ARG D 201 -64.52 -10.06 32.11
C ARG D 201 -64.10 -9.36 33.42
N ARG D 202 -64.05 -8.02 33.37
CA ARG D 202 -63.77 -7.14 34.52
C ARG D 202 -62.46 -7.43 35.30
N ILE D 203 -61.54 -8.17 34.67
CA ILE D 203 -60.23 -8.50 35.25
C ILE D 203 -59.51 -7.25 35.78
N ASP D 204 -58.73 -7.42 36.85
CA ASP D 204 -58.09 -6.29 37.54
C ASP D 204 -56.65 -6.04 37.06
N VAL D 205 -56.54 -5.66 35.79
CA VAL D 205 -55.30 -5.18 35.20
C VAL D 205 -55.58 -3.87 34.46
N VAL D 206 -54.59 -2.99 34.41
CA VAL D 206 -54.72 -1.77 33.62
C VAL D 206 -54.30 -2.09 32.17
N THR D 207 -54.87 -1.35 31.23
CA THR D 207 -54.64 -1.63 29.80
C THR D 207 -54.37 -0.41 28.94
N ILE D 208 -53.45 -0.60 27.99
CA ILE D 208 -53.18 0.40 26.97
C ILE D 208 -53.33 -0.26 25.61
N PHE D 209 -53.92 0.48 24.69
CA PHE D 209 -53.91 0.10 23.27
C PHE D 209 -53.27 1.19 22.43
N THR D 210 -52.32 0.77 21.62
CA THR D 210 -51.68 1.64 20.65
C THR D 210 -52.01 1.15 19.23
N THR D 211 -52.64 2.00 18.44
CA THR D 211 -52.76 1.70 17.02
C THR D 211 -51.73 2.50 16.21
N HIS D 212 -50.95 1.77 15.41
CA HIS D 212 -49.87 2.33 14.57
C HIS D 212 -50.37 2.84 13.21
N ALA D 213 -51.52 2.34 12.78
CA ALA D 213 -52.25 2.87 11.62
C ALA D 213 -53.75 2.80 11.92
N THR D 214 -54.56 2.95 10.88
CA THR D 214 -55.95 2.54 10.94
C THR D 214 -56.25 1.72 9.72
N LEU D 215 -57.06 0.69 9.90
CA LEU D 215 -57.49 -0.16 8.80
C LEU D 215 -58.10 0.67 7.69
N LEU D 216 -59.03 1.54 8.05
CA LEU D 216 -59.68 2.43 7.09
C LEU D 216 -58.66 3.28 6.35
N GLY D 217 -57.76 3.91 7.11
CA GLY D 217 -56.72 4.78 6.58
C GLY D 217 -56.09 4.23 5.32
N ARG D 218 -55.41 3.09 5.45
CA ARG D 218 -54.67 2.47 4.36
C ARG D 218 -55.56 2.22 3.15
N TYR D 219 -56.75 1.68 3.42
CA TYR D 219 -57.67 1.24 2.38
C TYR D 219 -58.32 2.39 1.62
N LEU D 220 -58.62 3.48 2.32
CA LEU D 220 -59.20 4.66 1.68
C LEU D 220 -58.18 5.35 0.80
N CYS D 221 -56.93 5.31 1.24
CA CYS D 221 -55.80 5.89 0.51
C CYS D 221 -55.41 5.12 -0.75
N ALA D 222 -55.79 3.84 -0.79
CA ALA D 222 -55.50 2.98 -1.96
C ALA D 222 -56.02 3.58 -3.28
N SER D 223 -57.23 4.14 -3.26
CA SER D 223 -57.78 4.78 -4.46
C SER D 223 -57.39 6.26 -4.58
N GLY D 224 -57.33 6.94 -3.45
CA GLY D 224 -56.93 8.35 -3.39
C GLY D 224 -57.98 9.30 -3.92
N ASP D 227 -59.30 12.15 -2.22
CA ASP D 227 -58.77 12.97 -1.13
C ASP D 227 -59.09 12.33 0.21
N PHE D 228 -58.04 12.12 1.01
CA PHE D 228 -58.17 11.42 2.28
C PHE D 228 -58.36 12.38 3.46
N TYR D 229 -57.50 13.39 3.55
CA TYR D 229 -57.39 14.24 4.75
C TYR D 229 -58.48 15.32 4.90
N ASN D 230 -59.06 15.72 3.77
CA ASN D 230 -60.07 16.77 3.76
C ASN D 230 -61.46 16.25 4.13
N CYS D 231 -61.69 14.97 3.91
CA CYS D 231 -63.01 14.38 4.16
C CYS D 231 -62.96 12.99 4.80
N LEU D 232 -62.70 12.98 6.10
CA LEU D 232 -62.88 11.78 6.92
C LEU D 232 -63.65 12.12 8.21
N GLU D 233 -64.00 13.40 8.35
CA GLU D 233 -65.05 13.82 9.28
C GLU D 233 -66.37 13.36 8.68
N SER D 234 -66.42 13.40 7.35
CA SER D 234 -67.61 13.08 6.58
C SER D 234 -67.51 11.70 5.91
N VAL D 235 -67.19 10.67 6.69
CA VAL D 235 -67.29 9.30 6.18
C VAL D 235 -68.11 8.42 7.12
N ASP D 236 -68.92 7.55 6.52
CA ASP D 236 -69.73 6.63 7.28
C ASP D 236 -68.88 5.42 7.60
N VAL D 237 -68.21 5.49 8.75
CA VAL D 237 -67.30 4.44 9.21
C VAL D 237 -67.76 3.02 8.86
N ASP D 238 -69.05 2.76 8.99
CA ASP D 238 -69.60 1.40 8.83
C ASP D 238 -69.85 1.00 7.38
N HIS D 239 -70.35 1.93 6.57
CA HIS D 239 -70.60 1.63 5.15
C HIS D 239 -69.30 1.40 4.39
N GLU D 240 -68.25 2.12 4.77
CA GLU D 240 -66.96 2.03 4.10
C GLU D 240 -66.21 0.75 4.49
N ALA D 241 -66.39 0.34 5.74
CA ALA D 241 -65.77 -0.88 6.27
C ALA D 241 -66.24 -2.12 5.54
N GLY D 242 -67.56 -2.23 5.36
CA GLY D 242 -68.19 -3.30 4.59
C GLY D 242 -67.83 -3.21 3.11
N ARG D 243 -67.82 -1.99 2.58
CA ARG D 243 -67.45 -1.73 1.19
C ARG D 243 -66.11 -2.40 0.79
N PHE D 244 -65.11 -2.29 1.68
CA PHE D 244 -63.80 -2.91 1.45
C PHE D 244 -63.72 -4.37 1.94
N GLY D 245 -64.80 -4.84 2.56
CA GLY D 245 -64.91 -6.19 3.11
C GLY D 245 -64.03 -6.38 4.33
N ILE D 246 -63.98 -5.33 5.16
CA ILE D 246 -63.03 -5.26 6.27
C ILE D 246 -63.78 -5.09 7.59
N TYR D 247 -65.10 -5.17 7.51
CA TYR D 247 -65.96 -4.88 8.65
C TYR D 247 -65.62 -5.71 9.89
N HIS D 248 -65.43 -7.01 9.69
CA HIS D 248 -65.10 -7.92 10.79
C HIS D 248 -63.78 -7.54 11.46
N ARG D 249 -62.79 -7.19 10.63
CA ARG D 249 -61.50 -6.67 11.13
C ARG D 249 -61.73 -5.37 11.89
N TYR D 250 -62.41 -4.43 11.25
CA TYR D 250 -62.66 -3.11 11.81
C TYR D 250 -63.25 -3.16 13.20
N CYS D 251 -64.09 -4.16 13.43
CA CYS D 251 -64.77 -4.32 14.71
C CYS D 251 -63.78 -4.50 15.84
N ILE D 252 -62.78 -5.35 15.61
CA ILE D 252 -61.70 -5.57 16.57
C ILE D 252 -60.87 -4.29 16.83
N GLU D 253 -60.79 -3.42 15.82
CA GLU D 253 -60.03 -2.17 15.99
C GLU D 253 -60.80 -1.19 16.89
N ARG D 254 -62.10 -1.07 16.66
CA ARG D 254 -62.97 -0.20 17.45
C ARG D 254 -63.16 -0.76 18.85
N ALA D 255 -63.42 -2.07 18.92
CA ALA D 255 -63.50 -2.76 20.19
C ALA D 255 -62.25 -2.46 21.00
N ALA D 256 -61.09 -2.83 20.46
CA ALA D 256 -59.79 -2.59 21.09
C ALA D 256 -59.59 -1.13 21.48
N ALA D 257 -59.99 -0.23 20.59
CA ALA D 257 -59.84 1.20 20.84
C ALA D 257 -60.69 1.64 22.03
N HIS D 258 -61.86 1.04 22.19
CA HIS D 258 -62.78 1.44 23.24
C HIS D 258 -62.56 0.78 24.60
N SER D 259 -62.32 -0.53 24.60
CA SER D 259 -62.14 -1.30 25.83
C SER D 259 -61.07 -0.76 26.76
N ALA D 260 -59.90 -0.42 26.20
CA ALA D 260 -58.69 -0.13 26.96
C ALA D 260 -58.70 1.21 27.69
N ASP D 261 -58.10 1.22 28.88
CA ASP D 261 -58.00 2.43 29.72
C ASP D 261 -57.45 3.56 28.89
N VAL D 262 -56.22 3.39 28.41
CA VAL D 262 -55.57 4.40 27.57
C VAL D 262 -55.56 3.96 26.11
N PHE D 263 -55.94 4.90 25.25
CA PHE D 263 -55.86 4.75 23.82
C PHE D 263 -54.88 5.79 23.27
N THR D 264 -54.02 5.35 22.35
CA THR D 264 -52.93 6.17 21.83
C THR D 264 -52.60 5.79 20.40
N THR D 265 -52.15 6.77 19.62
CA THR D 265 -51.56 6.50 18.30
C THR D 265 -50.08 6.85 18.35
N VAL D 266 -49.42 6.79 17.20
CA VAL D 266 -47.97 7.04 17.13
C VAL D 266 -47.66 8.49 16.84
N SER D 267 -48.57 9.16 16.15
CA SER D 267 -48.40 10.55 15.81
C SER D 267 -49.72 11.28 15.79
N GLN D 268 -49.65 12.59 16.03
CA GLN D 268 -50.80 13.48 15.90
C GLN D 268 -51.67 13.21 14.66
N ILE D 269 -51.07 13.15 13.47
CA ILE D 269 -51.86 12.96 12.25
C ILE D 269 -52.68 11.67 12.29
N THR D 270 -52.21 10.71 13.08
CA THR D 270 -52.87 9.44 13.21
C THR D 270 -53.89 9.56 14.33
N ALA D 271 -53.55 10.33 15.36
CA ALA D 271 -54.47 10.64 16.44
C ALA D 271 -55.75 11.27 15.89
N PHE D 272 -55.55 12.06 14.83
CA PHE D 272 -56.62 12.73 14.13
C PHE D 272 -57.54 11.73 13.44
N GLU D 273 -56.96 10.79 12.69
CA GLU D 273 -57.78 9.83 11.96
C GLU D 273 -58.38 8.74 12.85
N ALA D 274 -57.72 8.46 13.97
CA ALA D 274 -58.26 7.51 14.95
C ALA D 274 -59.54 8.05 15.60
N GLU D 275 -59.57 9.35 15.87
CA GLU D 275 -60.76 10.00 16.40
C GLU D 275 -61.96 9.78 15.48
N HIS D 276 -61.84 10.22 14.22
CA HIS D 276 -62.95 10.18 13.28
C HIS D 276 -63.22 8.82 12.64
N LEU D 277 -62.24 7.94 12.63
CA LEU D 277 -62.43 6.62 12.03
C LEU D 277 -62.63 5.51 13.05
N LEU D 278 -62.19 5.75 14.29
CA LEU D 278 -62.42 4.79 15.37
C LEU D 278 -63.18 5.43 16.56
N LYS D 279 -63.76 6.60 16.30
CA LYS D 279 -64.72 7.25 17.20
C LYS D 279 -64.26 7.44 18.65
N ARG D 280 -62.95 7.46 18.88
CA ARG D 280 -62.42 7.79 20.19
C ARG D 280 -61.19 8.67 20.04
N LYS D 281 -61.20 9.79 20.76
CA LYS D 281 -60.05 10.67 20.84
C LYS D 281 -58.95 9.97 21.62
N PRO D 282 -57.72 9.97 21.10
CA PRO D 282 -56.62 9.34 21.82
C PRO D 282 -56.19 10.19 23.01
N ASP D 283 -55.75 9.51 24.06
CA ASP D 283 -55.34 10.18 25.30
C ASP D 283 -53.93 10.75 25.21
N GLY D 284 -53.17 10.26 24.23
CA GLY D 284 -51.81 10.73 23.98
C GLY D 284 -51.18 10.17 22.73
N ILE D 285 -49.93 10.56 22.52
CA ILE D 285 -49.16 10.19 21.34
C ILE D 285 -47.98 9.36 21.80
N LEU D 286 -47.77 8.20 21.18
CA LEU D 286 -46.55 7.43 21.47
C LEU D 286 -45.62 7.31 20.27
N PRO D 287 -44.87 8.40 19.98
CA PRO D 287 -44.00 8.47 18.83
C PRO D 287 -42.94 7.39 18.90
N ASN D 288 -42.61 6.82 17.74
CA ASN D 288 -41.57 5.79 17.62
C ASN D 288 -40.17 6.38 17.78
N GLY D 289 -39.44 5.86 18.74
CA GLY D 289 -38.10 6.34 19.04
C GLY D 289 -37.10 5.40 18.42
N LEU D 290 -35.84 5.76 18.55
CA LEU D 290 -34.75 5.00 17.96
C LEU D 290 -33.67 4.74 18.98
N ASN D 291 -33.01 3.60 18.84
CA ASN D 291 -31.84 3.30 19.62
C ASN D 291 -30.62 3.92 18.95
N VAL D 292 -30.43 5.22 19.17
CA VAL D 292 -29.40 5.98 18.46
C VAL D 292 -28.01 5.57 18.88
N ILE D 293 -27.19 5.17 17.92
CA ILE D 293 -25.80 4.87 18.20
C ILE D 293 -24.97 6.15 18.28
N LYS D 294 -24.33 6.34 19.43
CA LYS D 294 -23.59 7.56 19.73
C LYS D 294 -22.10 7.43 19.44
N PHE D 295 -21.48 8.54 19.05
CA PHE D 295 -20.05 8.52 18.76
C PHE D 295 -19.30 9.32 19.78
N GLN D 296 -18.23 8.74 20.30
CA GLN D 296 -17.37 9.45 21.22
C GLN D 296 -17.17 10.90 20.76
N ALA D 297 -16.80 11.11 19.49
CA ALA D 297 -16.66 12.47 18.96
C ALA D 297 -17.90 12.88 18.16
N PHE D 298 -18.47 14.04 18.51
CA PHE D 298 -19.74 14.45 17.94
C PHE D 298 -19.62 14.55 16.42
N HIS D 299 -18.52 15.12 15.98
CA HIS D 299 -18.22 15.31 14.57
C HIS D 299 -17.78 14.05 13.82
N GLU D 300 -17.90 12.87 14.42
CA GLU D 300 -17.55 11.64 13.72
C GLU D 300 -18.49 11.37 12.52
N PHE D 301 -19.79 11.59 12.73
CA PHE D 301 -20.77 11.40 11.68
C PHE D 301 -20.39 12.17 10.43
N GLN D 302 -19.56 13.17 10.63
CA GLN D 302 -19.18 14.08 9.58
C GLN D 302 -18.03 13.52 8.76
N ASN D 303 -17.11 12.82 9.41
CA ASN D 303 -16.08 12.09 8.71
C ASN D 303 -16.72 10.94 7.96
N LEU D 304 -17.59 10.19 8.66
CA LEU D 304 -18.34 9.09 8.07
C LEU D 304 -19.03 9.54 6.76
N HIS D 305 -19.67 10.69 6.78
CA HIS D 305 -20.27 11.24 5.59
C HIS D 305 -19.28 11.35 4.43
N ALA D 306 -18.08 11.84 4.69
CA ALA D 306 -17.09 12.00 3.64
C ALA D 306 -16.64 10.66 3.09
N LEU D 307 -16.45 9.69 3.97
CA LEU D 307 -16.03 8.32 3.57
C LEU D 307 -17.04 7.65 2.64
N LYS D 308 -18.30 7.64 3.06
CA LYS D 308 -19.39 7.08 2.26
C LYS D 308 -19.55 7.88 0.95
N LYS D 309 -19.55 9.20 1.02
CA LYS D 309 -19.68 9.96 -0.22
C LYS D 309 -18.65 9.50 -1.26
N GLU D 310 -17.47 9.06 -0.81
CA GLU D 310 -16.47 8.58 -1.73
C GLU D 310 -16.93 7.31 -2.40
N LYS D 311 -17.61 6.45 -1.65
CA LYS D 311 -18.08 5.19 -2.23
C LYS D 311 -19.21 5.40 -3.23
N ILE D 312 -20.14 6.29 -2.90
CA ILE D 312 -21.12 6.74 -3.88
C ILE D 312 -20.45 7.33 -5.12
N ASN D 313 -19.43 8.17 -4.94
CA ASN D 313 -18.73 8.77 -6.10
C ASN D 313 -18.22 7.73 -7.07
N ASP D 314 -17.54 6.75 -6.51
CA ASP D 314 -16.99 5.68 -7.30
C ASP D 314 -18.12 5.04 -8.10
N PHE D 315 -19.23 4.73 -7.46
CA PHE D 315 -20.34 4.23 -8.20
C PHE D 315 -20.70 5.18 -9.37
N VAL D 316 -20.69 6.48 -9.10
CA VAL D 316 -21.22 7.44 -10.02
C VAL D 316 -20.31 7.57 -11.26
N ARG D 317 -19.01 7.54 -11.05
CA ARG D 317 -18.04 7.61 -12.14
C ARG D 317 -18.28 6.48 -13.10
N GLY D 318 -18.59 5.30 -12.56
CA GLY D 318 -18.70 4.12 -13.37
C GLY D 318 -19.99 4.14 -14.13
N HIS D 319 -20.96 4.84 -13.60
CA HIS D 319 -22.26 4.79 -14.17
C HIS D 319 -22.35 5.84 -15.30
N PHE D 320 -21.54 6.89 -15.17
CA PHE D 320 -21.38 7.94 -16.16
C PHE D 320 -20.10 7.79 -16.92
N HIS D 321 -19.52 6.60 -16.87
CA HIS D 321 -18.31 6.40 -17.66
C HIS D 321 -18.53 6.94 -19.09
N GLY D 322 -17.54 7.65 -19.61
CA GLY D 322 -17.59 8.12 -21.00
C GLY D 322 -18.62 9.20 -21.29
N CYS D 323 -19.10 9.88 -20.27
CA CYS D 323 -20.24 10.82 -20.34
C CYS D 323 -20.18 11.53 -18.98
N PHE D 324 -18.95 11.83 -18.56
CA PHE D 324 -18.67 12.36 -17.25
C PHE D 324 -18.12 13.79 -17.43
N ASP D 325 -19.04 14.76 -17.41
CA ASP D 325 -18.77 16.16 -17.68
C ASP D 325 -19.15 17.07 -16.49
N PHE D 326 -19.13 16.53 -15.27
CA PHE D 326 -19.42 17.39 -14.12
C PHE D 326 -18.48 17.15 -12.94
N ASP D 327 -18.44 18.10 -12.03
CA ASP D 327 -17.55 18.01 -10.89
C ASP D 327 -18.22 17.31 -9.71
N LEU D 328 -17.73 16.16 -9.31
CA LEU D 328 -18.23 15.53 -8.10
C LEU D 328 -18.07 16.41 -6.86
N ASP D 329 -17.07 17.29 -6.87
CA ASP D 329 -16.92 18.26 -5.79
C ASP D 329 -18.02 19.33 -5.75
N ASN D 330 -18.87 19.31 -6.76
CA ASN D 330 -19.93 20.29 -6.90
C ASN D 330 -21.21 19.57 -7.25
N THR D 331 -21.39 18.39 -6.65
CA THR D 331 -22.53 17.52 -6.89
C THR D 331 -23.17 17.11 -5.55
N LEU D 332 -24.50 17.03 -5.56
CA LEU D 332 -25.30 16.68 -4.38
C LEU D 332 -26.11 15.41 -4.63
N TYR D 333 -26.07 14.49 -3.68
CA TYR D 333 -26.81 13.24 -3.82
C TYR D 333 -28.11 13.45 -3.18
N PHE D 334 -29.17 13.24 -3.94
CA PHE D 334 -30.55 13.30 -3.46
C PHE D 334 -31.09 11.85 -3.43
N PHE D 335 -31.87 11.48 -2.42
CA PHE D 335 -32.48 10.13 -2.37
C PHE D 335 -33.88 9.98 -1.78
N ILE D 336 -34.66 9.09 -2.38
CA ILE D 336 -35.87 8.54 -1.79
C ILE D 336 -35.67 7.03 -1.65
N ALA D 337 -36.30 6.45 -0.63
CA ALA D 337 -36.12 5.02 -0.29
C ALA D 337 -37.23 4.46 0.59
N GLY D 338 -37.39 3.14 0.55
CA GLY D 338 -38.42 2.47 1.31
C GLY D 338 -39.23 1.58 0.40
N ARG D 339 -40.30 1.00 0.96
CA ARG D 339 -41.23 0.19 0.19
C ARG D 339 -41.66 0.88 -1.12
N TYR D 340 -41.87 0.06 -2.15
CA TYR D 340 -42.41 0.54 -3.40
C TYR D 340 -43.89 0.81 -3.18
N GLU D 341 -44.22 2.04 -2.81
CA GLU D 341 -45.60 2.54 -2.87
C GLU D 341 -45.58 3.90 -3.57
N TYR D 342 -45.85 3.88 -4.87
CA TYR D 342 -45.62 5.02 -5.76
C TYR D 342 -46.29 6.30 -5.30
N LYS D 343 -47.61 6.21 -5.09
CA LYS D 343 -48.40 7.32 -4.57
C LYS D 343 -48.12 7.57 -3.07
N ASN D 344 -48.29 6.54 -2.25
CA ASN D 344 -48.15 6.70 -0.81
C ASN D 344 -46.84 7.25 -0.31
N LYS D 345 -45.76 6.97 -1.03
CA LYS D 345 -44.43 7.40 -0.60
C LYS D 345 -44.09 8.68 -1.32
N GLY D 346 -44.99 9.05 -2.24
CA GLY D 346 -44.80 10.20 -3.11
C GLY D 346 -43.60 10.13 -4.03
N ALA D 347 -43.38 8.99 -4.66
CA ALA D 347 -42.36 8.93 -5.72
C ALA D 347 -42.78 9.76 -6.93
N ASP D 348 -44.09 9.88 -7.15
CA ASP D 348 -44.62 10.73 -8.23
C ASP D 348 -44.25 12.22 -8.08
N MET D 349 -44.40 12.73 -6.86
CA MET D 349 -44.09 14.11 -6.57
C MET D 349 -42.60 14.30 -6.68
N PHE D 350 -41.87 13.31 -6.18
CA PHE D 350 -40.43 13.42 -6.15
C PHE D 350 -39.92 13.60 -7.57
N ILE D 351 -40.32 12.69 -8.44
CA ILE D 351 -39.85 12.73 -9.81
C ILE D 351 -40.36 13.99 -10.52
N GLU D 352 -41.62 14.34 -10.29
CA GLU D 352 -42.17 15.56 -10.86
C GLU D 352 -41.32 16.77 -10.44
N ALA D 353 -41.18 16.89 -9.13
CA ALA D 353 -40.40 17.96 -8.55
C ALA D 353 -39.03 18.03 -9.20
N LEU D 354 -38.36 16.88 -9.32
CA LEU D 354 -37.03 16.85 -9.87
C LEU D 354 -36.94 17.40 -11.29
N ALA D 355 -37.95 17.11 -12.10
CA ALA D 355 -38.04 17.61 -13.48
C ALA D 355 -38.16 19.13 -13.53
N ARG D 356 -39.02 19.68 -12.69
CA ARG D 356 -39.09 21.12 -12.54
C ARG D 356 -37.77 21.69 -11.97
N LEU D 357 -37.26 21.08 -10.88
CA LEU D 357 -35.98 21.51 -10.32
C LEU D 357 -34.92 21.60 -11.41
N ASN D 358 -34.92 20.63 -12.31
CA ASN D 358 -33.99 20.57 -13.43
C ASN D 358 -34.11 21.79 -14.33
N TYR D 359 -35.34 22.12 -14.72
CA TYR D 359 -35.63 23.29 -15.55
C TYR D 359 -35.11 24.57 -14.89
N ARG D 360 -35.38 24.73 -13.59
CA ARG D 360 -34.96 25.91 -12.85
C ARG D 360 -33.45 26.09 -12.90
N LEU D 361 -32.70 24.99 -12.72
CA LEU D 361 -31.26 25.07 -12.62
C LEU D 361 -30.65 25.34 -13.98
N LYS D 362 -31.22 24.75 -15.01
CA LYS D 362 -30.83 25.06 -16.38
C LYS D 362 -31.07 26.55 -16.65
N VAL D 363 -32.30 26.99 -16.43
CA VAL D 363 -32.68 28.38 -16.65
C VAL D 363 -31.74 29.31 -15.89
N SER D 364 -31.48 29.01 -14.62
CA SER D 364 -30.73 29.91 -13.75
C SER D 364 -29.22 29.86 -13.96
N GLY D 365 -28.78 29.03 -14.89
CA GLY D 365 -27.36 28.92 -15.21
C GLY D 365 -26.51 28.27 -14.14
N SER D 366 -27.17 27.65 -13.15
CA SER D 366 -26.51 26.96 -12.05
C SER D 366 -25.38 26.05 -12.51
N LYS D 367 -24.28 26.04 -11.76
CA LYS D 367 -23.14 25.17 -12.10
C LYS D 367 -23.16 23.85 -11.32
N LYS D 368 -24.16 23.66 -10.47
CA LYS D 368 -24.25 22.47 -9.62
C LYS D 368 -24.90 21.28 -10.33
N THR D 369 -24.86 20.12 -9.68
CA THR D 369 -25.54 18.93 -10.19
C THR D 369 -26.20 18.12 -9.10
N VAL D 370 -27.39 17.62 -9.37
CA VAL D 370 -28.04 16.71 -8.43
C VAL D 370 -28.12 15.31 -9.08
N VAL D 371 -27.69 14.28 -8.35
CA VAL D 371 -27.91 12.90 -8.73
C VAL D 371 -28.93 12.38 -7.76
N ALA D 372 -30.09 11.98 -8.27
CA ALA D 372 -31.17 11.50 -7.42
C ALA D 372 -31.26 9.99 -7.49
N PHE D 373 -31.17 9.33 -6.34
CA PHE D 373 -31.40 7.90 -6.31
C PHE D 373 -32.78 7.63 -5.89
N ILE D 374 -33.33 6.51 -6.35
CA ILE D 374 -34.60 6.00 -5.88
C ILE D 374 -34.29 4.56 -5.57
N VAL D 375 -34.58 4.16 -4.33
CA VAL D 375 -34.25 2.81 -3.88
C VAL D 375 -35.52 2.20 -3.40
N MET D 376 -36.15 1.41 -4.24
CA MET D 376 -37.43 0.82 -3.92
C MET D 376 -37.45 -0.53 -4.64
N PRO D 377 -37.64 -1.63 -3.89
CA PRO D 377 -37.63 -2.96 -4.50
C PRO D 377 -38.63 -3.12 -5.65
N ALA D 378 -38.15 -3.48 -6.83
CA ALA D 378 -39.07 -3.90 -7.90
C ALA D 378 -38.60 -5.23 -8.45
N LYS D 379 -39.52 -5.97 -9.04
CA LYS D 379 -39.22 -7.26 -9.62
C LYS D 379 -38.18 -7.13 -10.72
N ASN D 380 -36.99 -7.67 -10.47
CA ASN D 380 -35.92 -7.51 -11.42
C ASN D 380 -35.13 -8.79 -11.63
N ASN D 381 -34.39 -8.85 -12.74
CA ASN D 381 -33.46 -9.95 -13.03
C ASN D 381 -32.01 -9.56 -12.81
N SER D 382 -31.77 -8.85 -11.71
CA SER D 382 -30.43 -8.45 -11.26
C SER D 382 -29.78 -7.33 -12.10
N PHE D 383 -28.51 -7.01 -11.80
CA PHE D 383 -27.83 -5.92 -12.49
C PHE D 383 -27.70 -6.09 -14.00
N THR D 384 -27.66 -5.00 -14.73
CA THR D 384 -27.45 -5.06 -16.18
C THR D 384 -25.98 -5.30 -16.44
N VAL D 385 -25.66 -5.90 -17.57
CA VAL D 385 -24.29 -5.98 -18.02
C VAL D 385 -23.60 -4.59 -18.08
N GLU D 386 -24.36 -3.55 -18.40
CA GLU D 386 -23.78 -2.18 -18.45
C GLU D 386 -23.29 -1.73 -17.09
N ALA D 387 -24.16 -1.88 -16.09
CA ALA D 387 -23.82 -1.56 -14.73
C ALA D 387 -22.51 -2.21 -14.31
N LEU D 388 -22.38 -3.52 -14.50
CA LEU D 388 -21.20 -4.25 -14.02
C LEU D 388 -19.94 -3.94 -14.79
N LYS D 389 -20.12 -3.75 -16.11
CA LYS D 389 -19.00 -3.50 -17.04
C LYS D 389 -18.39 -2.15 -16.72
N GLY D 390 -19.28 -1.19 -16.55
CA GLY D 390 -18.86 0.15 -16.19
C GLY D 390 -18.02 0.16 -14.93
N GLN D 391 -18.42 -0.56 -13.86
CA GLN D 391 -17.52 -0.54 -12.72
C GLN D 391 -16.22 -1.26 -13.00
N ALA D 392 -16.27 -2.39 -13.69
CA ALA D 392 -15.01 -3.06 -14.04
C ALA D 392 -14.08 -2.16 -14.83
N GLU D 393 -14.57 -1.46 -15.89
CA GLU D 393 -13.68 -0.59 -16.66
C GLU D 393 -13.08 0.51 -15.79
N VAL D 394 -13.85 1.04 -14.85
CA VAL D 394 -13.28 2.08 -13.94
C VAL D 394 -12.22 1.53 -13.00
N ARG D 395 -12.48 0.32 -12.48
CA ARG D 395 -11.49 -0.40 -11.70
C ARG D 395 -10.22 -0.59 -12.51
N ALA D 396 -10.34 -1.04 -13.78
CA ALA D 396 -9.15 -1.20 -14.67
C ALA D 396 -8.43 0.10 -14.86
N LEU D 397 -9.15 1.20 -14.95
CA LEU D 397 -8.45 2.46 -15.13
C LEU D 397 -7.63 2.74 -13.91
N GLU D 398 -8.27 2.71 -12.74
CA GLU D 398 -7.61 2.89 -11.43
C GLU D 398 -6.32 2.11 -11.36
N ASN D 399 -6.40 0.81 -11.66
CA ASN D 399 -5.20 0.00 -11.55
C ASN D 399 -4.11 0.44 -12.49
N THR D 400 -4.45 0.68 -13.75
CA THR D 400 -3.44 1.16 -14.69
C THR D 400 -2.84 2.46 -14.22
N VAL D 401 -3.68 3.33 -13.68
CA VAL D 401 -3.15 4.54 -13.06
C VAL D 401 -2.20 4.24 -11.91
N HIS D 402 -2.53 3.25 -11.08
CA HIS D 402 -1.65 2.97 -9.95
C HIS D 402 -0.27 2.47 -10.41
N GLU D 403 -0.21 1.67 -11.47
CA GLU D 403 1.10 1.28 -12.02
C GLU D 403 1.89 2.49 -12.50
N VAL D 404 1.20 3.39 -13.19
CA VAL D 404 1.89 4.50 -13.80
C VAL D 404 2.49 5.43 -12.75
N THR D 405 1.75 5.72 -11.69
CA THR D 405 2.31 6.53 -10.59
C THR D 405 3.47 5.87 -9.85
N THR D 406 3.49 4.55 -9.77
CA THR D 406 4.65 3.86 -9.19
C THR D 406 5.90 4.10 -10.02
N SER D 407 5.76 4.00 -11.35
CA SER D 407 6.86 4.36 -12.28
C SER D 407 7.30 5.81 -12.15
N ILE D 408 6.37 6.74 -12.22
CA ILE D 408 6.65 8.16 -12.07
C ILE D 408 7.39 8.39 -10.74
N GLY D 409 6.87 7.81 -9.65
CA GLY D 409 7.47 7.91 -8.32
C GLY D 409 8.92 7.48 -8.31
N LYS D 410 9.24 6.36 -8.94
CA LYS D 410 10.63 5.96 -9.10
C LYS D 410 11.50 6.94 -9.88
N ARG D 411 10.88 7.74 -10.75
CA ARG D 411 11.67 8.70 -11.53
C ARG D 411 11.82 10.06 -10.82
N ILE D 412 10.75 10.52 -10.17
CA ILE D 412 10.86 11.65 -9.28
C ILE D 412 11.98 11.39 -8.27
N PHE D 413 11.85 10.28 -7.54
CA PHE D 413 12.85 9.92 -6.55
C PHE D 413 14.26 9.95 -7.12
N ASP D 414 14.51 9.24 -8.20
CA ASP D 414 15.85 9.25 -8.78
C ASP D 414 16.36 10.66 -9.01
N HIS D 415 15.54 11.49 -9.66
CA HIS D 415 15.89 12.89 -9.82
C HIS D 415 16.26 13.52 -8.47
N ALA D 416 15.35 13.46 -7.51
CA ALA D 416 15.57 14.02 -6.18
C ALA D 416 16.89 13.61 -5.50
N ILE D 417 17.25 12.33 -5.58
CA ILE D 417 18.43 11.86 -4.84
C ILE D 417 19.74 12.09 -5.57
N ARG D 418 19.64 12.58 -6.80
CA ARG D 418 20.77 12.68 -7.72
C ARG D 418 21.22 14.13 -7.93
N TYR D 419 20.26 15.04 -7.97
CA TYR D 419 20.55 16.47 -8.05
C TYR D 419 21.62 16.84 -7.03
N PRO D 420 22.57 17.72 -7.41
CA PRO D 420 22.66 18.42 -8.69
C PRO D 420 23.62 17.74 -9.66
N HIS D 421 23.94 16.49 -9.41
CA HIS D 421 24.94 15.77 -10.18
C HIS D 421 24.40 15.34 -11.55
N ASN D 422 25.26 14.75 -12.39
CA ASN D 422 24.92 14.32 -13.76
C ASN D 422 24.11 15.32 -14.60
N GLY D 423 24.46 16.60 -14.48
CA GLY D 423 23.78 17.63 -15.25
C GLY D 423 22.30 17.74 -14.95
N LEU D 424 21.95 17.78 -13.67
CA LEU D 424 20.58 18.08 -13.26
C LEU D 424 20.60 19.46 -12.66
N THR D 425 19.90 20.38 -13.32
CA THR D 425 19.98 21.78 -12.95
C THR D 425 18.81 22.18 -12.04
N THR D 426 17.71 21.47 -12.15
CA THR D 426 16.52 21.74 -11.34
C THR D 426 16.35 20.68 -10.26
N GLU D 427 15.94 21.11 -9.07
CA GLU D 427 15.66 20.19 -7.97
C GLU D 427 14.67 19.10 -8.39
N LEU D 428 13.60 19.51 -9.06
CA LEU D 428 12.54 18.61 -9.47
C LEU D 428 12.46 18.46 -10.99
N PRO D 429 11.77 17.40 -11.47
CA PRO D 429 11.50 17.37 -12.91
C PRO D 429 10.70 18.60 -13.34
N THR D 430 10.88 19.03 -14.59
CA THR D 430 10.21 20.24 -15.09
C THR D 430 9.36 19.90 -16.30
N ASP D 431 9.71 18.78 -16.93
CA ASP D 431 9.11 18.31 -18.16
C ASP D 431 8.45 16.93 -17.97
N LEU D 432 7.13 16.90 -18.04
CA LEU D 432 6.37 15.66 -17.90
C LEU D 432 6.97 14.45 -18.63
N GLY D 433 7.62 14.68 -19.76
CA GLY D 433 8.21 13.58 -20.55
C GLY D 433 9.34 12.89 -19.82
N GLU D 434 9.91 13.57 -18.84
CA GLU D 434 10.83 12.92 -17.93
C GLU D 434 10.12 11.82 -17.10
N LEU D 435 8.84 11.99 -16.78
CA LEU D 435 8.10 11.06 -15.93
C LEU D 435 7.19 10.05 -16.64
N LEU D 436 6.41 10.51 -17.62
CA LEU D 436 5.52 9.66 -18.39
C LEU D 436 6.19 9.22 -19.66
N LYS D 437 6.37 7.92 -19.81
CA LYS D 437 6.98 7.37 -21.02
C LYS D 437 5.93 6.80 -21.96
N SER D 438 6.36 6.47 -23.18
CA SER D 438 5.47 6.00 -24.23
C SER D 438 4.61 4.87 -23.71
N SER D 439 5.27 3.89 -23.09
CA SER D 439 4.59 2.71 -22.61
C SER D 439 3.41 3.04 -21.68
N ASP D 440 3.62 4.01 -20.80
CA ASP D 440 2.59 4.45 -19.86
C ASP D 440 1.39 5.05 -20.60
N LYS D 441 1.69 5.91 -21.58
CA LYS D 441 0.65 6.61 -22.35
C LYS D 441 -0.22 5.64 -23.15
N VAL D 442 0.40 4.60 -23.69
CA VAL D 442 -0.36 3.64 -24.46
C VAL D 442 -1.39 2.99 -23.53
N MET D 443 -0.95 2.37 -22.42
CA MET D 443 -1.91 1.64 -21.57
C MET D 443 -2.96 2.51 -20.91
N LEU D 444 -2.61 3.75 -20.57
CA LEU D 444 -3.66 4.66 -20.13
C LEU D 444 -4.65 4.97 -21.25
N LYS D 445 -4.15 5.22 -22.46
CA LYS D 445 -5.05 5.51 -23.59
C LYS D 445 -6.02 4.36 -23.86
N ARG D 446 -5.55 3.12 -23.69
CA ARG D 446 -6.40 1.94 -23.90
C ARG D 446 -7.46 1.92 -22.83
N ARG D 447 -7.10 2.34 -21.62
CA ARG D 447 -8.08 2.36 -20.54
C ARG D 447 -9.18 3.33 -20.85
N ILE D 448 -8.80 4.56 -21.22
CA ILE D 448 -9.77 5.60 -21.62
C ILE D 448 -10.71 5.07 -22.71
N LEU D 449 -10.15 4.44 -23.74
CA LEU D 449 -10.95 3.82 -24.78
C LEU D 449 -12.01 2.85 -24.26
N ALA D 450 -11.66 1.95 -23.35
CA ALA D 450 -12.66 1.05 -22.72
C ALA D 450 -13.82 1.79 -22.04
N LEU D 451 -13.58 2.99 -21.53
CA LEU D 451 -14.66 3.77 -20.90
C LEU D 451 -15.62 4.44 -21.86
N ARG D 452 -15.19 4.55 -23.12
CA ARG D 452 -15.92 5.25 -24.14
C ARG D 452 -17.21 4.52 -24.36
N ARG D 453 -18.30 5.26 -24.55
CA ARG D 453 -19.55 4.58 -24.81
C ARG D 453 -20.13 4.97 -26.19
N PRO D 454 -20.85 4.03 -26.84
CA PRO D 454 -21.30 4.17 -28.24
C PRO D 454 -21.95 5.51 -28.53
N GLU D 455 -21.81 6.00 -29.76
CA GLU D 455 -22.36 7.31 -30.15
C GLU D 455 -23.81 7.57 -29.70
N GLY D 456 -23.98 8.68 -28.99
CA GLY D 456 -25.29 9.10 -28.51
C GLY D 456 -25.97 8.22 -27.48
N GLN D 457 -25.23 7.27 -26.89
CA GLN D 457 -25.76 6.50 -25.78
C GLN D 457 -25.70 7.36 -24.52
N LEU D 458 -26.78 7.39 -23.76
CA LEU D 458 -26.83 8.16 -22.50
C LEU D 458 -26.71 7.24 -21.27
N PRO D 459 -26.23 7.78 -20.14
CA PRO D 459 -26.23 6.96 -18.90
C PRO D 459 -27.62 6.49 -18.53
N PRO D 460 -27.81 5.17 -18.34
CA PRO D 460 -29.15 4.61 -18.06
C PRO D 460 -29.82 5.29 -16.87
N ILE D 461 -31.12 5.07 -16.71
CA ILE D 461 -31.87 5.58 -15.60
C ILE D 461 -32.16 4.45 -14.61
N VAL D 462 -31.50 3.31 -14.81
CA VAL D 462 -31.79 2.10 -14.03
C VAL D 462 -30.59 1.15 -14.06
N THR D 463 -30.30 0.59 -12.89
CA THR D 463 -29.14 -0.26 -12.64
C THR D 463 -29.44 -1.73 -12.92
N HIS D 464 -30.71 -2.08 -13.09
CA HIS D 464 -31.11 -3.48 -13.16
C HIS D 464 -31.90 -3.79 -14.44
N ASN D 465 -31.99 -5.07 -14.79
CA ASN D 465 -33.00 -5.55 -15.70
C ASN D 465 -34.28 -5.81 -14.95
N MET D 466 -35.35 -5.12 -15.37
CA MET D 466 -36.65 -5.20 -14.77
C MET D 466 -37.43 -6.36 -15.35
N VAL D 467 -38.27 -6.98 -14.53
CA VAL D 467 -39.14 -8.04 -14.99
C VAL D 467 -40.21 -7.44 -15.88
N ASP D 468 -40.86 -6.34 -15.45
CA ASP D 468 -41.78 -5.62 -16.35
C ASP D 468 -41.46 -4.14 -16.56
N ASP D 469 -40.46 -3.87 -17.41
CA ASP D 469 -39.94 -2.55 -17.56
C ASP D 469 -40.97 -1.57 -18.10
N ALA D 470 -41.75 -1.97 -19.11
CA ALA D 470 -42.67 -1.01 -19.72
C ALA D 470 -43.81 -0.69 -18.77
N ASN D 471 -44.20 -1.66 -17.96
CA ASN D 471 -45.27 -1.39 -17.01
C ASN D 471 -44.88 -0.77 -15.68
N ASP D 472 -43.59 -0.56 -15.43
CA ASP D 472 -43.14 -0.02 -14.14
C ASP D 472 -43.63 1.42 -13.92
N LEU D 473 -44.14 1.71 -12.72
CA LEU D 473 -44.66 3.05 -12.47
C LEU D 473 -43.56 4.10 -12.42
N ILE D 474 -42.54 3.84 -11.60
CA ILE D 474 -41.38 4.75 -11.51
C ILE D 474 -40.81 5.06 -12.90
N LEU D 475 -40.48 4.01 -13.66
CA LEU D 475 -39.89 4.16 -14.98
C LEU D 475 -40.78 4.87 -15.98
N ASN D 476 -42.10 4.69 -15.87
CA ASN D 476 -43.01 5.43 -16.72
C ASN D 476 -42.98 6.91 -16.42
N LYS D 477 -42.88 7.23 -15.14
CA LYS D 477 -42.94 8.63 -14.75
C LYS D 477 -41.66 9.32 -15.14
N ILE D 478 -40.51 8.64 -15.00
CA ILE D 478 -39.25 9.24 -15.42
C ILE D 478 -39.24 9.46 -16.95
N ARG D 479 -39.87 8.57 -17.71
CA ARG D 479 -39.89 8.71 -19.17
C ARG D 479 -40.76 9.89 -19.57
N GLN D 480 -41.86 10.00 -18.83
CA GLN D 480 -42.86 11.01 -19.09
C GLN D 480 -42.28 12.39 -18.86
N VAL D 481 -41.43 12.56 -17.85
CA VAL D 481 -40.84 13.88 -17.58
C VAL D 481 -39.51 14.05 -18.28
N GLN D 482 -39.13 13.06 -19.07
CA GLN D 482 -37.95 13.13 -19.94
C GLN D 482 -36.61 13.38 -19.25
N LEU D 483 -36.40 12.81 -18.07
CA LEU D 483 -35.07 12.85 -17.46
C LEU D 483 -34.19 11.67 -17.93
N PHE D 484 -33.34 11.90 -18.92
CA PHE D 484 -32.50 10.82 -19.51
C PHE D 484 -31.01 10.99 -19.27
N ASN D 485 -30.64 11.92 -18.41
CA ASN D 485 -29.24 12.11 -18.06
C ASN D 485 -28.52 12.52 -19.32
N SER D 486 -29.10 13.48 -20.02
CA SER D 486 -28.38 14.20 -21.03
C SER D 486 -27.31 14.96 -20.28
N PRO D 487 -26.18 15.20 -20.94
CA PRO D 487 -25.12 15.99 -20.35
C PRO D 487 -25.57 17.41 -19.99
N SER D 488 -26.68 17.86 -20.55
CA SER D 488 -27.21 19.18 -20.21
C SER D 488 -28.30 19.15 -19.18
N ASP D 489 -28.79 17.98 -18.82
CA ASP D 489 -29.68 17.90 -17.65
C ASP D 489 -28.85 18.15 -16.36
N ARG D 490 -29.20 19.15 -15.58
CA ARG D 490 -28.50 19.34 -14.31
C ARG D 490 -29.04 18.37 -13.25
N VAL D 491 -30.10 17.63 -13.57
CA VAL D 491 -30.55 16.59 -12.67
C VAL D 491 -30.46 15.24 -13.35
N LYS D 492 -29.71 14.34 -12.72
CA LYS D 492 -29.54 12.98 -13.16
C LYS D 492 -30.42 12.04 -12.34
N MET D 493 -31.05 11.13 -13.05
CA MET D 493 -31.91 10.15 -12.43
C MET D 493 -31.26 8.78 -12.43
N ILE D 494 -31.33 8.12 -11.27
CA ILE D 494 -30.87 6.75 -11.08
C ILE D 494 -31.80 5.91 -10.21
N PHE D 495 -32.45 4.93 -10.85
CA PHE D 495 -33.37 4.06 -10.18
C PHE D 495 -32.68 2.73 -9.88
N HIS D 496 -32.67 2.36 -8.60
CA HIS D 496 -31.94 1.18 -8.17
C HIS D 496 -32.92 0.25 -7.52
N PRO D 497 -33.65 -0.54 -8.32
CA PRO D 497 -34.87 -1.14 -7.87
C PRO D 497 -34.66 -2.29 -6.84
N GLU D 498 -33.92 -2.01 -5.79
CA GLU D 498 -33.59 -3.04 -4.83
C GLU D 498 -32.83 -2.51 -3.63
N PHE D 499 -33.20 -2.98 -2.44
CA PHE D 499 -32.57 -2.61 -1.17
C PHE D 499 -31.05 -2.65 -1.20
N LEU D 500 -30.41 -1.62 -0.64
CA LEU D 500 -28.97 -1.59 -0.60
C LEU D 500 -28.42 -2.62 0.32
N ASN D 501 -27.22 -3.08 0.01
CA ASN D 501 -26.58 -4.12 0.78
C ASN D 501 -25.12 -4.14 0.34
N ALA D 502 -24.21 -4.16 1.31
CA ALA D 502 -22.77 -4.12 1.06
C ALA D 502 -22.22 -5.24 0.20
N ASN D 503 -23.07 -6.15 -0.25
CA ASN D 503 -22.65 -7.17 -1.21
C ASN D 503 -22.85 -6.76 -2.68
N ASN D 504 -23.63 -5.72 -2.89
CA ASN D 504 -23.83 -5.11 -4.20
C ASN D 504 -22.49 -4.95 -4.96
N PRO D 505 -22.42 -5.54 -6.17
CA PRO D 505 -21.21 -5.40 -6.96
C PRO D 505 -20.99 -4.01 -7.55
N ILE D 506 -22.02 -3.17 -7.55
CA ILE D 506 -21.81 -1.82 -8.10
C ILE D 506 -21.76 -0.68 -7.07
N LEU D 507 -22.61 -0.78 -6.07
CA LEU D 507 -22.65 0.25 -5.05
C LEU D 507 -22.60 -0.53 -3.73
N GLY D 508 -21.38 -0.81 -3.28
CA GLY D 508 -21.16 -1.78 -2.20
C GLY D 508 -21.39 -1.26 -0.80
N LEU D 509 -22.58 -0.73 -0.53
CA LEU D 509 -22.90 -0.07 0.74
C LEU D 509 -24.14 -0.63 1.45
N ASP D 510 -24.11 -0.72 2.78
CA ASP D 510 -25.37 -0.95 3.51
C ASP D 510 -26.20 0.31 3.48
N TYR D 511 -27.53 0.17 3.51
CA TYR D 511 -28.41 1.33 3.47
C TYR D 511 -27.92 2.52 4.32
N ASP D 512 -27.73 2.25 5.61
CA ASP D 512 -27.34 3.27 6.57
C ASP D 512 -26.06 3.98 6.16
N GLU D 513 -25.11 3.28 5.56
CA GLU D 513 -23.91 3.91 5.03
C GLU D 513 -24.20 4.76 3.79
N PHE D 514 -25.05 4.28 2.90
CA PHE D 514 -25.45 5.07 1.75
C PHE D 514 -26.03 6.42 2.19
N VAL D 515 -26.85 6.40 3.24
CA VAL D 515 -27.57 7.61 3.66
C VAL D 515 -26.59 8.65 4.17
N ARG D 516 -25.55 8.21 4.86
CA ARG D 516 -24.57 9.11 5.44
C ARG D 516 -23.83 9.82 4.33
N GLY D 517 -23.54 9.09 3.28
CA GLY D 517 -22.84 9.60 2.13
C GLY D 517 -23.69 10.58 1.35
N CYS D 518 -25.00 10.54 1.59
CA CYS D 518 -25.91 11.40 0.84
C CYS D 518 -26.08 12.79 1.43
N HIS D 519 -26.48 13.75 0.58
CA HIS D 519 -26.70 15.09 1.06
C HIS D 519 -28.12 15.40 1.56
N LEU D 520 -29.13 14.67 1.13
CA LEU D 520 -30.53 15.07 1.38
C LEU D 520 -31.49 13.98 0.99
N GLY D 521 -32.46 13.75 1.83
CA GLY D 521 -33.43 12.71 1.57
C GLY D 521 -34.70 13.46 1.25
N VAL D 522 -35.65 12.75 0.65
CA VAL D 522 -36.86 13.39 0.14
C VAL D 522 -37.96 12.35 0.31
N PHE D 523 -38.96 12.66 1.11
CA PHE D 523 -39.96 11.62 1.47
C PHE D 523 -41.32 12.28 1.41
N PRO D 524 -41.76 12.62 0.21
CA PRO D 524 -43.00 13.38 0.09
C PRO D 524 -44.22 12.51 0.32
N SER D 525 -44.25 11.84 1.47
CA SER D 525 -45.29 10.88 1.79
C SER D 525 -46.71 11.43 1.73
N TYR D 526 -47.68 10.57 1.41
CA TYR D 526 -49.10 10.91 1.47
C TYR D 526 -49.78 10.12 2.58
N TYR D 527 -49.43 8.86 2.73
CA TYR D 527 -49.91 8.11 3.86
C TYR D 527 -48.71 7.48 4.56
N GLU D 528 -48.50 7.86 5.81
CA GLU D 528 -47.32 7.43 6.52
C GLU D 528 -47.56 7.75 7.97
N PRO D 529 -48.15 6.79 8.70
CA PRO D 529 -48.49 6.99 10.11
C PRO D 529 -47.28 7.32 10.96
N TRP D 530 -46.11 6.81 10.59
CA TRP D 530 -44.84 7.27 11.18
C TRP D 530 -43.74 7.68 10.17
N GLY D 531 -42.97 6.71 9.67
CA GLY D 531 -41.90 7.04 8.74
C GLY D 531 -40.53 7.05 9.40
N TYR D 532 -40.01 5.84 9.61
CA TYR D 532 -38.74 5.66 10.23
C TYR D 532 -37.66 6.07 9.25
N THR D 533 -38.05 6.21 7.98
CA THR D 533 -37.12 6.63 6.93
C THR D 533 -36.56 8.06 7.19
N PRO D 534 -37.41 9.09 7.17
CA PRO D 534 -36.87 10.38 7.59
C PRO D 534 -36.30 10.39 9.02
N ALA D 535 -36.86 9.63 9.95
CA ALA D 535 -36.31 9.57 11.31
C ALA D 535 -34.86 9.05 11.31
N GLU D 536 -34.63 7.92 10.64
CA GLU D 536 -33.27 7.39 10.49
C GLU D 536 -32.37 8.49 9.96
N CYS D 537 -32.85 9.18 8.93
CA CYS D 537 -32.08 10.17 8.25
C CYS D 537 -31.54 11.20 9.23
N THR D 538 -32.45 11.83 9.96
CA THR D 538 -32.05 12.86 10.90
C THR D 538 -31.05 12.33 11.92
N VAL D 539 -31.25 11.10 12.37
CA VAL D 539 -30.34 10.51 13.35
C VAL D 539 -28.93 10.41 12.77
N MET D 540 -28.84 10.06 11.48
CA MET D 540 -27.58 9.97 10.76
C MET D 540 -27.03 11.34 10.40
N GLY D 541 -27.72 12.42 10.78
CA GLY D 541 -27.26 13.77 10.51
C GLY D 541 -27.44 14.24 9.07
N VAL D 542 -28.46 13.69 8.42
CA VAL D 542 -28.74 14.07 7.05
C VAL D 542 -30.10 14.75 7.04
N PRO D 543 -30.15 15.97 6.49
CA PRO D 543 -31.39 16.71 6.25
C PRO D 543 -32.36 15.94 5.35
N SER D 544 -33.63 16.25 5.48
CA SER D 544 -34.67 15.46 4.87
C SER D 544 -35.88 16.33 4.69
N ILE D 545 -36.58 16.11 3.59
CA ILE D 545 -37.85 16.71 3.31
C ILE D 545 -38.93 15.71 3.66
N THR D 546 -40.03 16.19 4.19
CA THR D 546 -41.09 15.30 4.59
C THR D 546 -42.36 16.09 4.46
N THR D 547 -43.49 15.56 4.92
CA THR D 547 -44.77 16.23 4.80
C THR D 547 -45.55 16.35 6.11
N ASN D 548 -46.46 17.31 6.15
CA ASN D 548 -47.33 17.49 7.32
C ASN D 548 -48.37 16.39 7.50
N VAL D 549 -48.41 15.43 6.57
CA VAL D 549 -49.32 14.27 6.69
C VAL D 549 -48.56 13.01 7.06
N SER D 550 -47.24 13.12 7.10
CA SER D 550 -46.38 12.08 7.59
C SER D 550 -46.38 12.11 9.11
N GLY D 551 -46.48 10.94 9.73
CA GLY D 551 -46.38 10.84 11.19
C GLY D 551 -45.19 11.58 11.77
N PHE D 552 -44.07 11.57 11.04
CA PHE D 552 -42.81 12.15 11.54
C PHE D 552 -42.79 13.65 11.27
N GLY D 553 -43.30 14.05 10.11
CA GLY D 553 -43.37 15.46 9.77
C GLY D 553 -44.37 16.21 10.63
N SER D 554 -45.45 15.52 11.00
CA SER D 554 -46.47 16.06 11.91
C SER D 554 -45.84 16.34 13.27
N TYR D 555 -45.06 15.38 13.73
CA TYR D 555 -44.36 15.47 15.00
C TYR D 555 -43.36 16.62 14.97
N MET D 556 -42.49 16.64 13.97
CA MET D 556 -41.50 17.70 13.87
C MET D 556 -42.09 19.11 13.84
N GLU D 557 -43.19 19.31 13.12
CA GLU D 557 -43.75 20.66 12.97
C GLU D 557 -44.39 21.21 14.23
N ASP D 558 -44.80 20.31 15.14
CA ASP D 558 -45.24 20.70 16.50
C ASP D 558 -44.06 21.18 17.31
N LEU D 559 -42.96 20.43 17.27
CA LEU D 559 -41.78 20.67 18.10
C LEU D 559 -40.96 21.89 17.74
N ILE D 560 -41.04 22.33 16.49
CA ILE D 560 -40.24 23.47 16.04
C ILE D 560 -41.02 24.40 15.17
N GLU D 561 -40.89 25.70 15.44
CA GLU D 561 -41.37 26.74 14.55
C GLU D 561 -40.87 26.42 13.13
N THR D 562 -41.72 26.62 12.14
CA THR D 562 -41.50 26.00 10.81
C THR D 562 -40.39 26.62 9.96
N ASN D 563 -40.11 27.91 10.15
CA ASN D 563 -38.95 28.52 9.47
C ASN D 563 -37.64 28.23 10.20
N GLN D 564 -37.73 28.04 11.52
CA GLN D 564 -36.63 27.53 12.31
C GLN D 564 -36.23 26.10 11.86
N ALA D 565 -37.21 25.27 11.53
CA ALA D 565 -36.97 23.87 11.18
C ALA D 565 -36.04 23.68 9.98
N LYS D 566 -36.18 24.52 8.96
CA LYS D 566 -35.30 24.46 7.80
C LYS D 566 -33.82 24.54 8.18
N ASP D 567 -33.49 25.38 9.17
CA ASP D 567 -32.12 25.48 9.68
C ASP D 567 -31.67 24.25 10.45
N TYR D 568 -32.61 23.50 11.03
CA TYR D 568 -32.25 22.21 11.65
C TYR D 568 -32.31 21.05 10.65
N GLY D 569 -32.27 21.36 9.35
CA GLY D 569 -32.27 20.34 8.31
C GLY D 569 -33.57 19.57 8.15
N ILE D 570 -34.70 20.24 8.35
CA ILE D 570 -35.98 19.56 8.32
C ILE D 570 -36.89 20.42 7.50
N TYR D 571 -37.31 19.89 6.37
CA TYR D 571 -38.23 20.61 5.55
C TYR D 571 -39.56 19.85 5.57
N ILE D 572 -40.66 20.57 5.77
CA ILE D 572 -41.96 19.94 5.82
C ILE D 572 -42.79 20.54 4.71
N VAL D 573 -43.26 19.68 3.81
CA VAL D 573 -44.05 20.10 2.66
C VAL D 573 -45.50 20.00 3.09
N ASP D 574 -46.28 20.99 2.71
CA ASP D 574 -47.69 20.97 3.04
C ASP D 574 -48.50 20.23 1.98
N ARG D 575 -48.93 19.03 2.35
CA ARG D 575 -49.75 18.19 1.51
C ARG D 575 -51.20 18.18 2.00
N ARG D 576 -51.45 18.87 3.13
CA ARG D 576 -52.74 18.80 3.80
C ARG D 576 -53.71 19.94 3.46
N PHE D 577 -53.17 21.14 3.22
CA PHE D 577 -53.97 22.34 2.94
C PHE D 577 -53.50 23.06 1.67
N LYS D 578 -52.95 22.30 0.74
CA LYS D 578 -52.49 22.85 -0.54
C LYS D 578 -52.92 21.90 -1.64
N ALA D 579 -53.14 22.44 -2.84
CA ALA D 579 -53.35 21.61 -4.03
C ALA D 579 -52.04 20.90 -4.38
N PRO D 580 -52.12 19.60 -4.71
CA PRO D 580 -50.91 18.86 -5.08
C PRO D 580 -49.96 19.66 -5.96
N ASP D 581 -50.47 20.44 -6.90
CA ASP D 581 -49.56 21.24 -7.72
C ASP D 581 -48.82 22.32 -6.93
N GLU D 582 -49.39 22.75 -5.81
CA GLU D 582 -48.72 23.74 -4.97
C GLU D 582 -47.75 23.03 -4.06
N SER D 583 -48.16 21.84 -3.59
CA SER D 583 -47.28 20.91 -2.90
C SER D 583 -45.98 20.67 -3.71
N VAL D 584 -46.12 20.34 -4.98
CA VAL D 584 -44.97 20.08 -5.82
C VAL D 584 -44.06 21.29 -5.93
N GLU D 585 -44.66 22.45 -6.13
CA GLU D 585 -43.95 23.73 -6.14
C GLU D 585 -43.21 24.06 -4.83
N GLN D 586 -43.81 23.73 -3.70
CA GLN D 586 -43.14 23.91 -2.42
C GLN D 586 -41.89 23.02 -2.36
N LEU D 587 -42.07 21.76 -2.75
CA LEU D 587 -40.99 20.78 -2.90
C LEU D 587 -39.85 21.27 -3.78
N VAL D 588 -40.15 21.72 -5.00
CA VAL D 588 -39.09 22.26 -5.84
C VAL D 588 -38.35 23.37 -5.11
N ASP D 589 -39.08 24.27 -4.45
CA ASP D 589 -38.46 25.40 -3.72
C ASP D 589 -37.46 24.88 -2.69
N TYR D 590 -37.92 24.04 -1.76
CA TYR D 590 -37.00 23.42 -0.80
C TYR D 590 -35.72 22.82 -1.42
N MET D 591 -35.86 21.98 -2.43
CA MET D 591 -34.65 21.47 -3.11
C MET D 591 -33.80 22.60 -3.65
N GLU D 592 -34.45 23.56 -4.31
CA GLU D 592 -33.69 24.64 -4.91
C GLU D 592 -33.00 25.45 -3.83
N GLU D 593 -33.68 25.60 -2.70
CA GLU D 593 -33.08 26.24 -1.54
C GLU D 593 -31.82 25.50 -1.12
N PHE D 594 -31.96 24.19 -0.92
CA PHE D 594 -30.83 23.36 -0.53
C PHE D 594 -29.65 23.36 -1.49
N VAL D 595 -29.90 23.30 -2.81
CA VAL D 595 -28.81 23.28 -3.82
C VAL D 595 -27.93 24.51 -3.69
N LYS D 596 -28.53 25.63 -3.34
CA LYS D 596 -27.79 26.88 -3.33
C LYS D 596 -26.80 27.02 -2.19
N LYS D 597 -27.04 26.28 -1.11
CA LYS D 597 -26.11 26.25 0.00
C LYS D 597 -24.64 26.02 -0.41
N THR D 598 -23.73 26.67 0.30
CA THR D 598 -22.29 26.44 0.17
C THR D 598 -21.90 25.21 0.98
N ARG D 599 -20.65 24.79 0.85
CA ARG D 599 -20.18 23.66 1.65
C ARG D 599 -20.26 23.96 3.19
N ARG D 600 -19.79 25.14 3.61
CA ARG D 600 -19.88 25.54 5.01
C ARG D 600 -21.31 25.40 5.49
N GLN D 601 -22.23 25.98 4.74
CA GLN D 601 -23.63 25.96 5.15
C GLN D 601 -24.19 24.56 5.31
N ARG D 602 -23.70 23.60 4.53
CA ARG D 602 -24.20 22.24 4.59
C ARG D 602 -23.64 21.55 5.82
N ILE D 603 -22.33 21.73 6.01
CA ILE D 603 -21.65 21.22 7.18
C ILE D 603 -22.37 21.72 8.44
N ASN D 604 -22.60 23.04 8.50
CA ASN D 604 -23.34 23.61 9.60
C ASN D 604 -24.74 23.01 9.71
N GLN D 605 -25.48 22.94 8.61
CA GLN D 605 -26.81 22.41 8.70
C GLN D 605 -26.77 20.97 9.22
N ARG D 606 -25.83 20.18 8.71
CA ARG D 606 -25.78 18.80 9.14
C ARG D 606 -25.54 18.70 10.65
N ASN D 607 -24.68 19.56 11.17
CA ASN D 607 -24.46 19.62 12.62
C ASN D 607 -25.77 19.87 13.39
N ALA D 608 -26.48 20.93 13.03
CA ALA D 608 -27.80 21.18 13.54
C ALA D 608 -28.67 19.92 13.50
N THR D 609 -28.74 19.29 12.34
CA THR D 609 -29.62 18.17 12.15
C THR D 609 -29.26 17.09 13.14
N GLU D 610 -27.95 16.91 13.34
CA GLU D 610 -27.45 15.87 14.22
C GLU D 610 -27.88 16.12 15.65
N ALA D 611 -27.64 17.35 16.12
CA ALA D 611 -28.10 17.80 17.42
C ALA D 611 -29.54 17.37 17.72
N LEU D 612 -30.42 17.53 16.73
CA LEU D 612 -31.81 17.11 16.82
C LEU D 612 -32.01 15.64 17.16
N SER D 613 -31.04 14.82 16.76
CA SER D 613 -31.10 13.37 16.92
C SER D 613 -31.52 12.91 18.31
N ASP D 614 -31.03 13.59 19.34
CA ASP D 614 -31.38 13.24 20.71
C ASP D 614 -32.88 13.15 20.97
N LEU D 615 -33.63 14.09 20.41
CA LEU D 615 -35.09 14.13 20.62
C LEU D 615 -35.83 12.94 20.00
N LEU D 616 -35.18 12.26 19.06
CA LEU D 616 -35.73 11.07 18.44
C LEU D 616 -35.27 9.81 19.14
N ASP D 617 -34.38 9.94 20.12
CA ASP D 617 -33.86 8.78 20.87
C ASP D 617 -34.93 8.24 21.82
N TRP D 618 -34.91 6.92 22.01
CA TRP D 618 -35.73 6.27 23.05
C TRP D 618 -35.48 6.83 24.45
N LYS D 619 -34.26 7.25 24.72
CA LYS D 619 -33.91 7.94 25.97
C LYS D 619 -34.77 9.17 26.23
N ARG D 620 -35.49 9.61 25.21
CA ARG D 620 -36.46 10.68 25.39
C ARG D 620 -37.88 10.22 25.03
N MET D 621 -38.05 9.64 23.83
CA MET D 621 -39.38 9.25 23.35
C MET D 621 -40.02 8.27 24.31
N GLY D 622 -39.17 7.56 25.04
CA GLY D 622 -39.55 6.47 25.95
C GLY D 622 -40.27 6.94 27.20
N LEU D 623 -40.09 8.20 27.56
CA LEU D 623 -40.82 8.82 28.68
C LEU D 623 -42.30 8.91 28.39
N GLU D 624 -42.67 9.10 27.13
CA GLU D 624 -44.06 9.14 26.69
C GLU D 624 -44.74 7.78 26.88
N TYR D 625 -43.97 6.70 26.79
CA TYR D 625 -44.45 5.37 27.17
C TYR D 625 -44.61 5.23 28.69
N VAL D 626 -43.78 5.96 29.44
CA VAL D 626 -43.88 6.01 30.91
C VAL D 626 -45.10 6.81 31.33
N LYS D 627 -45.39 7.90 30.62
CA LYS D 627 -46.60 8.70 30.85
C LYS D 627 -47.86 7.91 30.52
N ALA D 628 -47.78 7.10 29.48
CA ALA D 628 -48.92 6.30 29.05
C ALA D 628 -49.25 5.29 30.11
N ARG D 629 -48.20 4.66 30.67
CA ARG D 629 -48.33 3.60 31.67
C ARG D 629 -48.92 4.05 33.01
N GLN D 630 -48.71 5.31 33.36
CA GLN D 630 -49.18 5.83 34.63
C GLN D 630 -50.50 6.57 34.54
N LEU D 631 -50.91 6.92 33.32
CA LEU D 631 -52.29 7.37 33.09
C LEU D 631 -53.21 6.16 33.14
N ALA D 632 -52.68 4.99 32.80
CA ALA D 632 -53.41 3.74 32.98
C ALA D 632 -53.50 3.41 34.47
N LEU D 633 -52.44 3.72 35.22
CA LEU D 633 -52.42 3.50 36.66
C LEU D 633 -53.24 4.53 37.44
N ARG D 634 -53.61 5.62 36.78
CA ARG D 634 -54.41 6.70 37.38
C ARG D 634 -55.92 6.42 37.24
N ARG D 635 -56.31 5.82 36.13
CA ARG D 635 -57.71 5.49 35.87
C ARG D 635 -58.13 4.16 36.50
N GLY D 636 -57.18 3.26 36.67
CA GLY D 636 -57.43 1.92 37.21
C GLY D 636 -57.76 1.89 38.68
N TYR D 637 -56.90 2.50 39.49
CA TYR D 637 -57.09 2.58 40.95
C TYR D 637 -57.02 4.03 41.44
N PRO D 638 -58.06 4.84 41.15
CA PRO D 638 -57.99 6.32 41.31
C PRO D 638 -57.57 6.80 42.70
N ASP D 639 -57.84 6.00 43.73
CA ASP D 639 -57.51 6.37 45.11
C ASP D 639 -56.09 6.00 45.53
N GLN D 640 -55.68 4.75 45.27
CA GLN D 640 -54.34 4.26 45.64
C GLN D 640 -53.22 5.12 45.01
N PHE D 641 -53.59 5.82 43.95
CA PHE D 641 -52.71 6.74 43.20
C PHE D 641 -52.83 8.15 43.76
N ARG D 642 -54.05 8.56 44.07
CA ARG D 642 -54.33 9.82 44.74
C ARG D 642 -53.58 9.87 46.07
N GLU D 643 -53.46 8.70 46.70
CA GLU D 643 -52.78 8.53 47.99
C GLU D 643 -51.27 8.74 47.91
N LEU D 644 -50.67 8.20 46.86
CA LEU D 644 -49.21 8.24 46.70
C LEU D 644 -48.66 9.58 46.19
N VAL D 645 -49.53 10.45 45.69
CA VAL D 645 -49.14 11.78 45.21
C VAL D 645 -49.57 12.88 46.18
N GLY D 646 -50.69 12.64 46.88
CA GLY D 646 -51.26 13.61 47.80
C GLY D 646 -52.67 14.01 47.41
N GLU D 647 -52.89 14.15 46.10
CA GLU D 647 -54.20 14.51 45.55
C GLU D 647 -54.43 13.80 44.21
N GLU D 648 -55.56 14.12 43.56
CA GLU D 648 -55.79 13.71 42.19
C GLU D 648 -55.55 14.89 41.25
N LEU D 649 -54.98 14.60 40.08
CA LEU D 649 -54.76 15.61 39.06
C LEU D 649 -55.72 15.35 37.88
N ASN D 650 -55.49 16.04 36.77
CA ASN D 650 -56.37 15.94 35.59
C ASN D 650 -56.48 14.52 35.02
N ASP D 651 -57.63 14.24 34.41
CA ASP D 651 -58.01 12.86 34.09
C ASP D 651 -57.88 12.47 32.60
N SER D 652 -58.34 13.34 31.70
CA SER D 652 -58.49 12.97 30.28
C SER D 652 -57.36 13.44 29.33
N ASN D 653 -56.11 13.31 29.78
CA ASN D 653 -54.92 13.66 28.97
C ASN D 653 -53.63 13.01 29.48
N MET D 654 -52.68 12.78 28.57
CA MET D 654 -51.33 12.32 28.93
C MET D 654 -50.42 13.50 29.28
N ASP D 655 -50.65 14.64 28.63
CA ASP D 655 -49.89 15.86 28.91
C ASP D 655 -50.46 16.66 30.08
N ALA D 656 -51.62 16.22 30.59
CA ALA D 656 -52.25 16.84 31.76
C ALA D 656 -52.07 16.02 33.04
N LEU D 657 -51.03 15.20 33.09
CA LEU D 657 -50.71 14.41 34.30
C LEU D 657 -49.34 14.75 34.88
N ALA D 658 -48.29 14.67 34.06
CA ALA D 658 -46.92 15.01 34.48
C ALA D 658 -46.38 16.23 33.74
N1 U5P E . 8.92 27.68 18.06
C2 U5P E . 9.51 27.17 16.87
N3 U5P E . 9.97 25.92 16.82
C4 U5P E . 9.88 25.12 17.90
C5 U5P E . 9.33 25.59 19.09
C6 U5P E . 8.84 26.90 19.14
O2 U5P E . 9.59 27.89 15.86
O4 U5P E . 10.33 23.95 17.83
C1' U5P E . 8.43 29.07 18.06
C2' U5P E . 6.98 29.22 18.50
O2' U5P E . 6.15 29.49 17.37
C3' U5P E . 6.99 30.38 19.49
C4' U5P E . 8.43 30.78 19.66
O3' U5P E . 6.29 31.52 19.02
O4' U5P E . 9.22 29.85 18.94
C5' U5P E . 8.78 30.72 21.13
O5' U5P E . 8.95 32.07 21.54
P U5P E . 8.97 32.47 23.10
O1P U5P E . 7.60 32.06 23.62
O2P U5P E . 10.19 31.73 23.61
O3P U5P E . 9.14 33.98 23.01
C1 G6P F . -9.79 13.68 17.45
C2 G6P F . -10.35 12.63 16.50
C3 G6P F . -11.21 11.61 17.25
C4 G6P F . -10.38 11.05 18.40
C5 G6P F . -10.07 12.24 19.30
C6 G6P F . -9.49 11.83 20.64
O1 G6P F . -10.90 14.48 17.88
O2 G6P F . -11.12 13.28 15.48
O3 G6P F . -11.71 10.57 16.42
O4 G6P F . -11.08 10.02 19.09
O5 G6P F . -9.16 13.08 18.59
O6 G6P F . -8.82 12.92 21.26
P G6P F . -7.71 12.63 22.37
O1P G6P F . -7.88 11.16 22.71
O2P G6P F . -8.10 13.62 23.45
O3P G6P F . -6.37 12.95 21.78
C1 PEG G . -5.72 -11.35 -1.52
O1 PEG G . -5.60 -11.23 -0.12
C2 PEG G . -5.24 -12.75 -1.90
O2 PEG G . -4.96 -12.74 -3.30
C3 PEG G . -5.81 -13.62 -4.05
C4 PEG G . -4.91 -14.61 -4.79
O4 PEG G . -3.54 -14.24 -4.70
N1 U5P H . -5.13 -14.02 -32.11
C2 U5P H . -5.30 -12.81 -31.43
N3 U5P H . -6.06 -12.73 -30.32
C4 U5P H . -6.68 -13.82 -29.82
C5 U5P H . -6.52 -15.05 -30.49
C6 U5P H . -5.73 -15.14 -31.65
O2 U5P H . -4.72 -11.79 -31.89
O4 U5P H . -7.37 -13.75 -28.78
C1' U5P H . -4.30 -14.03 -33.32
C2' U5P H . -3.01 -14.84 -33.15
O2' U5P H . -1.89 -13.97 -32.89
C3' U5P H . -2.87 -15.63 -34.43
C4' U5P H . -4.20 -15.51 -35.15
O3' U5P H . -1.85 -15.10 -35.29
O4' U5P H . -5.03 -14.63 -34.39
C5' U5P H . -4.92 -16.84 -35.30
O5' U5P H . -4.35 -17.59 -36.38
P U5P H . -5.25 -18.22 -37.56
O1P U5P H . -6.25 -19.16 -36.92
O2P U5P H . -5.89 -17.01 -38.19
O3P U5P H . -4.19 -18.93 -38.39
C1 G6P I . 8.22 -20.28 -13.50
C2 G6P I . 8.39 -19.47 -12.26
C3 G6P I . 8.50 -20.44 -11.07
C4 G6P I . 7.18 -21.17 -10.95
C5 G6P I . 6.91 -21.98 -12.21
C6 G6P I . 5.45 -22.44 -12.33
O1 G6P I . 9.45 -20.96 -13.75
O2 G6P I . 9.58 -18.70 -12.48
O3 G6P I . 8.68 -19.70 -9.86
O4 G6P I . 7.23 -22.04 -9.84
O5 G6P I . 7.12 -21.19 -13.39
O6 G6P I . 5.40 -23.52 -13.27
P G6P I . 4.01 -24.28 -13.54
O1P G6P I . 3.69 -25.16 -12.34
O2P G6P I . 4.28 -25.08 -14.77
O3P G6P I . 3.00 -23.16 -13.58
C1 PEG J . -0.34 1.98 14.04
O1 PEG J . -1.53 2.19 14.84
C2 PEG J . 0.53 0.88 14.64
O2 PEG J . 1.49 0.42 13.68
C3 PEG J . 1.15 -0.86 13.13
C4 PEG J . 1.53 -0.93 11.66
O4 PEG J . 1.24 -2.23 11.12
N1 U5P K . 29.98 -14.68 8.36
C2 U5P K . 28.74 -14.40 8.98
N3 U5P K . 28.23 -13.16 8.94
C4 U5P K . 28.91 -12.17 8.32
C5 U5P K . 30.13 -12.42 7.71
C6 U5P K . 30.65 -13.71 7.74
O2 U5P K . 28.10 -15.27 9.57
O4 U5P K . 28.43 -11.02 8.26
C1' U5P K . 30.57 -16.03 8.44
C2' U5P K . 30.34 -16.90 7.24
O2' U5P K . 29.05 -17.48 7.34
C3' U5P K . 31.49 -17.90 7.33
C4' U5P K . 32.54 -17.26 8.21
O3' U5P K . 31.06 -19.12 7.95
O4' U5P K . 31.99 -16.01 8.64
C5' U5P K . 33.82 -16.97 7.46
O5' U5P K . 34.85 -17.90 7.79
P U5P K . 36.21 -17.43 8.53
O1P U5P K . 35.98 -15.99 8.94
O2P U5P K . 36.27 -18.38 9.72
O3P U5P K . 37.29 -17.64 7.49
C1 G6P L . 18.60 -11.64 -12.14
C2 G6P L . 17.23 -11.15 -12.59
C3 G6P L . 17.40 -10.32 -13.84
C4 G6P L . 18.32 -9.14 -13.56
C5 G6P L . 19.66 -9.67 -13.07
C6 G6P L . 20.64 -8.57 -12.64
O1 G6P L . 19.10 -12.57 -13.08
O2 G6P L . 16.46 -12.30 -12.89
O3 G6P L . 16.13 -9.85 -14.27
O4 G6P L . 18.46 -8.42 -14.80
O5 G6P L . 19.51 -10.55 -11.96
O6 G6P L . 21.99 -9.04 -12.64
P G6P L . 23.16 -7.95 -12.50
O1P G6P L . 22.92 -7.01 -13.68
O2P G6P L . 24.43 -8.75 -12.57
O3P G6P L . 22.90 -7.26 -11.19
C1 PEG M . -10.97 8.28 -5.67
O1 PEG M . -10.18 9.49 -5.63
C2 PEG M . -10.25 7.17 -6.44
O2 PEG M . -9.74 7.68 -7.68
C3 PEG M . -8.77 6.83 -8.31
C4 PEG M . -7.43 7.54 -8.32
O4 PEG M . -6.38 6.58 -8.10
N1 U5P N . -34.52 0.03 4.30
C2 U5P N . -33.46 -0.89 4.27
N3 U5P N . -32.65 -0.97 3.18
C4 U5P N . -32.84 -0.17 2.12
C5 U5P N . -33.90 0.76 2.14
C6 U5P N . -34.74 0.84 3.25
O2 U5P N . -33.28 -1.62 5.27
O4 U5P N . -32.09 -0.25 1.13
C1' U5P N . -35.33 0.06 5.51
C2' U5P N . -35.35 1.47 6.06
O2' U5P N . -34.36 1.58 7.10
C3' U5P N . -36.76 1.66 6.55
C4' U5P N . -37.57 0.54 5.92
O3' U5P N . -36.83 1.58 7.99
O4' U5P N . -36.67 -0.34 5.25
C5' U5P N . -38.56 1.05 4.88
O5' U5P N . -39.26 2.13 5.50
P U5P N . -40.75 2.50 5.06
O1P U5P N . -40.55 3.62 4.05
O2P U5P N . -41.30 1.23 4.47
O3P U5P N . -41.35 2.96 6.37
C1 G6P O . -17.45 16.46 5.97
C2 G6P O . -15.94 16.34 5.96
C3 G6P O . -15.34 17.56 5.27
C4 G6P O . -15.86 17.64 3.86
C5 G6P O . -17.36 17.87 3.95
C6 G6P O . -18.02 17.85 2.60
O1 G6P O . -17.83 17.50 6.84
O2 G6P O . -15.49 16.18 7.32
O3 G6P O . -13.94 17.34 5.25
O4 G6P O . -15.24 18.67 3.04
O5 G6P O . -17.90 16.75 4.66
O6 G6P O . -19.44 17.87 2.76
P G6P O . -20.39 18.03 1.48
O1P G6P O . -19.63 19.03 0.58
O2P G6P O . -21.68 18.57 2.03
O3P G6P O . -20.43 16.59 1.02
C1 PEG P . 9.84 4.04 -4.65
O1 PEG P . 9.72 5.45 -4.54
C2 PEG P . 10.97 3.57 -3.74
O2 PEG P . 12.22 4.07 -4.23
C3 PEG P . 13.05 3.02 -4.71
C4 PEG P . 13.34 3.23 -6.20
O4 PEG P . 13.66 1.97 -6.82
#